data_1LWU
#
_entry.id   1LWU
#
_cell.length_a   76.735
_cell.length_b   47.654
_cell.length_c   244.650
_cell.angle_alpha   88.81
_cell.angle_beta   97.23
_cell.angle_gamma   86.17
#
_symmetry.space_group_name_H-M   'P 1'
#
loop_
_entity.id
_entity.type
_entity.pdbx_description
1 polymer 'Fibrinogen alpha-1 chain'
2 polymer 'Fibrinogen beta chain'
3 polymer 'Fibrinogen gamma chain'
4 polymer 'Peptide Ligand Gly-His-Arg-Pro-NH2'
5 branched 2-acetamido-2-deoxy-beta-D-glucopyranose-(1-4)-2-acetamido-2-deoxy-beta-D-glucopyranose
6 non-polymer 2-acetamido-2-deoxy-alpha-D-glucopyranose
7 non-polymer alpha-D-mannopyranose
8 non-polymer 'CALCIUM ION'
9 non-polymer 2-acetamido-2-deoxy-beta-D-glucopyranose
10 non-polymer beta-D-mannopyranose
11 non-polymer beta-D-galactopyranose
#
loop_
_entity_poly.entity_id
_entity_poly.type
_entity_poly.pdbx_seq_one_letter_code
_entity_poly.pdbx_strand_id
1 'polypeptide(L)'
;AVSDTSGQTLNEHNELEVRYSEVLRELERRIIHLQRRINMQLQQLTLLQHNIKTQVSQILRVEVDIDVALRACKGSCARY
LEYRLDKEKNLQLEKAASYIANLKFERFEEVVVEETLNR
;
A,D,G,J
2 'polypeptide(L)'
;SSTHVNAQKEIENRYKEVKIRIESTVAGSLRSMKSVLEHLRAKMQRMEEAIKTQKELCSAPCTVNCRVPVVSGMHCEDIY
RNGGRTSEAYYIQPDLFSEPYKVFCDMESHGGGWTVVQNRVDGSSNFARDWNTYKAEFGNIAFGNGKSICNIPGEYWLGT
KTVHQLTKQHTQQVLFDMSDWEGSSVYAQYASFRPENEAQGYRLWVEDYSGNAGNALLEGATQLMGDNRTMTIHNGMQFS
TFDRDNDNWNPGDPTKHCSREDAGGWWYNRCHAANPNGRYYWGGIYTKEQADYGTDDGVVWMNWKGSWYSMRQMAMKLRP
KWP
;
B,E,H,K
3 'polypeptide(L)'
;DSGQKTVQKILEEVRILEQIGVSHDAQIQELSEMWRVNQQFVTRLQQQLVDIRQTCSRPCQDTTANKISPITGKDCQQVV
DNGGKDSGLYYIKPLKAKQPFLVFCEIENGNGWTVIQHRHDGSVNFTRDWVSYREGFGYLAPTLTTEFWLGNEKIHLLTG
QQAYRLRIDLTDWENTHRYADYGHFKLTPESDEYRLFYSMYLDGDAGNAFDGFDFGDDPQDKFYTTHLGMLFSTPERDND
KYEGSCAEQDGSGWWMNRCHAGHLNGKYYFGGNYRKTDVEFPYDDGIIWATWHDRWYSLKMTTMKLLPMGRDLSGHGGQQ
QSK
;
C,F,I,L
4 'polypeptide(L)' GHRP(NH2) M,N,O,P
#
loop_
_chem_comp.id
_chem_comp.type
_chem_comp.name
_chem_comp.formula
BMA D-saccharide, beta linking beta-D-mannopyranose 'C6 H12 O6'
CA non-polymer 'CALCIUM ION' 'Ca 2'
GAL D-saccharide, beta linking beta-D-galactopyranose 'C6 H12 O6'
MAN D-saccharide, alpha linking alpha-D-mannopyranose 'C6 H12 O6'
NAG D-saccharide, beta linking 2-acetamido-2-deoxy-beta-D-glucopyranose 'C8 H15 N O6'
NDG D-saccharide, alpha linking 2-acetamido-2-deoxy-alpha-D-glucopyranose 'C8 H15 N O6'
NH2 non-polymer 'AMINO GROUP' 'H2 N'
#
# COMPACT_ATOMS: atom_id res chain seq x y z
N ASN A 14 -60.33 -28.34 -8.12
CA ASN A 14 -61.19 -28.84 -9.23
C ASN A 14 -62.25 -27.81 -9.62
N GLU A 15 -62.11 -26.60 -9.08
CA GLU A 15 -63.05 -25.53 -9.36
C GLU A 15 -63.49 -25.57 -10.82
N LEU A 16 -62.52 -25.73 -11.72
CA LEU A 16 -62.81 -25.75 -13.14
C LEU A 16 -62.43 -27.05 -13.84
N GLU A 17 -62.28 -28.13 -13.09
CA GLU A 17 -61.96 -29.41 -13.72
C GLU A 17 -63.25 -30.21 -13.63
N VAL A 18 -64.03 -29.92 -12.59
CA VAL A 18 -65.30 -30.59 -12.34
C VAL A 18 -66.22 -30.53 -13.56
N ARG A 19 -66.63 -29.32 -13.91
CA ARG A 19 -67.51 -29.10 -15.05
C ARG A 19 -66.96 -29.82 -16.28
N TYR A 20 -65.81 -29.36 -16.76
CA TYR A 20 -65.17 -29.95 -17.94
C TYR A 20 -65.25 -31.46 -17.99
N SER A 21 -64.48 -32.13 -17.14
CA SER A 21 -64.45 -33.59 -17.11
C SER A 21 -65.82 -34.27 -17.04
N GLU A 22 -66.80 -33.64 -16.41
CA GLU A 22 -68.13 -34.25 -16.35
C GLU A 22 -68.91 -33.94 -17.62
N VAL A 23 -68.59 -32.82 -18.27
CA VAL A 23 -69.24 -32.46 -19.52
C VAL A 23 -68.67 -33.43 -20.55
N LEU A 24 -67.51 -33.98 -20.22
CA LEU A 24 -66.83 -34.94 -21.09
C LEU A 24 -67.47 -36.32 -20.91
N ARG A 25 -67.81 -36.67 -19.67
CA ARG A 25 -68.46 -37.94 -19.39
C ARG A 25 -69.96 -37.74 -19.59
N GLU A 26 -70.29 -36.66 -20.29
CA GLU A 26 -71.65 -36.31 -20.60
C GLU A 26 -71.80 -36.37 -22.13
N LEU A 27 -70.67 -36.55 -22.80
CA LEU A 27 -70.68 -36.68 -24.24
C LEU A 27 -70.91 -38.16 -24.51
N GLU A 28 -70.18 -39.00 -23.78
CA GLU A 28 -70.31 -40.44 -23.92
C GLU A 28 -71.70 -40.89 -23.52
N ARG A 29 -72.23 -40.29 -22.46
CA ARG A 29 -73.57 -40.65 -22.03
C ARG A 29 -74.55 -40.24 -23.13
N ARG A 30 -74.04 -39.49 -24.11
CA ARG A 30 -74.86 -39.02 -25.23
C ARG A 30 -74.47 -39.75 -26.52
N ILE A 31 -73.23 -40.20 -26.60
CA ILE A 31 -72.75 -40.90 -27.77
C ILE A 31 -72.98 -42.39 -27.62
N ILE A 32 -72.74 -42.91 -26.41
CA ILE A 32 -72.94 -44.32 -26.15
C ILE A 32 -74.42 -44.66 -26.30
N HIS A 33 -75.27 -43.64 -26.30
CA HIS A 33 -76.68 -43.90 -26.48
C HIS A 33 -76.91 -44.03 -27.97
N LEU A 34 -76.27 -43.15 -28.74
CA LEU A 34 -76.38 -43.19 -30.19
C LEU A 34 -76.13 -44.63 -30.64
N GLN A 35 -75.41 -45.37 -29.79
CA GLN A 35 -75.10 -46.77 -30.04
C GLN A 35 -76.34 -47.61 -29.77
N ARG A 36 -76.89 -47.50 -28.56
CA ARG A 36 -78.08 -48.26 -28.20
C ARG A 36 -79.20 -47.96 -29.21
N ARG A 37 -79.10 -46.80 -29.83
CA ARG A 37 -80.07 -46.38 -30.84
C ARG A 37 -79.78 -47.05 -32.17
N ILE A 38 -78.51 -47.07 -32.55
CA ILE A 38 -78.08 -47.70 -33.78
C ILE A 38 -78.41 -49.18 -33.69
N ASN A 39 -78.19 -49.76 -32.53
CA ASN A 39 -78.51 -51.18 -32.34
C ASN A 39 -79.98 -51.40 -32.64
N MET A 40 -80.85 -50.60 -32.03
CA MET A 40 -82.26 -50.74 -32.30
C MET A 40 -82.51 -50.61 -33.81
N GLN A 41 -81.87 -49.62 -34.42
CA GLN A 41 -82.04 -49.40 -35.85
C GLN A 41 -81.66 -50.59 -36.72
N LEU A 42 -80.72 -51.39 -36.24
CA LEU A 42 -80.30 -52.57 -36.99
C LEU A 42 -81.16 -53.76 -36.57
N GLN A 43 -81.99 -53.57 -35.55
CA GLN A 43 -82.89 -54.62 -35.09
C GLN A 43 -84.01 -54.60 -36.11
N GLN A 44 -84.52 -53.40 -36.36
CA GLN A 44 -85.61 -53.19 -37.29
C GLN A 44 -85.18 -53.38 -38.73
N LEU A 45 -83.99 -52.90 -39.05
CA LEU A 45 -83.47 -53.04 -40.40
C LEU A 45 -83.29 -54.48 -40.82
N THR A 46 -82.91 -55.34 -39.86
CA THR A 46 -82.71 -56.75 -40.12
C THR A 46 -84.03 -57.44 -40.41
N LEU A 47 -85.02 -57.13 -39.58
CA LEU A 47 -86.36 -57.66 -39.72
C LEU A 47 -87.02 -57.09 -40.98
N LEU A 48 -86.77 -55.82 -41.25
CA LEU A 48 -87.33 -55.15 -42.42
C LEU A 48 -86.69 -55.72 -43.69
N GLN A 49 -85.56 -56.38 -43.50
CA GLN A 49 -84.83 -56.98 -44.61
C GLN A 49 -85.43 -58.32 -44.95
N HIS A 50 -85.77 -59.08 -43.92
CA HIS A 50 -86.37 -60.37 -44.12
C HIS A 50 -87.78 -60.25 -44.67
N ASN A 51 -88.42 -59.11 -44.43
CA ASN A 51 -89.77 -58.91 -44.94
C ASN A 51 -89.73 -58.53 -46.42
N ILE A 52 -88.83 -57.61 -46.79
CA ILE A 52 -88.71 -57.23 -48.18
C ILE A 52 -88.36 -58.52 -48.91
N LYS A 53 -87.52 -59.32 -48.26
CA LYS A 53 -87.11 -60.60 -48.79
C LYS A 53 -88.33 -61.40 -49.20
N THR A 54 -89.27 -61.54 -48.27
CA THR A 54 -90.48 -62.31 -48.52
C THR A 54 -91.67 -61.51 -49.03
N GLN A 55 -91.41 -60.46 -49.80
CA GLN A 55 -92.49 -59.66 -50.39
C GLN A 55 -92.13 -59.47 -51.86
N VAL A 56 -90.83 -59.52 -52.12
CA VAL A 56 -90.31 -59.39 -53.47
C VAL A 56 -90.55 -60.73 -54.14
N SER A 57 -90.50 -61.78 -53.33
CA SER A 57 -90.73 -63.14 -53.81
C SER A 57 -92.21 -63.31 -54.09
N GLN A 58 -93.03 -62.94 -53.11
CA GLN A 58 -94.47 -63.05 -53.22
C GLN A 58 -95.01 -62.24 -54.39
N ILE A 59 -94.62 -60.97 -54.46
CA ILE A 59 -95.10 -60.13 -55.54
C ILE A 59 -94.64 -60.65 -56.89
N LEU A 60 -93.46 -61.23 -56.95
CA LEU A 60 -92.98 -61.75 -58.22
C LEU A 60 -93.86 -62.89 -58.67
N ARG A 61 -94.07 -63.85 -57.78
CA ARG A 61 -94.91 -64.99 -58.06
C ARG A 61 -96.26 -64.49 -58.58
N VAL A 62 -96.88 -63.62 -57.80
CA VAL A 62 -98.19 -63.07 -58.16
C VAL A 62 -98.19 -62.52 -59.58
N GLU A 63 -97.19 -61.73 -59.93
CA GLU A 63 -97.15 -61.17 -61.26
C GLU A 63 -97.16 -62.21 -62.37
N VAL A 64 -96.46 -63.32 -62.19
CA VAL A 64 -96.49 -64.32 -63.27
C VAL A 64 -97.85 -65.02 -63.22
N ASP A 65 -98.37 -65.23 -62.02
CA ASP A 65 -99.68 -65.86 -61.85
C ASP A 65 -100.70 -65.02 -62.63
N ILE A 66 -100.51 -63.70 -62.58
CA ILE A 66 -101.38 -62.76 -63.28
C ILE A 66 -101.08 -62.70 -64.79
N ASP A 67 -99.82 -62.76 -65.18
CA ASP A 67 -99.48 -62.71 -66.60
C ASP A 67 -100.10 -63.94 -67.26
N VAL A 68 -100.07 -65.07 -66.53
CA VAL A 68 -100.62 -66.33 -67.02
C VAL A 68 -102.15 -66.30 -67.14
N ALA A 69 -102.83 -65.73 -66.15
CA ALA A 69 -104.29 -65.63 -66.15
C ALA A 69 -104.80 -64.66 -67.21
N LEU A 70 -104.37 -63.40 -67.13
CA LEU A 70 -104.77 -62.38 -68.09
C LEU A 70 -104.71 -62.89 -69.54
N ARG A 71 -103.68 -63.66 -69.85
CA ARG A 71 -103.53 -64.18 -71.18
C ARG A 71 -104.70 -65.08 -71.51
N ALA A 72 -105.26 -65.70 -70.48
CA ALA A 72 -106.39 -66.63 -70.64
C ALA A 72 -107.60 -65.91 -71.25
N CYS A 73 -107.75 -64.64 -70.92
CA CYS A 73 -108.87 -63.84 -71.41
C CYS A 73 -108.97 -63.66 -72.90
N LYS A 74 -107.87 -63.83 -73.61
CA LYS A 74 -107.91 -63.70 -75.06
C LYS A 74 -109.02 -64.60 -75.58
N GLY A 75 -108.99 -65.86 -75.18
CA GLY A 75 -110.01 -66.78 -75.65
C GLY A 75 -111.30 -66.76 -74.85
N SER A 76 -111.45 -65.75 -73.97
CA SER A 76 -112.65 -65.64 -73.14
C SER A 76 -113.46 -64.34 -73.25
N CYS A 77 -112.78 -63.23 -73.51
CA CYS A 77 -113.44 -61.92 -73.61
C CYS A 77 -113.50 -61.29 -75.01
N ALA A 78 -114.51 -60.43 -75.18
CA ALA A 78 -114.74 -59.73 -76.44
C ALA A 78 -113.51 -58.95 -76.90
N ARG A 79 -112.87 -58.25 -75.97
CA ARG A 79 -111.67 -57.50 -76.30
C ARG A 79 -110.54 -57.97 -75.42
N TYR A 80 -109.37 -58.12 -76.03
CA TYR A 80 -108.19 -58.59 -75.31
C TYR A 80 -107.02 -57.63 -75.50
N LEU A 81 -106.39 -57.22 -74.41
CA LEU A 81 -105.26 -56.33 -74.53
C LEU A 81 -103.92 -57.07 -74.57
N GLU A 82 -103.30 -57.28 -73.41
CA GLU A 82 -101.99 -57.94 -73.35
C GLU A 82 -101.18 -57.28 -72.24
N TYR A 83 -100.88 -58.02 -71.18
CA TYR A 83 -100.10 -57.47 -70.10
C TYR A 83 -98.63 -57.71 -70.46
N ARG A 84 -97.83 -56.66 -70.33
CA ARG A 84 -96.42 -56.75 -70.66
C ARG A 84 -95.53 -56.69 -69.43
N LEU A 85 -94.66 -57.69 -69.29
CA LEU A 85 -93.72 -57.73 -68.18
C LEU A 85 -92.64 -56.68 -68.43
N ASP A 86 -91.51 -56.79 -67.74
CA ASP A 86 -90.47 -55.78 -67.93
C ASP A 86 -89.06 -56.16 -67.45
N LYS A 87 -88.53 -55.31 -66.58
CA LYS A 87 -87.19 -55.44 -66.00
C LYS A 87 -87.13 -56.36 -64.79
N GLU A 88 -85.98 -56.99 -64.64
CA GLU A 88 -85.73 -57.86 -63.51
C GLU A 88 -84.74 -57.02 -62.71
N LYS A 89 -84.56 -55.79 -63.16
CA LYS A 89 -83.67 -54.83 -62.53
C LYS A 89 -84.06 -54.74 -61.05
N ASN A 90 -85.29 -55.14 -60.77
CA ASN A 90 -85.80 -55.14 -59.42
C ASN A 90 -85.12 -56.27 -58.63
N LEU A 91 -84.77 -57.35 -59.32
CA LEU A 91 -84.11 -58.48 -58.66
C LEU A 91 -82.68 -58.16 -58.28
N GLN A 92 -82.10 -57.19 -58.98
CA GLN A 92 -80.73 -56.76 -58.68
C GLN A 92 -80.86 -55.99 -57.37
N LEU A 93 -81.63 -54.91 -57.43
CA LEU A 93 -81.87 -54.03 -56.29
C LEU A 93 -82.28 -54.84 -55.06
N GLU A 94 -83.21 -55.77 -55.25
CA GLU A 94 -83.68 -56.61 -54.17
C GLU A 94 -82.53 -57.36 -53.55
N LYS A 95 -81.51 -57.61 -54.37
CA LYS A 95 -80.33 -58.34 -53.94
C LYS A 95 -79.46 -57.50 -53.00
N ALA A 96 -79.17 -56.26 -53.37
CA ALA A 96 -78.38 -55.43 -52.47
C ALA A 96 -79.19 -55.43 -51.18
N ALA A 97 -80.38 -54.82 -51.22
CA ALA A 97 -81.27 -54.72 -50.06
C ALA A 97 -81.24 -55.91 -49.11
N SER A 98 -80.92 -57.09 -49.62
CA SER A 98 -80.87 -58.26 -48.75
C SER A 98 -79.42 -58.65 -48.54
N TYR A 99 -78.70 -58.84 -49.63
CA TYR A 99 -77.30 -59.22 -49.56
C TYR A 99 -76.53 -58.21 -48.73
N ILE A 100 -76.80 -56.93 -48.94
CA ILE A 100 -76.14 -55.92 -48.14
C ILE A 100 -76.74 -56.09 -46.74
N ALA A 101 -76.35 -57.18 -46.10
CA ALA A 101 -76.83 -57.51 -44.76
C ALA A 101 -75.89 -56.96 -43.67
N ASN A 102 -75.28 -55.81 -43.94
CA ASN A 102 -74.37 -55.18 -42.99
C ASN A 102 -75.17 -54.87 -41.72
N LEU A 103 -76.47 -55.13 -41.80
CA LEU A 103 -77.42 -54.90 -40.73
C LEU A 103 -77.14 -55.64 -39.43
N LYS A 104 -76.68 -56.88 -39.54
CA LYS A 104 -76.36 -57.67 -38.34
C LYS A 104 -75.66 -56.79 -37.31
N PHE A 105 -74.56 -56.17 -37.73
CA PHE A 105 -73.72 -55.30 -36.89
C PHE A 105 -74.30 -54.92 -35.52
N GLU A 106 -73.54 -55.19 -34.46
CA GLU A 106 -74.00 -54.87 -33.12
C GLU A 106 -72.90 -55.00 -32.06
N ARG A 107 -72.35 -53.86 -31.65
CA ARG A 107 -71.30 -53.77 -30.65
C ARG A 107 -71.70 -54.38 -29.30
N PHE A 108 -70.89 -54.14 -28.27
CA PHE A 108 -71.19 -54.70 -26.96
C PHE A 108 -71.04 -53.72 -25.80
N GLU A 109 -69.99 -52.92 -25.82
CA GLU A 109 -69.77 -51.93 -24.76
C GLU A 109 -70.98 -51.01 -24.72
N GLU A 110 -71.85 -51.17 -25.71
CA GLU A 110 -73.08 -50.42 -25.83
C GLU A 110 -73.79 -50.52 -24.49
N VAL A 111 -73.68 -51.70 -23.88
CA VAL A 111 -74.29 -52.00 -22.60
C VAL A 111 -73.35 -51.65 -21.44
N VAL A 112 -73.90 -51.68 -20.23
CA VAL A 112 -73.14 -51.39 -19.01
C VAL A 112 -72.86 -52.71 -18.30
N ALA B 7 -60.45 -40.26 -22.14
CA ALA B 7 -60.11 -38.82 -22.33
C ALA B 7 -60.80 -38.24 -23.58
N GLN B 8 -60.11 -37.35 -24.27
CA GLN B 8 -60.67 -36.74 -25.48
C GLN B 8 -60.73 -37.73 -26.63
N LYS B 9 -59.57 -38.30 -27.00
CA LYS B 9 -59.54 -39.25 -28.10
C LYS B 9 -60.42 -40.45 -27.82
N GLU B 10 -60.59 -40.78 -26.55
CA GLU B 10 -61.46 -41.90 -26.17
C GLU B 10 -62.84 -41.60 -26.75
N ILE B 11 -63.17 -40.31 -26.81
CA ILE B 11 -64.44 -39.86 -27.37
C ILE B 11 -64.28 -39.85 -28.89
N GLU B 12 -63.24 -39.20 -29.37
CA GLU B 12 -62.98 -39.13 -30.81
C GLU B 12 -63.00 -40.52 -31.45
N ASN B 13 -62.86 -41.55 -30.62
CA ASN B 13 -62.90 -42.93 -31.12
C ASN B 13 -64.36 -43.35 -31.23
N ARG B 14 -65.04 -43.41 -30.09
CA ARG B 14 -66.45 -43.78 -30.02
C ARG B 14 -67.26 -43.06 -31.10
N TYR B 15 -67.18 -41.73 -31.10
CA TYR B 15 -67.89 -40.91 -32.08
C TYR B 15 -67.52 -41.27 -33.52
N LYS B 16 -66.26 -41.58 -33.74
CA LYS B 16 -65.81 -41.92 -35.08
C LYS B 16 -66.62 -43.10 -35.62
N GLU B 17 -66.54 -44.23 -34.93
CA GLU B 17 -67.23 -45.46 -35.34
C GLU B 17 -68.77 -45.40 -35.38
N VAL B 18 -69.34 -44.25 -35.01
CA VAL B 18 -70.79 -44.11 -35.03
C VAL B 18 -71.21 -43.35 -36.29
N LYS B 19 -70.55 -42.22 -36.57
CA LYS B 19 -70.87 -41.44 -37.76
C LYS B 19 -70.85 -42.38 -38.97
N ILE B 20 -70.04 -43.43 -38.86
CA ILE B 20 -69.91 -44.44 -39.89
C ILE B 20 -71.29 -45.07 -40.06
N ARG B 21 -71.57 -46.02 -39.18
CA ARG B 21 -72.82 -46.75 -39.16
C ARG B 21 -74.01 -45.89 -39.50
N ILE B 22 -74.13 -44.72 -38.88
CA ILE B 22 -75.24 -43.84 -39.14
C ILE B 22 -75.28 -43.29 -40.57
N GLU B 23 -74.13 -42.94 -41.13
CA GLU B 23 -74.09 -42.39 -42.48
C GLU B 23 -74.09 -43.44 -43.60
N SER B 24 -73.58 -44.63 -43.29
CA SER B 24 -73.52 -45.69 -44.28
C SER B 24 -74.40 -46.86 -43.92
N THR B 25 -73.92 -47.67 -42.98
CA THR B 25 -74.63 -48.86 -42.55
C THR B 25 -76.14 -48.69 -42.35
N VAL B 26 -76.60 -47.48 -42.07
CA VAL B 26 -78.04 -47.26 -41.88
C VAL B 26 -78.67 -46.41 -42.99
N ALA B 27 -78.24 -45.17 -43.14
CA ALA B 27 -78.81 -44.33 -44.19
C ALA B 27 -78.65 -45.01 -45.55
N GLY B 28 -77.84 -46.07 -45.58
CA GLY B 28 -77.60 -46.81 -46.80
C GLY B 28 -78.69 -47.85 -46.95
N SER B 29 -78.85 -48.67 -45.93
CA SER B 29 -79.89 -49.70 -45.96
C SER B 29 -81.19 -48.95 -46.06
N LEU B 30 -81.34 -47.95 -45.19
CA LEU B 30 -82.54 -47.14 -45.16
C LEU B 30 -82.95 -46.69 -46.56
N ARG B 31 -82.03 -46.06 -47.28
CA ARG B 31 -82.35 -45.57 -48.60
C ARG B 31 -82.63 -46.61 -49.67
N SER B 32 -81.67 -47.50 -49.95
CA SER B 32 -81.90 -48.50 -50.97
C SER B 32 -82.97 -49.53 -50.59
N MET B 33 -83.78 -49.19 -49.60
CA MET B 33 -84.88 -50.04 -49.16
C MET B 33 -86.18 -49.35 -49.54
N LYS B 34 -86.26 -48.05 -49.27
CA LYS B 34 -87.45 -47.29 -49.60
C LYS B 34 -87.61 -47.24 -51.13
N SER B 35 -86.63 -47.77 -51.84
CA SER B 35 -86.69 -47.79 -53.29
C SER B 35 -87.37 -49.10 -53.70
N VAL B 36 -86.85 -50.22 -53.19
CA VAL B 36 -87.41 -51.52 -53.49
C VAL B 36 -88.89 -51.52 -53.12
N LEU B 37 -89.20 -51.09 -51.90
CA LEU B 37 -90.59 -51.04 -51.48
C LEU B 37 -91.38 -50.17 -52.44
N GLU B 38 -90.77 -49.08 -52.89
CA GLU B 38 -91.41 -48.16 -53.82
C GLU B 38 -91.52 -48.81 -55.22
N HIS B 39 -90.49 -49.54 -55.60
CA HIS B 39 -90.45 -50.21 -56.90
C HIS B 39 -91.56 -51.28 -56.90
N LEU B 40 -91.60 -52.07 -55.84
CA LEU B 40 -92.62 -53.11 -55.73
C LEU B 40 -94.02 -52.54 -55.93
N ARG B 41 -94.32 -51.45 -55.25
CA ARG B 41 -95.64 -50.83 -55.36
C ARG B 41 -95.98 -50.58 -56.84
N ALA B 42 -95.15 -49.80 -57.51
CA ALA B 42 -95.38 -49.51 -58.93
C ALA B 42 -95.58 -50.79 -59.75
N LYS B 43 -94.90 -51.87 -59.36
CA LYS B 43 -95.06 -53.12 -60.10
C LYS B 43 -96.52 -53.55 -59.91
N MET B 44 -97.00 -53.46 -58.66
CA MET B 44 -98.36 -53.85 -58.33
C MET B 44 -99.41 -53.01 -59.04
N GLN B 45 -99.18 -51.70 -59.15
CA GLN B 45 -100.12 -50.85 -59.85
C GLN B 45 -100.20 -51.31 -61.31
N ARG B 46 -99.06 -51.36 -62.01
CA ARG B 46 -99.05 -51.78 -63.40
C ARG B 46 -99.88 -53.05 -63.55
N MET B 47 -99.83 -53.88 -62.51
CA MET B 47 -100.59 -55.12 -62.49
C MET B 47 -102.06 -54.84 -62.19
N GLU B 48 -102.33 -54.08 -61.13
CA GLU B 48 -103.72 -53.78 -60.80
C GLU B 48 -104.42 -53.12 -61.97
N GLU B 49 -103.71 -52.26 -62.68
CA GLU B 49 -104.33 -51.59 -63.82
C GLU B 49 -104.55 -52.61 -64.91
N ALA B 50 -103.52 -53.40 -65.23
CA ALA B 50 -103.66 -54.42 -66.26
C ALA B 50 -104.86 -55.34 -66.01
N ILE B 51 -105.19 -55.56 -64.74
CA ILE B 51 -106.32 -56.41 -64.36
C ILE B 51 -107.65 -55.67 -64.56
N LYS B 52 -107.70 -54.43 -64.09
CA LYS B 52 -108.92 -53.65 -64.22
C LYS B 52 -109.29 -53.51 -65.67
N THR B 53 -108.28 -53.31 -66.51
CA THR B 53 -108.50 -53.17 -67.95
C THR B 53 -109.12 -54.44 -68.56
N GLN B 54 -108.54 -55.61 -68.27
CA GLN B 54 -109.07 -56.84 -68.80
C GLN B 54 -110.44 -57.13 -68.23
N LYS B 55 -110.63 -56.90 -66.93
CA LYS B 55 -111.94 -57.14 -66.33
C LYS B 55 -112.99 -56.34 -67.09
N GLU B 56 -112.69 -55.07 -67.33
CA GLU B 56 -113.60 -54.18 -68.06
C GLU B 56 -113.92 -54.75 -69.44
N LEU B 57 -112.91 -55.20 -70.15
CA LEU B 57 -113.09 -55.77 -71.49
C LEU B 57 -113.68 -57.18 -71.50
N CYS B 58 -114.16 -57.68 -70.34
CA CYS B 58 -114.79 -59.01 -70.22
C CYS B 58 -116.25 -58.86 -69.86
N SER B 59 -116.75 -57.64 -70.00
CA SER B 59 -118.15 -57.34 -69.72
C SER B 59 -118.94 -58.23 -70.69
N ALA B 60 -118.39 -58.37 -71.89
CA ALA B 60 -118.98 -59.19 -72.94
C ALA B 60 -118.02 -60.33 -73.28
N PRO B 61 -118.53 -61.56 -73.42
CA PRO B 61 -117.67 -62.69 -73.75
C PRO B 61 -117.22 -62.56 -75.19
N CYS B 62 -116.35 -63.46 -75.64
CA CYS B 62 -115.92 -63.42 -77.02
C CYS B 62 -116.83 -64.36 -77.77
N THR B 63 -116.77 -64.29 -79.10
CA THR B 63 -117.60 -65.12 -79.94
C THR B 63 -116.94 -65.41 -81.26
N VAL B 64 -117.21 -66.59 -81.79
CA VAL B 64 -116.70 -66.99 -83.09
C VAL B 64 -117.94 -67.16 -83.95
N ASN B 65 -118.01 -66.37 -85.01
CA ASN B 65 -119.16 -66.38 -85.91
C ASN B 65 -118.79 -67.04 -87.22
N CYS B 66 -117.64 -67.69 -87.24
CA CYS B 66 -117.16 -68.33 -88.47
C CYS B 66 -118.11 -69.41 -88.98
N ARG B 67 -118.13 -69.57 -90.30
CA ARG B 67 -118.98 -70.51 -91.00
C ARG B 67 -118.62 -71.98 -90.73
N VAL B 68 -119.26 -72.90 -91.43
CA VAL B 68 -118.95 -74.31 -91.25
C VAL B 68 -118.76 -75.05 -92.56
N PRO B 69 -117.64 -75.75 -92.68
CA PRO B 69 -117.28 -76.54 -93.86
C PRO B 69 -118.37 -77.55 -94.18
N VAL B 70 -118.67 -77.69 -95.45
CA VAL B 70 -119.70 -78.61 -95.86
C VAL B 70 -119.17 -80.01 -95.71
N VAL B 71 -117.92 -80.20 -96.13
CA VAL B 71 -117.28 -81.52 -96.07
C VAL B 71 -117.16 -81.94 -94.61
N SER B 72 -117.21 -83.24 -94.38
CA SER B 72 -117.11 -83.77 -93.03
C SER B 72 -116.83 -85.27 -93.06
N GLY B 73 -116.76 -85.87 -91.89
CA GLY B 73 -116.50 -87.30 -91.81
C GLY B 73 -116.46 -87.80 -90.38
N MET B 74 -115.87 -88.98 -90.18
CA MET B 74 -115.77 -89.58 -88.85
C MET B 74 -114.58 -88.95 -88.13
N HIS B 75 -113.42 -89.17 -88.73
CA HIS B 75 -112.15 -88.69 -88.24
C HIS B 75 -111.83 -87.50 -89.14
N CYS B 76 -110.67 -86.88 -88.97
CA CYS B 76 -110.27 -85.78 -89.86
C CYS B 76 -109.69 -86.50 -91.07
N GLU B 77 -109.10 -87.66 -90.80
CA GLU B 77 -108.51 -88.49 -91.85
C GLU B 77 -109.62 -88.69 -92.88
N ASP B 78 -110.80 -89.01 -92.37
CA ASP B 78 -111.95 -89.23 -93.22
C ASP B 78 -112.21 -87.96 -94.01
N ILE B 79 -112.11 -86.81 -93.33
CA ILE B 79 -112.34 -85.53 -94.00
C ILE B 79 -111.32 -85.32 -95.10
N TYR B 80 -110.06 -85.65 -94.82
CA TYR B 80 -109.02 -85.50 -95.82
C TYR B 80 -109.45 -86.31 -97.04
N ARG B 81 -109.82 -87.57 -96.82
CA ARG B 81 -110.25 -88.44 -97.90
C ARG B 81 -111.43 -87.85 -98.67
N ASN B 82 -112.09 -86.85 -98.08
CA ASN B 82 -113.25 -86.25 -98.72
C ASN B 82 -113.00 -84.87 -99.30
N GLY B 83 -111.72 -84.51 -99.41
CA GLY B 83 -111.42 -83.22 -100.00
C GLY B 83 -111.06 -82.13 -99.04
N GLY B 84 -111.27 -82.37 -97.74
CA GLY B 84 -110.89 -81.35 -96.78
C GLY B 84 -109.38 -81.36 -96.74
N ARG B 85 -108.74 -80.42 -97.42
CA ARG B 85 -107.28 -80.40 -97.44
C ARG B 85 -106.66 -79.22 -96.74
N THR B 86 -107.49 -78.27 -96.32
CA THR B 86 -106.99 -77.10 -95.61
C THR B 86 -107.10 -77.38 -94.13
N SER B 87 -106.17 -76.85 -93.33
CA SER B 87 -106.22 -77.05 -91.89
C SER B 87 -107.10 -75.97 -91.31
N GLU B 88 -108.19 -76.38 -90.67
CA GLU B 88 -109.12 -75.43 -90.08
C GLU B 88 -110.17 -76.21 -89.29
N ALA B 89 -111.10 -75.48 -88.69
CA ALA B 89 -112.16 -76.10 -87.91
C ALA B 89 -113.14 -76.86 -88.78
N TYR B 90 -113.37 -78.12 -88.46
CA TYR B 90 -114.33 -78.94 -89.20
C TYR B 90 -115.32 -79.57 -88.23
N TYR B 91 -116.32 -80.24 -88.75
CA TYR B 91 -117.29 -80.92 -87.90
C TYR B 91 -117.10 -82.39 -88.20
N ILE B 92 -117.01 -83.22 -87.17
CA ILE B 92 -116.87 -84.64 -87.42
C ILE B 92 -117.94 -85.36 -86.63
N GLN B 93 -118.19 -86.61 -87.00
CA GLN B 93 -119.15 -87.44 -86.30
C GLN B 93 -118.66 -88.88 -86.32
N PRO B 94 -117.78 -89.23 -85.38
CA PRO B 94 -117.26 -90.61 -85.35
C PRO B 94 -118.31 -91.61 -84.84
N ASP B 95 -119.20 -91.17 -83.95
CA ASP B 95 -120.27 -92.02 -83.40
C ASP B 95 -121.62 -91.58 -83.93
N LEU B 96 -122.27 -92.46 -84.67
CA LEU B 96 -123.57 -92.15 -85.25
C LEU B 96 -124.68 -91.93 -84.22
N PHE B 97 -124.42 -92.29 -82.96
CA PHE B 97 -125.44 -92.10 -81.94
C PHE B 97 -125.12 -90.87 -81.11
N SER B 98 -124.12 -90.13 -81.55
CA SER B 98 -123.70 -88.91 -80.88
C SER B 98 -123.64 -87.81 -81.91
N GLU B 99 -124.00 -86.60 -81.52
CA GLU B 99 -124.00 -85.47 -82.44
C GLU B 99 -122.61 -85.18 -82.99
N PRO B 100 -122.52 -84.49 -84.14
CA PRO B 100 -121.21 -84.18 -84.71
C PRO B 100 -120.67 -83.02 -83.91
N TYR B 101 -119.36 -82.96 -83.74
CA TYR B 101 -118.74 -81.88 -82.98
C TYR B 101 -117.60 -81.22 -83.72
N LYS B 102 -117.41 -79.94 -83.43
CA LYS B 102 -116.35 -79.11 -84.03
C LYS B 102 -115.01 -79.58 -83.49
N VAL B 103 -114.03 -79.71 -84.37
CA VAL B 103 -112.69 -80.13 -83.96
C VAL B 103 -111.74 -79.48 -84.96
N PHE B 104 -110.51 -79.23 -84.54
CA PHE B 104 -109.56 -78.62 -85.45
C PHE B 104 -108.73 -79.69 -86.13
N CYS B 105 -108.81 -79.73 -87.46
CA CYS B 105 -108.07 -80.70 -88.24
C CYS B 105 -106.74 -80.13 -88.74
N ASP B 106 -105.70 -80.96 -88.69
CA ASP B 106 -104.40 -80.57 -89.19
C ASP B 106 -104.24 -81.40 -90.44
N MET B 107 -104.39 -80.75 -91.58
CA MET B 107 -104.28 -81.45 -92.86
C MET B 107 -102.91 -81.26 -93.51
N GLU B 108 -102.03 -80.51 -92.89
CA GLU B 108 -100.71 -80.26 -93.46
C GLU B 108 -99.58 -81.13 -92.90
N SER B 109 -99.43 -81.13 -91.58
CA SER B 109 -98.37 -81.89 -90.92
C SER B 109 -98.43 -83.39 -91.18
N HIS B 110 -97.28 -84.02 -91.08
CA HIS B 110 -97.14 -85.45 -91.26
C HIS B 110 -98.26 -86.15 -92.05
N GLY B 111 -98.55 -85.62 -93.24
CA GLY B 111 -99.57 -86.23 -94.08
C GLY B 111 -101.01 -85.82 -93.84
N GLY B 112 -101.24 -84.94 -92.88
CA GLY B 112 -102.60 -84.51 -92.61
C GLY B 112 -103.53 -85.61 -92.14
N GLY B 113 -104.80 -85.27 -91.96
CA GLY B 113 -105.77 -86.25 -91.49
C GLY B 113 -105.69 -86.31 -89.98
N TRP B 114 -104.98 -85.34 -89.40
CA TRP B 114 -104.79 -85.31 -87.96
C TRP B 114 -105.86 -84.56 -87.20
N THR B 115 -106.53 -85.27 -86.29
CA THR B 115 -107.55 -84.67 -85.46
C THR B 115 -106.89 -84.16 -84.21
N VAL B 116 -106.82 -82.85 -84.08
CA VAL B 116 -106.21 -82.23 -82.90
C VAL B 116 -107.10 -82.44 -81.69
N VAL B 117 -106.54 -83.07 -80.66
CA VAL B 117 -107.26 -83.38 -79.44
C VAL B 117 -106.92 -82.43 -78.31
N GLN B 118 -105.76 -81.78 -78.43
CA GLN B 118 -105.28 -80.80 -77.45
C GLN B 118 -104.36 -79.86 -78.21
N ASN B 119 -104.32 -78.60 -77.82
CA ASN B 119 -103.49 -77.65 -78.52
C ASN B 119 -103.20 -76.35 -77.75
N ARG B 120 -101.91 -76.04 -77.59
CA ARG B 120 -101.44 -74.83 -76.91
C ARG B 120 -100.81 -73.92 -77.98
N VAL B 121 -100.89 -72.60 -77.81
CA VAL B 121 -100.32 -71.67 -78.81
C VAL B 121 -100.35 -70.20 -78.37
N ASP B 122 -100.96 -69.95 -77.21
CA ASP B 122 -101.09 -68.63 -76.60
C ASP B 122 -101.95 -68.97 -75.39
N GLY B 123 -101.63 -68.47 -74.22
CA GLY B 123 -102.44 -68.84 -73.07
C GLY B 123 -103.88 -68.37 -73.17
N SER B 124 -104.54 -68.65 -74.30
CA SER B 124 -105.91 -68.19 -74.47
C SER B 124 -106.96 -69.01 -73.73
N SER B 125 -106.55 -70.14 -73.16
CA SER B 125 -107.47 -70.98 -72.43
C SER B 125 -106.84 -71.54 -71.15
N ASN B 126 -107.65 -71.63 -70.11
CA ASN B 126 -107.19 -72.16 -68.81
C ASN B 126 -107.22 -73.68 -68.87
N PHE B 127 -106.13 -74.33 -68.47
CA PHE B 127 -106.06 -75.78 -68.51
C PHE B 127 -106.11 -76.41 -67.14
N ALA B 128 -106.16 -75.55 -66.13
CA ALA B 128 -106.23 -76.00 -64.76
C ALA B 128 -107.72 -76.26 -64.48
N ARG B 129 -108.29 -77.25 -65.14
CA ARG B 129 -109.71 -77.56 -64.98
C ARG B 129 -109.97 -78.89 -64.31
N ASP B 130 -111.10 -78.98 -63.63
CA ASP B 130 -111.48 -80.21 -62.92
C ASP B 130 -111.70 -81.39 -63.82
N TRP B 131 -111.98 -82.52 -63.18
CA TRP B 131 -112.22 -83.79 -63.85
C TRP B 131 -113.42 -83.75 -64.79
N ASN B 132 -114.52 -83.15 -64.35
CA ASN B 132 -115.70 -83.06 -65.19
C ASN B 132 -115.40 -82.30 -66.46
N THR B 133 -114.68 -81.19 -66.32
CA THR B 133 -114.34 -80.36 -67.46
C THR B 133 -113.39 -81.04 -68.45
N TYR B 134 -112.39 -81.75 -67.95
CA TYR B 134 -111.44 -82.41 -68.86
C TYR B 134 -112.09 -83.57 -69.60
N LYS B 135 -113.18 -84.07 -69.05
CA LYS B 135 -113.88 -85.19 -69.65
C LYS B 135 -114.76 -84.67 -70.75
N ALA B 136 -115.42 -83.55 -70.48
CA ALA B 136 -116.35 -82.95 -71.42
C ALA B 136 -115.69 -82.23 -72.57
N GLU B 137 -114.60 -81.53 -72.30
CA GLU B 137 -113.83 -80.75 -73.28
C GLU B 137 -113.91 -79.30 -72.83
N PHE B 138 -112.94 -78.50 -73.28
CA PHE B 138 -112.93 -77.09 -72.96
C PHE B 138 -112.01 -76.33 -73.87
N GLY B 139 -112.27 -75.03 -73.99
CA GLY B 139 -111.44 -74.19 -74.83
C GLY B 139 -112.10 -73.81 -76.15
N ASN B 140 -111.32 -73.19 -77.02
CA ASN B 140 -111.80 -72.76 -78.32
C ASN B 140 -111.12 -73.56 -79.40
N ILE B 141 -111.91 -74.13 -80.30
CA ILE B 141 -111.33 -74.93 -81.36
C ILE B 141 -110.55 -74.07 -82.32
N ALA B 142 -111.14 -72.93 -82.69
CA ALA B 142 -110.50 -72.02 -83.62
C ALA B 142 -111.14 -70.64 -83.58
N PHE B 143 -110.43 -69.64 -84.11
CA PHE B 143 -110.91 -68.26 -84.15
C PHE B 143 -111.10 -67.82 -85.60
N GLY B 144 -111.91 -66.77 -85.81
CA GLY B 144 -112.18 -66.25 -87.14
C GLY B 144 -110.95 -65.64 -87.80
N ASN B 145 -110.62 -66.10 -89.00
CA ASN B 145 -109.44 -65.60 -89.69
C ASN B 145 -109.63 -64.21 -90.27
N GLY B 146 -110.79 -63.62 -90.01
CA GLY B 146 -111.04 -62.29 -90.53
C GLY B 146 -112.19 -62.34 -91.52
N LYS B 147 -112.15 -63.33 -92.40
CA LYS B 147 -113.22 -63.51 -93.36
C LYS B 147 -114.28 -64.12 -92.47
N SER B 148 -114.33 -65.44 -92.44
CA SER B 148 -115.29 -66.13 -91.59
C SER B 148 -114.96 -67.61 -91.57
N ILE B 149 -113.70 -67.90 -91.85
CA ILE B 149 -113.21 -69.28 -91.85
C ILE B 149 -112.35 -69.49 -90.61
N CYS B 150 -112.76 -70.42 -89.77
CA CYS B 150 -112.01 -70.71 -88.55
C CYS B 150 -110.80 -71.60 -88.81
N ASN B 151 -109.72 -70.96 -89.24
CA ASN B 151 -108.48 -71.69 -89.53
C ASN B 151 -107.37 -71.23 -88.57
N ILE B 152 -107.74 -70.42 -87.60
CA ILE B 152 -106.77 -69.97 -86.63
C ILE B 152 -106.99 -70.82 -85.38
N PRO B 153 -106.21 -71.89 -85.23
CA PRO B 153 -106.34 -72.79 -84.08
C PRO B 153 -106.34 -72.09 -82.74
N GLY B 154 -107.16 -72.56 -81.82
CA GLY B 154 -107.21 -71.96 -80.50
C GLY B 154 -106.74 -72.96 -79.46
N GLU B 155 -106.77 -72.58 -78.19
CA GLU B 155 -106.35 -73.49 -77.14
C GLU B 155 -107.54 -74.32 -76.64
N TYR B 156 -107.42 -75.64 -76.72
CA TYR B 156 -108.50 -76.47 -76.25
C TYR B 156 -108.08 -77.90 -75.96
N TRP B 157 -108.97 -78.59 -75.26
CA TRP B 157 -108.80 -79.97 -74.92
C TRP B 157 -110.11 -80.61 -75.33
N LEU B 158 -110.14 -81.27 -76.50
CA LEU B 158 -111.34 -81.98 -76.96
C LEU B 158 -111.54 -82.88 -75.77
N GLY B 159 -112.76 -83.06 -75.30
CA GLY B 159 -112.93 -83.91 -74.12
C GLY B 159 -112.28 -85.30 -74.05
N THR B 160 -111.72 -85.66 -72.90
CA THR B 160 -111.11 -86.99 -72.76
C THR B 160 -112.08 -88.11 -73.15
N LYS B 161 -113.31 -88.01 -72.68
CA LYS B 161 -114.31 -89.02 -72.99
C LYS B 161 -114.48 -89.20 -74.51
N THR B 162 -114.41 -88.11 -75.24
CA THR B 162 -114.53 -88.17 -76.70
C THR B 162 -113.32 -88.90 -77.22
N VAL B 163 -112.15 -88.47 -76.73
CA VAL B 163 -110.91 -89.08 -77.13
C VAL B 163 -111.01 -90.59 -76.84
N HIS B 164 -111.49 -90.95 -75.66
CA HIS B 164 -111.61 -92.35 -75.31
C HIS B 164 -112.48 -93.08 -76.29
N GLN B 165 -113.69 -92.58 -76.52
CA GLN B 165 -114.59 -93.22 -77.47
C GLN B 165 -113.89 -93.33 -78.82
N LEU B 166 -113.13 -92.32 -79.16
CA LEU B 166 -112.43 -92.30 -80.44
C LEU B 166 -111.54 -93.51 -80.62
N THR B 167 -110.80 -93.85 -79.57
CA THR B 167 -109.89 -94.99 -79.61
C THR B 167 -110.56 -96.31 -79.29
N LYS B 168 -111.71 -96.28 -78.65
CA LYS B 168 -112.41 -97.52 -78.32
C LYS B 168 -113.02 -98.09 -79.58
N GLN B 169 -113.55 -97.21 -80.43
CA GLN B 169 -114.15 -97.62 -81.69
C GLN B 169 -113.09 -98.37 -82.49
N HIS B 170 -111.85 -97.86 -82.42
CA HIS B 170 -110.70 -98.47 -83.08
C HIS B 170 -109.42 -97.69 -82.89
N THR B 171 -108.47 -98.34 -82.20
CA THR B 171 -107.17 -97.79 -81.87
C THR B 171 -106.60 -96.75 -82.83
N GLN B 172 -106.08 -95.68 -82.27
CA GLN B 172 -105.50 -94.58 -83.02
C GLN B 172 -103.99 -94.49 -82.83
N GLN B 173 -103.37 -93.57 -83.54
CA GLN B 173 -101.95 -93.32 -83.42
C GLN B 173 -101.90 -91.86 -83.04
N VAL B 174 -101.09 -91.53 -82.04
CA VAL B 174 -100.99 -90.14 -81.60
C VAL B 174 -99.70 -89.51 -82.09
N LEU B 175 -99.70 -88.18 -82.18
CA LEU B 175 -98.55 -87.43 -82.65
C LEU B 175 -98.48 -86.08 -81.95
N PHE B 176 -97.36 -85.82 -81.28
CA PHE B 176 -97.19 -84.57 -80.58
C PHE B 176 -96.30 -83.60 -81.37
N ASP B 177 -96.82 -82.40 -81.61
CA ASP B 177 -96.10 -81.38 -82.34
C ASP B 177 -95.87 -80.24 -81.38
N MET B 178 -94.60 -79.93 -81.09
CA MET B 178 -94.28 -78.82 -80.20
C MET B 178 -93.28 -77.87 -80.87
N SER B 179 -93.29 -76.61 -80.47
CA SER B 179 -92.41 -75.61 -81.02
C SER B 179 -91.93 -74.77 -79.88
N ASP B 180 -90.64 -74.45 -79.87
CA ASP B 180 -90.06 -73.63 -78.83
C ASP B 180 -90.23 -72.16 -79.19
N TRP B 181 -89.81 -71.26 -78.33
CA TRP B 181 -89.91 -69.84 -78.61
C TRP B 181 -88.70 -69.37 -79.44
N GLU B 182 -88.13 -70.27 -80.23
CA GLU B 182 -86.96 -69.91 -81.03
C GLU B 182 -86.89 -70.51 -82.42
N GLY B 183 -88.05 -70.67 -83.05
CA GLY B 183 -88.08 -71.18 -84.40
C GLY B 183 -87.76 -72.64 -84.61
N SER B 184 -87.70 -73.41 -83.53
CA SER B 184 -87.40 -74.84 -83.64
C SER B 184 -88.66 -75.63 -83.34
N SER B 185 -88.78 -76.83 -83.92
CA SER B 185 -89.96 -77.66 -83.68
C SER B 185 -89.68 -79.15 -83.77
N VAL B 186 -90.18 -79.90 -82.81
CA VAL B 186 -89.97 -81.35 -82.82
C VAL B 186 -91.29 -82.10 -82.84
N TYR B 187 -91.21 -83.41 -83.05
CA TYR B 187 -92.38 -84.29 -83.12
C TYR B 187 -92.13 -85.42 -82.16
N ALA B 188 -93.11 -86.30 -82.06
CA ALA B 188 -93.04 -87.46 -81.18
C ALA B 188 -94.35 -88.17 -81.37
N GLN B 189 -94.36 -89.21 -82.17
CA GLN B 189 -95.61 -89.93 -82.36
C GLN B 189 -95.47 -91.38 -81.99
N TYR B 190 -96.57 -91.95 -81.53
CA TYR B 190 -96.62 -93.34 -81.14
C TYR B 190 -97.59 -94.01 -82.08
N ALA B 191 -97.18 -95.15 -82.61
CA ALA B 191 -97.98 -95.89 -83.56
C ALA B 191 -99.33 -96.35 -83.02
N SER B 192 -99.43 -96.46 -81.70
CA SER B 192 -100.67 -96.88 -81.07
C SER B 192 -101.02 -96.02 -79.88
N PHE B 193 -102.26 -95.55 -79.87
CA PHE B 193 -102.76 -94.68 -78.81
C PHE B 193 -104.13 -95.20 -78.38
N ARG B 194 -104.35 -95.29 -77.08
CA ARG B 194 -105.62 -95.79 -76.58
C ARG B 194 -105.73 -95.63 -75.08
N PRO B 195 -106.83 -95.06 -74.60
CA PRO B 195 -106.98 -94.92 -73.16
C PRO B 195 -108.21 -95.76 -72.74
N GLU B 196 -108.16 -96.35 -71.54
CA GLU B 196 -109.28 -97.14 -71.06
C GLU B 196 -110.43 -96.20 -70.69
N ASN B 197 -111.57 -96.77 -70.30
CA ASN B 197 -112.73 -95.97 -69.93
C ASN B 197 -112.55 -95.18 -68.64
N GLU B 198 -113.49 -94.27 -68.38
CA GLU B 198 -113.44 -93.44 -67.19
C GLU B 198 -113.31 -94.26 -65.93
N ALA B 199 -114.07 -95.34 -65.83
CA ALA B 199 -114.01 -96.21 -64.68
C ALA B 199 -112.56 -96.57 -64.40
N GLN B 200 -111.74 -96.55 -65.45
CA GLN B 200 -110.33 -96.87 -65.32
C GLN B 200 -109.46 -95.62 -65.37
N GLY B 201 -110.05 -94.48 -65.05
CA GLY B 201 -109.31 -93.24 -65.05
C GLY B 201 -108.72 -92.91 -66.41
N TYR B 202 -109.40 -93.33 -67.47
CA TYR B 202 -108.92 -93.06 -68.81
C TYR B 202 -107.43 -93.39 -68.91
N ARG B 203 -107.01 -94.51 -68.31
CA ARG B 203 -105.60 -94.91 -68.35
C ARG B 203 -105.04 -94.90 -69.77
N LEU B 204 -103.91 -94.22 -69.92
CA LEU B 204 -103.21 -94.10 -71.20
C LEU B 204 -102.47 -95.38 -71.64
N TRP B 205 -102.38 -95.62 -72.94
CA TRP B 205 -101.67 -96.79 -73.46
C TRP B 205 -101.08 -96.48 -74.85
N VAL B 206 -99.83 -96.02 -74.89
CA VAL B 206 -99.22 -95.73 -76.19
C VAL B 206 -98.23 -96.81 -76.59
N GLU B 207 -97.78 -96.77 -77.84
CA GLU B 207 -96.82 -97.75 -78.31
C GLU B 207 -96.04 -97.32 -79.56
N ASP B 208 -94.75 -97.69 -79.59
CA ASP B 208 -93.83 -97.41 -80.69
C ASP B 208 -93.49 -95.94 -80.91
N TYR B 209 -92.48 -95.46 -80.20
CA TYR B 209 -92.06 -94.07 -80.34
C TYR B 209 -91.26 -93.88 -81.60
N SER B 210 -91.08 -92.62 -81.97
CA SER B 210 -90.33 -92.24 -83.14
C SER B 210 -90.46 -90.74 -83.18
N GLY B 211 -89.43 -90.06 -83.67
CA GLY B 211 -89.49 -88.62 -83.73
C GLY B 211 -88.24 -88.03 -83.13
N ASN B 212 -88.22 -86.71 -83.01
CA ASN B 212 -87.06 -86.03 -82.47
C ASN B 212 -87.30 -85.26 -81.17
N ALA B 213 -88.49 -85.38 -80.59
CA ALA B 213 -88.78 -84.66 -79.35
C ALA B 213 -88.31 -85.44 -78.13
N GLY B 214 -88.40 -86.76 -78.21
CA GLY B 214 -87.98 -87.60 -77.09
C GLY B 214 -89.11 -88.44 -76.55
N ASN B 215 -88.91 -89.76 -76.54
CA ASN B 215 -89.92 -90.69 -76.04
C ASN B 215 -90.27 -90.44 -74.58
N ALA B 216 -90.88 -89.30 -74.31
CA ALA B 216 -91.25 -88.95 -72.95
C ALA B 216 -92.34 -89.83 -72.38
N LEU B 217 -93.23 -90.30 -73.24
CA LEU B 217 -94.35 -91.09 -72.75
C LEU B 217 -94.03 -92.45 -72.16
N LEU B 218 -93.29 -93.27 -72.88
CA LEU B 218 -93.01 -94.59 -72.34
C LEU B 218 -91.57 -94.83 -71.94
N GLU B 219 -90.77 -93.77 -72.02
CA GLU B 219 -89.38 -93.89 -71.66
C GLU B 219 -89.02 -92.91 -70.55
N GLY B 220 -89.96 -92.02 -70.21
CA GLY B 220 -89.71 -91.04 -69.17
C GLY B 220 -88.63 -90.06 -69.61
N ALA B 221 -88.35 -89.07 -68.79
CA ALA B 221 -87.31 -88.09 -69.13
C ALA B 221 -85.95 -88.76 -69.04
N THR B 222 -85.32 -88.97 -70.20
CA THR B 222 -84.02 -89.63 -70.26
C THR B 222 -82.94 -88.93 -69.43
N GLN B 223 -83.13 -87.64 -69.15
CA GLN B 223 -82.17 -86.89 -68.34
C GLN B 223 -82.25 -87.27 -66.88
N LEU B 224 -83.07 -88.26 -66.55
CA LEU B 224 -83.20 -88.72 -65.18
C LEU B 224 -82.66 -90.13 -65.19
N MET B 225 -82.06 -90.56 -64.07
CA MET B 225 -81.51 -91.90 -64.00
C MET B 225 -82.22 -92.77 -62.97
N GLY B 226 -82.18 -94.09 -63.21
CA GLY B 226 -82.79 -95.01 -62.27
C GLY B 226 -84.26 -94.79 -62.04
N ASP B 227 -84.72 -95.06 -60.82
CA ASP B 227 -86.12 -94.91 -60.50
C ASP B 227 -86.68 -93.52 -60.77
N ASN B 228 -85.82 -92.52 -60.72
CA ASN B 228 -86.23 -91.15 -60.98
C ASN B 228 -86.79 -91.11 -62.39
N ARG B 229 -86.07 -91.73 -63.31
CA ARG B 229 -86.50 -91.74 -64.69
C ARG B 229 -87.84 -92.46 -64.77
N THR B 230 -87.85 -93.72 -64.38
CA THR B 230 -89.07 -94.52 -64.45
C THR B 230 -90.30 -93.85 -63.86
N MET B 231 -90.13 -92.96 -62.88
CA MET B 231 -91.30 -92.30 -62.30
C MET B 231 -91.81 -91.09 -63.08
N THR B 232 -91.38 -91.00 -64.33
CA THR B 232 -91.83 -89.93 -65.23
C THR B 232 -92.36 -90.56 -66.52
N ILE B 233 -92.62 -91.87 -66.46
CA ILE B 233 -93.16 -92.58 -67.60
C ILE B 233 -94.69 -92.44 -67.49
N HIS B 234 -95.32 -91.94 -68.55
CA HIS B 234 -96.76 -91.74 -68.55
C HIS B 234 -97.53 -92.96 -68.98
N ASN B 235 -96.93 -93.77 -69.83
CA ASN B 235 -97.61 -94.96 -70.32
C ASN B 235 -98.23 -95.76 -69.20
N GLY B 236 -99.44 -96.24 -69.44
CA GLY B 236 -100.14 -97.04 -68.45
C GLY B 236 -100.68 -96.26 -67.28
N MET B 237 -100.44 -94.95 -67.25
CA MET B 237 -100.93 -94.12 -66.15
C MET B 237 -102.40 -93.73 -66.29
N GLN B 238 -102.95 -93.24 -65.18
CA GLN B 238 -104.34 -92.81 -65.18
C GLN B 238 -104.38 -91.30 -65.21
N PHE B 239 -105.46 -90.76 -65.74
CA PHE B 239 -105.61 -89.32 -65.82
C PHE B 239 -105.85 -88.77 -64.43
N SER B 240 -105.23 -87.64 -64.13
CA SER B 240 -105.40 -87.04 -62.81
C SER B 240 -105.66 -85.58 -63.03
N THR B 241 -106.53 -85.01 -62.22
CA THR B 241 -106.86 -83.61 -62.35
C THR B 241 -106.86 -82.88 -61.04
N PHE B 242 -106.96 -81.57 -61.20
CA PHE B 242 -107.06 -80.60 -60.13
C PHE B 242 -107.74 -81.28 -58.90
N ASP B 243 -108.94 -81.81 -59.12
CA ASP B 243 -109.73 -82.45 -58.08
C ASP B 243 -109.78 -83.98 -58.15
N ARG B 244 -108.77 -84.63 -58.73
CA ARG B 244 -108.80 -86.08 -58.76
C ARG B 244 -107.43 -86.68 -58.94
N ASP B 245 -106.81 -87.02 -57.82
CA ASP B 245 -105.48 -87.61 -57.82
C ASP B 245 -105.53 -89.10 -58.14
N ASN B 246 -104.85 -89.50 -59.21
CA ASN B 246 -104.76 -90.90 -59.63
C ASN B 246 -103.32 -91.20 -60.01
N ASP B 247 -102.41 -90.28 -59.66
CA ASP B 247 -101.01 -90.47 -60.00
C ASP B 247 -100.35 -91.53 -59.13
N ASN B 248 -99.11 -91.85 -59.47
CA ASN B 248 -98.34 -92.85 -58.76
C ASN B 248 -97.44 -92.18 -57.76
N TRP B 249 -97.98 -91.25 -57.00
CA TRP B 249 -97.17 -90.56 -56.02
C TRP B 249 -97.84 -90.58 -54.66
N ASN B 250 -97.41 -91.52 -53.82
CA ASN B 250 -97.94 -91.66 -52.48
C ASN B 250 -99.45 -91.79 -52.43
N PRO B 251 -100.02 -92.75 -53.18
CA PRO B 251 -101.46 -93.00 -53.24
C PRO B 251 -102.33 -92.74 -52.00
N GLY B 252 -101.71 -92.59 -50.84
CA GLY B 252 -102.53 -92.33 -49.67
C GLY B 252 -102.48 -90.89 -49.24
N ASP B 253 -101.28 -90.31 -49.28
CA ASP B 253 -101.05 -88.93 -48.88
C ASP B 253 -101.69 -87.98 -49.89
N PRO B 254 -102.73 -87.25 -49.46
CA PRO B 254 -103.37 -86.32 -50.39
C PRO B 254 -102.53 -85.08 -50.66
N THR B 255 -101.39 -84.98 -49.99
CA THR B 255 -100.49 -83.85 -50.16
C THR B 255 -99.65 -84.09 -51.40
N LYS B 256 -99.52 -85.35 -51.77
CA LYS B 256 -98.73 -85.74 -52.94
C LYS B 256 -99.62 -85.82 -54.19
N HIS B 257 -99.99 -84.65 -54.68
CA HIS B 257 -100.88 -84.53 -55.83
C HIS B 257 -100.21 -83.96 -57.08
N CYS B 258 -99.76 -84.83 -57.99
CA CYS B 258 -99.11 -84.33 -59.18
C CYS B 258 -99.93 -83.33 -59.97
N SER B 259 -101.24 -83.32 -59.80
CA SER B 259 -102.03 -82.36 -60.55
C SER B 259 -102.11 -81.01 -59.86
N ARG B 260 -102.27 -80.98 -58.54
CA ARG B 260 -102.33 -79.70 -57.84
C ARG B 260 -101.14 -78.84 -58.28
N GLU B 261 -99.94 -79.37 -58.10
CA GLU B 261 -98.74 -78.68 -58.55
C GLU B 261 -98.64 -79.25 -59.94
N ASP B 262 -98.05 -78.52 -60.88
CA ASP B 262 -97.93 -79.01 -62.28
C ASP B 262 -99.11 -78.54 -63.17
N ALA B 263 -100.06 -77.88 -62.51
CA ALA B 263 -101.26 -77.23 -63.10
C ALA B 263 -101.99 -77.77 -64.33
N GLY B 264 -102.16 -79.07 -64.41
CA GLY B 264 -102.87 -79.60 -65.56
C GLY B 264 -103.48 -80.95 -65.31
N GLY B 265 -104.46 -81.31 -66.13
CA GLY B 265 -105.06 -82.61 -66.01
C GLY B 265 -104.17 -83.37 -66.96
N TRP B 266 -103.62 -84.49 -66.52
CA TRP B 266 -102.72 -85.26 -67.37
C TRP B 266 -102.46 -86.63 -66.80
N TRP B 267 -101.95 -87.52 -67.64
CA TRP B 267 -101.63 -88.87 -67.19
C TRP B 267 -100.39 -88.83 -66.32
N TYR B 268 -100.49 -88.08 -65.23
CA TYR B 268 -99.40 -87.93 -64.28
C TYR B 268 -99.07 -89.25 -63.62
N ASN B 269 -97.78 -89.53 -63.52
CA ASN B 269 -97.27 -90.75 -62.90
C ASN B 269 -96.14 -90.32 -62.01
N ARG B 270 -96.40 -90.15 -60.72
CA ARG B 270 -95.32 -89.67 -59.85
C ARG B 270 -94.79 -88.41 -60.55
N CYS B 271 -95.74 -87.78 -61.24
CA CYS B 271 -95.65 -86.56 -62.00
C CYS B 271 -95.30 -86.65 -63.48
N HIS B 272 -94.15 -86.17 -63.95
CA HIS B 272 -93.99 -86.24 -65.40
C HIS B 272 -92.67 -86.01 -66.10
N ALA B 273 -92.69 -86.35 -67.39
CA ALA B 273 -91.59 -86.15 -68.33
C ALA B 273 -92.17 -85.12 -69.30
N ALA B 274 -93.42 -85.34 -69.68
CA ALA B 274 -94.14 -84.46 -70.58
C ALA B 274 -95.29 -83.83 -69.81
N ASN B 275 -95.56 -82.55 -70.05
CA ASN B 275 -96.63 -81.88 -69.34
C ASN B 275 -97.41 -80.86 -70.17
N PRO B 276 -97.97 -81.27 -71.34
CA PRO B 276 -98.73 -80.27 -72.09
C PRO B 276 -99.85 -79.99 -71.11
N ASN B 277 -100.72 -79.02 -71.36
CA ASN B 277 -101.80 -78.77 -70.39
C ASN B 277 -101.32 -78.03 -69.14
N GLY B 278 -100.03 -77.73 -69.09
CA GLY B 278 -99.49 -77.01 -67.94
C GLY B 278 -99.60 -75.50 -68.14
N ARG B 279 -99.10 -74.73 -67.18
CA ARG B 279 -99.13 -73.27 -67.27
C ARG B 279 -98.38 -72.78 -68.52
N TYR B 280 -98.96 -71.81 -69.21
CA TYR B 280 -98.36 -71.26 -70.41
C TYR B 280 -97.45 -70.08 -70.11
N TYR B 281 -96.21 -70.38 -69.70
CA TYR B 281 -95.25 -69.32 -69.39
C TYR B 281 -94.83 -68.71 -70.70
N TRP B 282 -94.72 -67.39 -70.72
CA TRP B 282 -94.35 -66.66 -71.93
C TRP B 282 -92.84 -66.57 -72.08
N GLY B 283 -92.35 -66.74 -73.31
CA GLY B 283 -90.92 -66.64 -73.52
C GLY B 283 -90.09 -67.89 -73.29
N GLY B 284 -90.74 -69.01 -73.02
CA GLY B 284 -89.99 -70.23 -72.83
C GLY B 284 -89.45 -70.56 -71.45
N ILE B 285 -88.39 -69.87 -71.02
CA ILE B 285 -87.82 -70.19 -69.71
C ILE B 285 -88.59 -69.60 -68.52
N TYR B 286 -88.61 -70.36 -67.45
CA TYR B 286 -89.28 -69.96 -66.22
C TYR B 286 -88.50 -70.64 -65.12
N THR B 287 -88.58 -70.12 -63.91
CA THR B 287 -87.85 -70.65 -62.79
C THR B 287 -88.68 -71.22 -61.66
N LYS B 288 -88.07 -72.11 -60.90
CA LYS B 288 -88.71 -72.73 -59.75
C LYS B 288 -89.31 -71.63 -58.88
N GLU B 289 -88.68 -70.46 -58.90
CA GLU B 289 -89.15 -69.33 -58.11
C GLU B 289 -90.49 -68.80 -58.60
N GLN B 290 -90.76 -68.95 -59.89
CA GLN B 290 -92.00 -68.47 -60.49
C GLN B 290 -93.13 -69.49 -60.41
N ALA B 291 -92.80 -70.78 -60.49
CA ALA B 291 -93.79 -71.85 -60.45
C ALA B 291 -94.68 -71.70 -59.23
N ASP B 292 -95.97 -71.86 -59.43
CA ASP B 292 -96.93 -71.72 -58.35
C ASP B 292 -96.63 -72.63 -57.16
N TYR B 293 -96.08 -73.81 -57.41
CA TYR B 293 -95.75 -74.73 -56.33
C TYR B 293 -94.27 -75.12 -56.34
N GLY B 294 -93.46 -74.30 -56.99
CA GLY B 294 -92.03 -74.60 -57.06
C GLY B 294 -91.75 -75.85 -57.86
N THR B 295 -92.73 -76.34 -58.60
CA THR B 295 -92.52 -77.53 -59.42
C THR B 295 -92.40 -77.13 -60.88
N ASP B 296 -92.07 -78.09 -61.72
CA ASP B 296 -91.94 -77.76 -63.13
C ASP B 296 -93.28 -77.82 -63.88
N ASP B 297 -94.22 -76.97 -63.45
CA ASP B 297 -95.53 -76.87 -64.10
C ASP B 297 -95.25 -76.04 -65.32
N GLY B 298 -96.01 -76.24 -66.38
CA GLY B 298 -95.72 -75.48 -67.57
C GLY B 298 -95.78 -76.44 -68.73
N VAL B 299 -95.75 -75.91 -69.93
CA VAL B 299 -95.84 -76.78 -71.09
C VAL B 299 -94.50 -77.39 -71.34
N VAL B 300 -94.18 -78.36 -70.49
CA VAL B 300 -92.90 -79.09 -70.48
C VAL B 300 -92.82 -80.37 -71.29
N TRP B 301 -91.64 -80.62 -71.82
CA TRP B 301 -91.38 -81.84 -72.56
C TRP B 301 -89.90 -82.05 -72.31
N MET B 302 -89.59 -82.38 -71.06
CA MET B 302 -88.22 -82.59 -70.60
C MET B 302 -87.30 -83.17 -71.66
N ASN B 303 -87.68 -84.29 -72.24
CA ASN B 303 -86.87 -84.93 -73.26
C ASN B 303 -86.34 -84.00 -74.34
N TRP B 304 -86.77 -82.74 -74.34
CA TRP B 304 -86.29 -81.82 -75.36
C TRP B 304 -85.67 -80.55 -74.82
N LYS B 305 -86.35 -79.89 -73.89
CA LYS B 305 -85.87 -78.64 -73.33
C LYS B 305 -85.73 -78.70 -71.82
N GLY B 306 -85.83 -79.91 -71.29
CA GLY B 306 -85.70 -80.07 -69.86
C GLY B 306 -86.97 -79.66 -69.14
N SER B 307 -86.88 -79.53 -67.81
CA SER B 307 -88.02 -79.18 -67.00
C SER B 307 -88.45 -77.72 -66.91
N TRP B 308 -87.54 -76.77 -67.16
CA TRP B 308 -87.92 -75.37 -67.01
C TRP B 308 -88.07 -74.55 -68.27
N TYR B 309 -88.63 -75.15 -69.30
CA TYR B 309 -88.84 -74.41 -70.52
C TYR B 309 -90.23 -74.75 -71.01
N SER B 310 -91.07 -73.72 -71.17
CA SER B 310 -92.46 -73.91 -71.62
C SER B 310 -92.58 -73.68 -73.12
N MET B 311 -93.06 -74.69 -73.84
CA MET B 311 -93.19 -74.55 -75.29
C MET B 311 -94.03 -73.34 -75.66
N ARG B 312 -93.85 -72.88 -76.90
CA ARG B 312 -94.60 -71.77 -77.43
C ARG B 312 -95.81 -72.40 -78.11
N GLN B 313 -95.61 -73.64 -78.56
CA GLN B 313 -96.66 -74.41 -79.22
C GLN B 313 -96.58 -75.88 -78.87
N MET B 314 -97.72 -76.44 -78.50
CA MET B 314 -97.81 -77.85 -78.16
C MET B 314 -99.17 -78.36 -78.60
N ALA B 315 -99.22 -79.59 -79.08
CA ALA B 315 -100.49 -80.13 -79.51
C ALA B 315 -100.49 -81.64 -79.61
N MET B 316 -101.64 -82.25 -79.33
CA MET B 316 -101.81 -83.69 -79.41
C MET B 316 -102.72 -83.93 -80.59
N LYS B 317 -102.35 -84.87 -81.45
CA LYS B 317 -103.13 -85.18 -82.64
C LYS B 317 -103.34 -86.67 -82.79
N LEU B 318 -104.55 -87.05 -83.22
CA LEU B 318 -104.90 -88.44 -83.40
C LEU B 318 -105.19 -88.74 -84.85
N ARG B 319 -104.87 -89.97 -85.23
CA ARG B 319 -105.12 -90.45 -86.58
C ARG B 319 -105.28 -91.95 -86.49
N PRO B 320 -106.12 -92.52 -87.35
CA PRO B 320 -106.33 -93.98 -87.33
C PRO B 320 -105.17 -94.69 -88.01
N LYS B 321 -105.38 -95.05 -89.27
CA LYS B 321 -104.38 -95.75 -90.07
C LYS B 321 -104.61 -95.50 -91.57
N LYS C 5 -60.63 -26.47 -31.61
CA LYS C 5 -62.12 -26.40 -31.56
C LYS C 5 -62.74 -27.78 -31.74
N THR C 6 -61.89 -28.79 -31.78
CA THR C 6 -62.36 -30.17 -31.92
C THR C 6 -63.28 -30.54 -30.76
N VAL C 7 -62.81 -30.29 -29.54
CA VAL C 7 -63.60 -30.59 -28.35
C VAL C 7 -64.98 -29.98 -28.52
N GLN C 8 -65.02 -28.83 -29.18
CA GLN C 8 -66.27 -28.11 -29.43
C GLN C 8 -67.02 -28.67 -30.64
N LYS C 9 -66.28 -29.31 -31.55
CA LYS C 9 -66.88 -29.89 -32.74
C LYS C 9 -67.41 -31.30 -32.45
N ILE C 10 -66.64 -32.07 -31.68
CA ILE C 10 -67.05 -33.42 -31.33
C ILE C 10 -68.43 -33.36 -30.67
N LEU C 11 -68.89 -32.14 -30.42
CA LEU C 11 -70.20 -31.91 -29.82
C LEU C 11 -71.20 -31.66 -30.94
N GLU C 12 -71.07 -30.52 -31.62
CA GLU C 12 -71.97 -30.20 -32.72
C GLU C 12 -72.15 -31.45 -33.56
N GLU C 13 -71.05 -32.17 -33.79
CA GLU C 13 -71.13 -33.39 -34.56
C GLU C 13 -72.17 -34.30 -33.94
N VAL C 14 -72.10 -34.48 -32.63
CA VAL C 14 -73.05 -35.34 -31.93
C VAL C 14 -74.45 -34.75 -31.89
N ARG C 15 -74.55 -33.43 -31.86
CA ARG C 15 -75.86 -32.79 -31.87
C ARG C 15 -76.54 -33.15 -33.20
N ILE C 16 -75.71 -33.30 -34.23
CA ILE C 16 -76.16 -33.64 -35.57
C ILE C 16 -76.48 -35.13 -35.68
N LEU C 17 -75.55 -35.97 -35.22
CA LEU C 17 -75.75 -37.41 -35.27
C LEU C 17 -77.01 -37.85 -34.52
N GLU C 18 -77.44 -37.04 -33.57
CA GLU C 18 -78.64 -37.36 -32.82
C GLU C 18 -79.84 -37.00 -33.70
N GLN C 19 -79.81 -35.80 -34.28
CA GLN C 19 -80.89 -35.35 -35.15
C GLN C 19 -81.13 -36.35 -36.26
N ILE C 20 -80.05 -36.86 -36.85
CA ILE C 20 -80.16 -37.82 -37.93
C ILE C 20 -80.81 -39.11 -37.42
N GLY C 21 -80.15 -39.78 -36.46
CA GLY C 21 -80.66 -41.01 -35.89
C GLY C 21 -82.17 -40.99 -35.70
N VAL C 22 -82.67 -39.92 -35.09
CA VAL C 22 -84.10 -39.75 -34.86
C VAL C 22 -84.84 -39.82 -36.18
N SER C 23 -84.37 -39.11 -37.21
CA SER C 23 -85.03 -39.17 -38.51
C SER C 23 -84.95 -40.61 -39.04
N HIS C 24 -83.84 -41.28 -38.77
CA HIS C 24 -83.70 -42.65 -39.21
C HIS C 24 -84.76 -43.48 -38.53
N ASP C 25 -85.12 -43.10 -37.29
CA ASP C 25 -86.15 -43.82 -36.55
C ASP C 25 -87.52 -43.55 -37.19
N ALA C 26 -87.63 -42.44 -37.92
CA ALA C 26 -88.88 -42.10 -38.59
C ALA C 26 -88.92 -42.81 -39.91
N GLN C 27 -87.81 -42.71 -40.63
CA GLN C 27 -87.70 -43.33 -41.94
C GLN C 27 -87.90 -44.83 -41.84
N ILE C 28 -87.45 -45.40 -40.73
CA ILE C 28 -87.63 -46.82 -40.54
C ILE C 28 -89.11 -47.14 -40.45
N GLN C 29 -89.86 -46.23 -39.82
CA GLN C 29 -91.29 -46.45 -39.68
C GLN C 29 -91.98 -46.20 -41.01
N GLU C 30 -91.51 -45.21 -41.74
CA GLU C 30 -92.10 -44.91 -43.02
C GLU C 30 -91.96 -46.12 -43.94
N LEU C 31 -90.96 -46.96 -43.67
CA LEU C 31 -90.74 -48.15 -44.48
C LEU C 31 -91.67 -49.28 -44.06
N SER C 32 -91.90 -49.40 -42.76
CA SER C 32 -92.80 -50.44 -42.27
C SER C 32 -94.22 -50.12 -42.71
N GLU C 33 -94.56 -48.84 -42.70
CA GLU C 33 -95.89 -48.44 -43.14
C GLU C 33 -95.96 -48.86 -44.62
N MET C 34 -94.94 -48.43 -45.36
CA MET C 34 -94.81 -48.71 -46.78
C MET C 34 -94.88 -50.20 -47.06
N TRP C 35 -94.33 -51.00 -46.16
CA TRP C 35 -94.35 -52.44 -46.36
C TRP C 35 -95.73 -53.01 -46.10
N ARG C 36 -96.36 -52.58 -45.00
CA ARG C 36 -97.69 -53.05 -44.64
C ARG C 36 -98.70 -52.72 -45.75
N VAL C 37 -98.62 -51.50 -46.26
CA VAL C 37 -99.50 -51.07 -47.34
C VAL C 37 -99.33 -52.04 -48.50
N ASN C 38 -98.09 -52.26 -48.90
CA ASN C 38 -97.78 -53.16 -50.00
C ASN C 38 -98.31 -54.56 -49.73
N GLN C 39 -98.00 -55.09 -48.55
CA GLN C 39 -98.45 -56.43 -48.20
C GLN C 39 -99.97 -56.55 -48.33
N GLN C 40 -100.65 -55.42 -48.27
CA GLN C 40 -102.10 -55.40 -48.42
C GLN C 40 -102.40 -55.39 -49.90
N PHE C 41 -101.59 -54.65 -50.66
CA PHE C 41 -101.74 -54.55 -52.11
C PHE C 41 -101.63 -55.96 -52.70
N VAL C 42 -100.67 -56.73 -52.20
CA VAL C 42 -100.47 -58.10 -52.66
C VAL C 42 -101.73 -58.92 -52.42
N THR C 43 -102.37 -58.69 -51.29
CA THR C 43 -103.60 -59.39 -50.96
C THR C 43 -104.66 -58.98 -51.98
N ARG C 44 -104.92 -57.68 -52.09
CA ARG C 44 -105.90 -57.19 -53.05
C ARG C 44 -105.66 -57.76 -54.45
N LEU C 45 -104.40 -57.93 -54.84
CA LEU C 45 -104.13 -58.52 -56.15
C LEU C 45 -104.34 -60.01 -56.08
N GLN C 46 -104.09 -60.60 -54.91
CA GLN C 46 -104.31 -62.05 -54.77
C GLN C 46 -105.74 -62.32 -55.17
N GLN C 47 -106.66 -61.59 -54.54
CA GLN C 47 -108.11 -61.69 -54.78
C GLN C 47 -108.45 -61.44 -56.26
N GLN C 48 -107.91 -60.37 -56.83
CA GLN C 48 -108.16 -60.03 -58.23
C GLN C 48 -107.73 -61.16 -59.18
N LEU C 49 -106.66 -61.86 -58.79
CA LEU C 49 -106.16 -62.95 -59.61
C LEU C 49 -107.16 -64.10 -59.66
N VAL C 50 -107.68 -64.50 -58.51
CA VAL C 50 -108.65 -65.59 -58.53
C VAL C 50 -109.89 -65.10 -59.27
N ASP C 51 -110.26 -63.84 -59.04
CA ASP C 51 -111.44 -63.27 -59.68
C ASP C 51 -111.34 -63.30 -61.20
N ILE C 52 -110.19 -62.90 -61.72
CA ILE C 52 -110.00 -62.87 -63.16
C ILE C 52 -109.92 -64.31 -63.68
N ARG C 53 -109.21 -65.18 -62.97
CA ARG C 53 -109.09 -66.58 -63.39
C ARG C 53 -110.48 -67.14 -63.71
N GLN C 54 -111.47 -66.84 -62.87
CA GLN C 54 -112.81 -67.33 -63.10
C GLN C 54 -113.46 -66.69 -64.30
N THR C 55 -113.53 -65.36 -64.31
CA THR C 55 -114.18 -64.69 -65.42
C THR C 55 -113.58 -65.10 -66.77
N CYS C 56 -112.28 -65.33 -66.82
CA CYS C 56 -111.69 -65.70 -68.10
C CYS C 56 -111.57 -67.19 -68.37
N SER C 57 -112.38 -67.99 -67.68
CA SER C 57 -112.36 -69.45 -67.87
C SER C 57 -113.31 -69.97 -68.95
N ARG C 58 -114.32 -69.18 -69.29
CA ARG C 58 -115.29 -69.57 -70.32
C ARG C 58 -114.75 -69.25 -71.70
N PRO C 59 -114.99 -70.11 -72.60
CA PRO C 59 -114.72 -70.01 -74.06
C PRO C 59 -115.64 -69.18 -74.90
N CYS C 60 -115.16 -68.61 -75.98
CA CYS C 60 -116.06 -67.88 -76.83
C CYS C 60 -117.29 -68.68 -77.18
N GLN C 61 -118.35 -67.95 -77.51
CA GLN C 61 -119.63 -68.53 -77.93
C GLN C 61 -119.55 -68.70 -79.43
N ASP C 62 -119.83 -69.90 -79.91
CA ASP C 62 -119.81 -70.17 -81.34
C ASP C 62 -121.22 -69.86 -81.84
N THR C 63 -121.50 -68.58 -82.07
CA THR C 63 -122.81 -68.15 -82.51
C THR C 63 -123.36 -68.91 -83.70
N THR C 64 -122.51 -69.12 -84.70
CA THR C 64 -122.95 -69.87 -85.88
C THR C 64 -123.51 -71.21 -85.42
N ALA C 65 -122.72 -71.93 -84.65
CA ALA C 65 -123.14 -73.23 -84.15
C ALA C 65 -124.40 -73.08 -83.31
N ASN C 66 -124.53 -71.93 -82.66
CA ASN C 66 -125.70 -71.70 -81.83
C ASN C 66 -126.98 -71.45 -82.66
N LYS C 67 -126.83 -71.22 -83.96
CA LYS C 67 -128.00 -70.98 -84.79
C LYS C 67 -128.39 -72.18 -85.64
N ILE C 68 -127.95 -73.36 -85.22
CA ILE C 68 -128.28 -74.59 -85.94
C ILE C 68 -129.43 -75.21 -85.18
N SER C 69 -130.63 -75.12 -85.75
CA SER C 69 -131.82 -75.67 -85.10
C SER C 69 -131.74 -77.14 -84.77
N PRO C 70 -132.49 -77.57 -83.75
CA PRO C 70 -132.55 -78.95 -83.29
C PRO C 70 -133.59 -79.76 -84.07
N ILE C 71 -134.37 -79.07 -84.91
CA ILE C 71 -135.40 -79.69 -85.74
C ILE C 71 -134.78 -80.42 -86.94
N THR C 72 -135.43 -81.50 -87.41
CA THR C 72 -134.91 -82.30 -88.52
C THR C 72 -135.98 -82.75 -89.50
N GLY C 73 -135.66 -83.74 -90.33
CA GLY C 73 -136.60 -84.26 -91.31
C GLY C 73 -135.98 -84.82 -92.58
N LYS C 74 -136.79 -85.52 -93.37
CA LYS C 74 -136.35 -86.12 -94.64
C LYS C 74 -135.60 -85.07 -95.47
N ASP C 75 -136.13 -83.86 -95.41
CA ASP C 75 -135.58 -82.73 -96.14
C ASP C 75 -136.06 -81.48 -95.42
N CYS C 76 -135.77 -80.31 -96.00
CA CYS C 76 -136.16 -79.06 -95.40
C CYS C 76 -137.66 -78.88 -95.23
N GLN C 77 -138.43 -79.54 -96.09
CA GLN C 77 -139.88 -79.43 -95.98
C GLN C 77 -140.31 -80.10 -94.67
N GLN C 78 -139.97 -81.39 -94.51
CA GLN C 78 -140.35 -82.08 -93.30
C GLN C 78 -139.96 -81.23 -92.12
N VAL C 79 -138.84 -80.54 -92.24
CA VAL C 79 -138.34 -79.67 -91.18
C VAL C 79 -139.40 -78.62 -90.86
N VAL C 80 -139.96 -78.00 -91.88
CA VAL C 80 -140.99 -77.00 -91.67
C VAL C 80 -142.20 -77.70 -91.03
N ASP C 81 -142.45 -78.91 -91.51
CA ASP C 81 -143.55 -79.72 -91.03
C ASP C 81 -143.32 -80.16 -89.59
N ASN C 82 -142.14 -79.86 -89.06
CA ASN C 82 -141.81 -80.25 -87.70
C ASN C 82 -141.60 -79.08 -86.79
N GLY C 83 -141.89 -77.87 -87.29
CA GLY C 83 -141.73 -76.68 -86.48
C GLY C 83 -140.77 -75.65 -87.04
N GLY C 84 -139.96 -76.06 -88.01
CA GLY C 84 -139.02 -75.13 -88.60
C GLY C 84 -139.74 -73.87 -89.02
N LYS C 85 -139.35 -72.74 -88.45
CA LYS C 85 -139.97 -71.48 -88.80
C LYS C 85 -139.07 -70.56 -89.63
N ASP C 86 -137.86 -70.27 -89.16
CA ASP C 86 -136.96 -69.38 -89.87
C ASP C 86 -135.91 -70.07 -90.74
N SER C 87 -135.46 -69.38 -91.78
CA SER C 87 -134.45 -69.93 -92.68
C SER C 87 -133.11 -70.02 -91.96
N GLY C 88 -132.43 -71.15 -92.13
CA GLY C 88 -131.14 -71.34 -91.50
C GLY C 88 -130.56 -72.73 -91.70
N LEU C 89 -129.62 -73.10 -90.83
CA LEU C 89 -128.99 -74.40 -90.92
C LEU C 89 -129.77 -75.41 -90.12
N TYR C 90 -129.91 -76.60 -90.69
CA TYR C 90 -130.62 -77.68 -90.04
C TYR C 90 -129.99 -78.96 -90.49
N TYR C 91 -130.18 -80.01 -89.71
CA TYR C 91 -129.66 -81.31 -90.09
C TYR C 91 -130.86 -82.03 -90.68
N ILE C 92 -130.65 -82.68 -91.82
CA ILE C 92 -131.73 -83.40 -92.47
C ILE C 92 -131.17 -84.78 -92.76
N LYS C 93 -132.02 -85.79 -92.82
CA LYS C 93 -131.54 -87.13 -93.10
C LYS C 93 -132.37 -87.85 -94.16
N PRO C 94 -131.96 -87.76 -95.43
CA PRO C 94 -132.70 -88.42 -96.49
C PRO C 94 -132.81 -89.90 -96.16
N LEU C 95 -133.71 -90.59 -96.85
CA LEU C 95 -133.94 -92.00 -96.61
C LEU C 95 -132.67 -92.81 -96.45
N LYS C 96 -132.07 -93.21 -97.58
CA LYS C 96 -130.88 -94.04 -97.55
C LYS C 96 -129.66 -93.35 -96.95
N ALA C 97 -129.79 -92.08 -96.59
CA ALA C 97 -128.67 -91.34 -96.00
C ALA C 97 -128.22 -92.07 -94.74
N LYS C 98 -126.94 -92.39 -94.67
CA LYS C 98 -126.40 -93.10 -93.53
C LYS C 98 -126.09 -92.20 -92.34
N GLN C 99 -125.82 -90.93 -92.59
CA GLN C 99 -125.46 -89.99 -91.54
C GLN C 99 -126.08 -88.62 -91.83
N PRO C 100 -127.08 -88.21 -91.04
CA PRO C 100 -127.71 -86.90 -91.29
C PRO C 100 -126.67 -85.80 -91.51
N PHE C 101 -126.98 -84.83 -92.37
CA PHE C 101 -126.07 -83.73 -92.66
C PHE C 101 -126.66 -82.33 -92.52
N LEU C 102 -125.77 -81.36 -92.42
CA LEU C 102 -126.15 -79.97 -92.27
C LEU C 102 -126.46 -79.40 -93.66
N VAL C 103 -127.52 -78.60 -93.73
CA VAL C 103 -127.95 -77.99 -94.99
C VAL C 103 -128.62 -76.68 -94.65
N PHE C 104 -128.69 -75.77 -95.63
CA PHE C 104 -129.35 -74.50 -95.38
C PHE C 104 -130.76 -74.54 -95.91
N CYS C 105 -131.73 -74.42 -95.00
CA CYS C 105 -133.13 -74.46 -95.36
C CYS C 105 -133.67 -73.07 -95.61
N GLU C 106 -134.31 -72.88 -96.76
CA GLU C 106 -134.94 -71.59 -97.06
C GLU C 106 -136.43 -71.81 -96.81
N ILE C 107 -137.00 -71.04 -95.90
CA ILE C 107 -138.41 -71.20 -95.58
C ILE C 107 -139.24 -70.00 -95.97
N GLU C 108 -140.15 -70.22 -96.92
CA GLU C 108 -141.04 -69.18 -97.41
C GLU C 108 -142.39 -69.28 -96.74
N ASN C 109 -143.42 -69.24 -97.57
CA ASN C 109 -144.80 -69.30 -97.11
C ASN C 109 -145.13 -70.72 -96.69
N GLY C 110 -144.33 -71.26 -95.78
CA GLY C 110 -144.57 -72.61 -95.31
C GLY C 110 -143.87 -73.69 -96.11
N ASN C 111 -142.89 -73.31 -96.93
CA ASN C 111 -142.16 -74.27 -97.75
C ASN C 111 -140.72 -74.44 -97.31
N GLY C 112 -140.27 -75.69 -97.29
CA GLY C 112 -138.91 -75.99 -96.89
C GLY C 112 -137.97 -76.19 -98.08
N TRP C 113 -137.46 -75.09 -98.60
CA TRP C 113 -136.54 -75.17 -99.72
C TRP C 113 -135.18 -75.63 -99.20
N THR C 114 -134.76 -76.82 -99.61
CA THR C 114 -133.46 -77.31 -99.16
C THR C 114 -132.41 -77.01 -100.24
N VAL C 115 -131.60 -75.99 -99.96
CA VAL C 115 -130.54 -75.52 -100.86
C VAL C 115 -129.46 -76.52 -101.22
N ILE C 116 -129.24 -76.68 -102.53
CA ILE C 116 -128.26 -77.59 -103.07
C ILE C 116 -126.95 -76.88 -103.37
N GLN C 117 -127.05 -75.67 -103.93
CA GLN C 117 -125.86 -74.90 -104.29
C GLN C 117 -126.13 -73.41 -104.19
N HIS C 118 -125.07 -72.62 -104.12
CA HIS C 118 -125.21 -71.17 -104.05
C HIS C 118 -123.89 -70.47 -104.36
N ARG C 119 -123.97 -69.46 -105.21
CA ARG C 119 -122.83 -68.68 -105.63
C ARG C 119 -123.07 -67.32 -105.01
N HIS C 120 -122.03 -66.62 -104.59
CA HIS C 120 -122.28 -65.34 -103.91
C HIS C 120 -121.19 -64.26 -104.05
N ASP C 121 -119.95 -64.68 -104.26
CA ASP C 121 -118.87 -63.69 -104.36
C ASP C 121 -117.52 -64.28 -104.80
N GLY C 122 -117.59 -65.38 -105.55
CA GLY C 122 -116.39 -66.03 -106.04
C GLY C 122 -115.28 -66.12 -105.01
N SER C 123 -115.63 -66.50 -103.79
CA SER C 123 -114.64 -66.64 -102.73
C SER C 123 -114.33 -68.11 -102.47
N VAL C 124 -114.99 -68.99 -103.19
CA VAL C 124 -114.77 -70.42 -103.03
C VAL C 124 -114.39 -71.00 -104.37
N ASN C 125 -113.16 -71.49 -104.50
CA ASN C 125 -112.68 -72.08 -105.75
C ASN C 125 -113.55 -73.30 -106.05
N PHE C 126 -114.30 -73.27 -107.16
CA PHE C 126 -115.16 -74.38 -107.53
C PHE C 126 -114.52 -75.41 -108.43
N THR C 127 -113.22 -75.24 -108.65
CA THR C 127 -112.49 -76.17 -109.49
C THR C 127 -112.11 -77.30 -108.55
N ARG C 128 -113.02 -78.26 -108.36
CA ARG C 128 -112.72 -79.36 -107.46
C ARG C 128 -112.83 -80.68 -108.15
N ASP C 129 -112.20 -81.69 -107.56
CA ASP C 129 -112.21 -83.02 -108.14
C ASP C 129 -113.56 -83.69 -107.95
N TRP C 130 -113.65 -84.92 -108.43
CA TRP C 130 -114.87 -85.71 -108.34
C TRP C 130 -115.28 -85.96 -106.89
N VAL C 131 -114.44 -86.69 -106.16
CA VAL C 131 -114.72 -87.00 -104.77
C VAL C 131 -115.10 -85.72 -104.04
N SER C 132 -114.45 -84.62 -104.38
CA SER C 132 -114.75 -83.36 -103.74
C SER C 132 -116.19 -82.91 -104.05
N TYR C 133 -116.62 -83.15 -105.27
CA TYR C 133 -117.97 -82.76 -105.68
C TYR C 133 -119.04 -83.69 -105.15
N ARG C 134 -118.68 -84.93 -104.89
CA ARG C 134 -119.66 -85.87 -104.38
C ARG C 134 -119.81 -85.76 -102.87
N GLU C 135 -118.77 -85.27 -102.21
CA GLU C 135 -118.80 -85.11 -100.75
C GLU C 135 -119.34 -83.75 -100.40
N GLY C 136 -118.98 -82.75 -101.19
CA GLY C 136 -119.45 -81.42 -100.92
C GLY C 136 -118.29 -80.54 -100.50
N PHE C 137 -118.49 -79.24 -100.59
CA PHE C 137 -117.44 -78.30 -100.22
C PHE C 137 -118.08 -76.93 -100.16
N GLY C 138 -117.32 -75.94 -99.69
CA GLY C 138 -117.85 -74.61 -99.57
C GLY C 138 -118.24 -74.44 -98.14
N TYR C 139 -118.93 -73.34 -97.84
CA TYR C 139 -119.33 -73.08 -96.47
C TYR C 139 -120.82 -72.84 -96.30
N LEU C 140 -121.35 -73.26 -95.16
CA LEU C 140 -122.77 -73.06 -94.83
C LEU C 140 -122.77 -72.00 -93.76
N ALA C 141 -123.90 -71.35 -93.58
CA ALA C 141 -123.99 -70.31 -92.55
C ALA C 141 -125.44 -70.01 -92.21
N PRO C 142 -125.67 -69.13 -91.25
CA PRO C 142 -127.07 -68.84 -90.93
C PRO C 142 -127.81 -67.98 -91.93
N THR C 143 -127.12 -67.49 -92.96
CA THR C 143 -127.79 -66.62 -93.93
C THR C 143 -127.74 -66.90 -95.42
N LEU C 144 -126.99 -67.90 -95.86
CA LEU C 144 -126.93 -68.17 -97.30
C LEU C 144 -126.30 -66.99 -98.03
N THR C 145 -125.08 -66.67 -97.63
CA THR C 145 -124.33 -65.59 -98.20
C THR C 145 -122.92 -66.14 -98.28
N THR C 146 -122.88 -67.46 -98.40
CA THR C 146 -121.65 -68.20 -98.47
C THR C 146 -121.82 -69.14 -99.65
N GLU C 147 -120.72 -69.48 -100.32
CA GLU C 147 -120.81 -70.35 -101.49
C GLU C 147 -120.54 -71.82 -101.16
N PHE C 148 -121.15 -72.72 -101.92
CA PHE C 148 -120.94 -74.13 -101.66
C PHE C 148 -121.64 -75.01 -102.64
N TRP C 149 -121.35 -76.30 -102.53
CA TRP C 149 -121.94 -77.33 -103.36
C TRP C 149 -122.18 -78.47 -102.38
N LEU C 150 -123.42 -78.56 -101.91
CA LEU C 150 -123.81 -79.56 -100.94
C LEU C 150 -123.13 -80.88 -101.11
N GLY C 151 -123.23 -81.45 -102.29
CA GLY C 151 -122.60 -82.74 -102.50
C GLY C 151 -123.46 -83.59 -103.40
N ASN C 152 -122.85 -84.17 -104.43
CA ASN C 152 -123.58 -85.00 -105.36
C ASN C 152 -124.23 -86.21 -104.72
N GLU C 153 -123.53 -86.87 -103.80
CA GLU C 153 -124.10 -88.04 -103.15
C GLU C 153 -125.35 -87.69 -102.33
N LYS C 154 -125.26 -86.63 -101.53
CA LYS C 154 -126.40 -86.22 -100.73
C LYS C 154 -127.53 -85.90 -101.68
N ILE C 155 -127.26 -85.00 -102.63
CA ILE C 155 -128.25 -84.59 -103.61
C ILE C 155 -128.94 -85.78 -104.23
N HIS C 156 -128.18 -86.84 -104.48
CA HIS C 156 -128.74 -88.06 -105.05
C HIS C 156 -129.73 -88.67 -104.07
N LEU C 157 -129.26 -88.92 -102.85
CA LEU C 157 -130.09 -89.49 -101.78
C LEU C 157 -131.34 -88.67 -101.57
N LEU C 158 -131.15 -87.36 -101.46
CA LEU C 158 -132.23 -86.42 -101.23
C LEU C 158 -133.29 -86.50 -102.33
N THR C 159 -132.87 -86.39 -103.59
CA THR C 159 -133.78 -86.42 -104.72
C THR C 159 -134.41 -87.78 -105.04
N GLY C 160 -133.68 -88.85 -104.82
CA GLY C 160 -134.25 -90.16 -105.12
C GLY C 160 -135.23 -90.62 -104.04
N GLN C 161 -135.40 -89.77 -103.04
CA GLN C 161 -136.27 -90.06 -101.90
C GLN C 161 -137.73 -89.76 -102.21
N GLN C 162 -137.93 -88.69 -102.97
CA GLN C 162 -139.24 -88.23 -103.37
C GLN C 162 -139.17 -87.64 -104.77
N ALA C 163 -140.14 -86.79 -105.08
CA ALA C 163 -140.16 -86.10 -106.36
C ALA C 163 -139.87 -84.65 -106.00
N TYR C 164 -138.74 -84.11 -106.44
CA TYR C 164 -138.41 -82.73 -106.11
C TYR C 164 -138.46 -81.76 -107.26
N ARG C 165 -138.87 -80.56 -106.93
CA ARG C 165 -138.96 -79.49 -107.89
C ARG C 165 -137.71 -78.65 -107.66
N LEU C 166 -136.83 -78.64 -108.64
CA LEU C 166 -135.62 -77.85 -108.52
C LEU C 166 -135.87 -76.39 -108.92
N ARG C 167 -135.35 -75.45 -108.16
CA ARG C 167 -135.49 -74.04 -108.54
C ARG C 167 -134.12 -73.41 -108.61
N ILE C 168 -133.95 -72.57 -109.62
CA ILE C 168 -132.68 -71.90 -109.82
C ILE C 168 -132.95 -70.41 -109.75
N ASP C 169 -132.26 -69.73 -108.84
CA ASP C 169 -132.43 -68.30 -108.72
C ASP C 169 -131.14 -67.61 -109.14
N LEU C 170 -131.18 -66.89 -110.25
CA LEU C 170 -130.00 -66.18 -110.72
C LEU C 170 -130.14 -64.70 -110.41
N THR C 171 -129.04 -63.99 -110.38
CA THR C 171 -129.06 -62.57 -110.08
C THR C 171 -127.94 -61.89 -110.83
N ASP C 172 -128.30 -60.87 -111.62
CA ASP C 172 -127.32 -60.13 -112.38
C ASP C 172 -126.75 -58.99 -111.56
N TRP C 173 -125.68 -58.39 -112.07
CA TRP C 173 -125.02 -57.32 -111.37
C TRP C 173 -125.86 -56.05 -111.26
N GLU C 174 -126.91 -55.99 -112.07
CA GLU C 174 -127.79 -54.83 -112.00
C GLU C 174 -128.79 -55.22 -110.93
N ASN C 175 -128.57 -56.41 -110.37
CA ASN C 175 -129.39 -56.94 -109.30
C ASN C 175 -130.80 -57.34 -109.70
N THR C 176 -130.92 -58.15 -110.75
CA THR C 176 -132.22 -58.60 -111.20
C THR C 176 -132.35 -60.07 -110.83
N HIS C 177 -133.53 -60.46 -110.33
CA HIS C 177 -133.75 -61.83 -109.91
C HIS C 177 -134.78 -62.62 -110.69
N ARG C 178 -134.31 -63.43 -111.63
CA ARG C 178 -135.21 -64.26 -112.42
C ARG C 178 -135.02 -65.71 -111.98
N TYR C 179 -135.93 -66.60 -112.34
CA TYR C 179 -135.81 -67.98 -111.92
C TYR C 179 -136.25 -69.02 -112.94
N ALA C 180 -135.82 -70.26 -112.72
CA ALA C 180 -136.17 -71.37 -113.59
C ALA C 180 -136.55 -72.56 -112.71
N ASP C 181 -137.53 -73.34 -113.15
CA ASP C 181 -137.98 -74.51 -112.38
C ASP C 181 -137.96 -75.80 -113.21
N TYR C 182 -137.66 -76.90 -112.53
CA TYR C 182 -137.62 -78.20 -113.19
C TYR C 182 -138.23 -79.23 -112.24
N GLY C 183 -139.18 -79.99 -112.76
CA GLY C 183 -139.84 -80.97 -111.93
C GLY C 183 -139.15 -82.30 -111.92
N HIS C 184 -139.45 -83.10 -110.90
CA HIS C 184 -138.90 -84.42 -110.73
C HIS C 184 -137.37 -84.45 -110.82
N PHE C 185 -136.75 -83.31 -110.54
CA PHE C 185 -135.31 -83.17 -110.56
C PHE C 185 -134.66 -84.26 -109.69
N LYS C 186 -133.52 -84.76 -110.14
CA LYS C 186 -132.82 -85.81 -109.42
C LYS C 186 -131.51 -86.13 -110.12
N LEU C 187 -130.68 -86.94 -109.47
CA LEU C 187 -129.40 -87.36 -110.02
C LEU C 187 -129.29 -88.86 -109.83
N THR C 188 -128.77 -89.56 -110.83
CA THR C 188 -128.60 -91.00 -110.73
C THR C 188 -127.44 -91.24 -109.77
N PRO C 189 -127.35 -92.45 -109.19
CA PRO C 189 -126.26 -92.75 -108.27
C PRO C 189 -124.89 -92.74 -108.95
N GLU C 190 -123.84 -92.53 -108.17
CA GLU C 190 -122.49 -92.48 -108.71
C GLU C 190 -122.22 -93.61 -109.71
N SER C 191 -122.98 -94.70 -109.61
CA SER C 191 -122.84 -95.83 -110.52
C SER C 191 -122.91 -95.33 -111.95
N ASP C 192 -123.97 -94.58 -112.24
CA ASP C 192 -124.22 -94.00 -113.56
C ASP C 192 -123.76 -92.55 -113.48
N GLU C 193 -122.58 -92.34 -112.87
CA GLU C 193 -122.05 -91.00 -112.68
C GLU C 193 -123.17 -90.31 -111.94
N TYR C 194 -123.28 -88.99 -112.05
CA TYR C 194 -124.37 -88.32 -111.37
C TYR C 194 -125.17 -87.60 -112.41
N ARG C 195 -125.78 -88.39 -113.28
CA ARG C 195 -126.58 -87.88 -114.39
C ARG C 195 -127.69 -86.98 -113.94
N LEU C 196 -127.93 -85.94 -114.71
CA LEU C 196 -129.00 -84.99 -114.44
C LEU C 196 -130.32 -85.54 -115.00
N PHE C 197 -131.43 -85.19 -114.35
CA PHE C 197 -132.73 -85.64 -114.81
C PHE C 197 -133.85 -84.86 -114.18
N TYR C 198 -134.85 -84.57 -114.98
CA TYR C 198 -136.03 -83.85 -114.54
C TYR C 198 -137.08 -84.18 -115.56
N SER C 199 -138.34 -83.91 -115.23
CA SER C 199 -139.42 -84.19 -116.15
C SER C 199 -139.50 -83.12 -117.22
N MET C 200 -139.55 -81.86 -116.79
CA MET C 200 -139.67 -80.76 -117.74
C MET C 200 -139.45 -79.40 -117.09
N TYR C 201 -139.40 -78.36 -117.90
CA TYR C 201 -139.24 -76.99 -117.42
C TYR C 201 -140.63 -76.61 -116.94
N LEU C 202 -140.81 -76.57 -115.64
CA LEU C 202 -142.10 -76.25 -115.03
C LEU C 202 -142.58 -74.83 -115.22
N ASP C 203 -141.65 -73.88 -115.29
CA ASP C 203 -142.01 -72.47 -115.44
C ASP C 203 -140.77 -71.63 -115.18
N GLY C 204 -140.91 -70.31 -115.23
CA GLY C 204 -139.77 -69.46 -114.94
C GLY C 204 -139.45 -68.38 -115.96
N ASP C 205 -139.19 -67.19 -115.45
CA ASP C 205 -138.85 -66.05 -116.30
C ASP C 205 -137.34 -65.95 -116.49
N ALA C 206 -136.66 -67.09 -116.48
CA ALA C 206 -135.22 -67.11 -116.65
C ALA C 206 -134.85 -67.89 -117.88
N GLY C 207 -135.80 -68.65 -118.40
CA GLY C 207 -135.56 -69.41 -119.60
C GLY C 207 -135.00 -70.79 -119.37
N ASN C 208 -135.50 -71.75 -120.13
CA ASN C 208 -135.07 -73.14 -120.02
C ASN C 208 -133.70 -73.37 -120.64
N ALA C 209 -132.64 -73.02 -119.93
CA ALA C 209 -131.32 -73.22 -120.46
C ALA C 209 -130.91 -74.70 -120.44
N PHE C 210 -131.69 -75.53 -119.75
CA PHE C 210 -131.35 -76.95 -119.65
C PHE C 210 -131.66 -77.80 -120.87
N ASP C 211 -132.81 -77.56 -121.49
CA ASP C 211 -133.19 -78.33 -122.67
C ASP C 211 -132.36 -77.88 -123.85
N GLY C 212 -131.56 -76.82 -123.64
CA GLY C 212 -130.71 -76.32 -124.69
C GLY C 212 -131.03 -74.89 -125.10
N PHE C 213 -130.08 -74.28 -125.80
CA PHE C 213 -130.24 -72.91 -126.28
C PHE C 213 -129.49 -72.69 -127.60
N ASP C 214 -130.20 -72.17 -128.60
CA ASP C 214 -129.62 -71.89 -129.91
C ASP C 214 -128.68 -70.70 -129.83
N PHE C 215 -127.51 -70.82 -130.44
CA PHE C 215 -126.53 -69.74 -130.45
C PHE C 215 -126.35 -69.18 -131.85
N GLY C 216 -126.68 -70.00 -132.85
CA GLY C 216 -126.54 -69.57 -134.23
C GLY C 216 -125.16 -69.83 -134.78
N ASP C 217 -124.24 -70.20 -133.89
CA ASP C 217 -122.85 -70.48 -134.27
C ASP C 217 -122.72 -71.82 -134.98
N ASP C 218 -123.58 -72.76 -134.64
CA ASP C 218 -123.56 -74.08 -135.25
C ASP C 218 -124.99 -74.55 -135.51
N PRO C 219 -125.16 -75.68 -136.21
CA PRO C 219 -126.49 -76.21 -136.51
C PRO C 219 -127.15 -76.89 -135.32
N GLN C 220 -126.35 -77.48 -134.45
CA GLN C 220 -126.88 -78.20 -133.30
C GLN C 220 -126.59 -77.54 -131.95
N ASP C 221 -126.86 -76.25 -131.83
CA ASP C 221 -126.61 -75.57 -130.56
C ASP C 221 -127.53 -76.12 -129.47
N LYS C 222 -128.84 -76.09 -129.70
CA LYS C 222 -129.79 -76.57 -128.71
C LYS C 222 -129.54 -78.04 -128.37
N PHE C 223 -128.77 -78.72 -129.19
CA PHE C 223 -128.45 -80.12 -128.95
C PHE C 223 -127.09 -80.22 -128.28
N TYR C 224 -126.22 -79.29 -128.62
CA TYR C 224 -124.87 -79.22 -128.08
C TYR C 224 -124.88 -78.58 -126.69
N THR C 225 -126.05 -78.12 -126.27
CA THR C 225 -126.17 -77.47 -124.97
C THR C 225 -127.36 -77.97 -124.19
N THR C 226 -127.81 -79.19 -124.47
CA THR C 226 -128.92 -79.75 -123.73
C THR C 226 -128.30 -80.49 -122.56
N HIS C 227 -128.69 -80.13 -121.34
CA HIS C 227 -128.13 -80.75 -120.15
C HIS C 227 -128.90 -81.98 -119.69
N LEU C 228 -130.20 -82.00 -119.94
CA LEU C 228 -130.98 -83.15 -119.53
C LEU C 228 -130.25 -84.41 -119.94
N GLY C 229 -130.21 -85.39 -119.04
CA GLY C 229 -129.55 -86.66 -119.34
C GLY C 229 -128.03 -86.64 -119.26
N MET C 230 -127.43 -85.46 -119.21
CA MET C 230 -125.99 -85.36 -119.14
C MET C 230 -125.38 -85.91 -117.85
N LEU C 231 -124.30 -86.64 -117.97
CA LEU C 231 -123.62 -87.19 -116.80
C LEU C 231 -122.88 -86.06 -116.11
N PHE C 232 -122.40 -86.33 -114.90
CA PHE C 232 -121.67 -85.31 -114.20
C PHE C 232 -120.20 -85.45 -114.53
N SER C 233 -119.56 -84.33 -114.83
CA SER C 233 -118.15 -84.35 -115.15
C SER C 233 -117.39 -83.32 -114.34
N THR C 234 -116.12 -83.62 -114.09
CA THR C 234 -115.27 -82.73 -113.34
C THR C 234 -113.91 -82.67 -114.04
N PRO C 235 -113.12 -81.64 -113.74
CA PRO C 235 -111.79 -81.46 -114.32
C PRO C 235 -110.98 -82.73 -114.59
N GLU C 236 -111.03 -83.70 -113.69
CA GLU C 236 -110.26 -84.92 -113.89
C GLU C 236 -111.11 -86.14 -114.25
N ARG C 237 -112.34 -85.89 -114.68
CA ARG C 237 -113.23 -86.98 -115.04
C ARG C 237 -114.17 -86.51 -116.15
N ASP C 238 -113.75 -86.74 -117.40
CA ASP C 238 -114.51 -86.34 -118.58
C ASP C 238 -115.64 -87.32 -118.88
N ASN C 239 -116.87 -86.86 -118.71
CA ASN C 239 -118.04 -87.67 -118.96
C ASN C 239 -118.99 -86.97 -119.92
N ASP C 240 -118.49 -85.95 -120.60
CA ASP C 240 -119.32 -85.21 -121.54
C ASP C 240 -119.29 -85.81 -122.94
N LYS C 241 -120.10 -85.22 -123.82
CA LYS C 241 -120.19 -85.65 -125.21
C LYS C 241 -119.41 -84.60 -126.01
N TYR C 242 -118.11 -84.55 -125.75
CA TYR C 242 -117.21 -83.60 -126.41
C TYR C 242 -115.80 -84.18 -126.36
N GLU C 243 -115.16 -84.29 -127.52
CA GLU C 243 -113.81 -84.84 -127.62
C GLU C 243 -112.93 -84.43 -126.44
N GLY C 244 -113.04 -83.18 -126.04
CA GLY C 244 -112.26 -82.69 -124.92
C GLY C 244 -113.06 -82.74 -123.63
N SER C 245 -112.55 -82.05 -122.61
CA SER C 245 -113.20 -82.02 -121.31
C SER C 245 -113.79 -80.63 -121.03
N CYS C 246 -115.09 -80.47 -121.27
CA CYS C 246 -115.74 -79.18 -121.02
C CYS C 246 -115.57 -78.87 -119.53
N ALA C 247 -115.50 -79.94 -118.74
CA ALA C 247 -115.32 -79.81 -117.31
C ALA C 247 -113.96 -79.20 -117.02
N GLU C 248 -112.93 -79.68 -117.72
CA GLU C 248 -111.57 -79.16 -117.53
C GLU C 248 -111.35 -77.82 -118.19
N GLN C 249 -112.09 -77.54 -119.26
CA GLN C 249 -111.95 -76.26 -119.94
C GLN C 249 -112.46 -75.12 -119.07
N ASP C 250 -113.71 -75.26 -118.61
CA ASP C 250 -114.32 -74.25 -117.76
C ASP C 250 -113.75 -74.39 -116.36
N GLY C 251 -113.19 -75.57 -116.08
CA GLY C 251 -112.61 -75.85 -114.78
C GLY C 251 -113.58 -75.83 -113.62
N SER C 252 -114.50 -76.81 -113.59
CA SER C 252 -115.50 -76.90 -112.55
C SER C 252 -116.50 -77.99 -112.87
N GLY C 253 -116.54 -79.04 -112.05
CA GLY C 253 -117.47 -80.13 -112.27
C GLY C 253 -118.90 -79.68 -112.54
N TRP C 254 -119.59 -80.41 -113.41
CA TRP C 254 -120.97 -80.09 -113.79
C TRP C 254 -121.44 -81.09 -114.84
N TRP C 255 -122.73 -81.06 -115.17
CA TRP C 255 -123.27 -81.98 -116.18
C TRP C 255 -122.91 -81.43 -117.56
N MET C 256 -121.76 -81.84 -118.07
CA MET C 256 -121.31 -81.36 -119.36
C MET C 256 -121.77 -82.25 -120.52
N ASN C 257 -122.13 -81.59 -121.61
CA ASN C 257 -122.59 -82.21 -122.86
C ASN C 257 -121.61 -81.70 -123.91
N ARG C 258 -122.10 -81.01 -124.93
CA ARG C 258 -121.19 -80.43 -125.93
C ARG C 258 -120.87 -79.10 -125.26
N CYS C 259 -120.64 -79.22 -123.97
CA CYS C 259 -120.33 -78.16 -123.03
C CYS C 259 -121.52 -77.63 -122.27
N HIS C 260 -122.02 -76.44 -122.61
CA HIS C 260 -123.13 -75.94 -121.80
C HIS C 260 -123.94 -74.73 -122.29
N ALA C 261 -125.17 -74.67 -121.78
CA ALA C 261 -126.10 -73.59 -122.06
C ALA C 261 -126.45 -72.99 -120.71
N GLY C 262 -126.17 -73.77 -119.66
CA GLY C 262 -126.41 -73.36 -118.29
C GLY C 262 -125.31 -73.93 -117.41
N HIS C 263 -124.47 -73.06 -116.88
CA HIS C 263 -123.35 -73.48 -116.05
C HIS C 263 -123.30 -72.59 -114.81
N LEU C 264 -123.73 -73.13 -113.67
CA LEU C 264 -123.74 -72.37 -112.42
C LEU C 264 -122.50 -72.60 -111.55
N ASN C 265 -121.64 -73.51 -111.97
CA ASN C 265 -120.41 -73.80 -111.22
C ASN C 265 -119.21 -73.15 -111.89
N GLY C 266 -119.45 -72.33 -112.91
CA GLY C 266 -118.37 -71.69 -113.63
C GLY C 266 -117.58 -70.71 -112.79
N LYS C 267 -116.45 -70.26 -113.34
CA LYS C 267 -115.60 -69.32 -112.61
C LYS C 267 -116.36 -68.04 -112.37
N TYR C 268 -116.26 -67.52 -111.15
CA TYR C 268 -116.96 -66.31 -110.74
C TYR C 268 -116.24 -65.02 -111.13
N TYR C 269 -116.66 -64.44 -112.26
CA TYR C 269 -116.06 -63.19 -112.73
C TYR C 269 -116.83 -62.03 -112.12
N PHE C 270 -116.11 -61.18 -111.38
CA PHE C 270 -116.74 -60.02 -110.77
C PHE C 270 -117.11 -59.04 -111.87
N GLY C 271 -117.79 -57.97 -111.52
CA GLY C 271 -118.20 -56.99 -112.51
C GLY C 271 -119.27 -57.52 -113.46
N GLY C 272 -119.83 -56.63 -114.26
CA GLY C 272 -120.86 -57.01 -115.21
C GLY C 272 -120.67 -58.35 -115.90
N ASN C 273 -120.01 -58.33 -117.04
CA ASN C 273 -119.78 -59.57 -117.78
C ASN C 273 -118.35 -59.67 -118.27
N TYR C 274 -117.78 -60.86 -118.13
CA TYR C 274 -116.41 -61.06 -118.57
C TYR C 274 -116.49 -61.09 -120.09
N ARG C 275 -115.34 -61.00 -120.75
CA ARG C 275 -115.31 -61.00 -122.21
C ARG C 275 -114.18 -61.83 -122.77
N LYS C 276 -114.18 -61.96 -124.09
CA LYS C 276 -113.15 -62.71 -124.79
C LYS C 276 -112.16 -61.69 -125.39
N THR C 277 -112.17 -60.48 -124.83
CA THR C 277 -111.31 -59.39 -125.27
C THR C 277 -109.87 -59.86 -125.36
N ASP C 278 -109.17 -59.45 -126.42
CA ASP C 278 -107.78 -59.85 -126.61
C ASP C 278 -107.75 -61.37 -126.64
N VAL C 279 -108.58 -61.94 -127.51
CA VAL C 279 -108.73 -63.38 -127.68
C VAL C 279 -107.50 -64.23 -127.36
N GLU C 280 -107.47 -64.76 -126.14
CA GLU C 280 -106.39 -65.63 -125.69
C GLU C 280 -106.84 -67.03 -126.04
N PHE C 281 -108.15 -67.16 -126.23
CA PHE C 281 -108.84 -68.41 -126.59
C PHE C 281 -110.32 -68.28 -126.23
N PRO C 282 -111.17 -69.18 -126.74
CA PRO C 282 -112.60 -69.09 -126.42
C PRO C 282 -112.90 -69.13 -124.91
N TYR C 283 -113.31 -70.30 -124.44
CA TYR C 283 -113.61 -70.51 -123.02
C TYR C 283 -114.59 -69.48 -122.44
N ASP C 284 -115.82 -69.93 -122.23
CA ASP C 284 -116.86 -69.10 -121.65
C ASP C 284 -117.29 -69.78 -120.35
N ASP C 285 -116.29 -70.14 -119.56
CA ASP C 285 -116.45 -70.81 -118.28
C ASP C 285 -117.43 -70.18 -117.29
N GLY C 286 -117.36 -68.86 -117.17
CA GLY C 286 -118.22 -68.12 -116.25
C GLY C 286 -119.59 -68.67 -115.87
N ILE C 287 -120.18 -68.05 -114.86
CA ILE C 287 -121.50 -68.42 -114.34
C ILE C 287 -122.61 -67.86 -115.26
N ILE C 288 -123.02 -68.66 -116.23
CA ILE C 288 -124.02 -68.24 -117.20
C ILE C 288 -125.27 -69.13 -117.35
N TRP C 289 -126.31 -68.53 -117.93
CA TRP C 289 -127.59 -69.19 -118.16
C TRP C 289 -128.17 -68.57 -119.44
N ALA C 290 -127.55 -68.92 -120.56
CA ALA C 290 -127.89 -68.46 -121.91
C ALA C 290 -129.25 -67.80 -122.09
N THR C 291 -130.32 -68.54 -121.77
CA THR C 291 -131.68 -68.03 -121.94
C THR C 291 -131.98 -66.74 -121.20
N TRP C 292 -130.95 -66.08 -120.64
CA TRP C 292 -131.14 -64.82 -119.94
C TRP C 292 -129.94 -63.91 -120.01
N HIS C 293 -128.98 -64.25 -120.86
CA HIS C 293 -127.76 -63.44 -121.04
C HIS C 293 -126.72 -64.22 -121.82
N ASP C 294 -125.99 -63.52 -122.67
CA ASP C 294 -124.95 -64.13 -123.48
C ASP C 294 -124.03 -64.97 -122.61
N ARG C 295 -123.39 -65.97 -123.22
CA ARG C 295 -122.49 -66.84 -122.48
C ARG C 295 -121.25 -66.11 -122.01
N TRP C 296 -121.30 -64.79 -122.07
CA TRP C 296 -120.19 -63.95 -121.65
C TRP C 296 -120.63 -62.91 -120.62
N TYR C 297 -121.52 -63.36 -119.73
CA TYR C 297 -122.05 -62.53 -118.66
C TYR C 297 -122.18 -63.39 -117.41
N SER C 298 -121.12 -63.46 -116.60
CA SER C 298 -121.14 -64.26 -115.38
C SER C 298 -122.03 -63.62 -114.32
N LEU C 299 -122.98 -64.39 -113.80
CA LEU C 299 -123.94 -63.90 -112.80
C LEU C 299 -123.32 -63.53 -111.47
N LYS C 300 -124.05 -62.73 -110.68
CA LYS C 300 -123.59 -62.28 -109.36
C LYS C 300 -123.94 -63.27 -108.26
N MET C 301 -125.20 -63.70 -108.22
CA MET C 301 -125.64 -64.67 -107.23
C MET C 301 -126.23 -65.88 -107.91
N THR C 302 -126.37 -66.96 -107.18
CA THR C 302 -126.90 -68.19 -107.74
C THR C 302 -127.31 -69.12 -106.62
N THR C 303 -128.33 -69.91 -106.86
CA THR C 303 -128.79 -70.86 -105.88
C THR C 303 -129.65 -71.92 -106.52
N MET C 304 -129.40 -73.17 -106.16
CA MET C 304 -130.17 -74.28 -106.71
C MET C 304 -130.87 -74.96 -105.54
N LYS C 305 -132.14 -74.63 -105.33
CA LYS C 305 -132.90 -75.19 -104.22
C LYS C 305 -133.85 -76.29 -104.66
N LEU C 306 -134.12 -77.21 -103.75
CA LEU C 306 -135.02 -78.33 -104.00
C LEU C 306 -136.24 -78.23 -103.09
N LEU C 307 -137.40 -78.60 -103.64
CA LEU C 307 -138.66 -78.59 -102.89
C LEU C 307 -139.49 -79.79 -103.33
N PRO C 308 -140.17 -80.45 -102.37
CA PRO C 308 -140.98 -81.62 -102.77
C PRO C 308 -141.96 -81.26 -103.87
N MET C 309 -141.90 -82.04 -104.95
CA MET C 309 -142.78 -81.84 -106.10
C MET C 309 -144.21 -81.63 -105.58
N GLY C 310 -144.57 -82.38 -104.54
CA GLY C 310 -145.90 -82.28 -103.97
C GLY C 310 -146.16 -81.04 -103.12
N ARG C 311 -146.14 -79.87 -103.75
CA ARG C 311 -146.36 -78.60 -103.05
C ARG C 311 -146.70 -77.50 -104.08
N ASP C 312 -146.97 -76.28 -103.62
CA ASP C 312 -147.22 -75.11 -104.48
C ASP C 312 -148.58 -74.72 -105.06
N LEU C 313 -148.59 -73.53 -105.65
CA LEU C 313 -149.71 -72.87 -106.31
C LEU C 313 -151.12 -73.02 -105.75
N SER C 314 -152.08 -72.38 -106.43
CA SER C 314 -153.48 -72.40 -106.01
C SER C 314 -154.45 -72.68 -107.15
N GLY C 315 -155.74 -72.71 -106.81
CA GLY C 315 -156.78 -72.96 -107.78
C GLY C 315 -158.10 -72.34 -107.37
N HIS C 316 -159.15 -72.55 -108.17
CA HIS C 316 -160.47 -72.00 -107.88
C HIS C 316 -161.52 -72.51 -108.88
N GLY C 317 -161.18 -73.57 -109.60
CA GLY C 317 -162.09 -74.13 -110.59
C GLY C 317 -163.46 -74.50 -110.06
N GLY C 318 -164.46 -73.71 -110.40
CA GLY C 318 -165.82 -73.98 -109.96
C GLY C 318 -166.43 -75.13 -110.74
N GLN C 319 -167.67 -75.49 -110.39
CA GLN C 319 -168.37 -76.60 -111.05
C GLN C 319 -168.49 -76.38 -112.56
N GLN C 320 -169.47 -75.58 -112.96
CA GLN C 320 -169.76 -75.24 -114.36
C GLN C 320 -170.79 -76.15 -115.02
N GLN C 321 -172.05 -75.71 -115.02
CA GLN C 321 -173.16 -76.44 -115.62
C GLN C 321 -173.34 -77.86 -115.07
N ASN D 14 62.84 23.71 8.80
CA ASN D 14 63.64 24.41 9.86
C ASN D 14 64.25 25.69 9.32
N GLU D 15 63.81 26.10 8.13
CA GLU D 15 64.31 27.32 7.51
C GLU D 15 64.52 28.41 8.55
N LEU D 16 63.53 28.58 9.42
CA LEU D 16 63.59 29.60 10.45
C LEU D 16 63.54 29.07 11.88
N GLU D 17 63.86 27.81 12.08
CA GLU D 17 63.89 27.27 13.43
C GLU D 17 65.36 27.10 13.75
N VAL D 18 66.15 26.85 12.72
CA VAL D 18 67.60 26.66 12.84
C VAL D 18 68.25 27.83 13.57
N ARG D 19 68.20 29.00 12.96
CA ARG D 19 68.78 30.19 13.55
C ARG D 19 68.32 30.35 14.99
N TYR D 20 67.02 30.61 15.18
CA TYR D 20 66.45 30.78 16.50
C TYR D 20 67.00 29.82 17.55
N SER D 21 66.62 28.55 17.46
CA SER D 21 67.06 27.56 18.43
C SER D 21 68.57 27.51 18.68
N GLU D 22 69.37 27.84 17.67
CA GLU D 22 70.81 27.82 17.89
C GLU D 22 71.27 29.14 18.52
N VAL D 23 70.52 30.21 18.28
CA VAL D 23 70.84 31.50 18.88
C VAL D 23 70.47 31.35 20.35
N LEU D 24 69.60 30.38 20.62
CA LEU D 24 69.14 30.09 21.98
C LEU D 24 70.20 29.27 22.69
N ARG D 25 70.80 28.31 21.98
CA ARG D 25 71.87 27.49 22.57
C ARG D 25 73.18 28.26 22.40
N GLU D 26 73.04 29.55 22.15
CA GLU D 26 74.17 30.46 21.99
C GLU D 26 74.10 31.47 23.12
N LEU D 27 73.00 31.42 23.87
CA LEU D 27 72.83 32.31 25.01
C LEU D 27 73.47 31.56 26.18
N GLU D 28 73.17 30.27 26.29
CA GLU D 28 73.72 29.45 27.34
C GLU D 28 75.23 29.36 27.19
N ARG D 29 75.69 29.22 25.95
CA ARG D 29 77.13 29.14 25.73
C ARG D 29 77.77 30.47 26.14
N ARG D 30 76.90 31.45 26.42
CA ARG D 30 77.36 32.77 26.83
C ARG D 30 77.05 33.03 28.30
N ILE D 31 76.02 32.39 28.80
CA ILE D 31 75.62 32.53 30.20
C ILE D 31 76.34 31.51 31.06
N ILE D 32 76.46 30.29 30.55
CA ILE D 32 77.12 29.21 31.28
C ILE D 32 78.59 29.57 31.45
N HIS D 33 79.06 30.53 30.67
CA HIS D 33 80.45 30.95 30.81
C HIS D 33 80.48 31.94 31.97
N LEU D 34 79.50 32.83 32.01
CA LEU D 34 79.40 33.81 33.07
C LEU D 34 79.57 33.06 34.39
N GLN D 35 79.24 31.76 34.36
CA GLN D 35 79.36 30.90 35.52
C GLN D 35 80.83 30.56 35.74
N ARG D 36 81.48 30.01 34.72
CA ARG D 36 82.90 29.65 34.83
C ARG D 36 83.70 30.88 35.24
N ARG D 37 83.14 32.05 34.93
CA ARG D 37 83.77 33.32 35.28
C ARG D 37 83.51 33.68 36.73
N ILE D 38 82.28 33.48 37.17
CA ILE D 38 81.91 33.75 38.55
C ILE D 38 82.71 32.81 39.43
N ASN D 39 82.86 31.56 38.99
CA ASN D 39 83.62 30.60 39.77
C ASN D 39 85.02 31.14 39.98
N MET D 40 85.67 31.55 38.90
CA MET D 40 87.01 32.10 39.03
C MET D 40 86.99 33.27 40.01
N GLN D 41 85.98 34.14 39.88
CA GLN D 41 85.87 35.30 40.74
C GLN D 41 85.74 34.94 42.22
N LEU D 42 85.20 33.77 42.50
CA LEU D 42 85.07 33.36 43.90
C LEU D 42 86.31 32.58 44.29
N GLN D 43 87.17 32.31 43.31
CA GLN D 43 88.42 31.59 43.59
C GLN D 43 89.33 32.65 44.19
N GLN D 44 89.40 33.78 43.51
CA GLN D 44 90.22 34.91 43.92
C GLN D 44 89.65 35.60 45.16
N LEU D 45 88.34 35.74 45.21
CA LEU D 45 87.70 36.39 46.35
C LEU D 45 87.93 35.62 47.65
N THR D 46 87.99 34.29 47.55
CA THR D 46 88.21 33.45 48.73
C THR D 46 89.63 33.62 49.24
N LEU D 47 90.57 33.60 48.31
CA LEU D 47 91.98 33.79 48.61
C LEU D 47 92.22 35.23 49.07
N LEU D 48 91.54 36.18 48.44
CA LEU D 48 91.69 37.59 48.80
C LEU D 48 91.08 37.84 50.17
N GLN D 49 90.26 36.90 50.62
CA GLN D 49 89.60 37.00 51.92
C GLN D 49 90.55 36.53 53.00
N HIS D 50 91.27 35.46 52.70
CA HIS D 50 92.20 34.91 53.66
C HIS D 50 93.39 35.83 53.81
N ASN D 51 93.65 36.64 52.80
CA ASN D 51 94.78 37.56 52.88
C ASN D 51 94.40 38.79 53.72
N ILE D 52 93.24 39.35 53.47
CA ILE D 52 92.80 40.50 54.25
C ILE D 52 92.77 40.01 55.69
N LYS D 53 92.35 38.75 55.84
CA LYS D 53 92.29 38.11 57.14
C LYS D 53 93.63 38.25 57.84
N THR D 54 94.69 37.84 57.15
CA THR D 54 96.03 37.91 57.69
C THR D 54 96.82 39.17 57.39
N GLN D 55 96.13 40.30 57.29
CA GLN D 55 96.79 41.58 57.05
C GLN D 55 96.19 42.56 58.05
N VAL D 56 94.94 42.29 58.42
CA VAL D 56 94.21 43.09 59.38
C VAL D 56 94.76 42.71 60.76
N SER D 57 95.19 41.46 60.87
CA SER D 57 95.75 40.97 62.10
C SER D 57 97.15 41.52 62.26
N GLN D 58 97.94 41.41 61.19
CA GLN D 58 99.32 41.87 61.18
C GLN D 58 99.40 43.36 61.41
N ILE D 59 98.61 44.12 60.68
CA ILE D 59 98.63 45.56 60.84
C ILE D 59 98.17 45.99 62.22
N LEU D 60 97.25 45.23 62.80
CA LEU D 60 96.77 45.57 64.14
C LEU D 60 97.90 45.40 65.13
N ARG D 61 98.52 44.22 65.11
CA ARG D 61 99.63 43.93 66.00
C ARG D 61 100.67 45.05 65.87
N VAL D 62 101.07 45.34 64.64
CA VAL D 62 102.06 46.37 64.39
C VAL D 62 101.70 47.67 65.07
N GLU D 63 100.46 48.09 64.92
CA GLU D 63 100.04 49.34 65.53
C GLU D 63 100.22 49.40 67.01
N VAL D 64 99.94 48.33 67.72
CA VAL D 64 100.15 48.37 69.17
C VAL D 64 101.64 48.31 69.45
N ASP D 65 102.37 47.55 68.63
CA ASP D 65 103.83 47.44 68.78
C ASP D 65 104.40 48.86 68.68
N ILE D 66 103.81 49.66 67.79
CA ILE D 66 104.21 51.04 67.56
C ILE D 66 103.71 51.98 68.65
N ASP D 67 102.48 51.77 69.12
CA ASP D 67 101.96 52.63 70.17
C ASP D 67 102.83 52.45 71.42
N VAL D 68 103.27 51.22 71.63
CA VAL D 68 104.12 50.89 72.77
C VAL D 68 105.52 51.49 72.68
N ALA D 69 106.13 51.46 71.49
CA ALA D 69 107.46 52.01 71.28
C ALA D 69 107.46 53.52 71.33
N LEU D 70 106.64 54.15 70.48
CA LEU D 70 106.57 55.60 70.46
C LEU D 70 106.49 56.22 71.84
N ARG D 71 105.71 55.59 72.70
CA ARG D 71 105.54 56.08 74.05
C ARG D 71 106.89 56.06 74.78
N ALA D 72 107.78 55.17 74.34
CA ALA D 72 109.09 55.03 74.94
C ALA D 72 109.89 56.29 74.79
N CYS D 73 109.69 56.97 73.65
CA CYS D 73 110.40 58.21 73.34
C CYS D 73 110.25 59.36 74.29
N LYS D 74 109.14 59.37 75.06
CA LYS D 74 108.93 60.43 76.04
C LYS D 74 110.19 60.54 76.90
N GLY D 75 110.62 59.43 77.48
CA GLY D 75 111.81 59.49 78.30
C GLY D 75 113.10 59.40 77.54
N SER D 76 113.05 59.53 76.22
CA SER D 76 114.28 59.42 75.41
C SER D 76 114.62 60.63 74.52
N CYS D 77 113.59 61.33 74.06
CA CYS D 77 113.76 62.48 73.17
C CYS D 77 113.43 63.84 73.76
N ALA D 78 114.06 64.87 73.19
CA ALA D 78 113.88 66.27 73.60
C ALA D 78 112.43 66.70 73.54
N ARG D 79 111.73 66.33 72.48
CA ARG D 79 110.32 66.65 72.34
C ARG D 79 109.52 65.36 72.16
N TYR D 80 108.38 65.29 72.83
CA TYR D 80 107.52 64.10 72.75
C TYR D 80 106.11 64.47 72.38
N LEU D 81 105.56 63.83 71.37
CA LEU D 81 104.18 64.11 70.98
C LEU D 81 103.15 63.20 71.67
N GLU D 82 102.82 62.08 71.05
CA GLU D 82 101.81 61.16 71.60
C GLU D 82 101.00 60.59 70.45
N TYR D 83 101.14 59.31 70.19
CA TYR D 83 100.36 58.71 69.12
C TYR D 83 99.01 58.32 69.72
N ARG D 84 97.95 58.66 69.00
CA ARG D 84 96.60 58.34 69.46
C ARG D 84 95.92 57.26 68.61
N LEU D 85 95.45 56.21 69.29
CA LEU D 85 94.75 55.12 68.62
C LEU D 85 93.37 55.63 68.22
N ASP D 86 92.44 54.73 67.91
CA ASP D 86 91.11 55.20 67.50
C ASP D 86 89.98 54.16 67.58
N LYS D 87 89.35 53.96 66.43
CA LYS D 87 88.22 53.05 66.26
C LYS D 87 88.64 51.61 66.00
N GLU D 88 87.77 50.70 66.45
CA GLU D 88 87.97 49.28 66.24
C GLU D 88 86.90 48.98 65.20
N LYS D 89 86.27 50.06 64.72
CA LYS D 89 85.23 49.98 63.71
C LYS D 89 85.79 49.19 62.52
N ASN D 90 87.11 49.12 62.45
CA ASN D 90 87.77 48.39 61.40
C ASN D 90 87.62 46.90 61.66
N LEU D 91 87.53 46.51 62.94
CA LEU D 91 87.36 45.10 63.29
C LEU D 91 85.97 44.60 62.98
N GLN D 92 85.02 45.52 62.87
CA GLN D 92 83.65 45.15 62.53
C GLN D 92 83.71 44.84 61.05
N LEU D 93 84.09 45.85 60.27
CA LEU D 93 84.20 45.75 58.83
C LEU D 93 85.03 44.55 58.41
N GLU D 94 86.15 44.34 59.08
CA GLU D 94 87.03 43.21 58.80
C GLU D 94 86.27 41.91 58.98
N LYS D 95 85.28 41.95 59.87
CA LYS D 95 84.47 40.77 60.18
C LYS D 95 83.53 40.43 59.04
N ALA D 96 82.82 41.42 58.49
CA ALA D 96 81.94 41.12 57.37
C ALA D 96 82.88 40.53 56.33
N ALA D 97 83.78 41.37 55.81
CA ALA D 97 84.74 40.96 54.79
C ALA D 97 85.24 39.52 54.91
N SER D 98 85.24 38.97 56.10
CA SER D 98 85.69 37.60 56.27
C SER D 98 84.49 36.71 56.55
N TYR D 99 83.71 37.08 57.56
CA TYR D 99 82.54 36.31 57.92
C TYR D 99 81.61 36.17 56.72
N ILE D 100 81.42 37.26 55.98
CA ILE D 100 80.59 37.17 54.79
C ILE D 100 81.48 36.34 53.85
N ALA D 101 81.74 35.11 54.29
CA ALA D 101 82.56 34.15 53.57
C ALA D 101 81.68 33.41 52.58
N ASN D 102 80.77 34.15 51.97
CA ASN D 102 79.86 33.60 50.98
C ASN D 102 80.72 32.83 49.99
N LEU D 103 81.11 33.48 48.90
CA LEU D 103 81.95 32.86 47.88
C LEU D 103 81.79 31.34 47.88
N LYS D 104 82.90 30.60 47.79
CA LYS D 104 82.85 29.14 47.79
C LYS D 104 82.05 28.66 46.58
N PHE D 105 80.73 28.89 46.65
CA PHE D 105 79.77 28.54 45.61
C PHE D 105 80.42 28.36 44.25
N GLU D 106 80.82 27.13 43.95
CA GLU D 106 81.46 26.86 42.68
C GLU D 106 80.52 26.07 41.78
N ARG D 107 79.82 26.78 40.90
CA ARG D 107 78.88 26.17 39.97
C ARG D 107 79.32 24.81 39.45
N PHE D 108 78.65 23.76 39.92
CA PHE D 108 78.97 22.40 39.52
C PHE D 108 78.41 22.13 38.14
N GLU D 109 77.27 22.74 37.82
CA GLU D 109 76.63 22.56 36.53
C GLU D 109 77.42 23.20 35.39
N GLU D 110 78.64 23.62 35.69
CA GLU D 110 79.50 24.22 34.70
C GLU D 110 80.17 23.05 34.00
N VAL D 111 80.38 21.97 34.77
CA VAL D 111 81.02 20.74 34.28
C VAL D 111 80.26 20.13 33.10
N VAL D 112 80.54 20.64 31.90
CA VAL D 112 79.89 20.15 30.68
C VAL D 112 79.49 18.69 30.79
N ALA E 7 64.71 25.13 27.04
CA ALA E 7 63.91 26.11 26.26
C ALA E 7 64.19 27.54 26.70
N GLN E 8 63.15 28.38 26.70
CA GLN E 8 63.30 29.77 27.10
C GLN E 8 63.50 29.90 28.62
N LYS E 9 62.55 29.40 29.39
CA LYS E 9 62.66 29.48 30.84
C LYS E 9 63.92 28.78 31.34
N GLU E 10 64.37 27.76 30.61
CA GLU E 10 65.58 27.06 30.99
C GLU E 10 66.69 28.10 31.06
N ILE E 11 66.58 29.10 30.19
CA ILE E 11 67.54 30.19 30.15
C ILE E 11 67.18 31.16 31.27
N GLU E 12 65.92 31.57 31.31
CA GLU E 12 65.45 32.49 32.34
C GLU E 12 65.83 32.00 33.74
N ASN E 13 66.15 30.71 33.85
CA ASN E 13 66.55 30.13 35.12
C ASN E 13 68.04 30.40 35.32
N ARG E 14 68.85 29.82 34.45
CA ARG E 14 70.30 30.00 34.48
C ARG E 14 70.67 31.47 34.70
N TYR E 15 70.18 32.33 33.82
CA TYR E 15 70.44 33.77 33.91
C TYR E 15 70.00 34.36 35.24
N LYS E 16 68.88 33.88 35.76
CA LYS E 16 68.38 34.40 37.02
C LYS E 16 69.44 34.24 38.12
N GLU E 17 69.83 32.99 38.38
CA GLU E 17 70.81 32.68 39.41
C GLU E 17 72.21 33.26 39.23
N VAL E 18 72.43 33.96 38.12
CA VAL E 18 73.75 34.56 37.89
C VAL E 18 73.72 36.04 38.27
N LYS E 19 72.71 36.76 37.78
CA LYS E 19 72.58 38.19 38.09
C LYS E 19 72.68 38.35 39.60
N ILE E 20 72.27 37.30 40.30
CA ILE E 20 72.33 37.28 41.76
C ILE E 20 73.79 37.43 42.14
N ARG E 21 74.48 36.30 42.11
CA ARG E 21 75.89 36.21 42.44
C ARG E 21 76.69 37.41 41.98
N ILE E 22 76.49 37.81 40.72
CA ILE E 22 77.23 38.95 40.19
C ILE E 22 76.88 40.27 40.86
N GLU E 23 75.61 40.49 41.17
CA GLU E 23 75.19 41.74 41.81
C GLU E 23 75.36 41.79 43.32
N SER E 24 75.32 40.63 43.95
CA SER E 24 75.46 40.56 45.40
C SER E 24 76.70 39.82 45.83
N THR E 25 76.66 38.51 45.74
CA THR E 25 77.76 37.67 46.15
C THR E 25 79.15 38.14 45.70
N VAL E 26 79.24 38.92 44.62
CA VAL E 26 80.54 39.41 44.17
C VAL E 26 80.71 40.92 44.34
N ALA E 27 79.87 41.71 43.68
CA ALA E 27 79.98 43.16 43.81
C ALA E 27 79.84 43.57 45.28
N GLY E 28 79.43 42.61 46.10
CA GLY E 28 79.26 42.85 47.53
C GLY E 28 80.58 42.60 48.21
N SER E 29 81.16 41.43 47.98
CA SER E 29 82.45 41.11 48.58
C SER E 29 83.41 42.12 47.99
N LEU E 30 83.35 42.27 46.68
CA LEU E 30 84.21 43.19 45.96
C LEU E 30 84.26 44.55 46.64
N ARG E 31 83.10 45.13 46.87
CA ARG E 31 83.06 46.45 47.46
C ARG E 31 83.50 46.56 48.93
N SER E 32 82.85 45.83 49.82
CA SER E 32 83.24 45.92 51.23
C SER E 32 84.62 45.34 51.51
N MET E 33 85.43 45.17 50.45
CA MET E 33 86.79 44.67 50.60
C MET E 33 87.73 45.82 50.24
N LYS E 34 87.41 46.53 49.15
CA LYS E 34 88.24 47.65 48.75
C LYS E 34 88.17 48.74 49.82
N SER E 35 87.30 48.53 50.82
CA SER E 35 87.16 49.52 51.88
C SER E 35 88.14 49.15 52.99
N VAL E 36 88.08 47.91 53.44
CA VAL E 36 88.98 47.42 54.47
C VAL E 36 90.43 47.64 54.02
N LEU E 37 90.74 47.23 52.80
CA LEU E 37 92.09 47.43 52.28
C LEU E 37 92.42 48.92 52.33
N GLU E 38 91.45 49.75 51.99
CA GLU E 38 91.62 51.20 51.98
C GLU E 38 91.74 51.73 53.42
N HIS E 39 90.93 51.17 54.31
CA HIS E 39 90.94 51.57 55.71
C HIS E 39 92.31 51.22 56.29
N LEU E 40 92.76 49.99 56.05
CA LEU E 40 94.05 49.56 56.56
C LEU E 40 95.14 50.54 56.16
N ARG E 41 95.14 50.94 54.89
CA ARG E 41 96.16 51.84 54.40
C ARG E 41 96.21 53.08 55.28
N ALA E 42 95.10 53.80 55.35
CA ALA E 42 95.03 55.01 56.17
C ALA E 42 95.50 54.77 57.61
N LYS E 43 95.26 53.57 58.13
CA LYS E 43 95.70 53.29 59.48
C LYS E 43 97.22 53.35 59.45
N MET E 44 97.83 52.72 58.44
CA MET E 44 99.28 52.69 58.30
C MET E 44 99.88 54.09 58.13
N GLN E 45 99.23 54.94 57.34
CA GLN E 45 99.74 56.29 57.19
C GLN E 45 99.76 56.97 58.55
N ARG E 46 98.61 57.03 59.22
CA ARG E 46 98.54 57.68 60.54
C ARG E 46 99.68 57.20 61.39
N MET E 47 100.08 55.94 61.18
CA MET E 47 101.17 55.34 61.92
C MET E 47 102.49 55.82 61.36
N GLU E 48 102.67 55.75 60.03
CA GLU E 48 103.91 56.19 59.42
C GLU E 48 104.18 57.63 59.76
N GLU E 49 103.15 58.45 59.78
CA GLU E 49 103.38 59.84 60.09
C GLU E 49 103.75 59.95 61.57
N ALA E 50 103.00 59.29 62.43
CA ALA E 50 103.30 59.35 63.87
C ALA E 50 104.75 58.97 64.17
N ILE E 51 105.32 58.09 63.35
CA ILE E 51 106.69 57.64 63.53
C ILE E 51 107.68 58.68 63.01
N LYS E 52 107.41 59.22 61.82
CA LYS E 52 108.29 60.22 61.25
C LYS E 52 108.37 61.40 62.19
N THR E 53 107.23 61.79 62.76
CA THR E 53 107.18 62.90 63.69
C THR E 53 108.05 62.65 64.92
N GLN E 54 107.94 61.48 65.54
CA GLN E 54 108.76 61.21 66.71
C GLN E 54 110.22 61.10 66.34
N LYS E 55 110.52 60.45 65.21
CA LYS E 55 111.90 60.31 64.79
C LYS E 55 112.52 61.69 64.68
N GLU E 56 111.80 62.61 64.03
CA GLU E 56 112.26 63.98 63.87
C GLU E 56 112.54 64.62 65.22
N LEU E 57 111.63 64.43 66.17
CA LEU E 57 111.77 65.02 67.51
C LEU E 57 112.77 64.33 68.44
N CYS E 58 113.55 63.40 67.91
CA CYS E 58 114.55 62.70 68.70
C CYS E 58 115.92 63.09 68.20
N SER E 59 115.95 64.17 67.43
CA SER E 59 117.19 64.68 66.89
C SER E 59 118.06 65.00 68.10
N ALA E 60 117.41 65.49 69.14
CA ALA E 60 118.08 65.83 70.39
C ALA E 60 117.50 64.98 71.50
N PRO E 61 118.35 64.46 72.39
CA PRO E 61 117.87 63.62 73.49
C PRO E 61 117.20 64.49 74.51
N CYS E 62 116.59 63.87 75.53
CA CYS E 62 115.95 64.65 76.57
C CYS E 62 116.99 64.84 77.65
N THR E 63 116.69 65.75 78.57
CA THR E 63 117.62 66.04 79.65
C THR E 63 116.90 66.51 80.91
N VAL E 64 117.45 66.13 82.05
CA VAL E 64 116.90 66.57 83.33
C VAL E 64 117.98 67.46 83.93
N ASN E 65 117.61 68.71 84.17
CA ASN E 65 118.55 69.68 84.71
C ASN E 65 118.19 69.98 86.16
N CYS E 66 117.34 69.15 86.75
CA CYS E 66 116.91 69.38 88.12
C CYS E 66 118.06 69.32 89.11
N ARG E 67 117.91 70.09 90.19
CA ARG E 67 118.90 70.21 91.25
C ARG E 67 119.09 68.92 92.08
N VAL E 68 119.90 68.99 93.13
CA VAL E 68 120.11 67.81 93.96
C VAL E 68 119.96 68.13 95.44
N PRO E 69 119.13 67.35 96.15
CA PRO E 69 118.83 67.47 97.58
C PRO E 69 120.11 67.38 98.37
N VAL E 70 120.25 68.25 99.36
CA VAL E 70 121.46 68.26 100.16
C VAL E 70 121.44 67.05 101.06
N VAL E 71 120.28 66.77 101.63
CA VAL E 71 120.14 65.63 102.52
C VAL E 71 120.38 64.34 101.74
N SER E 72 120.94 63.35 102.42
CA SER E 72 121.23 62.06 101.80
C SER E 72 121.44 61.00 102.86
N GLY E 73 121.73 59.78 102.42
CA GLY E 73 121.96 58.68 103.34
C GLY E 73 122.32 57.39 102.64
N MET E 74 122.18 56.27 103.35
CA MET E 74 122.50 54.97 102.77
C MET E 74 121.31 54.50 101.95
N HIS E 75 120.20 54.36 102.66
CA HIS E 75 118.94 53.90 102.12
C HIS E 75 118.12 55.18 102.01
N CYS E 76 116.85 55.09 101.61
CA CYS E 76 115.98 56.26 101.57
C CYS E 76 115.47 56.38 103.00
N GLU E 77 115.36 55.23 103.66
CA GLU E 77 114.93 55.15 105.04
C GLU E 77 115.85 56.09 105.81
N ASP E 78 117.14 55.94 105.53
CA ASP E 78 118.15 56.77 106.17
C ASP E 78 117.86 58.23 105.86
N ILE E 79 117.49 58.51 104.62
CA ILE E 79 117.17 59.87 104.22
C ILE E 79 115.98 60.39 105.01
N TYR E 80 114.97 59.54 105.16
CA TYR E 80 113.78 59.93 105.92
C TYR E 80 114.27 60.35 107.31
N ARG E 81 115.04 59.49 107.95
CA ARG E 81 115.57 59.79 109.28
C ARG E 81 116.36 61.09 109.30
N ASN E 82 116.74 61.59 108.13
CA ASN E 82 117.52 62.81 108.08
C ASN E 82 116.75 64.02 107.61
N GLY E 83 115.43 63.92 107.60
CA GLY E 83 114.63 65.06 107.19
C GLY E 83 114.09 65.02 105.79
N GLY E 84 114.55 64.09 104.98
CA GLY E 84 114.03 64.01 103.63
C GLY E 84 112.63 63.43 103.78
N ARG E 85 111.62 64.30 103.73
CA ARG E 85 110.25 63.82 103.90
C ARG E 85 109.39 63.93 102.66
N THR E 86 109.92 64.56 101.61
CA THR E 86 109.18 64.70 100.38
C THR E 86 109.61 63.58 99.46
N SER E 87 108.70 63.10 98.62
CA SER E 87 109.04 62.02 97.69
C SER E 87 109.59 62.67 96.44
N GLU E 88 110.84 62.36 96.11
CA GLU E 88 111.49 62.91 94.95
C GLU E 88 112.83 62.25 94.77
N ALA E 89 113.57 62.64 93.74
CA ALA E 89 114.89 62.09 93.45
C ALA E 89 115.92 62.49 94.51
N TYR E 90 116.60 61.53 95.08
CA TYR E 90 117.64 61.80 96.08
C TYR E 90 118.90 61.07 95.67
N TYR E 91 119.98 61.35 96.38
CA TYR E 91 121.23 60.65 96.11
C TYR E 91 121.48 59.76 97.33
N ILE E 92 121.85 58.52 97.11
CA ILE E 92 122.15 57.68 98.27
C ILE E 92 123.50 57.03 98.07
N GLN E 93 124.07 56.55 99.16
CA GLN E 93 125.35 55.87 99.10
C GLN E 93 125.37 54.77 100.14
N PRO E 94 124.81 53.60 99.79
CA PRO E 94 124.80 52.48 100.72
C PRO E 94 126.18 51.82 100.90
N ASP E 95 127.00 51.85 99.84
CA ASP E 95 128.37 51.29 99.90
C ASP E 95 129.41 52.41 99.85
N LEU E 96 130.18 52.53 100.92
CA LEU E 96 131.19 53.57 100.98
C LEU E 96 132.31 53.42 99.96
N PHE E 97 132.38 52.27 99.30
CA PHE E 97 133.42 52.07 98.31
C PHE E 97 132.87 52.23 96.91
N SER E 98 131.62 52.67 96.85
CA SER E 98 130.94 52.90 95.59
C SER E 98 130.35 54.29 95.64
N GLU E 99 130.35 54.96 94.50
CA GLU E 99 129.84 56.33 94.41
C GLU E 99 128.35 56.39 94.76
N PRO E 100 127.88 57.58 95.18
CA PRO E 100 126.47 57.73 95.52
C PRO E 100 125.72 57.76 94.20
N TYR E 101 124.49 57.26 94.20
CA TYR E 101 123.69 57.27 92.98
C TYR E 101 122.29 57.79 93.21
N LYS E 102 121.73 58.40 92.16
CA LYS E 102 120.39 58.98 92.17
C LYS E 102 119.38 57.83 92.23
N VAL E 103 118.36 58.00 93.08
CA VAL E 103 117.32 56.99 93.21
C VAL E 103 116.07 57.73 93.61
N PHE E 104 114.91 57.19 93.28
CA PHE E 104 113.68 57.87 93.64
C PHE E 104 113.12 57.31 94.94
N CYS E 105 113.02 58.19 95.93
CA CYS E 105 112.52 57.83 97.24
C CYS E 105 111.04 58.09 97.39
N ASP E 106 110.33 57.12 97.99
CA ASP E 106 108.91 57.24 98.26
C ASP E 106 108.82 57.46 99.76
N MET E 107 108.58 58.69 100.16
CA MET E 107 108.51 59.04 101.57
C MET E 107 107.07 59.11 102.07
N GLU E 108 106.11 58.90 101.19
CA GLU E 108 104.71 59.01 101.61
C GLU E 108 104.03 57.68 101.90
N SER E 109 104.10 56.75 100.94
CA SER E 109 103.48 55.43 101.08
C SER E 109 103.98 54.62 102.26
N HIS E 110 103.11 53.75 102.76
CA HIS E 110 103.41 52.86 103.86
C HIS E 110 104.55 53.30 104.76
N GLY E 111 104.47 54.54 105.26
CA GLY E 111 105.49 55.04 106.16
C GLY E 111 106.75 55.66 105.56
N GLY E 112 106.83 55.70 104.24
CA GLY E 112 108.00 56.27 103.59
C GLY E 112 109.29 55.53 103.88
N GLY E 113 110.39 56.09 103.38
CA GLY E 113 111.67 55.44 103.58
C GLY E 113 111.85 54.36 102.54
N TRP E 114 110.98 54.39 101.53
CA TRP E 114 111.03 53.41 100.47
C TRP E 114 111.90 53.79 99.29
N THR E 115 112.89 52.96 99.03
CA THR E 115 113.80 53.16 97.92
C THR E 115 113.20 52.44 96.72
N VAL E 116 112.74 53.21 95.73
CA VAL E 116 112.16 52.65 94.53
C VAL E 116 113.24 51.98 93.69
N VAL E 117 113.07 50.70 93.41
CA VAL E 117 114.04 49.95 92.65
C VAL E 117 113.58 49.73 91.21
N GLN E 118 112.27 49.81 91.01
CA GLN E 118 111.65 49.64 89.70
C GLN E 118 110.37 50.45 89.72
N ASN E 119 109.99 51.05 88.59
CA ASN E 119 108.80 51.87 88.57
C ASN E 119 108.22 52.12 87.17
N ARG E 120 106.95 51.77 86.98
CA ARG E 120 106.22 51.97 85.71
C ARG E 120 105.16 53.06 85.96
N VAL E 121 104.85 53.86 84.96
CA VAL E 121 103.86 54.94 85.12
C VAL E 121 103.46 55.63 83.79
N ASP E 122 104.12 55.24 82.72
CA ASP E 122 103.90 55.76 81.37
C ASP E 122 105.01 55.04 80.63
N GLY E 123 104.74 54.48 79.47
CA GLY E 123 105.79 53.77 78.77
C GLY E 123 106.97 54.64 78.35
N SER E 124 107.49 55.45 79.26
CA SER E 124 108.59 56.35 78.95
C SER E 124 109.96 55.66 78.86
N SER E 125 110.04 54.39 79.26
CA SER E 125 111.30 53.67 79.18
C SER E 125 111.10 52.24 78.68
N ASN E 126 112.04 51.76 77.90
CA ASN E 126 111.97 50.42 77.36
C ASN E 126 112.48 49.45 78.41
N PHE E 127 111.73 48.38 78.68
CA PHE E 127 112.16 47.41 79.67
C PHE E 127 112.63 46.12 79.07
N ALA E 128 112.53 46.05 77.75
CA ALA E 128 112.98 44.87 77.02
C ALA E 128 114.50 44.99 76.82
N ARG E 129 115.25 44.97 77.92
CA ARG E 129 116.68 45.14 77.86
C ARG E 129 117.46 43.91 78.22
N ASP E 130 118.68 43.80 77.67
CA ASP E 130 119.55 42.66 77.91
C ASP E 130 120.02 42.53 79.32
N TRP E 131 120.75 41.43 79.57
CA TRP E 131 121.27 41.12 80.89
C TRP E 131 122.21 42.17 81.45
N ASN E 132 123.10 42.67 80.60
CA ASN E 132 124.04 43.70 81.03
C ASN E 132 123.31 44.94 81.48
N THR E 133 122.29 45.33 80.72
CA THR E 133 121.53 46.51 81.02
C THR E 133 120.72 46.38 82.30
N TYR E 134 120.10 45.23 82.52
CA TYR E 134 119.30 45.06 83.74
C TYR E 134 120.16 45.03 84.98
N LYS E 135 121.42 44.65 84.80
CA LYS E 135 122.35 44.56 85.92
C LYS E 135 122.84 45.95 86.28
N ALA E 136 123.10 46.75 85.26
CA ALA E 136 123.61 48.09 85.45
C ALA E 136 122.58 49.10 85.88
N GLU E 137 121.38 48.99 85.36
CA GLU E 137 120.26 49.90 85.64
C GLU E 137 119.92 50.62 84.34
N PHE E 138 118.69 51.10 84.25
CA PHE E 138 118.28 51.82 83.07
C PHE E 138 117.02 52.63 83.32
N GLY E 139 116.80 53.65 82.50
CA GLY E 139 115.64 54.48 82.65
C GLY E 139 115.92 55.81 83.29
N ASN E 140 114.86 56.55 83.59
CA ASN E 140 114.96 57.85 84.22
C ASN E 140 114.43 57.80 85.63
N ILE E 141 115.21 58.27 86.60
CA ILE E 141 114.77 58.24 87.97
C ILE E 141 113.59 59.19 88.17
N ALA E 142 113.71 60.39 87.62
CA ALA E 142 112.66 61.41 87.74
C ALA E 142 112.82 62.53 86.72
N PHE E 143 111.75 63.31 86.54
CA PHE E 143 111.75 64.42 85.59
C PHE E 143 111.53 65.73 86.35
N GLY E 144 111.93 66.84 85.74
CA GLY E 144 111.80 68.17 86.33
C GLY E 144 110.35 68.57 86.53
N ASN E 145 109.99 68.95 87.75
CA ASN E 145 108.62 69.32 88.05
C ASN E 145 108.28 70.70 87.54
N GLY E 146 109.19 71.33 86.81
CA GLY E 146 108.90 72.65 86.27
C GLY E 146 109.83 73.65 86.91
N LYS E 147 109.98 73.57 88.22
CA LYS E 147 110.88 74.45 88.94
C LYS E 147 112.21 73.81 88.57
N SER E 148 112.70 72.94 89.44
CA SER E 148 113.94 72.24 89.15
C SER E 148 114.12 71.13 90.16
N ILE E 149 113.01 70.68 90.71
CA ILE E 149 113.01 69.60 91.69
C ILE E 149 112.46 68.35 91.01
N CYS E 150 113.30 67.31 90.96
CA CYS E 150 112.90 66.07 90.35
C CYS E 150 112.01 65.24 91.27
N ASN E 151 110.72 65.58 91.29
CA ASN E 151 109.76 64.85 92.10
C ASN E 151 108.73 64.15 91.23
N ILE E 152 108.96 64.14 89.92
CA ILE E 152 108.05 63.46 89.00
C ILE E 152 108.74 62.16 88.64
N PRO E 153 108.39 61.07 89.34
CA PRO E 153 108.98 59.77 89.07
C PRO E 153 108.95 59.33 87.62
N GLY E 154 110.03 58.71 87.17
CA GLY E 154 110.08 58.23 85.80
C GLY E 154 110.14 56.73 85.76
N GLU E 155 110.23 56.16 84.57
CA GLU E 155 110.31 54.72 84.45
C GLU E 155 111.76 54.26 84.51
N TYR E 156 112.06 53.39 85.47
CA TYR E 156 113.41 52.87 85.56
C TYR E 156 113.56 51.58 86.34
N TRP E 157 114.72 50.99 86.19
CA TRP E 157 115.07 49.78 86.89
C TRP E 157 116.45 50.06 87.47
N LEU E 158 116.51 50.45 88.75
CA LEU E 158 117.78 50.69 89.43
C LEU E 158 118.45 49.35 89.15
N GLY E 159 119.71 49.35 88.78
CA GLY E 159 120.34 48.05 88.46
C GLY E 159 120.23 46.85 89.42
N THR E 160 119.98 45.67 88.88
CA THR E 160 119.88 44.47 89.72
C THR E 160 121.08 44.32 90.65
N LYS E 161 122.28 44.51 90.12
CA LYS E 161 123.48 44.38 90.91
C LYS E 161 123.47 45.33 92.13
N THR E 162 122.93 46.52 91.94
CA THR E 162 122.85 47.48 93.04
C THR E 162 121.87 46.90 94.03
N VAL E 163 120.72 46.45 93.52
CA VAL E 163 119.68 45.88 94.37
C VAL E 163 120.31 44.71 95.15
N HIS E 164 121.05 43.85 94.46
CA HIS E 164 121.68 42.74 95.14
C HIS E 164 122.59 43.20 96.26
N GLN E 165 123.52 44.10 95.95
CA GLN E 165 124.41 44.61 96.98
C GLN E 165 123.58 45.17 98.11
N LEU E 166 122.49 45.83 97.76
CA LEU E 166 121.64 46.44 98.77
C LEU E 166 121.19 45.44 99.83
N THR E 167 120.75 44.27 99.36
CA THR E 167 120.27 43.22 100.25
C THR E 167 121.38 42.35 100.84
N LYS E 168 122.54 42.35 100.21
CA LYS E 168 123.64 41.56 100.71
C LYS E 168 124.19 42.23 101.96
N GLN E 169 124.27 43.55 101.93
CA GLN E 169 124.76 44.33 103.07
C GLN E 169 123.89 43.99 104.27
N HIS E 170 122.58 43.86 104.02
CA HIS E 170 121.62 43.50 105.05
C HIS E 170 120.19 43.44 104.52
N THR E 171 119.63 42.23 104.53
CA THR E 171 118.29 41.90 104.06
C THR E 171 117.27 43.03 104.15
N GLN E 172 116.51 43.18 103.07
CA GLN E 172 115.49 44.20 102.96
C GLN E 172 114.09 43.60 102.91
N GLN E 173 113.11 44.47 102.94
CA GLN E 173 111.72 44.09 102.83
C GLN E 173 111.25 44.81 101.58
N VAL E 174 110.55 44.09 100.70
CA VAL E 174 110.06 44.68 99.46
C VAL E 174 108.58 45.00 99.55
N LEU E 175 108.14 45.94 98.73
CA LEU E 175 106.76 46.37 98.69
C LEU E 175 106.37 46.76 97.28
N PHE E 176 105.33 46.13 96.75
CA PHE E 176 104.86 46.42 95.39
C PHE E 176 103.59 47.28 95.43
N ASP E 177 103.64 48.43 94.76
CA ASP E 177 102.52 49.34 94.68
C ASP E 177 102.09 49.38 93.23
N MET E 178 100.87 48.96 92.95
CA MET E 178 100.34 48.99 91.59
C MET E 178 98.99 49.72 91.57
N SER E 179 98.65 50.30 90.44
CA SER E 179 97.40 51.03 90.26
C SER E 179 96.86 50.66 88.89
N ASP E 180 95.55 50.44 88.84
CA ASP E 180 94.91 50.10 87.57
C ASP E 180 94.50 51.38 86.85
N TRP E 181 93.95 51.25 85.66
CA TRP E 181 93.54 52.41 84.91
C TRP E 181 92.15 52.85 85.32
N GLU E 182 91.79 52.60 86.57
CA GLU E 182 90.46 52.98 87.03
C GLU E 182 90.37 53.48 88.45
N GLY E 183 91.40 54.19 88.90
CA GLY E 183 91.39 54.73 90.25
C GLY E 183 91.53 53.77 91.41
N SER E 184 91.92 52.52 91.15
CA SER E 184 92.09 51.54 92.21
C SER E 184 93.57 51.23 92.39
N SER E 185 93.97 50.86 93.60
CA SER E 185 95.37 50.56 93.84
C SER E 185 95.57 49.53 94.94
N VAL E 186 96.46 48.58 94.70
CA VAL E 186 96.73 47.57 95.69
C VAL E 186 98.22 47.53 96.06
N TYR E 187 98.53 46.74 97.09
CA TYR E 187 99.89 46.60 97.60
C TYR E 187 100.19 45.13 97.68
N ALA E 188 101.41 44.83 98.07
CA ALA E 188 101.84 43.46 98.22
C ALA E 188 103.27 43.57 98.70
N GLN E 189 103.49 43.39 99.99
CA GLN E 189 104.85 43.47 100.47
C GLN E 189 105.28 42.21 101.17
N TYR E 190 106.57 41.92 101.10
CA TYR E 190 107.14 40.74 101.72
C TYR E 190 108.10 41.25 102.76
N ALA E 191 108.00 40.68 103.95
CA ALA E 191 108.84 41.11 105.06
C ALA E 191 110.32 40.90 104.81
N SER E 192 110.65 40.00 103.89
CA SER E 192 112.05 39.74 103.61
C SER E 192 112.27 39.69 102.12
N PHE E 193 113.30 40.42 101.66
CA PHE E 193 113.66 40.48 100.25
C PHE E 193 115.16 40.30 100.12
N ARG E 194 115.60 39.43 99.22
CA ARG E 194 117.03 39.23 99.05
C ARG E 194 117.33 38.37 97.82
N PRO E 195 118.25 38.83 96.95
CA PRO E 195 118.57 38.02 95.78
C PRO E 195 120.04 37.60 95.90
N GLU E 196 120.38 36.41 95.43
CA GLU E 196 121.75 35.94 95.49
C GLU E 196 122.57 36.70 94.46
N ASN E 197 123.89 36.51 94.44
CA ASN E 197 124.76 37.18 93.49
C ASN E 197 124.54 36.80 92.01
N GLU E 198 125.15 37.54 91.11
CA GLU E 198 125.01 37.29 89.69
C GLU E 198 125.35 35.87 89.33
N ALA E 199 126.43 35.36 89.90
CA ALA E 199 126.84 33.99 89.62
C ALA E 199 125.65 33.07 89.81
N GLN E 200 124.72 33.49 90.66
CA GLN E 200 123.55 32.69 90.92
C GLN E 200 122.33 33.26 90.25
N GLY E 201 122.54 34.01 89.18
CA GLY E 201 121.43 34.59 88.44
C GLY E 201 120.57 35.51 89.28
N TYR E 202 121.18 36.14 90.28
CA TYR E 202 120.44 37.05 91.13
C TYR E 202 119.16 36.40 91.61
N ARG E 203 119.22 35.11 91.95
CA ARG E 203 118.04 34.39 92.41
C ARG E 203 117.26 35.13 93.49
N LEU E 204 115.96 35.29 93.27
CA LEU E 204 115.08 35.98 94.22
C LEU E 204 114.73 35.15 95.46
N TRP E 205 114.52 35.82 96.59
CA TRP E 205 114.16 35.14 97.84
C TRP E 205 113.30 36.06 98.71
N VAL E 206 111.98 35.95 98.59
CA VAL E 206 111.10 36.78 99.41
C VAL E 206 110.46 35.97 100.53
N GLU E 207 109.85 36.67 101.48
CA GLU E 207 109.19 36.01 102.59
C GLU E 207 108.12 36.85 103.32
N ASP E 208 107.04 36.17 103.70
CA ASP E 208 105.93 36.77 104.43
C ASP E 208 105.12 37.78 103.66
N TYR E 209 104.13 37.28 102.92
CA TYR E 209 103.25 38.15 102.14
C TYR E 209 102.23 38.84 103.03
N SER E 210 101.61 39.85 102.47
CA SER E 210 100.59 40.62 103.16
C SER E 210 100.22 41.71 102.17
N GLY E 211 98.97 42.13 102.20
CA GLY E 211 98.53 43.15 101.28
C GLY E 211 97.26 42.71 100.58
N ASN E 212 96.83 43.50 99.60
CA ASN E 212 95.60 43.19 98.87
C ASN E 212 95.79 42.94 97.38
N ALA E 213 97.02 42.90 96.91
CA ALA E 213 97.25 42.66 95.49
C ALA E 213 97.27 41.16 95.17
N GLY E 214 97.76 40.35 96.11
CA GLY E 214 97.83 38.91 95.88
C GLY E 214 99.25 38.37 95.93
N ASN E 215 99.49 37.40 96.81
CA ASN E 215 100.80 36.81 96.97
C ASN E 215 101.28 36.15 95.69
N ALA E 216 101.53 36.96 94.66
CA ALA E 216 101.99 36.43 93.38
C ALA E 216 103.39 35.84 93.43
N LEU E 217 104.24 36.40 94.28
CA LEU E 217 105.62 35.92 94.33
C LEU E 217 105.86 34.52 94.83
N LEU E 218 105.34 34.19 96.01
CA LEU E 218 105.58 32.85 96.51
C LEU E 218 104.38 31.95 96.54
N GLU E 219 103.27 32.42 95.97
CA GLU E 219 102.05 31.63 95.93
C GLU E 219 101.59 31.42 94.50
N GLY E 220 102.22 32.12 93.57
CA GLY E 220 101.83 31.99 92.17
C GLY E 220 100.44 32.56 91.95
N ALA E 221 99.97 32.57 90.72
CA ALA E 221 98.63 33.10 90.44
C ALA E 221 97.60 32.12 90.97
N THR E 222 96.89 32.53 92.01
CA THR E 222 95.88 31.69 92.65
C THR E 222 94.78 31.23 91.69
N GLN E 223 94.58 31.98 90.60
CA GLN E 223 93.57 31.61 89.61
C GLN E 223 94.00 30.40 88.76
N LEU E 224 95.13 29.81 89.11
CA LEU E 224 95.62 28.64 88.41
C LEU E 224 95.59 27.50 89.42
N MET E 225 95.38 26.29 88.95
CA MET E 225 95.31 25.17 89.86
C MET E 225 96.41 24.16 89.60
N GLY E 226 96.77 23.43 90.65
CA GLY E 226 97.78 22.39 90.54
C GLY E 226 99.12 22.89 90.06
N ASP E 227 99.81 22.06 89.27
CA ASP E 227 101.13 22.44 88.78
C ASP E 227 101.14 23.73 87.98
N ASN E 228 100.01 24.08 87.37
CA ASN E 228 99.93 25.30 86.61
C ASN E 228 100.21 26.46 87.56
N ARG E 229 99.61 26.39 88.73
CA ARG E 229 99.78 27.44 89.70
C ARG E 229 101.24 27.48 90.10
N THR E 230 101.74 26.37 90.64
CA THR E 230 103.12 26.31 91.08
C THR E 230 104.13 26.82 90.06
N MET E 231 103.82 26.68 88.77
CA MET E 231 104.79 27.16 87.78
C MET E 231 104.74 28.65 87.50
N THR E 232 104.13 29.41 88.41
CA THR E 232 104.06 30.87 88.29
C THR E 232 104.59 31.47 89.58
N ILE E 233 105.23 30.65 90.40
CA ILE E 233 105.80 31.13 91.66
C ILE E 233 107.19 31.67 91.30
N HIS E 234 107.46 32.92 91.68
CA HIS E 234 108.74 33.57 91.39
C HIS E 234 109.80 33.31 92.44
N ASN E 235 109.34 33.11 93.68
CA ASN E 235 110.28 32.88 94.76
C ASN E 235 111.30 31.81 94.40
N GLY E 236 112.55 32.06 94.77
CA GLY E 236 113.62 31.14 94.50
C GLY E 236 114.05 31.05 93.04
N MET E 237 113.43 31.83 92.17
CA MET E 237 113.78 31.80 90.76
C MET E 237 114.99 32.65 90.46
N GLN E 238 115.56 32.46 89.27
CA GLN E 238 116.70 33.25 88.81
C GLN E 238 116.21 34.31 87.81
N PHE E 239 116.96 35.39 87.72
CA PHE E 239 116.61 36.44 86.80
C PHE E 239 116.85 35.96 85.37
N SER E 240 115.98 36.34 84.46
CA SER E 240 116.13 35.91 83.08
C SER E 240 115.85 37.11 82.24
N THR E 241 116.63 37.25 81.17
CA THR E 241 116.45 38.38 80.29
C THR E 241 116.41 38.00 78.84
N PHE E 242 116.05 39.00 78.06
CA PHE E 242 116.00 38.98 76.60
C PHE E 242 117.04 37.96 76.09
N ASP E 243 118.29 38.17 76.47
CA ASP E 243 119.40 37.33 76.05
C ASP E 243 119.93 36.36 77.10
N ARG E 244 119.12 35.99 78.09
CA ARG E 244 119.62 35.05 79.07
C ARG E 244 118.51 34.29 79.77
N ASP E 245 118.21 33.11 79.24
CA ASP E 245 117.17 32.26 79.78
C ASP E 245 117.66 31.51 81.00
N ASN E 246 116.98 31.70 82.13
CA ASN E 246 117.31 31.02 83.38
C ASN E 246 116.00 30.55 84.02
N ASP E 247 114.91 30.64 83.27
CA ASP E 247 113.61 30.24 83.79
C ASP E 247 113.51 28.74 83.95
N ASN E 248 112.39 28.31 84.54
CA ASN E 248 112.12 26.89 84.77
C ASN E 248 111.23 26.35 83.69
N TRP E 249 111.53 26.70 82.44
CA TRP E 249 110.70 26.23 81.35
C TRP E 249 111.53 25.52 80.29
N ASN E 250 111.57 24.20 80.37
CA ASN E 250 112.32 23.38 79.42
C ASN E 250 113.79 23.81 79.29
N PRO E 251 114.52 23.85 80.41
CA PRO E 251 115.92 24.23 80.46
C PRO E 251 116.83 23.90 79.29
N GLY E 252 116.43 23.00 78.42
CA GLY E 252 117.29 22.70 77.29
C GLY E 252 116.82 23.35 75.99
N ASP E 253 115.50 23.37 75.77
CA ASP E 253 114.90 23.95 74.58
C ASP E 253 115.03 25.47 74.61
N PRO E 254 115.80 26.02 73.68
CA PRO E 254 115.96 27.48 73.68
C PRO E 254 114.73 28.20 73.15
N THR E 255 113.74 27.43 72.72
CA THR E 255 112.51 27.98 72.20
C THR E 255 111.61 28.36 73.36
N LYS E 256 111.86 27.72 74.50
CA LYS E 256 111.07 27.95 75.69
C LYS E 256 111.73 29.01 76.55
N HIS E 257 111.59 30.25 76.12
CA HIS E 257 112.20 31.40 76.77
C HIS E 257 111.17 32.37 77.38
N CYS E 258 110.93 32.27 78.68
CA CYS E 258 109.96 33.15 79.31
C CYS E 258 110.27 34.61 79.11
N SER E 259 111.52 34.96 78.86
CA SER E 259 111.82 36.37 78.67
C SER E 259 111.56 36.83 77.24
N ARG E 260 111.91 36.03 76.23
CA ARG E 260 111.65 36.45 74.85
C ARG E 260 110.20 36.90 74.76
N GLU E 261 109.27 36.03 75.10
CA GLU E 261 107.85 36.36 75.08
C GLU E 261 107.73 36.87 76.49
N ASP E 262 106.80 37.77 76.76
CA ASP E 262 106.64 38.33 78.13
C ASP E 262 107.44 39.63 78.34
N ALA E 263 108.22 39.98 77.32
CA ALA E 263 109.03 41.21 77.19
C ALA E 263 109.72 41.92 78.35
N GLY E 264 110.23 41.16 79.30
CA GLY E 264 110.91 41.81 80.40
C GLY E 264 111.96 40.96 81.07
N GLY E 265 112.86 41.59 81.80
CA GLY E 265 113.85 40.84 82.51
C GLY E 265 113.12 40.64 83.81
N TRP E 266 113.07 39.42 84.30
CA TRP E 266 112.34 39.16 85.53
C TRP E 266 112.66 37.78 86.07
N TRP E 267 112.30 37.55 87.33
CA TRP E 267 112.52 36.25 87.95
C TRP E 267 111.49 35.27 87.43
N TYR E 268 111.49 35.11 86.11
CA TYR E 268 110.60 34.19 85.42
C TYR E 268 110.84 32.77 85.87
N ASN E 269 109.73 32.06 86.10
CA ASN E 269 109.76 30.67 86.51
C ASN E 269 108.72 29.98 85.70
N ARG E 270 109.11 29.34 84.61
CA ARG E 270 108.08 28.70 83.77
C ARG E 270 107.05 29.81 83.52
N CYS E 271 107.63 31.02 83.49
CA CYS E 271 107.02 32.31 83.25
C CYS E 271 106.50 33.10 84.43
N HIS E 272 105.20 33.34 84.58
CA HIS E 272 104.84 34.18 85.72
C HIS E 272 103.42 34.32 86.23
N ALA E 273 103.34 34.96 87.38
CA ALA E 273 102.11 35.33 88.07
C ALA E 273 102.16 36.87 88.01
N ALA E 274 103.34 37.42 88.32
CA ALA E 274 103.58 38.84 88.30
C ALA E 274 104.56 39.15 87.17
N ASN E 275 104.36 40.26 86.48
CA ASN E 275 105.24 40.62 85.40
C ASN E 275 105.49 42.12 85.26
N PRO E 276 105.99 42.79 86.32
CA PRO E 276 106.23 44.23 86.11
C PRO E 276 107.33 44.15 85.06
N ASN E 277 107.79 45.26 84.51
CA ASN E 277 108.86 45.15 83.50
C ASN E 277 108.39 44.65 82.13
N GLY E 278 107.10 44.34 82.05
CA GLY E 278 106.55 43.91 80.79
C GLY E 278 106.10 45.09 79.94
N ARG E 279 105.49 44.79 78.79
CA ARG E 279 105.03 45.82 77.87
C ARG E 279 104.01 46.74 78.54
N TYR E 280 104.14 48.04 78.32
CA TYR E 280 103.20 48.98 78.91
C TYR E 280 102.02 49.24 77.99
N TYR E 281 101.04 48.35 78.02
CA TYR E 281 99.85 48.53 77.20
C TYR E 281 99.04 49.66 77.82
N TRP E 282 98.52 50.53 76.96
CA TRP E 282 97.73 51.67 77.39
C TRP E 282 96.27 51.31 77.61
N GLY E 283 95.67 51.84 78.67
CA GLY E 283 94.28 51.55 78.90
C GLY E 283 93.95 50.28 79.66
N GLY E 284 94.96 49.57 80.13
CA GLY E 284 94.70 48.37 80.89
C GLY E 284 94.51 47.07 80.15
N ILE E 285 93.36 46.87 79.51
CA ILE E 285 93.14 45.59 78.82
C ILE E 285 93.85 45.48 77.48
N TYR E 286 94.29 44.26 77.19
CA TYR E 286 94.96 43.95 75.95
C TYR E 286 94.65 42.50 75.68
N THR E 287 94.77 42.10 74.43
CA THR E 287 94.43 40.74 74.05
C THR E 287 95.57 39.90 73.50
N LYS E 288 95.40 38.59 73.61
CA LYS E 288 96.38 37.65 73.11
C LYS E 288 96.71 38.02 71.66
N GLU E 289 95.75 38.62 70.98
CA GLU E 289 95.94 39.00 69.59
C GLU E 289 96.94 40.13 69.45
N GLN E 290 97.03 40.96 70.49
CA GLN E 290 97.93 42.10 70.48
C GLN E 290 99.34 41.80 70.96
N ALA E 291 99.44 40.87 71.90
CA ALA E 291 100.72 40.46 72.48
C ALA E 291 101.70 40.06 71.40
N ASP E 292 102.93 40.55 71.51
CA ASP E 292 103.93 40.25 70.50
C ASP E 292 104.14 38.74 70.25
N TYR E 293 103.95 37.93 71.29
CA TYR E 293 104.12 36.49 71.14
C TYR E 293 102.88 35.73 71.58
N GLY E 294 101.75 36.41 71.60
CA GLY E 294 100.53 35.76 72.00
C GLY E 294 100.53 35.37 73.46
N THR E 295 101.49 35.88 74.22
CA THR E 295 101.55 35.57 75.64
C THR E 295 101.08 36.76 76.47
N ASP E 296 100.94 36.56 77.77
CA ASP E 296 100.49 37.66 78.59
C ASP E 296 101.64 38.57 79.03
N ASP E 297 102.31 39.17 78.04
CA ASP E 297 103.39 40.11 78.32
C ASP E 297 102.66 41.37 78.71
N GLY E 298 103.26 42.19 79.54
CA GLY E 298 102.54 43.38 79.93
C GLY E 298 102.74 43.53 81.40
N VAL E 299 102.36 44.68 81.95
CA VAL E 299 102.56 44.90 83.36
C VAL E 299 101.45 44.18 84.09
N VAL E 300 101.60 42.86 84.17
CA VAL E 300 100.66 41.94 84.77
C VAL E 300 100.88 41.61 86.23
N TRP E 301 99.79 41.39 86.92
CA TRP E 301 99.83 40.96 88.31
C TRP E 301 98.58 40.14 88.43
N MET E 302 98.61 38.97 87.77
CA MET E 302 97.47 38.06 87.73
C MET E 302 96.62 38.03 88.99
N ASN E 303 97.25 37.81 90.13
CA ASN E 303 96.54 37.77 91.40
C ASN E 303 95.55 38.92 91.62
N TRP E 304 95.54 39.93 90.76
CA TRP E 304 94.63 41.06 90.93
C TRP E 304 93.73 41.33 89.75
N LYS E 305 94.30 41.39 88.55
CA LYS E 305 93.53 41.69 87.35
C LYS E 305 93.67 40.61 86.29
N GLY E 306 94.21 39.47 86.69
CA GLY E 306 94.38 38.36 85.75
C GLY E 306 95.53 38.60 84.80
N SER E 307 95.62 37.78 83.77
CA SER E 307 96.70 37.88 82.81
C SER E 307 96.62 38.96 81.73
N TRP E 308 95.44 39.43 81.36
CA TRP E 308 95.37 40.40 80.29
C TRP E 308 95.04 41.82 80.64
N TYR E 309 95.58 42.30 81.75
CA TYR E 309 95.35 43.67 82.13
C TYR E 309 96.67 44.25 82.56
N SER E 310 97.10 45.32 81.89
CA SER E 310 98.37 45.98 82.20
C SER E 310 98.16 47.14 83.15
N MET E 311 98.83 47.13 84.30
CA MET E 311 98.67 48.20 85.26
C MET E 311 99.01 49.57 84.64
N ARG E 312 98.49 50.63 85.26
CA ARG E 312 98.75 51.98 84.82
C ARG E 312 99.97 52.42 85.61
N GLN E 313 100.12 51.82 86.78
CA GLN E 313 101.26 52.10 87.66
C GLN E 313 101.72 50.86 88.39
N MET E 314 103.03 50.64 88.39
CA MET E 314 103.61 49.50 89.06
C MET E 314 104.98 49.93 89.57
N ALA E 315 105.36 49.46 90.75
CA ALA E 315 106.66 49.83 91.29
C ALA E 315 107.13 48.88 92.36
N MET E 316 108.44 48.69 92.43
CA MET E 316 109.07 47.84 93.42
C MET E 316 109.81 48.76 94.36
N LYS E 317 109.62 48.59 95.66
CA LYS E 317 110.28 49.44 96.65
C LYS E 317 110.94 48.62 97.73
N LEU E 318 112.10 49.06 98.18
CA LEU E 318 112.86 48.38 99.20
C LEU E 318 113.01 49.21 100.45
N ARG E 319 113.06 48.53 101.59
CA ARG E 319 113.24 49.21 102.86
C ARG E 319 113.90 48.19 103.78
N PRO E 320 114.74 48.65 104.71
CA PRO E 320 115.41 47.74 105.63
C PRO E 320 114.46 47.31 106.74
N LYS E 321 114.55 47.98 107.88
CA LYS E 321 113.72 47.71 109.05
C LYS E 321 113.63 48.95 109.96
N LYS F 5 59.11 40.71 24.68
CA LYS F 5 60.49 41.22 24.43
C LYS F 5 61.48 40.62 25.41
N THR F 6 61.00 39.68 26.23
CA THR F 6 61.86 39.00 27.21
C THR F 6 63.00 38.29 26.50
N VAL F 7 62.66 37.49 25.49
CA VAL F 7 63.67 36.75 24.74
C VAL F 7 64.74 37.74 24.30
N GLN F 8 64.31 38.96 23.99
CA GLN F 8 65.21 40.02 23.56
C GLN F 8 65.92 40.70 24.72
N LYS F 9 65.30 40.62 25.90
CA LYS F 9 65.88 41.23 27.10
C LYS F 9 66.85 40.28 27.77
N ILE F 10 66.51 38.99 27.80
CA ILE F 10 67.37 37.99 28.40
C ILE F 10 68.74 38.05 27.73
N LEU F 11 68.82 38.84 26.66
CA LEU F 11 70.07 39.05 25.91
C LEU F 11 70.76 40.28 26.46
N GLU F 12 70.18 41.46 26.21
CA GLU F 12 70.74 42.71 26.70
C GLU F 12 71.20 42.49 28.14
N GLU F 13 70.37 41.81 28.93
CA GLU F 13 70.70 41.53 30.31
C GLU F 13 72.07 40.85 30.34
N VAL F 14 72.24 39.82 29.51
CA VAL F 14 73.50 39.10 29.46
C VAL F 14 74.64 39.94 28.87
N ARG F 15 74.31 40.86 27.97
CA ARG F 15 75.34 41.70 27.38
C ARG F 15 75.89 42.56 28.52
N ILE F 16 75.00 42.88 29.46
CA ILE F 16 75.36 43.69 30.62
C ILE F 16 76.11 42.87 31.66
N LEU F 17 75.58 41.70 32.01
CA LEU F 17 76.23 40.84 32.99
C LEU F 17 77.65 40.47 32.59
N GLU F 18 77.93 40.51 31.29
CA GLU F 18 79.26 40.19 30.83
C GLU F 18 80.14 41.41 31.09
N GLN F 19 79.64 42.59 30.73
CA GLN F 19 80.38 43.83 30.92
C GLN F 19 80.77 44.00 32.39
N ILE F 20 79.84 43.68 33.27
CA ILE F 20 80.09 43.78 34.70
C ILE F 20 81.18 42.78 35.12
N GLY F 21 80.92 41.49 34.94
CA GLY F 21 81.88 40.46 35.30
C GLY F 21 83.31 40.87 34.96
N VAL F 22 83.51 41.33 33.73
CA VAL F 22 84.83 41.77 33.28
C VAL F 22 85.37 42.85 34.23
N SER F 23 84.55 43.84 34.55
CA SER F 23 85.00 44.88 35.46
C SER F 23 85.31 44.25 36.82
N HIS F 24 84.52 43.27 37.21
CA HIS F 24 84.76 42.60 38.47
C HIS F 24 86.12 41.93 38.40
N ASP F 25 86.51 41.49 37.20
CA ASP F 25 87.80 40.85 37.03
C ASP F 25 88.92 41.90 37.15
N ALA F 26 88.58 43.16 36.92
CA ALA F 26 89.54 44.25 37.03
C ALA F 26 89.61 44.69 38.49
N GLN F 27 88.43 44.88 39.08
CA GLN F 27 88.33 45.30 40.47
C GLN F 27 89.00 44.29 41.38
N ILE F 28 88.92 43.02 41.02
CA ILE F 28 89.57 41.98 41.81
C ILE F 28 91.09 42.20 41.77
N GLN F 29 91.60 42.64 40.63
CA GLN F 29 93.01 42.89 40.49
C GLN F 29 93.40 44.16 41.21
N GLU F 30 92.51 45.14 41.15
CA GLU F 30 92.79 46.39 41.81
C GLU F 30 92.91 46.14 43.31
N LEU F 31 92.26 45.08 43.80
CA LEU F 31 92.32 44.75 45.21
C LEU F 31 93.61 44.04 45.55
N SER F 32 94.06 43.16 44.66
CA SER F 32 95.30 42.44 44.89
C SER F 32 96.48 43.40 44.83
N GLU F 33 96.39 44.38 43.93
CA GLU F 33 97.44 45.37 43.83
C GLU F 33 97.43 46.10 45.18
N MET F 34 96.23 46.53 45.56
CA MET F 34 96.01 47.25 46.79
C MET F 34 96.51 46.47 47.98
N TRP F 35 96.36 45.16 47.95
CA TRP F 35 96.81 44.34 49.05
C TRP F 35 98.32 44.23 49.08
N ARG F 36 98.93 44.00 47.92
CA ARG F 36 100.40 43.88 47.82
C ARG F 36 101.07 45.17 48.28
N VAL F 37 100.51 46.31 47.88
CA VAL F 37 101.06 47.60 48.27
C VAL F 37 101.03 47.68 49.79
N ASN F 38 99.88 47.39 50.36
CA ASN F 38 99.71 47.40 51.81
C ASN F 38 100.71 46.47 52.48
N GLN F 39 100.76 45.22 52.02
CA GLN F 39 101.66 44.25 52.61
C GLN F 39 103.09 44.77 52.62
N GLN F 40 103.39 45.69 51.72
CA GLN F 40 104.72 46.28 51.66
C GLN F 40 104.78 47.37 52.70
N PHE F 41 103.68 48.12 52.83
CA PHE F 41 103.58 49.20 53.81
C PHE F 41 103.84 48.61 55.22
N VAL F 42 103.27 47.44 55.49
CA VAL F 42 103.44 46.78 56.77
C VAL F 42 104.91 46.47 57.00
N THR F 43 105.61 46.10 55.93
CA THR F 43 107.03 45.80 56.02
C THR F 43 107.75 47.11 56.37
N ARG F 44 107.54 48.14 55.56
CA ARG F 44 108.18 49.43 55.80
C ARG F 44 107.94 49.88 57.25
N LEU F 45 106.75 49.64 57.79
CA LEU F 45 106.49 50.03 59.18
C LEU F 45 107.18 49.05 60.10
N GLN F 46 107.27 47.79 59.69
CA GLN F 46 107.97 46.80 60.51
C GLN F 46 109.34 47.35 60.82
N GLN F 47 110.06 47.75 59.76
CA GLN F 47 111.41 48.31 59.84
C GLN F 47 111.45 49.57 60.72
N GLN F 48 110.51 50.49 60.48
CA GLN F 48 110.44 51.73 61.24
C GLN F 48 110.26 51.46 62.72
N LEU F 49 109.52 50.41 63.05
CA LEU F 49 109.29 50.06 64.44
C LEU F 49 110.58 49.65 65.13
N VAL F 50 111.37 48.78 64.51
CA VAL F 50 112.61 48.39 65.14
C VAL F 50 113.53 49.62 65.21
N ASP F 51 113.52 50.43 64.15
CA ASP F 51 114.34 51.63 64.10
C ASP F 51 114.04 52.58 65.24
N ILE F 52 112.75 52.82 65.49
CA ILE F 52 112.36 53.73 66.56
C ILE F 52 112.67 53.10 67.92
N ARG F 53 112.37 51.81 68.08
CA ARG F 53 112.65 51.11 69.33
C ARG F 53 114.08 51.40 69.79
N GLN F 54 115.03 51.38 68.86
CA GLN F 54 116.42 51.65 69.20
C GLN F 54 116.68 53.11 69.55
N THR F 55 116.29 54.01 68.66
CA THR F 55 116.53 55.42 68.94
C THR F 55 115.93 55.81 70.27
N CYS F 56 114.75 55.29 70.62
CA CYS F 56 114.13 55.69 71.87
C CYS F 56 114.44 54.83 73.08
N SER F 57 115.55 54.09 73.02
CA SER F 57 115.96 53.25 74.15
C SER F 57 116.87 53.95 75.17
N ARG F 58 117.51 55.04 74.78
CA ARG F 58 118.39 55.77 75.68
C ARG F 58 117.59 56.73 76.55
N PRO F 59 118.00 56.78 77.79
CA PRO F 59 117.47 57.73 78.81
C PRO F 59 117.88 59.25 78.80
N CYS F 60 117.06 60.20 79.32
CA CYS F 60 117.48 61.60 79.45
C CYS F 60 118.83 61.74 80.11
N GLN F 61 119.52 62.81 79.75
CA GLN F 61 120.82 63.15 80.31
C GLN F 61 120.57 63.98 81.54
N ASP F 62 121.19 63.60 82.65
CA ASP F 62 121.05 64.34 83.90
C ASP F 62 122.18 65.37 83.90
N THR F 63 121.98 66.48 83.20
CA THR F 63 122.99 67.50 83.07
C THR F 63 123.60 67.94 84.39
N THR F 64 122.75 68.20 85.38
CA THR F 64 123.20 68.62 86.70
C THR F 64 124.24 67.61 87.18
N ALA F 65 123.86 66.34 87.15
CA ALA F 65 124.76 65.29 87.60
C ALA F 65 126.00 65.25 86.72
N ASN F 66 125.84 65.67 85.48
CA ASN F 66 126.97 65.68 84.56
C ASN F 66 127.95 66.82 84.87
N LYS F 67 127.53 67.77 85.70
CA LYS F 67 128.41 68.88 86.04
C LYS F 67 129.04 68.77 87.41
N ILE F 68 129.11 67.55 87.93
CA ILE F 68 129.72 67.32 89.22
C ILE F 68 131.11 66.80 88.94
N SER F 69 132.12 67.63 89.18
CA SER F 69 133.50 67.25 88.92
C SER F 69 133.98 66.00 89.65
N PRO F 70 134.96 65.31 89.07
CA PRO F 70 135.55 64.09 89.63
C PRO F 70 136.68 64.42 90.61
N ILE F 71 137.03 65.70 90.69
CA ILE F 71 138.08 66.17 91.59
C ILE F 71 137.58 66.26 93.03
N THR F 72 138.48 66.06 94.01
CA THR F 72 138.10 66.08 95.43
C THR F 72 139.12 66.79 96.32
N GLY F 73 139.00 66.57 97.64
CA GLY F 73 139.91 67.18 98.58
C GLY F 73 139.32 67.41 99.97
N LYS F 74 140.19 67.75 100.94
CA LYS F 74 139.78 68.02 102.31
C LYS F 74 138.63 69.01 102.32
N ASP F 75 138.73 69.99 101.42
CA ASP F 75 137.74 71.03 101.27
C ASP F 75 137.88 71.57 99.85
N CYS F 76 137.14 72.63 99.57
CA CYS F 76 137.17 73.20 98.24
C CYS F 76 138.53 73.71 97.81
N GLN F 77 139.34 74.13 98.78
CA GLN F 77 140.67 74.62 98.45
C GLN F 77 141.49 73.47 97.89
N GLN F 78 141.62 72.38 98.66
CA GLN F 78 142.38 71.24 98.18
C GLN F 78 141.91 70.90 96.77
N VAL F 79 140.61 71.06 96.55
CA VAL F 79 140.02 70.79 95.24
C VAL F 79 140.70 71.63 94.16
N VAL F 80 140.88 72.91 94.44
CA VAL F 80 141.54 73.81 93.50
C VAL F 80 142.98 73.34 93.36
N ASP F 81 143.54 72.92 94.49
CA ASP F 81 144.91 72.43 94.55
C ASP F 81 145.04 71.11 93.81
N ASN F 82 143.92 70.57 93.36
CA ASN F 82 143.95 69.30 92.65
C ASN F 82 143.49 69.42 91.22
N GLY F 83 143.29 70.66 90.76
CA GLY F 83 142.87 70.86 89.39
C GLY F 83 141.55 71.59 89.24
N GLY F 84 140.80 71.68 90.33
CA GLY F 84 139.52 72.37 90.27
C GLY F 84 139.71 73.75 89.66
N LYS F 85 139.04 74.00 88.53
CA LYS F 85 139.16 75.29 87.87
C LYS F 85 137.91 76.15 87.98
N ASP F 86 136.76 75.61 87.60
CA ASP F 86 135.50 76.36 87.65
C ASP F 86 134.62 76.10 88.88
N SER F 87 133.83 77.10 89.25
CA SER F 87 132.93 76.97 90.39
C SER F 87 131.81 75.97 90.09
N GLY F 88 131.52 75.10 91.04
CA GLY F 88 130.48 74.12 90.84
C GLY F 88 130.36 73.13 91.98
N LEU F 89 129.76 71.98 91.69
CA LEU F 89 129.59 70.96 92.70
C LEU F 89 130.78 70.03 92.70
N TYR F 90 131.22 69.65 93.89
CA TYR F 90 132.34 68.73 94.02
C TYR F 90 132.13 67.93 95.28
N TYR F 91 132.76 66.77 95.35
CA TYR F 91 132.66 65.98 96.55
C TYR F 91 133.93 66.30 97.34
N ILE F 92 133.78 66.55 98.63
CA ILE F 92 134.93 66.84 99.47
C ILE F 92 134.81 65.92 100.65
N LYS F 93 135.92 65.55 101.26
CA LYS F 93 135.87 64.68 102.42
C LYS F 93 136.74 65.18 103.57
N PRO F 94 136.13 65.92 104.52
CA PRO F 94 136.88 66.43 105.66
C PRO F 94 137.54 65.26 106.36
N LEU F 95 138.50 65.56 107.22
CA LEU F 95 139.23 64.54 107.94
C LEU F 95 138.35 63.47 108.53
N LYS F 96 137.76 63.74 109.68
CA LYS F 96 136.92 62.75 110.36
C LYS F 96 135.63 62.40 109.63
N ALA F 97 135.40 63.06 108.49
CA ALA F 97 134.20 62.79 107.69
C ALA F 97 134.20 61.32 107.28
N LYS F 98 133.13 60.62 107.61
CA LYS F 98 133.01 59.20 107.29
C LYS F 98 132.60 58.91 105.86
N GLN F 99 131.89 59.84 105.25
CA GLN F 99 131.40 59.65 103.89
C GLN F 99 131.49 60.99 103.13
N PRO F 100 132.39 61.09 102.13
CA PRO F 100 132.52 62.36 101.39
C PRO F 100 131.16 62.87 100.96
N PHE F 101 131.00 64.20 100.92
CA PHE F 101 129.74 64.81 100.52
C PHE F 101 129.84 65.86 99.43
N LEU F 102 128.70 66.12 98.80
CA LEU F 102 128.62 67.11 97.73
C LEU F 102 128.52 68.50 98.34
N VAL F 103 129.23 69.45 97.74
CA VAL F 103 129.24 70.83 98.21
C VAL F 103 129.49 71.73 97.02
N PHE F 104 129.09 73.00 97.12
CA PHE F 104 129.31 73.92 96.02
C PHE F 104 130.58 74.72 96.27
N CYS F 105 131.57 74.54 95.41
CA CYS F 105 132.83 75.24 95.54
C CYS F 105 132.85 76.53 94.73
N GLU F 106 133.20 77.63 95.36
CA GLU F 106 133.30 78.90 94.65
C GLU F 106 134.79 79.10 94.45
N ILE F 107 135.20 79.22 93.19
CA ILE F 107 136.62 79.37 92.89
C ILE F 107 136.94 80.73 92.29
N GLU F 108 137.71 81.52 93.04
CA GLU F 108 138.12 82.85 92.62
C GLU F 108 139.52 82.81 92.03
N ASN F 109 140.34 83.74 92.48
CA ASN F 109 141.70 83.86 92.01
C ASN F 109 142.55 82.75 92.60
N GLY F 110 142.11 81.51 92.38
CA GLY F 110 142.86 80.38 92.90
C GLY F 110 142.45 79.95 94.30
N ASN F 111 141.29 80.40 94.75
CA ASN F 111 140.82 80.03 96.08
C ASN F 111 139.59 79.11 96.04
N GLY F 112 139.59 78.11 96.90
CA GLY F 112 138.48 77.17 96.97
C GLY F 112 137.52 77.50 98.10
N TRP F 113 136.59 78.41 97.83
CA TRP F 113 135.60 78.78 98.82
C TRP F 113 134.57 77.67 98.91
N THR F 114 134.51 76.98 100.04
CA THR F 114 133.52 75.92 100.18
C THR F 114 132.28 76.48 100.90
N VAL F 115 131.22 76.69 100.12
CA VAL F 115 129.95 77.24 100.61
C VAL F 115 129.22 76.43 101.66
N ILE F 116 128.88 77.11 102.74
CA ILE F 116 128.18 76.51 103.87
C ILE F 116 126.68 76.73 103.78
N GLN F 117 126.30 77.94 103.39
CA GLN F 117 124.88 78.31 103.29
C GLN F 117 124.65 79.34 102.20
N HIS F 118 123.42 79.45 101.75
CA HIS F 118 123.06 80.43 100.73
C HIS F 118 121.56 80.64 100.67
N ARG F 119 121.18 81.91 100.62
CA ARG F 119 119.79 82.32 100.56
C ARG F 119 119.65 82.91 99.17
N HIS F 120 118.50 82.74 98.52
CA HIS F 120 118.40 83.22 97.15
C HIS F 120 117.03 83.66 96.66
N ASP F 121 115.97 83.11 97.22
CA ASP F 121 114.63 83.46 96.78
C ASP F 121 113.52 82.88 97.65
N GLY F 122 113.84 82.67 98.93
CA GLY F 122 112.87 82.14 99.87
C GLY F 122 112.00 81.03 99.32
N SER F 123 112.62 80.09 98.61
CA SER F 123 111.91 78.96 98.03
C SER F 123 112.14 77.70 98.86
N VAL F 124 112.96 77.81 99.89
CA VAL F 124 113.26 76.67 100.74
C VAL F 124 112.89 77.03 102.16
N ASN F 125 111.90 76.33 102.73
CA ASN F 125 111.48 76.60 104.09
C ASN F 125 112.64 76.28 105.03
N PHE F 126 113.15 77.30 105.73
CA PHE F 126 114.27 77.09 106.65
C PHE F 126 113.87 76.76 108.07
N THR F 127 112.58 76.59 108.28
CA THR F 127 112.09 76.24 109.60
C THR F 127 112.25 74.73 109.69
N ARG F 128 113.44 74.28 110.06
CA ARG F 128 113.67 72.85 110.16
C ARG F 128 114.12 72.45 111.53
N ASP F 129 113.95 71.17 111.84
CA ASP F 129 114.33 70.66 113.14
C ASP F 129 115.84 70.54 113.28
N TRP F 130 116.25 70.06 114.45
CA TRP F 130 117.65 69.90 114.76
C TRP F 130 118.32 68.93 113.80
N VAL F 131 117.89 67.68 113.85
CA VAL F 131 118.46 66.65 112.99
C VAL F 131 118.50 67.16 111.56
N SER F 132 117.48 67.89 111.17
CA SER F 132 117.44 68.42 109.82
C SER F 132 118.59 69.41 109.59
N TYR F 133 118.87 70.23 110.59
CA TYR F 133 119.93 71.22 110.48
C TYR F 133 121.32 70.60 110.55
N ARG F 134 121.44 69.48 111.24
CA ARG F 134 122.73 68.83 111.37
C ARG F 134 123.05 67.97 110.16
N GLU F 135 122.03 67.51 109.47
CA GLU F 135 122.20 66.68 108.29
C GLU F 135 122.32 67.55 107.05
N GLY F 136 121.56 68.62 107.03
CA GLY F 136 121.57 69.52 105.90
C GLY F 136 120.26 69.44 105.15
N PHE F 137 119.99 70.44 104.34
CA PHE F 137 118.77 70.47 103.56
C PHE F 137 118.90 71.57 102.51
N GLY F 138 117.93 71.68 101.63
CA GLY F 138 118.03 72.67 100.59
C GLY F 138 118.56 71.97 99.35
N TYR F 139 118.89 72.75 98.32
CA TYR F 139 119.34 72.17 97.09
C TYR F 139 120.67 72.72 96.63
N LEU F 140 121.47 71.88 96.00
CA LEU F 140 122.76 72.30 95.46
C LEU F 140 122.59 72.31 93.96
N ALA F 141 123.45 73.02 93.26
CA ALA F 141 123.32 73.07 91.80
C ALA F 141 124.62 73.51 91.18
N PRO F 142 124.69 73.57 89.85
CA PRO F 142 125.95 74.00 89.26
C PRO F 142 126.21 75.52 89.34
N THR F 143 125.25 76.28 89.87
CA THR F 143 125.44 77.72 89.92
C THR F 143 125.25 78.50 91.21
N LEU F 144 124.84 77.86 92.30
CA LEU F 144 124.66 78.60 93.55
C LEU F 144 123.58 79.66 93.39
N THR F 145 122.39 79.19 93.04
CA THR F 145 121.24 80.04 92.83
C THR F 145 120.11 79.25 93.43
N THR F 146 120.49 78.40 94.37
CA THR F 146 119.59 77.52 95.07
C THR F 146 119.88 77.73 96.54
N GLU F 147 118.88 77.55 97.39
CA GLU F 147 119.08 77.77 98.82
C GLU F 147 119.35 76.48 99.58
N PHE F 148 120.10 76.58 100.66
CA PHE F 148 120.41 75.39 101.42
C PHE F 148 121.22 75.68 102.66
N TRP F 149 121.41 74.64 103.46
CA TRP F 149 122.17 74.69 104.69
C TRP F 149 122.92 73.37 104.68
N LEU F 150 124.17 73.42 104.26
CA LEU F 150 125.02 72.25 104.14
C LEU F 150 124.83 71.22 105.23
N GLY F 151 124.90 71.65 106.47
CA GLY F 151 124.72 70.72 107.57
C GLY F 151 125.67 71.02 108.70
N ASN F 152 125.14 71.10 109.90
CA ASN F 152 125.95 71.41 111.04
C ASN F 152 127.07 70.41 111.28
N GLU F 153 126.77 69.13 111.13
CA GLU F 153 127.79 68.11 111.35
C GLU F 153 128.95 68.23 110.37
N LYS F 154 128.63 68.39 109.08
CA LYS F 154 129.69 68.52 108.09
C LYS F 154 130.49 69.77 108.43
N ILE F 155 129.80 70.90 108.58
CA ILE F 155 130.44 72.17 108.91
C ILE F 155 131.40 72.00 110.08
N HIS F 156 130.99 71.21 111.06
CA HIS F 156 131.84 70.95 112.22
C HIS F 156 133.12 70.23 111.77
N LEU F 157 132.94 69.10 111.09
CA LEU F 157 134.03 68.29 110.58
C LEU F 157 134.96 69.13 109.72
N LEU F 158 134.37 69.87 108.79
CA LEU F 158 135.12 70.73 107.88
C LEU F 158 135.97 71.76 108.62
N THR F 159 135.35 72.50 109.53
CA THR F 159 136.04 73.55 110.28
C THR F 159 137.02 73.06 111.32
N GLY F 160 136.73 71.94 111.98
CA GLY F 160 137.65 71.44 113.00
C GLY F 160 138.88 70.79 112.40
N GLN F 161 138.90 70.74 111.07
CA GLN F 161 139.98 70.11 110.31
C GLN F 161 141.18 71.03 110.14
N GLN F 162 140.91 72.33 110.00
CA GLN F 162 141.94 73.35 109.82
C GLN F 162 141.45 74.62 110.48
N ALA F 163 142.02 75.73 110.02
CA ALA F 163 141.62 77.03 110.52
C ALA F 163 140.93 77.67 109.32
N TYR F 164 139.65 77.94 109.44
CA TYR F 164 138.91 78.53 108.32
C TYR F 164 138.46 79.95 108.54
N ARG F 165 138.49 80.70 107.45
CA ARG F 165 138.08 82.09 107.42
C ARG F 165 136.68 82.07 106.85
N LEU F 166 135.71 82.43 107.68
CA LEU F 166 134.32 82.46 107.22
C LEU F 166 134.02 83.78 106.53
N ARG F 167 133.32 83.73 105.40
CA ARG F 167 132.94 84.96 104.74
C ARG F 167 131.44 84.98 104.54
N ILE F 168 130.85 86.14 104.76
CA ILE F 168 129.42 86.29 104.61
C ILE F 168 129.19 87.32 103.54
N ASP F 169 128.47 86.95 102.49
CA ASP F 169 128.16 87.90 101.43
C ASP F 169 126.66 88.18 101.46
N LEU F 170 126.29 89.41 101.80
CA LEU F 170 124.88 89.77 101.82
C LEU F 170 124.58 90.63 100.58
N THR F 171 123.30 90.70 100.23
CA THR F 171 122.90 91.47 99.07
C THR F 171 121.52 92.04 99.32
N ASP F 172 121.40 93.36 99.18
CA ASP F 172 120.12 94.03 99.37
C ASP F 172 119.34 94.07 98.06
N TRP F 173 118.07 94.42 98.17
CA TRP F 173 117.20 94.46 97.02
C TRP F 173 117.58 95.54 96.02
N GLU F 174 118.41 96.47 96.45
CA GLU F 174 118.87 97.50 95.53
C GLU F 174 120.08 96.88 94.86
N ASN F 175 120.35 95.63 95.26
CA ASN F 175 121.45 94.85 94.72
C ASN F 175 122.84 95.35 95.12
N THR F 176 123.07 95.53 96.41
CA THR F 176 124.37 95.98 96.88
C THR F 176 125.04 94.80 97.56
N HIS F 177 126.33 94.61 97.30
CA HIS F 177 127.05 93.48 97.88
C HIS F 177 128.15 93.83 98.86
N ARG F 178 127.85 93.75 100.15
CA ARG F 178 128.86 94.01 101.16
C ARG F 178 129.22 92.68 101.82
N TYR F 179 130.32 92.62 102.55
CA TYR F 179 130.74 91.36 103.18
C TYR F 179 131.35 91.48 104.58
N ALA F 180 131.39 90.36 105.28
CA ALA F 180 131.94 90.28 106.63
C ALA F 180 132.82 89.05 106.72
N ASP F 181 133.93 89.15 107.45
CA ASP F 181 134.84 88.02 107.59
C ASP F 181 135.12 87.70 109.05
N TYR F 182 135.32 86.42 109.33
CA TYR F 182 135.62 85.97 110.67
C TYR F 182 136.67 84.86 110.58
N GLY F 183 137.75 85.01 111.33
CA GLY F 183 138.80 84.03 111.27
C GLY F 183 138.60 82.89 112.23
N HIS F 184 139.30 81.79 111.96
CA HIS F 184 139.25 80.59 112.79
C HIS F 184 137.83 80.12 113.07
N PHE F 185 136.92 80.47 112.16
CA PHE F 185 135.52 80.09 112.27
C PHE F 185 135.41 78.58 112.42
N LYS F 186 134.46 78.15 113.24
CA LYS F 186 134.24 76.73 113.49
C LYS F 186 133.02 76.52 114.37
N LEU F 187 132.61 75.26 114.52
CA LEU F 187 131.49 74.92 115.38
C LEU F 187 131.92 73.73 116.24
N THR F 188 131.52 73.74 117.49
CA THR F 188 131.86 72.64 118.40
C THR F 188 130.99 71.45 117.99
N PRO F 189 131.40 70.23 118.36
CA PRO F 189 130.61 69.04 118.00
C PRO F 189 129.24 69.04 118.66
N GLU F 190 128.32 68.27 118.09
CA GLU F 190 126.96 68.18 118.61
C GLU F 190 126.94 68.00 120.12
N SER F 191 128.02 67.48 120.67
CA SER F 191 128.13 67.28 122.12
C SER F 191 127.82 68.58 122.84
N ASP F 192 128.51 69.63 122.42
CA ASP F 192 128.37 70.97 122.98
C ASP F 192 127.45 71.73 122.02
N GLU F 193 126.38 71.08 121.59
CA GLU F 193 125.46 71.67 120.62
C GLU F 193 126.39 72.03 119.48
N TYR F 194 126.03 73.02 118.69
CA TYR F 194 126.93 73.40 117.61
C TYR F 194 127.27 74.84 117.80
N ARG F 195 127.98 75.09 118.90
CA ARG F 195 128.39 76.43 119.28
C ARG F 195 129.22 77.13 118.21
N LEU F 196 128.97 78.44 118.08
CA LEU F 196 129.68 79.24 117.12
C LEU F 196 131.01 79.69 117.74
N PHE F 197 132.02 79.86 116.90
CA PHE F 197 133.31 80.32 117.37
C PHE F 197 134.19 80.81 116.23
N TYR F 198 134.91 81.89 116.52
CA TYR F 198 135.83 82.50 115.59
C TYR F 198 136.77 83.31 116.44
N SER F 199 137.89 83.72 115.86
CA SER F 199 138.85 84.49 116.60
C SER F 199 138.41 85.95 116.67
N MET F 200 138.13 86.54 115.52
CA MET F 200 137.74 87.94 115.48
C MET F 200 137.18 88.35 114.13
N TYR F 201 136.66 89.56 114.07
CA TYR F 201 136.13 90.10 112.82
C TYR F 201 137.36 90.52 112.02
N LEU F 202 137.71 89.73 111.02
CA LEU F 202 138.88 90.01 110.21
C LEU F 202 138.84 91.26 109.36
N ASP F 203 137.64 91.64 108.90
CA ASP F 203 137.49 92.80 108.05
C ASP F 203 136.10 92.77 107.43
N GLY F 204 135.79 93.73 106.57
CA GLY F 204 134.49 93.74 105.92
C GLY F 204 133.68 95.01 106.00
N ASP F 205 133.10 95.38 104.88
CA ASP F 205 132.27 96.58 104.79
C ASP F 205 130.80 96.27 105.06
N ALA F 206 130.55 95.24 105.86
CA ALA F 206 129.18 94.85 106.17
C ALA F 206 128.91 95.03 107.65
N GLY F 207 129.98 95.18 108.43
CA GLY F 207 129.82 95.37 109.86
C GLY F 207 129.82 94.09 110.68
N ASN F 208 130.49 94.12 111.81
CA ASN F 208 130.57 92.96 112.69
C ASN F 208 129.30 92.74 113.48
N ALA F 209 128.30 92.14 112.84
CA ALA F 209 127.03 91.90 113.53
C ALA F 209 127.14 90.74 114.53
N PHE F 210 128.24 89.99 114.47
CA PHE F 210 128.42 88.87 115.37
C PHE F 210 128.82 89.20 116.82
N ASP F 211 129.72 90.16 116.97
CA ASP F 211 130.16 90.55 118.30
C ASP F 211 129.05 91.34 118.98
N GLY F 212 128.01 91.64 118.22
CA GLY F 212 126.90 92.39 118.77
C GLY F 212 126.66 93.73 118.10
N PHE F 213 125.46 94.27 118.32
CA PHE F 213 125.07 95.56 117.76
C PHE F 213 124.10 96.31 118.67
N ASP F 214 124.44 97.56 119.00
CA ASP F 214 123.62 98.41 119.85
C ASP F 214 122.36 98.85 119.11
N PHE F 215 121.22 98.75 119.78
CA PHE F 215 119.95 99.14 119.18
C PHE F 215 119.38 100.37 119.87
N GLY F 216 119.83 100.60 121.11
CA GLY F 216 119.36 101.74 121.87
C GLY F 216 118.07 101.45 122.62
N ASP F 217 117.47 100.31 122.32
CA ASP F 217 116.22 99.89 122.95
C ASP F 217 116.43 99.42 124.38
N ASP F 218 117.60 98.86 124.64
CA ASP F 218 117.93 98.36 125.97
C ASP F 218 119.38 98.70 126.30
N PRO F 219 119.79 98.45 127.55
CA PRO F 219 121.17 98.74 127.96
C PRO F 219 122.20 97.74 127.45
N GLN F 220 121.78 96.50 127.29
CA GLN F 220 122.68 95.44 126.85
C GLN F 220 122.39 94.90 125.45
N ASP F 221 122.22 95.78 124.47
CA ASP F 221 121.96 95.32 123.11
C ASP F 221 123.15 94.55 122.56
N LYS F 222 124.32 95.18 122.56
CA LYS F 222 125.51 94.53 122.02
C LYS F 222 125.83 93.23 122.77
N PHE F 223 125.22 93.05 123.93
CA PHE F 223 125.42 91.84 124.70
C PHE F 223 124.28 90.87 124.44
N TYR F 224 123.11 91.43 124.18
CA TYR F 224 121.91 90.64 123.90
C TYR F 224 121.90 90.15 122.45
N THR F 225 122.91 90.59 121.69
CA THR F 225 123.01 90.22 120.29
C THR F 225 124.39 89.78 119.89
N THR F 226 125.16 89.31 120.86
CA THR F 226 126.50 88.85 120.54
C THR F 226 126.33 87.36 120.22
N HIS F 227 126.76 86.95 119.04
CA HIS F 227 126.63 85.56 118.63
C HIS F 227 127.81 84.68 119.02
N LEU F 228 129.00 85.27 119.08
CA LEU F 228 130.17 84.52 119.44
C LEU F 228 129.85 83.68 120.67
N GLY F 229 130.26 82.41 120.65
CA GLY F 229 130.02 81.52 121.77
C GLY F 229 128.62 80.96 121.90
N MET F 230 127.69 81.52 121.14
CA MET F 230 126.31 81.04 121.20
C MET F 230 126.13 79.62 120.68
N LEU F 231 125.33 78.83 121.38
CA LEU F 231 125.06 77.48 120.96
C LEU F 231 124.11 77.51 119.79
N PHE F 232 123.93 76.38 119.13
CA PHE F 232 123.00 76.36 118.01
C PHE F 232 121.63 75.97 118.54
N SER F 233 120.61 76.70 118.10
CA SER F 233 119.26 76.42 118.52
C SER F 233 118.33 76.32 117.33
N THR F 234 117.28 75.51 117.49
CA THR F 234 116.30 75.32 116.44
C THR F 234 114.93 75.34 117.09
N PRO F 235 113.89 75.56 116.28
CA PRO F 235 112.50 75.61 116.75
C PRO F 235 112.13 74.66 117.89
N GLU F 236 112.62 73.43 117.86
CA GLU F 236 112.29 72.48 118.91
C GLU F 236 113.42 72.19 119.86
N ARG F 237 114.43 73.07 119.89
CA ARG F 237 115.57 72.88 120.77
C ARG F 237 116.13 74.24 121.17
N ASP F 238 115.62 74.75 122.29
CA ASP F 238 116.03 76.06 122.82
C ASP F 238 117.37 76.00 123.55
N ASN F 239 118.38 76.62 122.96
CA ASN F 239 119.71 76.64 123.54
C ASN F 239 120.23 78.06 123.67
N ASP F 240 119.32 79.03 123.56
CA ASP F 240 119.70 80.42 123.68
C ASP F 240 119.66 80.93 125.11
N LYS F 241 120.10 82.17 125.28
CA LYS F 241 120.12 82.83 126.58
C LYS F 241 118.93 83.79 126.59
N TYR F 242 117.73 83.21 126.50
CA TYR F 242 116.49 83.97 126.48
C TYR F 242 115.37 83.06 126.99
N GLU F 243 114.65 83.54 128.00
CA GLU F 243 113.56 82.76 128.60
C GLU F 243 112.78 81.95 127.56
N GLY F 244 112.51 82.59 126.42
CA GLY F 244 111.79 81.91 125.36
C GLY F 244 112.73 81.31 124.35
N SER F 245 112.18 80.94 123.19
CA SER F 245 112.97 80.32 122.12
C SER F 245 113.10 81.28 120.93
N CYS F 246 114.21 81.99 120.84
CA CYS F 246 114.43 82.90 119.72
C CYS F 246 114.39 82.08 118.45
N ALA F 247 114.78 80.82 118.58
CA ALA F 247 114.78 79.90 117.45
C ALA F 247 113.36 79.64 117.01
N GLU F 248 112.46 79.45 117.96
CA GLU F 248 111.05 79.19 117.65
C GLU F 248 110.29 80.46 117.27
N GLN F 249 110.75 81.61 117.78
CA GLN F 249 110.09 82.86 117.47
C GLN F 249 110.33 83.24 116.02
N ASP F 250 111.60 83.27 115.61
CA ASP F 250 111.95 83.60 114.24
C ASP F 250 111.68 82.38 113.35
N GLY F 251 111.59 81.22 114.00
CA GLY F 251 111.32 79.99 113.28
C GLY F 251 112.40 79.59 112.30
N SER F 252 113.57 79.22 112.83
CA SER F 252 114.69 78.81 111.98
C SER F 252 115.94 78.63 112.82
N GLY F 253 116.44 77.41 112.89
CA GLY F 253 117.64 77.14 113.67
C GLY F 253 118.78 78.13 113.41
N TRP F 254 119.55 78.41 114.45
CA TRP F 254 120.66 79.35 114.35
C TRP F 254 121.27 79.53 115.74
N TRP F 255 122.42 80.19 115.81
CA TRP F 255 123.08 80.44 117.10
C TRP F 255 122.36 81.58 117.80
N MET F 256 121.36 81.25 118.58
CA MET F 256 120.59 82.26 119.28
C MET F 256 121.14 82.58 120.67
N ASN F 257 121.10 83.87 121.00
CA ASN F 257 121.56 84.43 122.27
C ASN F 257 120.31 85.13 122.83
N ARG F 258 120.38 86.44 123.08
CA ARG F 258 119.21 87.16 123.54
C ARG F 258 118.56 87.51 122.22
N CYS F 259 118.57 86.50 121.35
CA CYS F 259 118.07 86.50 119.99
C CYS F 259 119.13 86.78 118.94
N HIS F 260 119.14 87.96 118.34
CA HIS F 260 120.12 88.15 117.29
C HIS F 260 120.40 89.54 116.76
N ALA F 261 121.59 89.66 116.19
CA ALA F 261 122.07 90.89 115.56
C ALA F 261 122.39 90.53 114.12
N GLY F 262 122.56 89.23 113.89
CA GLY F 262 122.86 88.71 112.57
C GLY F 262 122.14 87.37 112.43
N HIS F 263 121.13 87.32 111.57
CA HIS F 263 120.36 86.10 111.36
C HIS F 263 120.20 85.85 109.87
N LEU F 264 120.95 84.89 109.35
CA LEU F 264 120.88 84.59 107.92
C LEU F 264 119.94 83.43 107.57
N ASN F 265 119.36 82.80 108.58
CA ASN F 265 118.43 81.70 108.35
C ASN F 265 116.98 82.15 108.59
N GLY F 266 116.80 83.46 108.72
CA GLY F 266 115.47 84.00 108.97
C GLY F 266 114.52 83.84 107.81
N LYS F 267 113.24 84.09 108.05
CA LYS F 267 112.25 83.97 107.00
C LYS F 267 112.56 84.95 105.88
N TYR F 268 112.48 84.44 104.65
CA TYR F 268 112.79 85.23 103.47
C TYR F 268 111.63 86.13 103.00
N TYR F 269 111.66 87.40 103.41
CA TYR F 269 110.61 88.34 103.00
C TYR F 269 111.02 88.98 101.69
N PHE F 270 110.19 88.84 100.66
CA PHE F 270 110.48 89.42 99.36
C PHE F 270 110.35 90.92 99.49
N GLY F 271 110.69 91.65 98.43
CA GLY F 271 110.59 93.09 98.47
C GLY F 271 111.61 93.71 99.40
N GLY F 272 111.72 95.04 99.33
CA GLY F 272 112.67 95.76 100.15
C GLY F 272 112.83 95.24 101.58
N ASN F 273 112.04 95.78 102.49
CA ASN F 273 112.13 95.36 103.88
C ASN F 273 110.76 95.11 104.48
N TYR F 274 110.64 94.02 105.22
CA TYR F 274 109.38 93.72 105.86
C TYR F 274 109.23 94.72 107.00
N ARG F 275 108.04 94.81 107.57
CA ARG F 275 107.80 95.76 108.65
C ARG F 275 106.93 95.17 109.75
N LYS F 276 106.79 95.96 110.82
CA LYS F 276 105.97 95.57 111.95
C LYS F 276 104.64 96.30 111.84
N THR F 277 104.32 96.75 110.62
CA THR F 277 103.09 97.47 110.34
C THR F 277 101.88 96.72 110.89
N ASP F 278 100.95 97.45 111.48
CA ASP F 278 99.76 96.83 112.04
C ASP F 278 100.23 95.81 113.08
N VAL F 279 101.07 96.29 114.01
CA VAL F 279 101.66 95.49 115.07
C VAL F 279 100.84 94.29 115.53
N GLU F 280 101.16 93.11 114.98
CA GLU F 280 100.51 91.87 115.35
C GLU F 280 101.34 91.31 116.51
N PHE F 281 102.59 91.79 116.58
CA PHE F 281 103.60 91.42 117.58
C PHE F 281 104.98 91.79 117.04
N PRO F 282 106.01 91.81 117.90
CA PRO F 282 107.36 92.16 117.43
C PRO F 282 107.86 91.24 116.32
N TYR F 283 108.71 90.27 116.69
CA TYR F 283 109.27 89.31 115.74
C TYR F 283 109.92 89.95 114.53
N ASP F 284 111.24 89.93 114.52
CA ASP F 284 112.03 90.47 113.43
C ASP F 284 112.84 89.31 112.85
N ASP F 285 112.14 88.20 112.62
CA ASP F 285 112.71 86.98 112.09
C ASP F 285 113.55 87.10 110.82
N GLY F 286 113.07 87.88 109.86
CA GLY F 286 113.76 88.07 108.59
C GLY F 286 115.28 87.93 108.51
N ILE F 287 115.76 87.87 107.28
CA ILE F 287 117.19 87.74 106.99
C ILE F 287 117.90 89.09 107.17
N ILE F 288 118.39 89.34 108.38
CA ILE F 288 119.07 90.60 108.70
C ILE F 288 120.50 90.53 109.22
N TRP F 289 121.18 91.67 109.14
CA TRP F 289 122.57 91.82 109.59
C TRP F 289 122.71 93.28 110.06
N ALA F 290 122.08 93.56 111.20
CA ALA F 290 122.05 94.87 111.86
C ALA F 290 123.07 95.90 111.41
N THR F 291 124.36 95.56 111.53
CA THR F 291 125.41 96.49 111.15
C THR F 291 125.37 96.98 109.69
N TRP F 292 124.29 96.69 108.98
CA TRP F 292 124.15 97.15 107.60
C TRP F 292 122.71 97.39 107.19
N HIS F 293 121.79 97.39 108.15
CA HIS F 293 120.38 97.65 107.89
C HIS F 293 119.56 97.27 109.11
N ASP F 294 118.52 98.06 109.37
CA ASP F 294 117.63 97.81 110.50
C ASP F 294 117.19 96.35 110.53
N ARG F 295 116.83 95.87 111.71
CA ARG F 295 116.39 94.48 111.85
C ARG F 295 115.07 94.24 111.17
N TRP F 296 114.66 95.19 110.33
CA TRP F 296 113.41 95.08 109.61
C TRP F 296 113.63 95.26 108.12
N TYR F 297 114.73 94.69 107.63
CA TYR F 297 115.10 94.72 106.22
C TYR F 297 115.70 93.37 105.84
N SER F 298 114.85 92.43 105.44
CA SER F 298 115.32 91.09 105.06
C SER F 298 116.08 91.14 103.73
N LEU F 299 117.31 90.62 103.75
CA LEU F 299 118.17 90.62 102.57
C LEU F 299 117.66 89.77 101.41
N LYS F 300 118.21 90.03 100.21
CA LYS F 300 117.82 89.33 99.00
C LYS F 300 118.63 88.05 98.80
N MET F 301 119.96 88.18 98.88
CA MET F 301 120.83 87.03 98.74
C MET F 301 121.69 86.87 99.99
N THR F 302 122.28 85.70 100.15
CA THR F 302 123.09 85.42 101.31
C THR F 302 123.95 84.21 101.05
N THR F 303 125.15 84.20 101.62
CA THR F 303 126.05 83.08 101.45
C THR F 303 127.10 83.09 102.54
N MET F 304 127.33 81.93 103.13
CA MET F 304 128.33 81.79 104.16
C MET F 304 129.37 80.81 103.64
N LYS F 305 130.48 81.32 103.13
CA LYS F 305 131.54 80.48 102.59
C LYS F 305 132.73 80.35 103.54
N LEU F 306 133.42 79.23 103.44
CA LEU F 306 134.60 78.95 104.26
C LEU F 306 135.84 78.83 103.39
N LEU F 307 136.96 79.34 103.90
CA LEU F 307 138.24 79.29 103.18
C LEU F 307 139.35 79.06 104.19
N PRO F 308 140.35 78.22 103.83
CA PRO F 308 141.43 77.99 104.79
C PRO F 308 142.06 79.28 105.26
N MET F 309 142.10 79.45 106.58
CA MET F 309 142.69 80.64 107.19
C MET F 309 144.03 80.93 106.50
N GLY F 310 144.77 79.86 106.20
CA GLY F 310 146.06 80.01 105.56
C GLY F 310 146.00 80.37 104.08
N ARG F 311 145.50 81.56 103.77
CA ARG F 311 145.38 82.05 102.39
C ARG F 311 145.22 83.58 102.39
N ASP F 312 145.24 84.20 101.22
CA ASP F 312 145.05 85.65 101.10
C ASP F 312 146.13 86.57 101.68
N LEU F 313 145.81 87.86 101.69
CA LEU F 313 146.67 88.94 102.19
C LEU F 313 147.94 89.14 101.36
N SER F 314 148.37 90.40 101.28
CA SER F 314 149.56 90.80 100.51
C SER F 314 150.54 91.68 101.30
N GLY F 315 151.59 92.17 100.62
CA GLY F 315 152.58 93.02 101.27
C GLY F 315 153.81 93.29 100.42
N HIS F 316 154.17 94.58 100.25
CA HIS F 316 155.34 94.98 99.44
C HIS F 316 156.40 95.81 100.18
N GLY F 317 157.28 95.14 100.93
CA GLY F 317 158.33 95.84 101.65
C GLY F 317 158.92 95.09 102.83
N GLY F 318 160.06 95.58 103.34
CA GLY F 318 160.70 94.94 104.47
C GLY F 318 161.95 95.62 105.02
N GLN F 319 163.11 95.23 104.52
CA GLN F 319 164.41 95.76 104.95
C GLN F 319 164.48 97.25 105.31
N GLN F 320 165.61 97.67 105.87
CA GLN F 320 165.86 99.05 106.27
C GLN F 320 167.32 99.24 106.67
N GLN F 321 168.02 100.14 105.97
CA GLN F 321 169.43 100.43 106.24
C GLN F 321 170.32 99.19 106.13
N ASN G 14 75.00 43.86 20.60
CA ASN G 14 74.62 43.92 19.17
C ASN G 14 75.00 42.62 18.45
N GLU G 15 75.35 41.60 19.23
CA GLU G 15 75.72 40.30 18.66
C GLU G 15 74.45 39.56 18.28
N LEU G 16 74.06 38.56 19.08
CA LEU G 16 72.84 37.83 18.79
C LEU G 16 71.73 38.85 18.71
N GLU G 17 71.94 39.99 19.37
CA GLU G 17 70.95 41.06 19.38
C GLU G 17 70.25 41.26 18.03
N VAL G 18 71.02 41.64 17.02
CA VAL G 18 70.44 41.85 15.70
C VAL G 18 70.17 40.50 15.05
N ARG G 19 71.04 39.52 15.30
CA ARG G 19 70.86 38.18 14.73
C ARG G 19 69.46 37.68 15.08
N TYR G 20 69.09 37.87 16.33
CA TYR G 20 67.78 37.49 16.86
C TYR G 20 66.75 38.43 16.26
N SER G 21 67.01 39.73 16.36
CA SER G 21 66.11 40.75 15.84
C SER G 21 65.83 40.52 14.35
N GLU G 22 66.53 39.54 13.77
CA GLU G 22 66.33 39.19 12.36
C GLU G 22 65.31 38.07 12.31
N VAL G 23 65.57 37.01 13.07
CA VAL G 23 64.68 35.86 13.12
C VAL G 23 63.29 36.28 13.61
N LEU G 24 63.08 37.58 13.76
CA LEU G 24 61.79 38.09 14.20
C LEU G 24 61.12 38.84 13.04
N ARG G 25 61.85 39.75 12.41
CA ARG G 25 61.30 40.50 11.28
C ARG G 25 61.12 39.52 10.11
N GLU G 26 61.95 38.49 10.09
CA GLU G 26 61.90 37.45 9.07
C GLU G 26 61.00 36.35 9.63
N LEU G 27 59.96 36.78 10.34
CA LEU G 27 58.98 35.88 10.92
C LEU G 27 57.75 36.71 11.15
N GLU G 28 57.90 38.02 10.97
CA GLU G 28 56.80 38.96 11.11
C GLU G 28 56.27 39.11 9.69
N ARG G 29 57.07 38.66 8.73
CA ARG G 29 56.70 38.71 7.32
C ARG G 29 56.15 37.33 6.95
N ARG G 30 56.88 36.28 7.31
CA ARG G 30 56.46 34.92 7.00
C ARG G 30 55.04 34.63 7.50
N ILE G 31 54.54 35.49 8.38
CA ILE G 31 53.20 35.36 8.90
C ILE G 31 52.25 36.14 8.00
N ILE G 32 52.71 37.30 7.54
CA ILE G 32 51.92 38.12 6.65
C ILE G 32 51.89 37.41 5.31
N HIS G 33 52.96 36.67 5.03
CA HIS G 33 53.04 35.91 3.79
C HIS G 33 52.07 34.75 3.85
N LEU G 34 52.13 33.98 4.93
CA LEU G 34 51.24 32.85 5.09
C LEU G 34 49.78 33.30 5.21
N GLN G 35 49.59 34.62 5.33
CA GLN G 35 48.23 35.18 5.42
C GLN G 35 47.69 35.21 4.00
N ARG G 36 48.55 35.59 3.06
CA ARG G 36 48.18 35.67 1.66
C ARG G 36 47.58 34.34 1.21
N ARG G 37 48.36 33.28 1.29
CA ARG G 37 47.90 31.95 0.90
C ARG G 37 46.50 31.69 1.44
N ILE G 38 46.37 31.81 2.76
CA ILE G 38 45.11 31.57 3.45
C ILE G 38 44.05 32.61 3.14
N ASN G 39 44.37 33.53 2.24
CA ASN G 39 43.44 34.56 1.82
C ASN G 39 43.14 34.31 0.36
N MET G 40 44.11 33.70 -0.30
CA MET G 40 44.04 33.35 -1.72
C MET G 40 43.18 32.12 -1.88
N GLN G 41 43.35 31.20 -0.95
CA GLN G 41 42.59 29.96 -0.94
C GLN G 41 41.13 30.31 -0.68
N LEU G 42 40.90 31.53 -0.22
CA LEU G 42 39.55 31.98 0.06
C LEU G 42 38.89 32.41 -1.24
N GLN G 43 39.55 33.29 -1.98
CA GLN G 43 39.02 33.74 -3.27
C GLN G 43 38.78 32.50 -4.12
N GLN G 44 39.75 31.58 -4.14
CA GLN G 44 39.59 30.37 -4.91
C GLN G 44 38.35 29.60 -4.47
N LEU G 45 38.27 29.29 -3.18
CA LEU G 45 37.13 28.56 -2.66
C LEU G 45 35.80 29.30 -2.79
N THR G 46 35.85 30.61 -3.02
CA THR G 46 34.62 31.38 -3.20
C THR G 46 34.10 31.06 -4.59
N LEU G 47 35.03 30.82 -5.51
CA LEU G 47 34.69 30.49 -6.89
C LEU G 47 34.28 29.03 -6.98
N LEU G 48 35.19 28.15 -6.59
CA LEU G 48 34.92 26.73 -6.61
C LEU G 48 33.55 26.47 -6.00
N GLN G 49 33.10 27.42 -5.18
CA GLN G 49 31.81 27.31 -4.52
C GLN G 49 30.70 27.65 -5.50
N HIS G 50 30.89 28.73 -6.25
CA HIS G 50 29.91 29.16 -7.23
C HIS G 50 29.89 28.25 -8.47
N ASN G 51 31.04 27.66 -8.81
CA ASN G 51 31.09 26.76 -9.95
C ASN G 51 30.28 25.53 -9.63
N ILE G 52 30.45 25.04 -8.41
CA ILE G 52 29.71 23.87 -7.99
C ILE G 52 28.24 24.24 -7.91
N LYS G 53 27.98 25.51 -7.63
CA LYS G 53 26.61 26.00 -7.56
C LYS G 53 25.97 25.94 -8.96
N THR G 54 26.77 26.18 -10.00
CA THR G 54 26.25 26.12 -11.36
C THR G 54 26.28 24.70 -11.92
N GLN G 55 27.37 23.99 -11.69
CA GLN G 55 27.47 22.63 -12.16
C GLN G 55 26.31 21.84 -11.55
N VAL G 56 26.10 22.02 -10.26
CA VAL G 56 25.02 21.33 -9.56
C VAL G 56 23.68 21.66 -10.22
N SER G 57 23.61 22.84 -10.83
CA SER G 57 22.39 23.25 -11.48
C SER G 57 22.31 22.60 -12.87
N GLN G 58 23.38 22.76 -13.64
CA GLN G 58 23.46 22.19 -14.97
C GLN G 58 23.17 20.69 -14.93
N ILE G 59 23.78 19.99 -13.96
CA ILE G 59 23.58 18.54 -13.81
C ILE G 59 22.12 18.20 -13.56
N LEU G 60 21.43 19.01 -12.76
CA LEU G 60 20.04 18.74 -12.46
C LEU G 60 19.19 18.94 -13.71
N ARG G 61 19.61 19.86 -14.56
CA ARG G 61 18.86 20.13 -15.78
C ARG G 61 18.91 18.90 -16.66
N VAL G 62 20.12 18.44 -16.98
CA VAL G 62 20.27 17.27 -17.81
C VAL G 62 19.49 16.12 -17.18
N GLU G 63 19.56 16.04 -15.86
CA GLU G 63 18.86 15.00 -15.10
C GLU G 63 17.41 14.89 -15.57
N VAL G 64 16.75 16.04 -15.71
CA VAL G 64 15.35 16.04 -16.12
C VAL G 64 15.19 15.89 -17.63
N ASP G 65 16.11 16.44 -18.41
CA ASP G 65 16.03 16.33 -19.85
C ASP G 65 16.13 14.87 -20.21
N ILE G 66 17.10 14.18 -19.61
CA ILE G 66 17.27 12.76 -19.86
C ILE G 66 16.03 12.01 -19.41
N ASP G 67 15.45 12.46 -18.31
CA ASP G 67 14.24 11.85 -17.77
C ASP G 67 13.13 11.89 -18.80
N VAL G 68 12.92 13.09 -19.31
CA VAL G 68 11.89 13.34 -20.31
C VAL G 68 12.18 12.57 -21.59
N ALA G 69 13.45 12.53 -21.99
CA ALA G 69 13.84 11.84 -23.22
C ALA G 69 13.62 10.35 -23.15
N LEU G 70 14.26 9.68 -22.19
CA LEU G 70 14.11 8.24 -22.09
C LEU G 70 12.65 7.81 -22.17
N ARG G 71 11.76 8.56 -21.53
CA ARG G 71 10.35 8.19 -21.58
C ARG G 71 9.84 8.14 -23.03
N ALA G 72 10.51 8.88 -23.92
CA ALA G 72 10.17 8.93 -25.34
C ALA G 72 10.39 7.57 -25.99
N CYS G 73 11.32 6.78 -25.45
CA CYS G 73 11.65 5.47 -25.99
C CYS G 73 10.61 4.39 -25.75
N LYS G 74 9.78 4.55 -24.72
CA LYS G 74 8.76 3.55 -24.46
C LYS G 74 8.03 3.36 -25.74
N GLY G 75 7.74 4.46 -26.43
CA GLY G 75 7.02 4.38 -27.68
C GLY G 75 7.84 4.29 -28.95
N SER G 76 9.11 3.93 -28.80
CA SER G 76 9.99 3.84 -29.95
C SER G 76 10.89 2.63 -30.03
N CYS G 77 11.07 1.94 -28.90
CA CYS G 77 11.95 0.79 -28.85
C CYS G 77 11.29 -0.53 -28.45
N ALA G 78 11.92 -1.63 -28.85
CA ALA G 78 11.39 -2.94 -28.54
C ALA G 78 11.16 -3.11 -27.04
N ARG G 79 12.20 -2.89 -26.25
CA ARG G 79 12.07 -3.03 -24.81
C ARG G 79 12.19 -1.65 -24.16
N TYR G 80 11.28 -1.37 -23.22
CA TYR G 80 11.27 -0.08 -22.54
C TYR G 80 11.95 -0.10 -21.19
N LEU G 81 12.86 0.85 -20.98
CA LEU G 81 13.61 0.97 -19.74
C LEU G 81 12.75 1.50 -18.59
N GLU G 82 13.04 2.72 -18.17
CA GLU G 82 12.36 3.39 -17.07
C GLU G 82 13.43 4.19 -16.33
N TYR G 83 13.07 5.34 -15.74
CA TYR G 83 14.09 6.13 -15.05
C TYR G 83 13.65 6.76 -13.72
N ARG G 84 14.56 6.74 -12.74
CA ARG G 84 14.34 7.28 -11.38
C ARG G 84 14.46 8.81 -11.27
N LEU G 85 14.31 9.31 -10.05
CA LEU G 85 14.41 10.75 -9.80
C LEU G 85 13.92 11.14 -8.38
N ASP G 86 14.73 11.91 -7.67
CA ASP G 86 14.41 12.40 -6.31
C ASP G 86 15.63 13.04 -5.62
N LYS G 87 15.83 12.68 -4.35
CA LYS G 87 16.94 13.19 -3.54
C LYS G 87 16.96 14.69 -3.29
N GLU G 88 17.05 15.04 -2.01
CA GLU G 88 17.11 16.42 -1.58
C GLU G 88 18.51 16.60 -1.02
N LYS G 89 19.15 15.46 -0.76
CA LYS G 89 20.51 15.42 -0.23
C LYS G 89 21.39 16.13 -1.23
N ASN G 90 20.75 16.58 -2.31
CA ASN G 90 21.42 17.29 -3.38
C ASN G 90 20.93 18.74 -3.38
N LEU G 91 19.66 18.94 -3.04
CA LEU G 91 19.09 20.29 -2.99
C LEU G 91 19.42 20.92 -1.64
N GLN G 92 20.08 20.14 -0.78
CA GLN G 92 20.47 20.63 0.53
C GLN G 92 21.98 20.87 0.52
N LEU G 93 22.74 19.84 0.20
CA LEU G 93 24.20 19.96 0.15
C LEU G 93 24.59 21.00 -0.89
N GLU G 94 23.59 21.64 -1.51
CA GLU G 94 23.82 22.68 -2.50
C GLU G 94 23.90 23.98 -1.73
N LYS G 95 22.87 24.24 -0.92
CA LYS G 95 22.78 25.44 -0.12
C LYS G 95 23.82 25.41 0.99
N ALA G 96 24.27 24.21 1.34
CA ALA G 96 25.29 24.05 2.37
C ALA G 96 26.61 24.60 1.83
N ALA G 97 27.06 24.05 0.70
CA ALA G 97 28.31 24.48 0.08
C ALA G 97 28.16 25.89 -0.50
N SER G 98 26.93 26.37 -0.59
CA SER G 98 26.66 27.70 -1.14
C SER G 98 26.78 28.78 -0.09
N TYR G 99 26.46 28.42 1.15
CA TYR G 99 26.53 29.35 2.27
C TYR G 99 27.88 29.38 2.97
N ILE G 100 28.69 28.34 2.75
CA ILE G 100 30.01 28.29 3.36
C ILE G 100 30.88 29.29 2.60
N ALA G 101 30.29 30.47 2.38
CA ALA G 101 30.95 31.56 1.69
C ALA G 101 31.78 32.32 2.72
N ASN G 102 31.89 31.72 3.91
CA ASN G 102 32.66 32.30 5.01
C ASN G 102 34.07 32.45 4.47
N LEU G 103 34.26 31.96 3.26
CA LEU G 103 35.52 32.02 2.55
C LEU G 103 35.69 33.47 2.12
N LYS G 104 35.30 34.39 3.00
CA LYS G 104 35.38 35.83 2.74
C LYS G 104 36.26 36.58 3.73
N PHE G 105 36.06 36.30 5.02
CA PHE G 105 36.80 36.98 6.08
C PHE G 105 38.21 37.45 5.72
N GLU G 106 38.32 38.75 5.46
CA GLU G 106 39.59 39.39 5.12
C GLU G 106 39.87 40.43 6.20
N ARG G 107 40.92 40.21 6.98
CA ARG G 107 41.28 41.15 8.04
C ARG G 107 41.70 42.47 7.39
N PHE G 108 41.30 43.58 7.97
CA PHE G 108 41.64 44.89 7.41
C PHE G 108 42.95 45.43 7.98
N GLU G 109 43.38 44.90 9.11
CA GLU G 109 44.63 45.34 9.73
C GLU G 109 45.78 44.58 9.09
N GLU G 110 45.60 44.23 7.82
CA GLU G 110 46.59 43.51 7.03
C GLU G 110 47.32 44.53 6.15
N VAL G 111 46.59 45.58 5.76
CA VAL G 111 47.12 46.64 4.91
C VAL G 111 47.90 47.68 5.72
N VAL G 112 48.91 48.28 5.09
CA VAL G 112 49.76 49.29 5.74
C VAL G 112 49.15 50.70 5.71
N ALA H 7 55.18 39.18 19.90
CA ALA H 7 55.59 38.29 21.02
C ALA H 7 54.54 37.21 21.30
N GLN H 8 54.23 36.98 22.57
CA GLN H 8 53.24 35.99 22.99
C GLN H 8 51.81 36.54 22.88
N LYS H 9 51.64 37.60 22.10
CA LYS H 9 50.32 38.23 21.92
C LYS H 9 49.95 38.59 20.47
N GLU H 10 50.84 39.31 19.78
CA GLU H 10 50.57 39.70 18.39
C GLU H 10 50.51 38.50 17.46
N ILE H 11 51.28 37.47 17.76
CA ILE H 11 51.31 36.26 16.93
C ILE H 11 50.37 35.21 17.53
N GLU H 12 49.48 35.69 18.40
CA GLU H 12 48.47 34.87 19.07
C GLU H 12 47.10 35.49 18.77
N ASN H 13 47.12 36.74 18.30
CA ASN H 13 45.90 37.47 17.93
C ASN H 13 45.58 37.20 16.46
N ARG H 14 46.63 37.03 15.65
CA ARG H 14 46.48 36.76 14.23
C ARG H 14 46.49 35.26 13.99
N TYR H 15 47.07 34.51 14.93
CA TYR H 15 47.12 33.06 14.84
C TYR H 15 45.74 32.49 15.19
N LYS H 16 45.07 33.14 16.14
CA LYS H 16 43.74 32.75 16.60
C LYS H 16 42.68 33.09 15.54
N GLU H 17 42.99 34.08 14.70
CA GLU H 17 42.08 34.53 13.64
C GLU H 17 42.47 33.92 12.29
N VAL H 18 43.62 33.25 12.26
CA VAL H 18 44.10 32.63 11.03
C VAL H 18 43.77 31.13 11.01
N LYS H 19 43.49 30.56 12.17
CA LYS H 19 43.15 29.15 12.23
C LYS H 19 41.63 28.97 12.11
N ILE H 20 40.87 29.98 12.55
CA ILE H 20 39.40 29.95 12.43
C ILE H 20 39.13 29.71 10.94
N ARG H 21 40.03 30.23 10.12
CA ARG H 21 39.94 30.07 8.67
C ARG H 21 40.29 28.61 8.43
N ILE H 22 41.59 28.33 8.48
CA ILE H 22 42.12 27.00 8.26
C ILE H 22 41.26 25.80 8.71
N GLU H 23 40.53 25.93 9.81
CA GLU H 23 39.71 24.82 10.26
C GLU H 23 38.23 25.17 10.46
N SER H 24 37.93 25.86 11.55
CA SER H 24 36.56 26.24 11.87
C SER H 24 35.76 26.73 10.66
N THR H 25 36.44 27.25 9.65
CA THR H 25 35.76 27.76 8.47
C THR H 25 36.18 27.13 7.14
N VAL H 26 37.40 27.40 6.71
CA VAL H 26 37.94 26.89 5.45
C VAL H 26 38.19 25.39 5.42
N ALA H 27 37.94 24.70 6.54
CA ALA H 27 38.14 23.27 6.59
C ALA H 27 36.81 22.52 6.48
N GLY H 28 35.76 23.10 7.06
CA GLY H 28 34.44 22.50 7.00
C GLY H 28 33.81 22.76 5.65
N SER H 29 34.51 23.48 4.79
CA SER H 29 34.02 23.80 3.45
C SER H 29 34.42 22.69 2.50
N LEU H 30 35.70 22.33 2.50
CA LEU H 30 36.20 21.27 1.62
C LEU H 30 35.50 19.94 1.88
N ARG H 31 34.40 20.00 2.64
CA ARG H 31 33.63 18.80 2.93
C ARG H 31 32.65 18.68 1.76
N SER H 32 31.58 19.46 1.79
CA SER H 32 30.60 19.42 0.71
C SER H 32 31.32 19.63 -0.62
N MET H 33 32.31 20.54 -0.62
CA MET H 33 33.08 20.81 -1.81
C MET H 33 33.50 19.50 -2.46
N LYS H 34 34.07 18.61 -1.66
CA LYS H 34 34.52 17.32 -2.18
C LYS H 34 33.43 16.24 -2.16
N SER H 35 32.45 16.39 -1.29
CA SER H 35 31.37 15.41 -1.21
C SER H 35 30.48 15.57 -2.44
N VAL H 36 30.03 16.80 -2.65
CA VAL H 36 29.16 17.12 -3.77
C VAL H 36 29.77 16.62 -5.08
N LEU H 37 31.00 17.02 -5.36
CA LEU H 37 31.65 16.61 -6.60
C LEU H 37 31.73 15.10 -6.82
N GLU H 38 32.01 14.33 -5.77
CA GLU H 38 32.06 12.87 -5.91
C GLU H 38 30.62 12.39 -6.01
N HIS H 39 29.72 13.14 -5.35
CA HIS H 39 28.31 12.82 -5.34
C HIS H 39 27.73 13.02 -6.74
N LEU H 40 28.14 14.10 -7.40
CA LEU H 40 27.68 14.40 -8.75
C LEU H 40 28.26 13.37 -9.71
N ARG H 41 29.55 13.05 -9.56
CA ARG H 41 30.17 12.06 -10.43
C ARG H 41 29.33 10.79 -10.40
N ALA H 42 28.52 10.64 -9.35
CA ALA H 42 27.65 9.48 -9.20
C ALA H 42 26.38 9.70 -10.01
N LYS H 43 25.68 10.79 -9.71
CA LYS H 43 24.46 11.16 -10.41
C LYS H 43 24.70 10.93 -11.90
N MET H 44 25.84 11.41 -12.39
CA MET H 44 26.19 11.28 -13.80
C MET H 44 26.65 9.88 -14.19
N GLN H 45 27.19 9.15 -13.23
CA GLN H 45 27.67 7.80 -13.48
C GLN H 45 26.47 6.90 -13.75
N ARG H 46 25.38 7.11 -13.00
CA ARG H 46 24.18 6.31 -13.18
C ARG H 46 23.25 6.87 -14.25
N MET H 47 23.66 7.95 -14.88
CA MET H 47 22.87 8.53 -15.95
C MET H 47 23.48 8.13 -17.27
N GLU H 48 24.80 8.15 -17.37
CA GLU H 48 25.44 7.74 -18.61
C GLU H 48 25.11 6.27 -18.81
N GLU H 49 24.75 5.61 -17.71
CA GLU H 49 24.40 4.21 -17.73
C GLU H 49 23.00 4.07 -18.33
N ALA H 50 22.05 4.83 -17.78
CA ALA H 50 20.68 4.77 -18.26
C ALA H 50 20.61 4.96 -19.77
N ILE H 51 21.17 6.05 -20.25
CA ILE H 51 21.14 6.34 -21.69
C ILE H 51 21.85 5.26 -22.50
N LYS H 52 22.97 4.75 -22.01
CA LYS H 52 23.72 3.73 -22.73
C LYS H 52 23.03 2.37 -22.68
N THR H 53 22.13 2.21 -21.70
CA THR H 53 21.40 0.95 -21.56
C THR H 53 20.23 0.95 -22.52
N GLN H 54 19.39 1.97 -22.44
CA GLN H 54 18.23 2.09 -23.31
C GLN H 54 18.72 2.12 -24.75
N LYS H 55 19.89 2.72 -24.95
CA LYS H 55 20.49 2.80 -26.27
C LYS H 55 20.50 1.39 -26.82
N GLU H 56 20.85 0.44 -25.94
CA GLU H 56 20.90 -0.98 -26.27
C GLU H 56 19.50 -1.51 -26.51
N LEU H 57 18.68 -1.52 -25.46
CA LEU H 57 17.30 -2.00 -25.55
C LEU H 57 16.64 -1.48 -26.78
N CYS H 58 17.00 -0.26 -27.07
CA CYS H 58 16.45 0.33 -28.25
C CYS H 58 17.15 -0.32 -29.43
N SER H 59 17.83 -1.43 -29.16
CA SER H 59 18.55 -2.17 -30.20
C SER H 59 17.48 -2.58 -31.21
N ALA H 60 16.31 -2.93 -30.69
CA ALA H 60 15.18 -3.31 -31.51
C ALA H 60 14.04 -2.31 -31.27
N PRO H 61 13.37 -1.85 -32.34
CA PRO H 61 12.27 -0.90 -32.18
C PRO H 61 11.06 -1.61 -31.59
N CYS H 62 10.02 -0.86 -31.25
CA CYS H 62 8.83 -1.48 -30.73
C CYS H 62 7.94 -1.79 -31.91
N THR H 63 6.91 -2.58 -31.68
CA THR H 63 5.98 -2.95 -32.73
C THR H 63 4.59 -3.22 -32.19
N VAL H 64 3.59 -2.87 -32.99
CA VAL H 64 2.22 -3.13 -32.62
C VAL H 64 1.75 -4.15 -33.65
N ASN H 65 1.34 -5.32 -33.17
CA ASN H 65 0.89 -6.38 -34.04
C ASN H 65 -0.62 -6.55 -33.92
N CYS H 66 -1.29 -5.59 -33.32
CA CYS H 66 -2.72 -5.66 -33.14
C CYS H 66 -3.50 -5.74 -34.45
N ARG H 67 -4.65 -6.41 -34.37
CA ARG H 67 -5.52 -6.62 -35.52
C ARG H 67 -6.20 -5.36 -36.02
N VAL H 68 -7.10 -5.49 -37.00
CA VAL H 68 -7.79 -4.31 -37.52
C VAL H 68 -9.29 -4.54 -37.58
N PRO H 69 -10.05 -3.59 -37.04
CA PRO H 69 -11.52 -3.60 -37.00
C PRO H 69 -12.06 -3.66 -38.41
N VAL H 70 -13.07 -4.47 -38.60
CA VAL H 70 -13.66 -4.61 -39.91
C VAL H 70 -14.43 -3.36 -40.23
N VAL H 71 -15.16 -2.88 -39.23
CA VAL H 71 -15.97 -1.70 -39.42
C VAL H 71 -15.08 -0.49 -39.72
N SER H 72 -15.59 0.45 -40.50
CA SER H 72 -14.83 1.63 -40.83
C SER H 72 -15.74 2.69 -41.40
N GLY H 73 -15.16 3.84 -41.77
CA GLY H 73 -15.94 4.93 -42.33
C GLY H 73 -15.07 6.11 -42.74
N MET H 74 -15.69 7.27 -42.90
CA MET H 74 -14.97 8.49 -43.29
C MET H 74 -14.35 9.09 -42.04
N HIS H 75 -15.22 9.43 -41.11
CA HIS H 75 -14.87 10.04 -39.83
C HIS H 75 -15.01 8.90 -38.83
N CYS H 76 -14.84 9.17 -37.55
CA CYS H 76 -15.05 8.14 -36.54
C CYS H 76 -16.55 8.16 -36.28
N GLU H 77 -17.14 9.34 -36.44
CA GLU H 77 -18.57 9.57 -36.28
C GLU H 77 -19.21 8.53 -37.19
N ASP H 78 -18.72 8.48 -38.42
CA ASP H 78 -19.24 7.55 -39.41
C ASP H 78 -19.09 6.16 -38.86
N ILE H 79 -17.97 5.86 -38.22
CA ILE H 79 -17.73 4.53 -37.67
C ILE H 79 -18.76 4.24 -36.59
N TYR H 80 -19.02 5.23 -35.74
CA TYR H 80 -19.99 5.07 -34.67
C TYR H 80 -21.30 4.63 -35.34
N ARG H 81 -21.75 5.41 -36.31
CA ARG H 81 -22.97 5.11 -37.03
C ARG H 81 -22.96 3.71 -37.63
N ASN H 82 -21.79 3.10 -37.71
CA ASN H 82 -21.70 1.77 -38.30
C ASN H 82 -21.48 0.67 -37.31
N GLY H 83 -21.68 0.97 -36.02
CA GLY H 83 -21.53 -0.05 -35.01
C GLY H 83 -20.23 0.00 -34.23
N GLY H 84 -19.27 0.82 -34.66
CA GLY H 84 -18.04 0.91 -33.91
C GLY H 84 -18.39 1.67 -32.66
N ARG H 85 -18.56 0.97 -31.55
CA ARG H 85 -18.93 1.65 -30.32
C ARG H 85 -17.88 1.59 -29.24
N THR H 86 -16.82 0.83 -29.48
CA THR H 86 -15.73 0.74 -28.52
C THR H 86 -14.66 1.75 -28.92
N SER H 87 -13.96 2.32 -27.94
CA SER H 87 -12.91 3.28 -28.23
C SER H 87 -11.64 2.50 -28.47
N GLU H 88 -11.08 2.63 -29.66
CA GLU H 88 -9.86 1.92 -30.01
C GLU H 88 -9.39 2.36 -31.38
N ALA H 89 -8.29 1.77 -31.84
CA ALA H 89 -7.74 2.12 -33.14
C ALA H 89 -8.62 1.60 -34.27
N TYR H 90 -9.00 2.48 -35.19
CA TYR H 90 -9.80 2.11 -36.35
C TYR H 90 -9.12 2.61 -37.62
N TYR H 91 -9.64 2.21 -38.77
CA TYR H 91 -9.11 2.71 -40.02
C TYR H 91 -10.21 3.59 -40.61
N ILE H 92 -9.85 4.77 -41.10
CA ILE H 92 -10.85 5.62 -41.71
C ILE H 92 -10.37 6.05 -43.09
N GLN H 93 -11.29 6.51 -43.91
CA GLN H 93 -10.95 6.97 -45.24
C GLN H 93 -11.88 8.11 -45.62
N PRO H 94 -11.55 9.34 -45.15
CA PRO H 94 -12.39 10.49 -45.47
C PRO H 94 -12.27 10.93 -46.94
N ASP H 95 -11.09 10.71 -47.54
CA ASP H 95 -10.85 11.07 -48.94
C ASP H 95 -10.71 9.83 -49.80
N LEU H 96 -11.64 9.63 -50.72
CA LEU H 96 -11.60 8.47 -51.59
C LEU H 96 -10.39 8.38 -52.50
N PHE H 97 -9.65 9.48 -52.62
CA PHE H 97 -8.47 9.48 -53.48
C PHE H 97 -7.21 9.34 -52.65
N SER H 98 -7.42 9.08 -51.37
CA SER H 98 -6.30 8.90 -50.44
C SER H 98 -6.55 7.59 -49.68
N GLU H 99 -5.49 6.85 -49.40
CA GLU H 99 -5.60 5.59 -48.68
C GLU H 99 -6.21 5.76 -47.30
N PRO H 100 -6.78 4.68 -46.73
CA PRO H 100 -7.39 4.78 -45.41
C PRO H 100 -6.24 4.79 -44.42
N TYR H 101 -6.41 5.47 -43.29
CA TYR H 101 -5.36 5.50 -42.29
C TYR H 101 -5.86 5.21 -40.91
N LYS H 102 -4.97 4.65 -40.09
CA LYS H 102 -5.26 4.29 -38.72
C LYS H 102 -5.42 5.56 -37.90
N VAL H 103 -6.43 5.60 -37.03
CA VAL H 103 -6.66 6.75 -36.18
C VAL H 103 -7.32 6.22 -34.92
N PHE H 104 -7.17 6.93 -33.81
CA PHE H 104 -7.79 6.45 -32.59
C PHE H 104 -9.12 7.15 -32.39
N CYS H 105 -10.19 6.36 -32.35
CA CYS H 105 -11.54 6.88 -32.15
C CYS H 105 -11.95 6.88 -30.69
N ASP H 106 -12.61 7.95 -30.26
CA ASP H 106 -13.11 8.06 -28.90
C ASP H 106 -14.62 7.94 -29.07
N MET H 107 -15.15 6.77 -28.73
CA MET H 107 -16.57 6.50 -28.87
C MET H 107 -17.32 6.65 -27.56
N GLU H 108 -16.62 6.96 -26.48
CA GLU H 108 -17.26 7.11 -25.19
C GLU H 108 -17.56 8.53 -24.75
N SER H 109 -16.55 9.39 -24.77
CA SER H 109 -16.69 10.79 -24.36
C SER H 109 -17.70 11.59 -25.18
N HIS H 110 -18.26 12.60 -24.55
CA HIS H 110 -19.21 13.49 -25.18
C HIS H 110 -19.94 12.94 -26.40
N GLY H 111 -20.52 11.75 -26.24
CA GLY H 111 -21.28 11.15 -27.32
C GLY H 111 -20.53 10.33 -28.35
N GLY H 112 -19.22 10.18 -28.18
CA GLY H 112 -18.43 9.41 -29.13
C GLY H 112 -18.43 9.96 -30.54
N GLY H 113 -17.79 9.23 -31.44
CA GLY H 113 -17.72 9.67 -32.82
C GLY H 113 -16.57 10.64 -32.95
N TRP H 114 -15.75 10.71 -31.91
CA TRP H 114 -14.61 11.61 -31.89
C TRP H 114 -13.32 11.06 -32.46
N THR H 115 -12.84 11.71 -33.50
CA THR H 115 -11.60 11.32 -34.15
C THR H 115 -10.47 12.06 -33.44
N VAL H 116 -9.65 11.30 -32.71
CA VAL H 116 -8.53 11.89 -32.00
C VAL H 116 -7.46 12.33 -32.99
N VAL H 117 -7.13 13.61 -32.97
CA VAL H 117 -6.15 14.18 -33.87
C VAL H 117 -4.80 14.40 -33.19
N GLN H 118 -4.81 14.47 -31.86
CA GLN H 118 -3.60 14.66 -31.06
C GLN H 118 -3.92 14.04 -29.70
N ASN H 119 -2.91 13.50 -29.01
CA ASN H 119 -3.18 12.89 -27.73
C ASN H 119 -1.93 12.65 -26.89
N ARG H 120 -1.94 13.17 -25.67
CA ARG H 120 -0.84 13.00 -24.70
C ARG H 120 -1.36 12.08 -23.57
N VAL H 121 -0.49 11.27 -22.97
CA VAL H 121 -0.91 10.38 -21.89
C VAL H 121 0.25 9.68 -21.18
N ASP H 122 1.45 9.89 -21.71
CA ASP H 122 2.69 9.35 -21.16
C ASP H 122 3.68 9.86 -22.19
N GLY H 123 4.83 10.37 -21.77
CA GLY H 123 5.77 10.90 -22.76
C GLY H 123 6.29 9.85 -23.71
N SER H 124 5.40 9.06 -24.29
CA SER H 124 5.84 7.98 -25.18
C SER H 124 6.24 8.44 -26.57
N SER H 125 5.96 9.69 -26.89
CA SER H 125 6.31 10.21 -28.21
C SER H 125 6.89 11.63 -28.12
N ASN H 126 7.87 11.91 -28.96
CA ASN H 126 8.49 13.23 -28.97
C ASN H 126 7.62 14.16 -29.80
N PHE H 127 7.31 15.34 -29.27
CA PHE H 127 6.48 16.29 -29.99
C PHE H 127 7.25 17.47 -30.52
N ALA H 128 8.53 17.49 -30.20
CA ALA H 128 9.41 18.54 -30.65
C ALA H 128 9.85 18.14 -32.05
N ARG H 129 8.92 18.16 -33.01
CA ARG H 129 9.24 17.76 -34.37
C ARG H 129 9.11 18.89 -35.38
N ASP H 130 9.88 18.79 -36.46
CA ASP H 130 9.87 19.80 -37.51
C ASP H 130 8.56 19.94 -38.25
N TRP H 131 8.52 20.91 -39.15
CA TRP H 131 7.35 21.21 -39.94
C TRP H 131 6.90 20.03 -40.82
N ASN H 132 7.86 19.39 -41.47
CA ASN H 132 7.53 18.25 -42.32
C ASN H 132 6.84 17.16 -41.55
N THR H 133 7.39 16.87 -40.36
CA THR H 133 6.85 15.83 -39.50
C THR H 133 5.47 16.15 -38.94
N TYR H 134 5.22 17.39 -38.54
CA TYR H 134 3.92 17.74 -38.00
C TYR H 134 2.84 17.72 -39.09
N LYS H 135 3.26 17.89 -40.32
CA LYS H 135 2.34 17.90 -41.43
C LYS H 135 1.95 16.48 -41.78
N ALA H 136 2.93 15.60 -41.75
CA ALA H 136 2.73 14.22 -42.12
C ALA H 136 2.04 13.38 -41.06
N GLU H 137 2.37 13.63 -39.80
CA GLU H 137 1.84 12.92 -38.63
C GLU H 137 3.00 12.19 -37.98
N PHE H 138 2.84 11.90 -36.70
CA PHE H 138 3.87 11.17 -35.98
C PHE H 138 3.34 10.59 -34.69
N GLY H 139 4.01 9.56 -34.20
CA GLY H 139 3.60 8.94 -32.97
C GLY H 139 2.92 7.60 -33.17
N ASN H 140 2.38 7.07 -32.08
CA ASN H 140 1.69 5.79 -32.11
C ASN H 140 0.21 6.00 -31.86
N ILE H 141 -0.63 5.46 -32.74
CA ILE H 141 -2.06 5.63 -32.56
C ILE H 141 -2.55 4.88 -31.31
N ALA H 142 -2.07 3.66 -31.14
CA ALA H 142 -2.46 2.84 -30.00
C ALA H 142 -1.52 1.65 -29.84
N PHE H 143 -1.57 1.04 -28.66
CA PHE H 143 -0.75 -0.13 -28.33
C PHE H 143 -1.63 -1.36 -28.09
N GLY H 144 -1.04 -2.55 -28.20
CA GLY H 144 -1.74 -3.81 -27.98
C GLY H 144 -2.23 -3.97 -26.55
N ASN H 145 -3.52 -4.21 -26.38
CA ASN H 145 -4.07 -4.35 -25.03
C ASN H 145 -3.74 -5.71 -24.40
N GLY H 146 -2.94 -6.52 -25.08
CA GLY H 146 -2.58 -7.81 -24.52
C GLY H 146 -3.11 -8.91 -25.39
N LYS H 147 -4.36 -8.75 -25.81
CA LYS H 147 -4.97 -9.72 -26.71
C LYS H 147 -4.34 -9.32 -28.03
N SER H 148 -5.04 -8.48 -28.78
CA SER H 148 -4.48 -8.00 -30.04
C SER H 148 -5.35 -6.88 -30.55
N ILE H 149 -6.04 -6.24 -29.62
CA ILE H 149 -6.91 -5.13 -29.94
C ILE H 149 -6.24 -3.83 -29.47
N CYS H 150 -5.97 -2.93 -30.41
CA CYS H 150 -5.34 -1.67 -30.08
C CYS H 150 -6.32 -0.67 -29.51
N ASN H 151 -6.59 -0.79 -28.21
CA ASN H 151 -7.52 0.12 -27.54
C ASN H 151 -6.78 0.92 -26.47
N ILE H 152 -5.46 0.79 -26.43
CA ILE H 152 -4.68 1.56 -25.47
C ILE H 152 -4.08 2.72 -26.25
N PRO H 153 -4.74 3.88 -26.21
CA PRO H 153 -4.26 5.06 -26.92
C PRO H 153 -2.79 5.41 -26.67
N GLY H 154 -2.12 5.85 -27.71
CA GLY H 154 -0.73 6.22 -27.56
C GLY H 154 -0.57 7.71 -27.83
N GLU H 155 0.67 8.18 -27.81
CA GLU H 155 0.90 9.59 -28.06
C GLU H 155 1.11 9.83 -29.55
N TYR H 156 0.32 10.72 -30.14
CA TYR H 156 0.49 11.02 -31.54
C TYR H 156 -0.15 12.32 -32.00
N TRP H 157 0.23 12.71 -33.21
CA TRP H 157 -0.29 13.89 -33.84
C TRP H 157 -0.64 13.43 -35.24
N LEU H 158 -1.93 13.18 -35.48
CA LEU H 158 -2.39 12.77 -36.80
C LEU H 158 -1.90 13.95 -37.58
N GLY H 159 -1.32 13.75 -38.76
CA GLY H 159 -0.80 14.91 -39.50
C GLY H 159 -1.67 16.17 -39.71
N THR H 160 -1.06 17.33 -39.54
CA THR H 160 -1.82 18.56 -39.75
C THR H 160 -2.50 18.58 -41.11
N LYS H 161 -1.78 18.18 -42.14
CA LYS H 161 -2.33 18.17 -43.49
C LYS H 161 -3.60 17.33 -43.56
N THR H 162 -3.60 16.20 -42.84
CA THR H 162 -4.77 15.33 -42.81
C THR H 162 -5.88 16.11 -42.13
N VAL H 163 -5.56 16.67 -40.98
CA VAL H 163 -6.51 17.44 -40.23
C VAL H 163 -7.08 18.53 -41.13
N HIS H 164 -6.21 19.22 -41.87
CA HIS H 164 -6.67 20.28 -42.75
C HIS H 164 -7.66 19.75 -43.77
N GLN H 165 -7.26 18.71 -44.49
CA GLN H 165 -8.16 18.15 -45.49
C GLN H 165 -9.46 17.76 -44.81
N LEU H 166 -9.36 17.26 -43.59
CA LEU H 166 -10.55 16.84 -42.84
C LEU H 166 -11.58 17.96 -42.71
N THR H 167 -11.11 19.15 -42.41
CA THR H 167 -11.98 20.30 -42.23
C THR H 167 -12.28 21.03 -43.53
N LYS H 168 -11.46 20.81 -44.56
CA LYS H 168 -11.70 21.46 -45.84
C LYS H 168 -12.89 20.78 -46.52
N GLN H 169 -12.95 19.46 -46.41
CA GLN H 169 -14.04 18.68 -47.00
C GLN H 169 -15.35 19.21 -46.42
N HIS H 170 -15.32 19.51 -45.12
CA HIS H 170 -16.47 20.07 -44.41
C HIS H 170 -16.20 20.31 -42.93
N THR H 171 -16.22 21.61 -42.56
CA THR H 171 -15.97 22.10 -41.21
C THR H 171 -16.32 21.13 -40.08
N GLN H 172 -15.39 21.03 -39.13
CA GLN H 172 -15.55 20.16 -37.98
C GLN H 172 -15.71 20.96 -36.70
N GLN H 173 -15.94 20.26 -35.61
CA GLN H 173 -16.05 20.85 -34.31
C GLN H 173 -14.97 20.15 -33.52
N VAL H 174 -14.18 20.92 -32.77
CA VAL H 174 -13.09 20.33 -31.99
C VAL H 174 -13.47 20.26 -30.52
N LEU H 175 -12.79 19.36 -29.79
CA LEU H 175 -13.04 19.16 -28.38
C LEU H 175 -11.76 18.76 -27.69
N PHE H 176 -11.37 19.51 -26.66
CA PHE H 176 -10.16 19.19 -25.93
C PHE H 176 -10.50 18.51 -24.61
N ASP H 177 -9.90 17.36 -24.37
CA ASP H 177 -10.08 16.62 -23.13
C ASP H 177 -8.73 16.57 -22.42
N MET H 178 -8.66 17.15 -21.22
CA MET H 178 -7.41 17.12 -20.46
C MET H 178 -7.68 16.61 -19.05
N SER H 179 -6.66 16.02 -18.44
CA SER H 179 -6.75 15.48 -17.09
C SER H 179 -5.50 15.84 -16.36
N ASP H 180 -5.64 16.28 -15.12
CA ASP H 180 -4.50 16.65 -14.30
C ASP H 180 -3.96 15.40 -13.62
N TRP H 181 -2.88 15.54 -12.86
CA TRP H 181 -2.30 14.41 -12.16
C TRP H 181 -2.99 14.21 -10.82
N GLU H 182 -4.25 14.60 -10.73
CA GLU H 182 -4.98 14.47 -9.48
C GLU H 182 -6.43 14.05 -9.61
N GLY H 183 -6.73 13.21 -10.58
CA GLY H 183 -8.09 12.74 -10.74
C GLY H 183 -9.14 13.73 -11.22
N SER H 184 -8.71 14.90 -11.69
CA SER H 184 -9.65 15.89 -12.19
C SER H 184 -9.54 15.99 -13.71
N SER H 185 -10.63 16.34 -14.39
CA SER H 185 -10.60 16.45 -15.84
C SER H 185 -11.57 17.49 -16.38
N VAL H 186 -11.10 18.28 -17.32
CA VAL H 186 -11.94 19.31 -17.91
C VAL H 186 -12.06 19.15 -19.42
N TYR H 187 -12.95 19.93 -20.02
CA TYR H 187 -13.21 19.88 -21.45
C TYR H 187 -13.12 21.29 -21.97
N ALA H 188 -13.28 21.42 -23.28
CA ALA H 188 -13.22 22.71 -23.92
C ALA H 188 -13.44 22.42 -25.39
N GLN H 189 -14.65 22.62 -25.88
CA GLN H 189 -14.89 22.37 -27.27
C GLN H 189 -15.42 23.59 -27.98
N TYR H 190 -15.10 23.68 -29.26
CA TYR H 190 -15.53 24.78 -30.10
C TYR H 190 -16.41 24.19 -31.17
N ALA H 191 -17.58 24.80 -31.36
CA ALA H 191 -18.55 24.34 -32.33
C ALA H 191 -18.03 24.31 -33.75
N SER H 192 -17.01 25.10 -34.02
CA SER H 192 -16.45 25.14 -35.37
C SER H 192 -14.93 25.11 -35.33
N PHE H 193 -14.36 24.19 -36.11
CA PHE H 193 -12.92 24.02 -36.19
C PHE H 193 -12.53 23.94 -37.66
N ARG H 194 -11.48 24.67 -38.03
CA ARG H 194 -11.04 24.67 -39.42
C ARG H 194 -9.72 25.41 -39.61
N PRO H 195 -8.75 24.76 -40.26
CA PRO H 195 -7.48 25.46 -40.48
C PRO H 195 -7.30 25.65 -42.01
N GLU H 196 -6.69 26.76 -42.42
CA GLU H 196 -6.47 27.01 -43.83
C GLU H 196 -5.36 26.06 -44.32
N ASN H 197 -5.09 26.09 -45.62
CA ASN H 197 -4.07 25.23 -46.20
C ASN H 197 -2.65 25.58 -45.78
N GLU H 198 -1.71 24.69 -46.11
CA GLU H 198 -0.31 24.88 -45.74
C GLU H 198 0.22 26.23 -46.21
N ALA H 199 -0.13 26.61 -47.43
CA ALA H 199 0.32 27.88 -47.98
C ALA H 199 -0.01 28.98 -46.98
N GLN H 200 -1.04 28.74 -46.18
CA GLN H 200 -1.44 29.71 -45.19
C GLN H 200 -1.02 29.30 -43.78
N GLY H 201 0.02 28.48 -43.70
CA GLY H 201 0.51 28.02 -42.41
C GLY H 201 -0.54 27.28 -41.61
N TYR H 202 -1.46 26.61 -42.30
CA TYR H 202 -2.51 25.88 -41.61
C TYR H 202 -3.14 26.76 -40.51
N ARG H 203 -3.38 28.03 -40.82
CA ARG H 203 -3.98 28.95 -39.85
C ARG H 203 -5.23 28.39 -39.20
N LEU H 204 -5.27 28.43 -37.87
CA LEU H 204 -6.39 27.93 -37.08
C LEU H 204 -7.62 28.86 -37.08
N TRP H 205 -8.81 28.29 -36.99
CA TRP H 205 -10.05 29.08 -36.97
C TRP H 205 -11.13 28.35 -36.17
N VAL H 206 -11.23 28.64 -34.89
CA VAL H 206 -12.24 27.99 -34.06
C VAL H 206 -13.41 28.94 -33.78
N GLU H 207 -14.50 28.39 -33.24
CA GLU H 207 -15.64 29.21 -32.90
C GLU H 207 -16.61 28.59 -31.89
N ASP H 208 -17.13 29.44 -31.00
CA ASP H 208 -18.08 29.04 -29.96
C ASP H 208 -17.53 28.13 -28.88
N TYR H 209 -16.96 28.72 -27.84
CA TYR H 209 -16.41 27.96 -26.75
C TYR H 209 -17.51 27.47 -25.83
N SER H 210 -17.16 26.53 -24.97
CA SER H 210 -18.07 25.97 -23.99
C SER H 210 -17.25 24.91 -23.28
N GLY H 211 -17.55 24.67 -22.01
CA GLY H 211 -16.79 23.68 -21.29
C GLY H 211 -16.27 24.27 -19.99
N ASN H 212 -15.46 23.50 -19.28
CA ASN H 212 -14.93 23.94 -18.00
C ASN H 212 -13.41 24.12 -17.93
N ALA H 213 -12.72 23.94 -19.06
CA ALA H 213 -11.26 24.09 -19.05
C ALA H 213 -10.81 25.53 -19.21
N GLY H 214 -11.58 26.30 -19.97
CA GLY H 214 -11.25 27.70 -20.20
C GLY H 214 -11.02 28.00 -21.67
N ASN H 215 -11.77 28.96 -22.20
CA ASN H 215 -11.65 29.37 -23.60
C ASN H 215 -10.23 29.90 -23.92
N ALA H 216 -9.24 29.02 -23.84
CA ALA H 216 -7.87 29.40 -24.10
C ALA H 216 -7.64 29.75 -25.56
N LEU H 217 -8.36 29.11 -26.47
CA LEU H 217 -8.14 29.37 -27.88
C LEU H 217 -8.48 30.76 -28.42
N LEU H 218 -9.69 31.24 -28.18
CA LEU H 218 -10.05 32.55 -28.71
C LEU H 218 -10.23 33.64 -27.65
N GLU H 219 -9.90 33.30 -26.41
CA GLU H 219 -10.01 34.26 -25.33
C GLU H 219 -8.66 34.45 -24.64
N GLY H 220 -7.68 33.63 -24.99
CA GLY H 220 -6.38 33.74 -24.37
C GLY H 220 -6.46 33.38 -22.89
N ALA H 221 -5.32 33.33 -22.21
CA ALA H 221 -5.32 33.02 -20.79
C ALA H 221 -5.96 34.16 -20.02
N THR H 222 -7.13 33.91 -19.46
CA THR H 222 -7.86 34.94 -18.71
C THR H 222 -7.07 35.52 -17.53
N GLN H 223 -6.11 34.75 -17.02
CA GLN H 223 -5.30 35.22 -15.90
C GLN H 223 -4.30 36.29 -16.33
N LEU H 224 -4.39 36.72 -17.59
CA LEU H 224 -3.51 37.76 -18.11
C LEU H 224 -4.42 38.93 -18.42
N MET H 225 -3.90 40.14 -18.27
CA MET H 225 -4.71 41.32 -18.52
C MET H 225 -4.19 42.14 -19.69
N GLY H 226 -5.09 42.89 -20.32
CA GLY H 226 -4.71 43.73 -21.43
C GLY H 226 -4.04 43.00 -22.57
N ASP H 227 -3.10 43.67 -23.23
CA ASP H 227 -2.41 43.08 -24.37
C ASP H 227 -1.73 41.76 -24.06
N ASN H 228 -1.36 41.56 -22.79
CA ASN H 228 -0.73 40.32 -22.39
C ASN H 228 -1.69 39.19 -22.68
N ARG H 229 -2.95 39.39 -22.30
CA ARG H 229 -3.96 38.37 -22.53
C ARG H 229 -4.10 38.14 -24.04
N THR H 230 -4.47 39.18 -24.76
CA THR H 230 -4.66 39.06 -26.20
C THR H 230 -3.52 38.37 -26.93
N MET H 231 -2.29 38.47 -26.43
CA MET H 231 -1.19 37.82 -27.12
C MET H 231 -1.03 36.33 -26.81
N THR H 232 -2.09 35.72 -26.29
CA THR H 232 -2.09 34.28 -26.00
C THR H 232 -3.33 33.68 -26.63
N ILE H 233 -3.93 34.42 -27.56
CA ILE H 233 -5.11 33.94 -28.25
C ILE H 233 -4.58 33.18 -29.48
N HIS H 234 -5.00 31.92 -29.62
CA HIS H 234 -4.55 31.09 -30.71
C HIS H 234 -5.37 31.25 -31.97
N ASN H 235 -6.64 31.59 -31.79
CA ASN H 235 -7.52 31.74 -32.94
C ASN H 235 -6.91 32.61 -34.02
N GLY H 236 -7.06 32.19 -35.26
CA GLY H 236 -6.54 32.95 -36.37
C GLY H 236 -5.03 32.87 -36.56
N MET H 237 -4.35 32.18 -35.65
CA MET H 237 -2.90 32.05 -35.74
C MET H 237 -2.45 31.00 -36.77
N GLN H 238 -1.17 31.04 -37.08
CA GLN H 238 -0.58 30.10 -38.01
C GLN H 238 0.23 29.07 -37.23
N PHE H 239 0.35 27.88 -37.80
CA PHE H 239 1.11 26.83 -37.16
C PHE H 239 2.59 27.19 -37.20
N SER H 240 3.29 26.94 -36.11
CA SER H 240 4.71 27.24 -36.06
C SER H 240 5.40 26.03 -35.47
N THR H 241 6.57 25.72 -35.99
CA THR H 241 7.32 24.57 -35.50
C THR H 241 8.77 24.90 -35.26
N PHE H 242 9.40 23.92 -34.66
CA PHE H 242 10.81 23.87 -34.34
C PHE H 242 11.59 24.68 -35.40
N ASP H 243 11.40 24.32 -36.66
CA ASP H 243 12.09 24.96 -37.78
C ASP H 243 11.21 25.89 -38.62
N ARG H 244 10.15 26.45 -38.06
CA ARG H 244 9.35 27.36 -38.86
C ARG H 244 8.53 28.31 -38.00
N ASP H 245 9.08 29.50 -37.79
CA ASP H 245 8.43 30.53 -37.00
C ASP H 245 7.36 31.25 -37.79
N ASN H 246 6.13 31.19 -37.31
CA ASN H 246 5.00 31.88 -37.94
C ASN H 246 4.19 32.56 -36.85
N ASP H 247 4.75 32.60 -35.63
CA ASP H 247 4.04 33.23 -34.53
C ASP H 247 3.98 34.75 -34.67
N ASN H 248 3.25 35.37 -33.74
CA ASN H 248 3.09 36.82 -33.72
C ASN H 248 4.02 37.41 -32.70
N TRP H 249 5.28 36.98 -32.75
CA TRP H 249 6.24 37.51 -31.80
C TRP H 249 7.49 38.02 -32.51
N ASN H 250 7.51 39.33 -32.77
CA ASN H 250 8.64 39.96 -33.42
C ASN H 250 8.98 39.32 -34.77
N PRO H 251 8.01 39.23 -35.66
CA PRO H 251 8.16 38.63 -36.99
C PRO H 251 9.52 38.78 -37.72
N GLY H 252 10.36 39.69 -37.27
CA GLY H 252 11.64 39.84 -37.93
C GLY H 252 12.77 39.16 -37.16
N ASP H 253 12.76 39.35 -35.85
CA ASP H 253 13.77 38.80 -34.96
C ASP H 253 13.65 37.28 -34.87
N PRO H 254 14.63 36.55 -35.42
CA PRO H 254 14.55 35.08 -35.36
C PRO H 254 14.81 34.53 -33.95
N THR H 255 15.13 35.43 -33.02
CA THR H 255 15.40 35.04 -31.65
C THR H 255 14.07 34.87 -30.94
N LYS H 256 13.04 35.52 -31.47
CA LYS H 256 11.71 35.47 -30.89
C LYS H 256 10.89 34.37 -31.55
N HIS H 257 11.21 33.14 -31.15
CA HIS H 257 10.57 31.95 -31.72
C HIS H 257 9.73 31.17 -30.70
N CYS H 258 8.42 31.38 -30.71
CA CYS H 258 7.57 30.68 -29.75
C CYS H 258 7.68 29.18 -29.82
N SER H 259 8.16 28.64 -30.93
CA SER H 259 8.27 27.20 -31.01
C SER H 259 9.58 26.68 -30.42
N ARG H 260 10.70 27.36 -30.69
CA ARG H 260 11.98 26.92 -30.14
C ARG H 260 11.80 26.69 -28.64
N GLU H 261 11.36 27.73 -27.93
CA GLU H 261 11.09 27.62 -26.49
C GLU H 261 9.64 27.19 -26.56
N ASP H 262 9.13 26.49 -25.55
CA ASP H 262 7.72 26.01 -25.57
C ASP H 262 7.55 24.61 -26.21
N ALA H 263 8.67 24.09 -26.73
CA ALA H 263 8.85 22.76 -27.32
C ALA H 263 7.78 22.04 -28.11
N GLY H 264 7.01 22.75 -28.92
CA GLY H 264 5.99 22.06 -29.69
C GLY H 264 5.56 22.77 -30.95
N GLY H 265 4.99 22.03 -31.88
CA GLY H 265 4.51 22.66 -33.08
C GLY H 265 3.12 23.03 -32.63
N TRP H 266 2.71 24.28 -32.84
CA TRP H 266 1.41 24.73 -32.39
C TRP H 266 1.05 26.08 -32.98
N TRP H 267 -0.24 26.42 -32.92
CA TRP H 267 -0.70 27.71 -33.43
C TRP H 267 -0.29 28.79 -32.46
N TYR H 268 1.01 28.89 -32.24
CA TYR H 268 1.59 29.87 -31.35
C TYR H 268 1.32 31.28 -31.86
N ASN H 269 0.94 32.14 -30.93
CA ASN H 269 0.64 33.54 -31.22
C ASN H 269 1.33 34.33 -30.15
N ARG H 270 2.51 34.86 -30.42
CA ARG H 270 3.20 35.60 -29.35
C ARG H 270 3.19 34.63 -28.16
N CYS H 271 3.21 33.37 -28.56
CA CYS H 271 3.24 32.16 -27.75
C CYS H 271 1.92 31.52 -27.34
N HIS H 272 1.55 31.49 -26.07
CA HIS H 272 0.31 30.76 -25.80
C HIS H 272 -0.44 30.85 -24.48
N ALA H 273 -1.65 30.29 -24.55
CA ALA H 273 -2.55 30.17 -23.42
C ALA H 273 -2.63 28.65 -23.23
N ALA H 274 -2.74 27.95 -24.37
CA ALA H 274 -2.81 26.48 -24.42
C ALA H 274 -1.57 25.98 -25.12
N ASN H 275 -1.01 24.88 -24.64
CA ASN H 275 0.19 24.33 -25.25
C ASN H 275 0.26 22.81 -25.26
N PRO H 276 -0.75 22.12 -25.86
CA PRO H 276 -0.63 20.66 -25.87
C PRO H 276 0.59 20.51 -26.77
N ASN H 277 1.14 19.32 -26.94
CA ASN H 277 2.32 19.20 -27.81
C ASN H 277 3.60 19.69 -27.15
N GLY H 278 3.49 20.15 -25.91
CA GLY H 278 4.68 20.62 -25.21
C GLY H 278 5.35 19.49 -24.47
N ARG H 279 6.42 19.81 -23.73
CA ARG H 279 7.16 18.80 -22.97
C ARG H 279 6.26 18.12 -21.95
N TYR H 280 6.39 16.80 -21.86
CA TYR H 280 5.57 16.04 -20.93
C TYR H 280 6.23 15.90 -19.57
N TYR H 281 6.11 16.94 -18.74
CA TYR H 281 6.69 16.89 -17.40
C TYR H 281 5.86 15.92 -16.56
N TRP H 282 6.54 15.09 -15.79
CA TRP H 282 5.88 14.11 -14.95
C TRP H 282 5.45 14.71 -13.61
N GLY H 283 4.27 14.34 -13.15
CA GLY H 283 3.81 14.86 -11.87
C GLY H 283 3.11 16.20 -11.88
N GLY H 284 2.88 16.77 -13.06
CA GLY H 284 2.16 18.03 -13.12
C GLY H 284 2.95 19.32 -12.99
N ILE H 285 3.39 19.66 -11.79
CA ILE H 285 4.12 20.92 -11.61
C ILE H 285 5.57 20.85 -12.07
N TYR H 286 6.02 21.96 -12.62
CA TYR H 286 7.39 22.07 -13.08
C TYR H 286 7.71 23.54 -12.90
N THR H 287 8.99 23.87 -12.83
CA THR H 287 9.42 25.25 -12.61
C THR H 287 10.20 25.87 -13.75
N LYS H 288 10.18 27.20 -13.78
CA LYS H 288 10.92 27.95 -14.77
C LYS H 288 12.38 27.46 -14.79
N GLU H 289 12.84 27.00 -13.63
CA GLU H 289 14.19 26.51 -13.50
C GLU H 289 14.43 25.23 -14.30
N GLN H 290 13.37 24.45 -14.48
CA GLN H 290 13.45 23.17 -15.20
C GLN H 290 13.25 23.30 -16.70
N ALA H 291 12.40 24.24 -17.09
CA ALA H 291 12.10 24.48 -18.50
C ALA H 291 13.38 24.67 -19.29
N ASP H 292 13.44 24.04 -20.45
CA ASP H 292 14.62 24.13 -21.30
C ASP H 292 15.01 25.56 -21.68
N TYR H 293 14.03 26.45 -21.79
CA TYR H 293 14.31 27.83 -22.13
C TYR H 293 13.71 28.78 -21.09
N GLY H 294 13.46 28.27 -19.89
CA GLY H 294 12.89 29.11 -18.85
C GLY H 294 11.48 29.58 -19.19
N THR H 295 10.87 28.98 -20.21
CA THR H 295 9.51 29.37 -20.56
C THR H 295 8.54 28.30 -20.09
N ASP H 296 7.24 28.59 -20.23
CA ASP H 296 6.26 27.62 -19.79
C ASP H 296 5.96 26.59 -20.86
N ASP H 297 6.99 25.83 -21.25
CA ASP H 297 6.83 24.75 -22.22
C ASP H 297 6.23 23.63 -21.40
N GLY H 298 5.48 22.75 -22.04
CA GLY H 298 4.88 21.70 -21.26
C GLY H 298 3.46 21.61 -21.72
N VAL H 299 2.75 20.57 -21.28
CA VAL H 299 1.37 20.41 -21.69
C VAL H 299 0.51 21.33 -20.84
N VAL H 300 0.57 22.60 -21.21
CA VAL H 300 -0.13 23.68 -20.52
C VAL H 300 -1.48 24.06 -21.06
N TRP H 301 -2.33 24.49 -20.14
CA TRP H 301 -3.66 24.98 -20.49
C TRP H 301 -3.92 25.98 -19.39
N MET H 302 -3.20 27.09 -19.46
CA MET H 302 -3.28 28.15 -18.47
C MET H 302 -4.65 28.36 -17.87
N ASN H 303 -5.65 28.54 -18.73
CA ASN H 303 -7.01 28.76 -18.28
C ASN H 303 -7.49 27.80 -17.21
N TRP H 304 -6.70 26.78 -16.90
CA TRP H 304 -7.12 25.82 -15.89
C TRP H 304 -6.13 25.62 -14.76
N LYS H 305 -4.87 25.38 -15.10
CA LYS H 305 -3.86 25.14 -14.08
C LYS H 305 -2.71 26.14 -14.15
N GLY H 306 -2.92 27.20 -14.92
CA GLY H 306 -1.89 28.21 -15.07
C GLY H 306 -0.78 27.76 -15.99
N SER H 307 0.31 28.50 -15.99
CA SER H 307 1.45 28.19 -16.85
C SER H 307 2.42 27.09 -16.43
N TRP H 308 2.52 26.79 -15.13
CA TRP H 308 3.50 25.77 -14.71
C TRP H 308 2.98 24.42 -14.26
N TYR H 309 1.96 23.93 -14.93
CA TYR H 309 1.43 22.62 -14.60
C TYR H 309 1.19 21.88 -15.91
N SER H 310 1.84 20.73 -16.07
CA SER H 310 1.71 19.90 -17.27
C SER H 310 0.66 18.81 -17.07
N MET H 311 -0.35 18.80 -17.94
CA MET H 311 -1.41 17.80 -17.82
C MET H 311 -0.85 16.39 -17.83
N ARG H 312 -1.63 15.45 -17.30
CA ARG H 312 -1.25 14.05 -17.28
C ARG H 312 -1.86 13.47 -18.55
N GLN H 313 -2.94 14.11 -19.00
CA GLN H 313 -3.62 13.70 -20.21
C GLN H 313 -4.17 14.90 -20.97
N MET H 314 -3.93 14.92 -22.27
CA MET H 314 -4.40 16.00 -23.12
C MET H 314 -4.69 15.41 -24.49
N ALA H 315 -5.75 15.88 -25.13
CA ALA H 315 -6.07 15.36 -26.44
C ALA H 315 -6.98 16.28 -27.23
N MET H 316 -6.81 16.25 -28.55
CA MET H 316 -7.59 17.05 -29.46
C MET H 316 -8.45 16.05 -30.22
N LYS H 317 -9.75 16.34 -30.31
CA LYS H 317 -10.68 15.45 -31.01
C LYS H 317 -11.55 16.24 -31.99
N LEU H 318 -11.81 15.64 -33.14
CA LEU H 318 -12.63 16.27 -34.16
C LEU H 318 -13.90 15.48 -34.41
N ARG H 319 -14.97 16.20 -34.75
CA ARG H 319 -16.24 15.58 -35.07
C ARG H 319 -16.95 16.53 -36.00
N PRO H 320 -17.75 15.99 -36.93
CA PRO H 320 -18.47 16.83 -37.87
C PRO H 320 -19.70 17.45 -37.21
N LYS H 321 -20.85 16.84 -37.44
CA LYS H 321 -22.12 17.31 -36.89
C LYS H 321 -23.12 16.15 -36.78
N LYS I 5 59.18 28.70 25.51
CA LYS I 5 57.74 28.44 25.78
C LYS I 5 56.83 29.51 25.18
N THR I 6 57.38 30.69 24.95
CA THR I 6 56.64 31.81 24.38
C THR I 6 56.78 31.83 22.87
N VAL I 7 57.94 32.31 22.42
CA VAL I 7 58.24 32.40 21.01
C VAL I 7 58.71 31.05 20.50
N GLN I 8 58.58 30.02 21.34
CA GLN I 8 58.98 28.68 20.95
C GLN I 8 57.93 28.06 20.04
N LYS I 9 56.67 28.30 20.35
CA LYS I 9 55.58 27.78 19.55
C LYS I 9 55.32 28.75 18.40
N ILE I 10 55.56 30.03 18.67
CA ILE I 10 55.37 31.09 17.71
C ILE I 10 56.21 30.85 16.45
N LEU I 11 57.00 29.79 16.47
CA LEU I 11 57.85 29.43 15.33
C LEU I 11 57.38 28.09 14.78
N GLU I 12 56.86 27.24 15.67
CA GLU I 12 56.37 25.93 15.28
C GLU I 12 54.98 26.02 14.67
N GLU I 13 54.13 26.86 15.25
CA GLU I 13 52.77 27.02 14.74
C GLU I 13 52.84 27.44 13.28
N VAL I 14 53.86 28.22 12.94
CA VAL I 14 54.05 28.65 11.57
C VAL I 14 54.24 27.41 10.72
N ARG I 15 55.11 26.51 11.17
CA ARG I 15 55.36 25.26 10.45
C ARG I 15 54.06 24.52 10.19
N ILE I 16 53.08 24.74 11.06
CA ILE I 16 51.77 24.10 10.95
C ILE I 16 50.88 24.74 9.90
N LEU I 17 50.55 26.02 10.08
CA LEU I 17 49.69 26.72 9.13
C LEU I 17 50.39 26.88 7.79
N GLU I 18 51.72 26.89 7.84
CA GLU I 18 52.55 27.01 6.64
C GLU I 18 52.60 25.64 5.98
N GLN I 19 52.06 24.66 6.69
CA GLN I 19 52.01 23.27 6.24
C GLN I 19 50.57 22.92 5.86
N ILE I 20 49.65 23.19 6.79
CA ILE I 20 48.23 22.95 6.57
C ILE I 20 47.79 23.70 5.32
N GLY I 21 48.33 24.90 5.14
CA GLY I 21 48.01 25.71 3.98
C GLY I 21 48.48 25.09 2.67
N VAL I 22 49.17 23.96 2.75
CA VAL I 22 49.66 23.26 1.55
C VAL I 22 48.82 21.99 1.39
N SER I 23 48.21 21.55 2.50
CA SER I 23 47.35 20.38 2.51
C SER I 23 45.98 20.96 2.18
N HIS I 24 45.77 22.20 2.63
CA HIS I 24 44.55 22.94 2.41
C HIS I 24 44.59 23.41 0.95
N ASP I 25 45.82 23.49 0.42
CA ASP I 25 46.05 23.93 -0.96
C ASP I 25 46.31 22.73 -1.86
N ALA I 26 46.12 21.54 -1.31
CA ALA I 26 46.32 20.30 -2.05
C ALA I 26 44.94 19.80 -2.44
N GLN I 27 43.99 20.01 -1.53
CA GLN I 27 42.61 19.60 -1.75
C GLN I 27 41.90 20.53 -2.74
N ILE I 28 42.39 21.77 -2.84
CA ILE I 28 41.81 22.74 -3.76
C ILE I 28 42.15 22.31 -5.19
N GLN I 29 43.39 21.87 -5.40
CA GLN I 29 43.79 21.42 -6.72
C GLN I 29 43.06 20.10 -6.96
N GLU I 30 42.77 19.39 -5.87
CA GLU I 30 42.08 18.11 -5.93
C GLU I 30 40.61 18.30 -6.33
N LEU I 31 40.04 19.42 -5.94
CA LEU I 31 38.64 19.68 -6.28
C LEU I 31 38.48 20.17 -7.72
N SER I 32 39.29 21.14 -8.12
CA SER I 32 39.22 21.67 -9.48
C SER I 32 39.41 20.57 -10.52
N GLU I 33 40.10 19.50 -10.15
CA GLU I 33 40.33 18.40 -11.07
C GLU I 33 39.09 17.52 -11.07
N MET I 34 38.46 17.39 -9.90
CA MET I 34 37.27 16.58 -9.74
C MET I 34 36.08 17.25 -10.41
N TRP I 35 36.09 18.59 -10.38
CA TRP I 35 35.05 19.44 -10.96
C TRP I 35 35.21 19.52 -12.47
N ARG I 36 36.47 19.60 -12.93
CA ARG I 36 36.79 19.68 -14.34
C ARG I 36 36.35 18.42 -15.05
N VAL I 37 36.58 17.28 -14.42
CA VAL I 37 36.20 16.01 -15.01
C VAL I 37 34.68 15.98 -15.14
N ASN I 38 34.00 16.55 -14.15
CA ASN I 38 32.55 16.61 -14.17
C ASN I 38 32.03 17.44 -15.33
N GLN I 39 32.63 18.61 -15.56
CA GLN I 39 32.20 19.43 -16.68
C GLN I 39 32.28 18.56 -17.94
N GLN I 40 33.33 17.76 -18.04
CA GLN I 40 33.48 16.87 -19.18
C GLN I 40 32.36 15.85 -19.17
N PHE I 41 32.18 15.20 -18.03
CA PHE I 41 31.13 14.19 -17.87
C PHE I 41 29.81 14.78 -18.34
N VAL I 42 29.43 15.90 -17.76
CA VAL I 42 28.17 16.55 -18.09
C VAL I 42 28.06 16.75 -19.60
N THR I 43 29.17 17.10 -20.25
CA THR I 43 29.13 17.31 -21.69
C THR I 43 28.97 15.98 -22.40
N ARG I 44 29.86 15.04 -22.12
CA ARG I 44 29.79 13.71 -22.74
C ARG I 44 28.38 13.12 -22.54
N LEU I 45 27.67 13.68 -21.56
CA LEU I 45 26.31 13.23 -21.22
C LEU I 45 25.25 14.09 -21.88
N GLN I 46 25.62 15.33 -22.21
CA GLN I 46 24.74 16.30 -22.87
C GLN I 46 24.60 15.96 -24.35
N GLN I 47 25.49 15.09 -24.82
CA GLN I 47 25.47 14.67 -26.21
C GLN I 47 24.68 13.38 -26.26
N GLN I 48 24.94 12.48 -25.31
CA GLN I 48 24.23 11.20 -25.26
C GLN I 48 22.72 11.47 -25.25
N LEU I 49 22.33 12.60 -24.68
CA LEU I 49 20.93 12.99 -24.63
C LEU I 49 20.51 13.27 -26.06
N VAL I 50 21.19 14.23 -26.69
CA VAL I 50 20.92 14.63 -28.07
C VAL I 50 20.88 13.41 -28.99
N ASP I 51 21.62 12.36 -28.63
CA ASP I 51 21.61 11.15 -29.44
C ASP I 51 20.34 10.35 -29.15
N ILE I 52 20.24 9.80 -27.94
CA ILE I 52 19.07 9.02 -27.56
C ILE I 52 17.75 9.73 -27.91
N ARG I 53 17.73 11.06 -27.83
CA ARG I 53 16.52 11.81 -28.14
C ARG I 53 16.09 11.58 -29.58
N GLN I 54 17.09 11.46 -30.44
CA GLN I 54 16.84 11.25 -31.85
C GLN I 54 16.44 9.81 -32.11
N THR I 55 17.24 8.88 -31.59
CA THR I 55 16.95 7.46 -31.78
C THR I 55 15.53 7.11 -31.32
N CYS I 56 15.03 7.81 -30.30
CA CYS I 56 13.68 7.52 -29.80
C CYS I 56 12.56 8.38 -30.39
N SER I 57 12.80 8.98 -31.55
CA SER I 57 11.78 9.82 -32.15
C SER I 57 10.87 9.00 -33.05
N ARG I 58 11.44 7.94 -33.62
CA ARG I 58 10.68 7.07 -34.50
C ARG I 58 9.65 6.29 -33.68
N PRO I 59 8.43 6.16 -34.22
CA PRO I 59 7.31 5.36 -33.60
C PRO I 59 7.40 3.85 -33.77
N CYS I 60 6.59 3.03 -33.04
CA CYS I 60 6.47 1.55 -33.22
C CYS I 60 6.03 1.17 -34.62
N GLN I 61 6.41 -0.04 -35.03
CA GLN I 61 6.05 -0.60 -36.32
C GLN I 61 4.72 -1.32 -36.17
N ASP I 62 3.76 -0.99 -37.03
CA ASP I 62 2.46 -1.62 -36.99
C ASP I 62 2.58 -2.81 -37.92
N THR I 63 3.11 -3.93 -37.41
CA THR I 63 3.33 -5.13 -38.21
C THR I 63 2.09 -5.61 -38.94
N THR I 64 0.96 -5.66 -38.25
CA THR I 64 -0.26 -6.09 -38.88
C THR I 64 -0.46 -5.24 -40.13
N ALA I 65 -0.43 -3.93 -39.96
CA ALA I 65 -0.62 -3.03 -41.09
C ALA I 65 0.44 -3.28 -42.14
N ASN I 66 1.61 -3.73 -41.71
CA ASN I 66 2.70 -3.99 -42.63
C ASN I 66 2.47 -5.26 -43.43
N LYS I 67 1.49 -6.07 -43.02
CA LYS I 67 1.22 -7.31 -43.74
C LYS I 67 0.00 -7.26 -44.62
N ILE I 68 -0.41 -6.04 -44.97
CA ILE I 68 -1.55 -5.83 -45.85
C ILE I 68 -0.99 -5.60 -47.25
N SER I 69 -1.10 -6.59 -48.12
CA SER I 69 -0.58 -6.49 -49.46
C SER I 69 -1.12 -5.31 -50.27
N PRO I 70 -0.34 -4.85 -51.25
CA PRO I 70 -0.69 -3.73 -52.12
C PRO I 70 -1.48 -4.20 -53.34
N ILE I 71 -1.58 -5.52 -53.50
CA ILE I 71 -2.33 -6.12 -54.61
C ILE I 71 -3.85 -6.03 -54.36
N THR I 72 -4.63 -5.93 -55.44
CA THR I 72 -6.10 -5.81 -55.32
C THR I 72 -6.86 -6.65 -56.36
N GLY I 73 -8.15 -6.35 -56.52
CA GLY I 73 -8.99 -7.06 -57.48
C GLY I 73 -10.47 -7.09 -57.13
N LYS I 74 -11.30 -7.54 -58.08
CA LYS I 74 -12.75 -7.65 -57.89
C LYS I 74 -13.02 -8.40 -56.60
N ASP I 75 -12.21 -9.43 -56.37
CA ASP I 75 -12.32 -10.28 -55.20
C ASP I 75 -10.96 -10.90 -54.98
N CYS I 76 -10.88 -11.82 -54.02
CA CYS I 76 -9.62 -12.47 -53.71
C CYS I 76 -9.03 -13.27 -54.85
N GLN I 77 -9.89 -13.74 -55.76
CA GLN I 77 -9.39 -14.50 -56.90
C GLN I 77 -8.61 -13.55 -57.77
N GLN I 78 -9.25 -12.46 -58.23
CA GLN I 78 -8.53 -11.52 -59.08
C GLN I 78 -7.19 -11.17 -58.44
N VAL I 79 -7.19 -11.09 -57.11
CA VAL I 79 -5.98 -10.79 -56.36
C VAL I 79 -4.90 -11.82 -56.66
N VAL I 80 -5.26 -13.10 -56.66
CA VAL I 80 -4.29 -14.14 -56.97
C VAL I 80 -3.88 -13.97 -58.43
N ASP I 81 -4.85 -13.60 -59.25
CA ASP I 81 -4.64 -13.36 -60.67
C ASP I 81 -3.77 -12.14 -60.88
N ASN I 82 -3.47 -11.41 -59.81
CA ASN I 82 -2.66 -10.20 -59.92
C ASN I 82 -1.34 -10.33 -59.20
N GLY I 83 -1.04 -11.52 -58.69
CA GLY I 83 0.22 -11.69 -58.00
C GLY I 83 0.08 -12.19 -56.58
N GLY I 84 -1.12 -12.08 -56.03
CA GLY I 84 -1.34 -12.54 -54.66
C GLY I 84 -0.82 -13.95 -54.50
N LYS I 85 0.14 -14.14 -53.60
CA LYS I 85 0.70 -15.46 -53.38
C LYS I 85 0.30 -16.07 -52.04
N ASP I 86 0.52 -15.34 -50.94
CA ASP I 86 0.19 -15.86 -49.62
C ASP I 86 -1.14 -15.40 -49.03
N SER I 87 -1.70 -16.21 -48.15
CA SER I 87 -2.97 -15.85 -47.52
C SER I 87 -2.80 -14.69 -46.55
N GLY I 88 -3.72 -13.72 -46.60
CA GLY I 88 -3.62 -12.59 -45.72
C GLY I 88 -4.65 -11.50 -46.00
N LEU I 89 -4.39 -10.28 -45.53
CA LEU I 89 -5.30 -9.19 -45.74
C LEU I 89 -5.00 -8.51 -47.06
N TYR I 90 -6.06 -8.13 -47.76
CA TYR I 90 -5.93 -7.43 -49.03
C TYR I 90 -7.14 -6.55 -49.19
N TYR I 91 -7.01 -5.53 -50.02
CA TYR I 91 -8.15 -4.66 -50.28
C TYR I 91 -8.70 -5.15 -51.60
N ILE I 92 -10.02 -5.30 -51.65
CA ILE I 92 -10.67 -5.76 -52.86
C ILE I 92 -11.79 -4.77 -53.12
N LYS I 93 -12.16 -4.60 -54.38
CA LYS I 93 -13.23 -3.67 -54.70
C LYS I 93 -14.25 -4.26 -55.65
N PRO I 94 -15.33 -4.81 -55.11
CA PRO I 94 -16.35 -5.39 -55.97
C PRO I 94 -16.83 -4.33 -56.94
N LEU I 95 -17.55 -4.75 -57.97
CA LEU I 95 -18.05 -3.83 -58.97
C LEU I 95 -18.68 -2.57 -58.40
N LYS I 96 -19.95 -2.66 -58.01
CA LYS I 96 -20.66 -1.49 -57.50
C LYS I 96 -20.11 -0.95 -56.20
N ALA I 97 -19.11 -1.63 -55.64
CA ALA I 97 -18.51 -1.19 -54.39
C ALA I 97 -17.99 0.23 -54.56
N LYS I 98 -18.43 1.12 -53.66
CA LYS I 98 -18.03 2.52 -53.75
C LYS I 98 -16.66 2.81 -53.14
N GLN I 99 -16.24 2.00 -52.18
CA GLN I 99 -14.96 2.19 -51.49
C GLN I 99 -14.34 0.82 -51.21
N PRO I 100 -13.21 0.51 -51.86
CA PRO I 100 -12.56 -0.80 -51.64
C PRO I 100 -12.41 -1.10 -50.15
N PHE I 101 -12.52 -2.36 -49.77
CA PHE I 101 -12.40 -2.75 -48.37
C PHE I 101 -11.40 -3.87 -48.09
N LEU I 102 -11.03 -3.97 -46.82
CA LEU I 102 -10.07 -4.96 -46.37
C LEU I 102 -10.79 -6.29 -46.14
N VAL I 103 -10.19 -7.38 -46.57
CA VAL I 103 -10.77 -8.71 -46.42
C VAL I 103 -9.63 -9.70 -46.30
N PHE I 104 -9.91 -10.87 -45.72
CA PHE I 104 -8.87 -11.88 -45.58
C PHE I 104 -8.97 -12.88 -46.73
N CYS I 105 -7.94 -12.93 -47.54
CA CYS I 105 -7.91 -13.84 -48.67
C CYS I 105 -7.23 -15.13 -48.30
N GLU I 106 -7.89 -16.26 -48.59
CA GLU I 106 -7.29 -17.57 -48.34
C GLU I 106 -6.84 -18.04 -49.71
N ILE I 107 -5.55 -18.31 -49.85
CA ILE I 107 -5.04 -18.74 -51.15
C ILE I 107 -4.51 -20.16 -51.11
N GLU I 108 -5.17 -21.03 -51.87
CA GLU I 108 -4.80 -22.44 -51.97
C GLU I 108 -3.98 -22.68 -53.21
N ASN I 109 -4.35 -23.72 -53.94
CA ASN I 109 -3.67 -24.12 -55.15
C ASN I 109 -4.00 -23.14 -56.28
N GLY I 110 -3.76 -21.87 -56.03
CA GLY I 110 -4.04 -20.87 -57.05
C GLY I 110 -5.44 -20.29 -56.98
N ASN I 111 -6.12 -20.49 -55.86
CA ASN I 111 -7.48 -19.97 -55.69
C ASN I 111 -7.58 -18.86 -54.66
N GLY I 112 -8.35 -17.83 -55.00
CA GLY I 112 -8.53 -16.72 -54.09
C GLY I 112 -9.82 -16.79 -53.31
N TRP I 113 -9.79 -17.53 -52.21
CA TRP I 113 -10.96 -17.66 -51.35
C TRP I 113 -11.14 -16.36 -50.55
N THR I 114 -12.21 -15.63 -50.81
CA THR I 114 -12.44 -14.41 -50.08
C THR I 114 -13.39 -14.66 -48.91
N VAL I 115 -12.83 -14.73 -47.72
CA VAL I 115 -13.56 -15.00 -46.49
C VAL I 115 -14.63 -14.00 -46.11
N ILE I 116 -15.81 -14.54 -45.86
CA ILE I 116 -17.00 -13.76 -45.48
C ILE I 116 -17.19 -13.71 -43.98
N GLN I 117 -16.97 -14.84 -43.31
CA GLN I 117 -17.15 -14.95 -41.87
C GLN I 117 -16.21 -15.98 -41.28
N HIS I 118 -15.97 -15.89 -39.97
CA HIS I 118 -15.12 -16.84 -39.29
C HIS I 118 -15.33 -16.79 -37.78
N ARG I 119 -15.46 -17.97 -37.20
CA ARG I 119 -15.67 -18.12 -35.78
C ARG I 119 -14.37 -18.74 -35.27
N HIS I 120 -13.91 -18.38 -34.09
CA HIS I 120 -12.63 -18.91 -33.63
C HIS I 120 -12.44 -19.13 -32.14
N ASP I 121 -13.13 -18.35 -31.31
CA ASP I 121 -12.97 -18.49 -29.87
C ASP I 121 -13.96 -17.69 -29.06
N GLY I 122 -15.14 -17.46 -29.63
CA GLY I 122 -16.17 -16.70 -28.95
C GLY I 122 -15.68 -15.48 -28.20
N SER I 123 -14.80 -14.72 -28.84
CA SER I 123 -14.24 -13.51 -28.23
C SER I 123 -14.90 -12.26 -28.82
N VAL I 124 -15.78 -12.47 -29.80
CA VAL I 124 -16.46 -11.35 -30.43
C VAL I 124 -17.97 -11.56 -30.28
N ASN I 125 -18.63 -10.67 -29.55
CA ASN I 125 -20.08 -10.79 -29.34
C ASN I 125 -20.75 -10.64 -30.70
N PHE I 126 -21.46 -11.69 -31.14
CA PHE I 126 -22.15 -11.64 -32.43
C PHE I 126 -23.58 -11.16 -32.35
N THR I 127 -24.00 -10.74 -31.18
CA THR I 127 -25.34 -10.24 -31.00
C THR I 127 -25.29 -8.79 -31.43
N ARG I 128 -25.39 -8.55 -32.73
CA ARG I 128 -25.33 -7.18 -33.22
C ARG I 128 -26.57 -6.80 -33.97
N ASP I 129 -26.80 -5.49 -34.08
CA ASP I 129 -27.96 -4.98 -34.77
C ASP I 129 -27.82 -5.14 -36.27
N TRP I 130 -28.84 -4.66 -36.98
CA TRP I 130 -28.90 -4.74 -38.42
C TRP I 130 -27.76 -3.96 -39.08
N VAL I 131 -27.77 -2.65 -38.87
CA VAL I 131 -26.75 -1.79 -39.44
C VAL I 131 -25.37 -2.38 -39.15
N SER I 132 -25.20 -2.93 -37.95
CA SER I 132 -23.94 -3.52 -37.57
C SER I 132 -23.59 -4.72 -38.46
N TYR I 133 -24.60 -5.53 -38.78
CA TYR I 133 -24.40 -6.70 -39.62
C TYR I 133 -24.21 -6.35 -41.09
N ARG I 134 -24.75 -5.21 -41.51
CA ARG I 134 -24.61 -4.83 -42.90
C ARG I 134 -23.30 -4.12 -43.15
N GLU I 135 -22.77 -3.51 -42.10
CA GLU I 135 -21.49 -2.79 -42.20
C GLU I 135 -20.33 -3.73 -41.93
N GLY I 136 -20.53 -4.65 -41.00
CA GLY I 136 -19.49 -5.58 -40.66
C GLY I 136 -18.97 -5.30 -39.28
N PHE I 137 -18.30 -6.29 -38.70
CA PHE I 137 -17.75 -6.13 -37.37
C PHE I 137 -16.79 -7.28 -37.12
N GLY I 138 -16.09 -7.22 -36.00
CA GLY I 138 -15.14 -8.28 -35.73
C GLY I 138 -13.78 -7.77 -36.13
N TYR I 139 -12.80 -8.65 -36.11
CA TYR I 139 -11.45 -8.25 -36.44
C TYR I 139 -10.83 -9.08 -37.55
N LEU I 140 -9.99 -8.43 -38.35
CA LEU I 140 -9.29 -9.09 -39.42
C LEU I 140 -7.85 -9.15 -38.97
N ALA I 141 -7.07 -10.04 -39.56
CA ALA I 141 -5.67 -10.14 -39.17
C ALA I 141 -4.88 -10.86 -40.26
N PRO I 142 -3.57 -11.01 -40.06
CA PRO I 142 -2.81 -11.70 -41.09
C PRO I 142 -2.98 -13.22 -41.09
N THR I 143 -3.71 -13.78 -40.13
CA THR I 143 -3.87 -15.24 -40.08
C THR I 143 -5.24 -15.88 -40.00
N LEU I 144 -6.31 -15.11 -39.87
CA LEU I 144 -7.64 -15.75 -39.81
C LEU I 144 -7.76 -16.59 -38.55
N THR I 145 -7.58 -15.93 -37.43
CA THR I 145 -7.65 -16.59 -36.14
C THR I 145 -8.38 -15.56 -35.30
N THR I 146 -9.16 -14.75 -36.00
CA THR I 146 -9.91 -13.68 -35.39
C THR I 146 -11.32 -13.86 -35.90
N GLU I 147 -12.30 -13.46 -35.12
CA GLU I 147 -13.69 -13.62 -35.54
C GLU I 147 -14.27 -12.36 -36.14
N PHE I 148 -15.20 -12.54 -37.08
CA PHE I 148 -15.80 -11.37 -37.72
C PHE I 148 -16.91 -11.76 -38.68
N TRP I 149 -17.58 -10.72 -39.16
CA TRP I 149 -18.65 -10.84 -40.12
C TRP I 149 -18.39 -9.69 -41.05
N LEU I 150 -17.78 -9.99 -42.20
CA LEU I 150 -17.42 -9.00 -43.19
C LEU I 150 -18.44 -7.90 -43.36
N GLY I 151 -19.68 -8.28 -43.60
CA GLY I 151 -20.71 -7.27 -43.77
C GLY I 151 -21.67 -7.68 -44.85
N ASN I 152 -22.95 -7.57 -44.56
CA ASN I 152 -23.97 -7.96 -45.52
C ASN I 152 -23.92 -7.17 -46.81
N GLU I 153 -23.70 -5.87 -46.71
CA GLU I 153 -23.66 -5.05 -47.91
C GLU I 153 -22.52 -5.44 -48.84
N LYS I 154 -21.33 -5.63 -48.26
CA LYS I 154 -20.19 -5.99 -49.07
C LYS I 154 -20.47 -7.34 -49.71
N ILE I 155 -20.85 -8.30 -48.87
CA ILE I 155 -21.18 -9.64 -49.33
C ILE I 155 -22.15 -9.60 -50.50
N HIS I 156 -23.12 -8.69 -50.43
CA HIS I 156 -24.08 -8.53 -51.51
C HIS I 156 -23.36 -8.09 -52.77
N LEU I 157 -22.61 -6.99 -52.67
CA LEU I 157 -21.85 -6.42 -53.77
C LEU I 157 -20.92 -7.46 -54.38
N LEU I 158 -20.20 -8.13 -53.50
CA LEU I 158 -19.25 -9.15 -53.90
C LEU I 158 -19.91 -10.29 -54.69
N THR I 159 -20.98 -10.85 -54.13
CA THR I 159 -21.68 -11.96 -54.76
C THR I 159 -22.50 -11.60 -56.01
N GLY I 160 -23.09 -10.42 -56.03
CA GLY I 160 -23.88 -10.03 -57.19
C GLY I 160 -23.01 -9.62 -58.37
N GLN I 161 -21.71 -9.69 -58.17
CA GLN I 161 -20.73 -9.31 -59.18
C GLN I 161 -20.46 -10.43 -60.16
N GLN I 162 -20.48 -11.66 -59.66
CA GLN I 162 -20.22 -12.86 -60.44
C GLN I 162 -21.03 -13.99 -59.85
N ALA I 163 -20.61 -15.21 -60.12
CA ALA I 163 -21.26 -16.39 -59.62
C ALA I 163 -20.27 -16.95 -58.63
N TYR I 164 -20.64 -16.98 -57.36
CA TYR I 164 -19.72 -17.48 -56.36
C TYR I 164 -20.11 -18.78 -55.71
N ARG I 165 -19.10 -19.57 -55.41
CA ARG I 165 -19.25 -20.85 -54.76
C ARG I 165 -18.93 -20.62 -53.31
N LEU I 166 -19.94 -20.73 -52.45
CA LEU I 166 -19.72 -20.53 -51.02
C LEU I 166 -19.22 -21.81 -50.36
N ARG I 167 -18.23 -21.71 -49.50
CA ARG I 167 -17.75 -22.89 -48.80
C ARG I 167 -17.81 -22.65 -47.31
N ILE I 168 -18.22 -23.68 -46.58
CA ILE I 168 -18.34 -23.56 -45.14
C ILE I 168 -17.44 -24.59 -44.53
N ASP I 169 -16.50 -24.14 -43.70
CA ASP I 169 -15.58 -25.05 -43.06
C ASP I 169 -15.88 -25.07 -41.58
N LEU I 170 -16.39 -26.19 -41.08
CA LEU I 170 -16.68 -26.31 -39.65
C LEU I 170 -15.58 -27.14 -38.99
N THR I 171 -15.47 -27.01 -37.67
CA THR I 171 -14.47 -27.75 -36.93
C THR I 171 -15.00 -28.05 -35.55
N ASP I 172 -14.97 -29.32 -35.18
CA ASP I 172 -15.45 -29.73 -33.87
C ASP I 172 -14.32 -29.69 -32.84
N TRP I 173 -14.68 -29.80 -31.58
CA TRP I 173 -13.70 -29.75 -30.52
C TRP I 173 -12.75 -30.91 -30.53
N GLU I 174 -13.12 -31.97 -31.25
CA GLU I 174 -12.22 -33.11 -31.34
C GLU I 174 -11.29 -32.76 -32.50
N ASN I 175 -11.53 -31.57 -33.04
CA ASN I 175 -10.73 -31.04 -34.14
C ASN I 175 -10.93 -31.75 -35.48
N THR I 176 -12.19 -31.91 -35.90
CA THR I 176 -12.45 -32.56 -37.19
C THR I 176 -12.90 -31.48 -38.16
N HIS I 177 -12.43 -31.56 -39.40
CA HIS I 177 -12.78 -30.54 -40.39
C HIS I 177 -13.58 -31.03 -41.57
N ARG I 178 -14.89 -30.83 -41.53
CA ARG I 178 -15.75 -31.21 -42.65
C ARG I 178 -16.22 -29.93 -43.33
N TYR I 179 -16.73 -30.04 -44.56
CA TYR I 179 -17.17 -28.85 -45.30
C TYR I 179 -18.44 -29.02 -46.12
N ALA I 180 -19.03 -27.88 -46.47
CA ALA I 180 -20.26 -27.83 -47.28
C ALA I 180 -20.09 -26.76 -48.35
N ASP I 181 -20.61 -27.02 -49.54
CA ASP I 181 -20.50 -26.07 -50.65
C ASP I 181 -21.86 -25.74 -51.25
N TYR I 182 -22.00 -24.51 -51.72
CA TYR I 182 -23.22 -24.04 -52.33
C TYR I 182 -22.85 -23.15 -53.49
N GLY I 183 -23.39 -23.46 -54.66
CA GLY I 183 -23.09 -22.69 -55.85
C GLY I 183 -23.97 -21.49 -56.01
N HIS I 184 -23.50 -20.56 -56.85
CA HIS I 184 -24.22 -19.34 -57.13
C HIS I 184 -24.70 -18.61 -55.89
N PHE I 185 -23.99 -18.82 -54.79
CA PHE I 185 -24.29 -18.17 -53.52
C PHE I 185 -24.34 -16.65 -53.71
N LYS I 186 -25.26 -16.00 -53.01
CA LYS I 186 -25.41 -14.55 -53.10
C LYS I 186 -26.48 -14.08 -52.11
N LEU I 187 -26.57 -12.77 -51.96
CA LEU I 187 -27.57 -12.18 -51.09
C LEU I 187 -28.23 -11.06 -51.86
N THR I 188 -29.54 -10.91 -51.69
CA THR I 188 -30.27 -9.85 -52.36
C THR I 188 -29.93 -8.55 -51.65
N PRO I 189 -30.10 -7.40 -52.32
CA PRO I 189 -29.78 -6.12 -51.69
C PRO I 189 -30.68 -5.83 -50.49
N GLU I 190 -30.20 -4.97 -49.61
CA GLU I 190 -30.94 -4.59 -48.41
C GLU I 190 -32.40 -4.32 -48.72
N SER I 191 -32.72 -3.97 -49.96
CA SER I 191 -34.10 -3.69 -50.37
C SER I 191 -34.99 -4.88 -49.98
N ASP I 192 -34.55 -6.06 -50.38
CA ASP I 192 -35.24 -7.31 -50.11
C ASP I 192 -34.51 -7.95 -48.93
N GLU I 193 -34.20 -7.14 -47.93
CA GLU I 193 -33.47 -7.60 -46.77
C GLU I 193 -32.21 -8.19 -47.39
N TYR I 194 -31.58 -9.15 -46.74
CA TYR I 194 -30.40 -9.74 -47.35
C TYR I 194 -30.66 -11.22 -47.47
N ARG I 195 -31.64 -11.52 -48.30
CA ARG I 195 -32.07 -12.89 -48.54
C ARG I 195 -30.94 -13.78 -49.01
N LEU I 196 -30.96 -15.02 -48.52
CA LEU I 196 -29.97 -16.00 -48.90
C LEU I 196 -30.38 -16.65 -50.22
N PHE I 197 -29.41 -17.08 -51.01
CA PHE I 197 -29.70 -17.72 -52.27
C PHE I 197 -28.49 -18.42 -52.83
N TYR I 198 -28.73 -19.60 -53.40
CA TYR I 198 -27.70 -20.41 -54.01
C TYR I 198 -28.45 -21.32 -54.95
N SER I 199 -27.73 -21.96 -55.85
CA SER I 199 -28.35 -22.87 -56.80
C SER I 199 -28.62 -24.23 -56.14
N MET I 200 -27.59 -24.80 -55.53
CA MET I 200 -27.74 -26.11 -54.90
C MET I 200 -26.55 -26.47 -54.05
N TYR I 201 -26.68 -27.57 -53.31
CA TYR I 201 -25.59 -28.07 -52.48
C TYR I 201 -24.65 -28.75 -53.46
N LEU I 202 -23.53 -28.10 -53.74
CA LEU I 202 -22.57 -28.64 -54.70
C LEU I 202 -21.85 -29.91 -54.28
N ASP I 203 -21.63 -30.08 -52.98
CA ASP I 203 -20.92 -31.24 -52.46
C ASP I 203 -20.55 -30.99 -51.01
N GLY I 204 -19.86 -31.93 -50.38
CA GLY I 204 -19.45 -31.70 -49.00
C GLY I 204 -19.76 -32.80 -48.02
N ASP I 205 -18.77 -33.15 -47.19
CA ASP I 205 -18.93 -34.18 -46.19
C ASP I 205 -19.42 -33.58 -44.87
N ALA I 206 -20.16 -32.48 -44.94
CA ALA I 206 -20.67 -31.84 -43.73
C ALA I 206 -22.19 -31.86 -43.72
N GLY I 207 -22.77 -32.15 -44.88
CA GLY I 207 -24.22 -32.23 -44.98
C GLY I 207 -24.89 -30.94 -45.32
N ASN I 208 -25.91 -31.03 -46.17
CA ASN I 208 -26.66 -29.86 -46.60
C ASN I 208 -27.63 -29.38 -45.54
N ALA I 209 -27.12 -28.65 -44.56
CA ALA I 209 -27.99 -28.14 -43.51
C ALA I 209 -28.85 -26.97 -44.00
N PHE I 210 -28.55 -26.45 -45.20
CA PHE I 210 -29.31 -25.32 -45.72
C PHE I 210 -30.67 -25.64 -46.31
N ASP I 211 -30.76 -26.73 -47.06
CA ASP I 211 -32.03 -27.13 -47.65
C ASP I 211 -32.96 -27.66 -46.57
N GLY I 212 -32.41 -27.81 -45.36
CA GLY I 212 -33.21 -28.30 -44.25
C GLY I 212 -32.71 -29.61 -43.67
N PHE I 213 -33.17 -29.90 -42.46
CA PHE I 213 -32.80 -31.14 -41.76
C PHE I 213 -33.93 -31.65 -40.87
N ASP I 214 -34.28 -32.91 -41.03
CA ASP I 214 -35.34 -33.55 -40.25
C ASP I 214 -34.87 -33.79 -38.82
N PHE I 215 -35.72 -33.44 -37.86
CA PHE I 215 -35.39 -33.62 -36.45
C PHE I 215 -36.27 -34.70 -35.82
N GLY I 216 -37.43 -34.93 -36.42
CA GLY I 216 -38.35 -35.92 -35.91
C GLY I 216 -39.27 -35.36 -34.84
N ASP I 217 -38.99 -34.13 -34.42
CA ASP I 217 -39.79 -33.47 -33.39
C ASP I 217 -41.12 -32.96 -33.95
N ASP I 218 -41.12 -32.60 -35.22
CA ASP I 218 -42.32 -32.10 -35.87
C ASP I 218 -42.44 -32.69 -37.27
N PRO I 219 -43.57 -32.45 -37.96
CA PRO I 219 -43.77 -32.98 -39.31
C PRO I 219 -43.00 -32.21 -40.38
N GLN I 220 -42.80 -30.91 -40.16
CA GLN I 220 -42.12 -30.08 -41.13
C GLN I 220 -40.76 -29.57 -40.70
N ASP I 221 -39.89 -30.45 -40.20
CA ASP I 221 -38.57 -30.02 -39.77
C ASP I 221 -37.74 -29.52 -40.95
N LYS I 222 -37.59 -30.35 -41.97
CA LYS I 222 -36.81 -29.97 -43.15
C LYS I 222 -37.38 -28.71 -43.79
N PHE I 223 -38.61 -28.36 -43.44
CA PHE I 223 -39.24 -27.16 -43.99
C PHE I 223 -39.09 -26.01 -43.02
N TYR I 224 -39.09 -26.36 -41.74
CA TYR I 224 -38.94 -25.38 -40.67
C TYR I 224 -37.48 -24.99 -40.49
N THR I 225 -36.62 -25.66 -41.24
CA THR I 225 -35.20 -25.39 -41.14
C THR I 225 -34.52 -25.24 -42.50
N THR I 226 -35.30 -24.86 -43.50
CA THR I 226 -34.72 -24.65 -44.81
C THR I 226 -34.32 -23.18 -44.84
N HIS I 227 -33.04 -22.92 -45.10
CA HIS I 227 -32.55 -21.54 -45.14
C HIS I 227 -32.64 -20.89 -46.50
N LEU I 228 -32.55 -21.68 -47.56
CA LEU I 228 -32.62 -21.14 -48.90
C LEU I 228 -33.82 -20.20 -48.96
N GLY I 229 -33.62 -19.03 -49.56
CA GLY I 229 -34.70 -18.05 -49.69
C GLY I 229 -35.00 -17.25 -48.45
N MET I 230 -34.45 -17.64 -47.31
CA MET I 230 -34.70 -16.92 -46.07
C MET I 230 -34.09 -15.52 -46.05
N LEU I 231 -34.86 -14.57 -45.53
CA LEU I 231 -34.37 -13.21 -45.43
C LEU I 231 -33.40 -13.14 -44.28
N PHE I 232 -32.68 -12.03 -44.18
CA PHE I 232 -31.75 -11.89 -43.08
C PHE I 232 -32.45 -11.23 -41.92
N SER I 233 -32.26 -11.78 -40.73
CA SER I 233 -32.89 -11.23 -39.54
C SER I 233 -31.86 -11.03 -38.45
N THR I 234 -32.13 -10.05 -37.60
CA THR I 234 -31.25 -9.73 -36.49
C THR I 234 -32.13 -9.47 -35.27
N PRO I 235 -31.53 -9.54 -34.08
CA PRO I 235 -32.23 -9.31 -32.82
C PRO I 235 -33.34 -8.26 -32.84
N GLU I 236 -33.12 -7.13 -33.52
CA GLU I 236 -34.12 -6.06 -33.54
C GLU I 236 -34.84 -5.94 -34.88
N ARG I 237 -34.77 -6.98 -35.70
CA ARG I 237 -35.42 -6.95 -37.00
C ARG I 237 -35.83 -8.38 -37.37
N ASP I 238 -37.06 -8.74 -37.01
CA ASP I 238 -37.61 -10.06 -37.27
C ASP I 238 -38.10 -10.20 -38.71
N ASN I 239 -37.41 -11.04 -39.47
CA ASN I 239 -37.76 -11.26 -40.87
C ASN I 239 -37.91 -12.74 -41.14
N ASP I 240 -38.07 -13.53 -40.08
CA ASP I 240 -38.23 -14.96 -40.23
C ASP I 240 -39.68 -15.37 -40.38
N LYS I 241 -39.87 -16.67 -40.61
CA LYS I 241 -41.20 -17.26 -40.77
C LYS I 241 -41.50 -17.96 -39.45
N TYR I 242 -41.57 -17.18 -38.37
CA TYR I 242 -41.82 -17.70 -37.03
C TYR I 242 -42.43 -16.57 -36.20
N GLU I 243 -43.59 -16.84 -35.60
CA GLU I 243 -44.29 -15.85 -34.79
C GLU I 243 -43.34 -14.98 -33.99
N GLY I 244 -42.32 -15.60 -33.41
CA GLY I 244 -41.35 -14.87 -32.63
C GLY I 244 -40.14 -14.50 -33.46
N SER I 245 -39.07 -14.10 -32.79
CA SER I 245 -37.83 -13.72 -33.46
C SER I 245 -36.72 -14.74 -33.19
N CYS I 246 -36.51 -15.64 -34.15
CA CYS I 246 -35.45 -16.64 -33.99
C CYS I 246 -34.14 -15.89 -33.86
N ALA I 247 -34.08 -14.73 -34.49
CA ALA I 247 -32.90 -13.89 -34.44
C ALA I 247 -32.67 -13.40 -33.01
N GLU I 248 -33.76 -12.98 -32.34
CA GLU I 248 -33.66 -12.49 -30.98
C GLU I 248 -33.54 -13.61 -29.95
N GLN I 249 -34.05 -14.79 -30.28
CA GLN I 249 -33.97 -15.93 -29.37
C GLN I 249 -32.53 -16.41 -29.26
N ASP I 250 -31.92 -16.71 -30.41
CA ASP I 250 -30.54 -17.18 -30.44
C ASP I 250 -29.62 -15.99 -30.23
N GLY I 251 -30.17 -14.79 -30.45
CA GLY I 251 -29.40 -13.57 -30.28
C GLY I 251 -28.22 -13.42 -31.23
N SER I 252 -28.51 -13.25 -32.51
CA SER I 252 -27.46 -13.11 -33.52
C SER I 252 -28.05 -13.13 -34.91
N GLY I 253 -27.94 -12.00 -35.62
CA GLY I 253 -28.46 -11.91 -36.98
C GLY I 253 -28.08 -13.09 -37.85
N TRP I 254 -29.00 -13.49 -38.73
CA TRP I 254 -28.80 -14.61 -39.62
C TRP I 254 -30.07 -14.81 -40.44
N TRP I 255 -30.01 -15.68 -41.46
CA TRP I 255 -31.18 -15.96 -42.30
C TRP I 255 -32.09 -16.91 -41.54
N MET I 256 -33.01 -16.35 -40.76
CA MET I 256 -33.90 -17.17 -39.98
C MET I 256 -35.20 -17.52 -40.71
N ASN I 257 -35.63 -18.75 -40.51
CA ASN I 257 -36.86 -19.33 -41.08
C ASN I 257 -37.68 -19.74 -39.87
N ARG I 258 -38.03 -21.03 -39.77
CA ARG I 258 -38.74 -21.49 -38.59
C ARG I 258 -37.59 -21.79 -37.65
N CYS I 259 -36.66 -20.84 -37.67
CA CYS I 259 -35.41 -20.81 -36.93
C CYS I 259 -34.22 -21.34 -37.72
N HIS I 260 -33.73 -22.54 -37.42
CA HIS I 260 -32.54 -22.97 -38.15
C HIS I 260 -32.09 -24.42 -38.10
N ALA I 261 -31.34 -24.80 -39.12
CA ALA I 261 -30.77 -26.12 -39.25
C ALA I 261 -29.27 -25.90 -39.37
N GLY I 262 -28.91 -24.66 -39.71
CA GLY I 262 -27.52 -24.27 -39.83
C GLY I 262 -27.37 -22.83 -39.34
N HIS I 263 -26.69 -22.65 -38.22
CA HIS I 263 -26.52 -21.32 -37.64
C HIS I 263 -25.05 -21.15 -37.26
N LEU I 264 -24.32 -20.37 -38.04
CA LEU I 264 -22.90 -20.15 -37.77
C LEU I 264 -22.62 -18.87 -37.00
N ASN I 265 -23.67 -18.07 -36.75
CA ASN I 265 -23.51 -16.83 -35.99
C ASN I 265 -24.01 -17.00 -34.56
N GLY I 266 -24.32 -18.24 -34.18
CA GLY I 266 -24.82 -18.51 -32.85
C GLY I 266 -23.82 -18.25 -31.72
N LYS I 267 -24.30 -18.24 -30.49
CA LYS I 267 -23.44 -17.98 -29.35
C LYS I 267 -22.36 -19.06 -29.27
N TYR I 268 -21.12 -18.63 -29.06
CA TYR I 268 -19.97 -19.52 -29.00
C TYR I 268 -19.78 -20.19 -27.65
N TYR I 269 -20.28 -21.42 -27.53
CA TYR I 269 -20.15 -22.19 -26.30
C TYR I 269 -18.85 -22.97 -26.34
N PHE I 270 -17.97 -22.73 -25.37
CA PHE I 270 -16.69 -23.43 -25.31
C PHE I 270 -16.97 -24.88 -24.95
N GLY I 271 -15.94 -25.71 -24.97
CA GLY I 271 -16.13 -27.10 -24.62
C GLY I 271 -16.91 -27.86 -25.68
N GLY I 272 -16.96 -29.18 -25.55
CA GLY I 272 -17.66 -30.02 -26.50
C GLY I 272 -18.99 -29.47 -26.99
N ASN I 273 -20.07 -29.80 -26.32
CA ASN I 273 -21.37 -29.33 -26.73
C ASN I 273 -22.17 -28.80 -25.57
N TYR I 274 -22.83 -27.67 -25.76
CA TYR I 274 -23.64 -27.09 -24.71
C TYR I 274 -24.86 -27.99 -24.60
N ARG I 275 -25.64 -27.83 -23.54
CA ARG I 275 -26.82 -28.65 -23.34
C ARG I 275 -28.00 -27.86 -22.80
N LYS I 276 -29.13 -28.53 -22.72
CA LYS I 276 -30.36 -27.94 -22.20
C LYS I 276 -30.54 -28.42 -20.76
N THR I 277 -29.43 -28.87 -20.16
CA THR I 277 -29.43 -29.37 -18.79
C THR I 277 -30.12 -28.38 -17.87
N ASP I 278 -30.92 -28.90 -16.94
CA ASP I 278 -31.63 -28.04 -15.99
C ASP I 278 -32.48 -27.07 -16.82
N VAL I 279 -33.27 -27.64 -17.71
CA VAL I 279 -34.15 -26.90 -18.62
C VAL I 279 -34.65 -25.55 -18.12
N GLU I 280 -33.94 -24.48 -18.53
CA GLU I 280 -34.31 -23.12 -18.18
C GLU I 280 -35.26 -22.66 -19.29
N PHE I 281 -35.15 -23.36 -20.43
CA PHE I 281 -35.93 -23.14 -21.64
C PHE I 281 -35.20 -23.78 -22.83
N PRO I 282 -35.88 -23.93 -23.97
CA PRO I 282 -35.21 -24.55 -25.12
C PRO I 282 -33.95 -23.80 -25.57
N TYR I 283 -34.08 -22.99 -26.61
CA TYR I 283 -32.98 -22.21 -27.14
C TYR I 283 -31.73 -23.02 -27.45
N ASP I 284 -31.50 -23.25 -28.74
CA ASP I 284 -30.34 -23.99 -29.19
C ASP I 284 -29.52 -23.02 -30.07
N ASP I 285 -29.33 -21.82 -29.55
CA ASP I 285 -28.60 -20.75 -30.22
C ASP I 285 -27.23 -21.09 -30.79
N GLY I 286 -26.43 -21.81 -30.01
CA GLY I 286 -25.10 -22.20 -30.43
C GLY I 286 -24.75 -22.36 -31.90
N ILE I 287 -23.46 -22.45 -32.16
CA ILE I 287 -22.90 -22.61 -33.49
C ILE I 287 -23.06 -24.03 -33.98
N ILE I 288 -24.19 -24.32 -34.64
CA ILE I 288 -24.51 -25.66 -35.13
C ILE I 288 -24.76 -25.83 -36.63
N TRP I 289 -24.67 -27.08 -37.07
CA TRP I 289 -24.88 -27.45 -38.47
C TRP I 289 -25.45 -28.89 -38.45
N ALA I 290 -26.70 -28.99 -38.00
CA ALA I 290 -27.46 -30.23 -37.87
C ALA I 290 -26.94 -31.46 -38.62
N THR I 291 -26.82 -31.35 -39.93
CA THR I 291 -26.34 -32.48 -40.72
C THR I 291 -24.97 -33.03 -40.33
N TRP I 292 -24.42 -32.58 -39.20
CA TRP I 292 -23.13 -33.08 -38.73
C TRP I 292 -23.00 -33.09 -37.21
N HIS I 293 -24.11 -32.86 -36.50
CA HIS I 293 -24.11 -32.85 -35.05
C HIS I 293 -25.40 -32.25 -34.54
N ASP I 294 -25.92 -32.83 -33.45
CA ASP I 294 -27.14 -32.36 -32.84
C ASP I 294 -27.12 -30.86 -32.67
N ARG I 295 -28.30 -30.25 -32.62
CA ARG I 295 -28.39 -28.81 -32.47
C ARG I 295 -27.90 -28.36 -31.09
N TRP I 296 -27.26 -29.27 -30.38
CA TRP I 296 -26.74 -28.97 -29.06
C TRP I 296 -25.26 -29.25 -28.95
N TYR I 297 -24.55 -28.93 -30.03
CA TYR I 297 -23.11 -29.12 -30.13
C TYR I 297 -22.53 -27.91 -30.88
N SER I 298 -22.18 -26.86 -30.15
CA SER I 298 -21.62 -25.66 -30.76
C SER I 298 -20.20 -25.93 -31.26
N LEU I 299 -19.96 -25.63 -32.53
CA LEU I 299 -18.65 -25.84 -33.15
C LEU I 299 -17.51 -24.99 -32.58
N LYS I 300 -16.27 -25.42 -32.86
CA LYS I 300 -15.08 -24.73 -32.37
C LYS I 300 -14.64 -23.63 -33.34
N MET I 301 -14.50 -23.99 -34.61
CA MET I 301 -14.11 -23.03 -35.64
C MET I 301 -15.18 -22.96 -36.72
N THR I 302 -15.12 -21.92 -37.53
CA THR I 302 -16.11 -21.74 -38.59
C THR I 302 -15.59 -20.70 -39.57
N THR I 303 -15.96 -20.87 -40.82
CA THR I 303 -15.55 -19.93 -41.85
C THR I 303 -16.43 -20.07 -43.07
N MET I 304 -16.89 -18.94 -43.59
CA MET I 304 -17.72 -18.95 -44.79
C MET I 304 -16.96 -18.22 -45.88
N LYS I 305 -16.32 -18.96 -46.78
CA LYS I 305 -15.53 -18.35 -47.83
C LYS I 305 -16.23 -18.40 -49.17
N LEU I 306 -15.93 -17.43 -50.02
CA LEU I 306 -16.49 -17.33 -51.36
C LEU I 306 -15.41 -17.49 -52.41
N LEU I 307 -15.74 -18.16 -53.51
CA LEU I 307 -14.82 -18.39 -54.60
C LEU I 307 -15.60 -18.32 -55.91
N PRO I 308 -15.03 -17.68 -56.95
CA PRO I 308 -15.76 -17.60 -58.22
C PRO I 308 -16.24 -18.97 -58.70
N MET I 309 -17.54 -19.07 -58.94
CA MET I 309 -18.13 -20.31 -59.43
C MET I 309 -17.26 -20.88 -60.55
N GLY I 310 -16.72 -19.99 -61.39
CA GLY I 310 -15.89 -20.40 -62.50
C GLY I 310 -14.49 -20.82 -62.12
N ARG I 311 -14.38 -21.91 -61.36
CA ARG I 311 -13.08 -22.42 -60.93
C ARG I 311 -13.23 -23.87 -60.51
N ASP I 312 -12.11 -24.45 -60.12
CA ASP I 312 -12.10 -25.80 -59.61
C ASP I 312 -12.21 -26.91 -60.63
N LEU I 313 -12.42 -28.08 -60.06
CA LEU I 313 -12.55 -29.36 -60.75
C LEU I 313 -13.78 -29.42 -61.65
N SER I 314 -13.77 -28.65 -62.75
CA SER I 314 -14.91 -28.67 -63.67
C SER I 314 -14.70 -29.64 -64.82
N GLY I 315 -13.55 -29.56 -65.48
CA GLY I 315 -13.27 -30.47 -66.56
C GLY I 315 -12.95 -31.82 -65.95
N HIS I 316 -13.66 -32.10 -64.87
CA HIS I 316 -13.49 -33.32 -64.13
C HIS I 316 -14.82 -33.62 -63.47
N GLY I 317 -15.91 -33.11 -64.05
CA GLY I 317 -17.22 -33.31 -63.48
C GLY I 317 -17.93 -34.60 -63.88
N ASN J 14 -77.32 -27.48 -28.36
CA ASN J 14 -77.22 -26.41 -27.34
C ASN J 14 -77.21 -26.97 -25.92
N GLU J 15 -77.00 -28.28 -25.81
CA GLU J 15 -76.95 -28.93 -24.50
C GLU J 15 -75.57 -28.69 -23.90
N LEU J 16 -74.71 -29.70 -23.93
CA LEU J 16 -73.38 -29.55 -23.38
C LEU J 16 -72.76 -28.37 -24.12
N GLU J 17 -73.26 -28.11 -25.33
CA GLU J 17 -72.77 -27.00 -26.15
C GLU J 17 -72.45 -25.74 -25.33
N VAL J 18 -73.45 -25.14 -24.73
CA VAL J 18 -73.21 -23.95 -23.93
C VAL J 18 -72.57 -24.34 -22.60
N ARG J 19 -72.95 -25.50 -22.05
CA ARG J 19 -72.37 -25.97 -20.78
C ARG J 19 -70.85 -25.97 -20.91
N TYR J 20 -70.39 -26.49 -22.04
CA TYR J 20 -68.96 -26.56 -22.36
C TYR J 20 -68.48 -25.15 -22.64
N SER J 21 -69.21 -24.44 -23.50
CA SER J 21 -68.85 -23.07 -23.86
C SER J 21 -68.74 -22.19 -22.62
N GLU J 22 -69.12 -22.75 -21.47
CA GLU J 22 -69.03 -22.02 -20.21
C GLU J 22 -67.68 -22.33 -19.58
N VAL J 23 -67.38 -23.61 -19.46
CA VAL J 23 -66.13 -24.07 -18.87
C VAL J 23 -64.94 -23.56 -19.69
N LEU J 24 -65.23 -22.70 -20.67
CA LEU J 24 -64.17 -22.12 -21.49
C LEU J 24 -64.03 -20.64 -21.17
N ARG J 25 -65.15 -19.91 -21.17
CA ARG J 25 -65.13 -18.48 -20.85
C ARG J 25 -64.78 -18.31 -19.37
N GLU J 26 -65.15 -19.33 -18.59
CA GLU J 26 -64.88 -19.37 -17.16
C GLU J 26 -63.55 -20.11 -16.99
N LEU J 27 -62.64 -19.86 -17.94
CA LEU J 27 -61.33 -20.45 -17.93
C LEU J 27 -60.46 -19.54 -18.80
N GLU J 28 -61.13 -18.61 -19.47
CA GLU J 28 -60.48 -17.62 -20.31
C GLU J 28 -60.28 -16.43 -19.42
N ARG J 29 -61.01 -16.43 -18.30
CA ARG J 29 -60.92 -15.37 -17.30
C ARG J 29 -59.96 -15.84 -16.21
N ARG J 30 -60.15 -17.07 -15.72
CA ARG J 30 -59.31 -17.62 -14.67
C ARG J 30 -57.83 -17.58 -15.05
N ILE J 31 -57.56 -17.35 -16.33
CA ILE J 31 -56.19 -17.24 -16.82
C ILE J 31 -55.78 -15.78 -16.76
N ILE J 32 -56.71 -14.89 -17.08
CA ILE J 32 -56.45 -13.47 -17.02
C ILE J 32 -56.37 -13.09 -15.56
N HIS J 33 -57.11 -13.83 -14.72
CA HIS J 33 -57.11 -13.59 -13.29
C HIS J 33 -55.77 -14.02 -12.72
N LEU J 34 -55.35 -15.24 -13.05
CA LEU J 34 -54.09 -15.75 -12.56
C LEU J 34 -52.91 -14.95 -13.13
N GLN J 35 -53.21 -14.07 -14.09
CA GLN J 35 -52.18 -13.22 -14.68
C GLN J 35 -51.92 -12.09 -13.70
N ARG J 36 -53.01 -11.57 -13.12
CA ARG J 36 -52.94 -10.50 -12.15
C ARG J 36 -51.96 -10.86 -11.03
N ARG J 37 -52.26 -11.94 -10.31
CA ARG J 37 -51.42 -12.41 -9.22
C ARG J 37 -49.95 -12.38 -9.65
N ILE J 38 -49.65 -13.07 -10.75
CA ILE J 38 -48.31 -13.17 -11.29
C ILE J 38 -47.78 -11.85 -11.85
N ASN J 39 -48.57 -10.80 -11.70
CA ASN J 39 -48.18 -9.48 -12.16
C ASN J 39 -48.05 -8.61 -10.91
N MET J 40 -48.83 -8.98 -9.91
CA MET J 40 -48.87 -8.29 -8.62
C MET J 40 -47.64 -8.69 -7.82
N GLN J 41 -47.29 -9.96 -7.92
CA GLN J 41 -46.13 -10.49 -7.22
C GLN J 41 -44.89 -9.85 -7.83
N LEU J 42 -45.08 -9.23 -9.00
CA LEU J 42 -43.98 -8.57 -9.67
C LEU J 42 -43.74 -7.21 -9.04
N GLN J 43 -44.80 -6.40 -8.95
CA GLN J 43 -44.71 -5.08 -8.33
C GLN J 43 -44.15 -5.28 -6.92
N GLN J 44 -44.69 -6.27 -6.21
CA GLN J 44 -44.22 -6.55 -4.86
C GLN J 44 -42.72 -6.83 -4.87
N LEU J 45 -42.31 -7.84 -5.64
CA LEU J 45 -40.91 -8.20 -5.73
C LEU J 45 -40.00 -7.09 -6.27
N THR J 46 -40.58 -6.08 -6.92
CA THR J 46 -39.78 -4.98 -7.44
C THR J 46 -39.42 -4.11 -6.24
N LEU J 47 -40.33 -4.06 -5.27
CA LEU J 47 -40.13 -3.28 -4.06
C LEU J 47 -39.22 -4.03 -3.11
N LEU J 48 -39.64 -5.23 -2.74
CA LEU J 48 -38.86 -6.06 -1.84
C LEU J 48 -37.42 -6.07 -2.31
N GLN J 49 -37.23 -5.78 -3.59
CA GLN J 49 -35.91 -5.76 -4.19
C GLN J 49 -35.19 -4.49 -3.81
N HIS J 50 -35.89 -3.37 -3.88
CA HIS J 50 -35.31 -2.07 -3.55
C HIS J 50 -35.16 -1.89 -2.04
N ASN J 51 -36.04 -2.52 -1.26
CA ASN J 51 -35.93 -2.43 0.19
C ASN J 51 -34.68 -3.16 0.63
N ILE J 52 -34.44 -4.33 0.05
CA ILE J 52 -33.26 -5.07 0.39
C ILE J 52 -32.07 -4.29 -0.10
N LYS J 53 -32.27 -3.51 -1.15
CA LYS J 53 -31.19 -2.69 -1.70
C LYS J 53 -30.83 -1.60 -0.68
N THR J 54 -31.81 -1.09 0.06
CA THR J 54 -31.55 -0.07 1.05
C THR J 54 -31.12 -0.68 2.39
N GLN J 55 -31.80 -1.73 2.82
CA GLN J 55 -31.45 -2.38 4.06
C GLN J 55 -30.01 -2.83 3.94
N VAL J 56 -29.67 -3.46 2.82
CA VAL J 56 -28.30 -3.93 2.60
C VAL J 56 -27.32 -2.77 2.73
N SER J 57 -27.80 -1.57 2.43
CA SER J 57 -26.95 -0.40 2.50
C SER J 57 -26.87 0.07 3.95
N GLN J 58 -28.03 0.24 4.57
CA GLN J 58 -28.10 0.66 5.96
C GLN J 58 -27.25 -0.27 6.84
N ILE J 59 -27.39 -1.57 6.63
CA ILE J 59 -26.63 -2.56 7.41
C ILE J 59 -25.13 -2.36 7.26
N LEU J 60 -24.69 -2.07 6.05
CA LEU J 60 -23.26 -1.88 5.82
C LEU J 60 -22.76 -0.63 6.52
N ARG J 61 -23.63 0.37 6.65
CA ARG J 61 -23.27 1.62 7.31
C ARG J 61 -22.99 1.34 8.76
N VAL J 62 -23.96 0.75 9.45
CA VAL J 62 -23.81 0.40 10.85
C VAL J 62 -22.56 -0.44 11.00
N GLU J 63 -22.38 -1.37 10.07
CA GLU J 63 -21.21 -2.26 10.07
C GLU J 63 -19.93 -1.45 10.29
N VAL J 64 -19.78 -0.35 9.57
CA VAL J 64 -18.58 0.46 9.70
C VAL J 64 -18.62 1.37 10.93
N ASP J 65 -19.81 1.87 11.29
CA ASP J 65 -19.92 2.73 12.46
C ASP J 65 -19.50 1.94 13.69
N ILE J 66 -20.05 0.73 13.80
CA ILE J 66 -19.72 -0.16 14.91
C ILE J 66 -18.22 -0.47 14.89
N ASP J 67 -17.67 -0.64 13.70
CA ASP J 67 -16.25 -0.91 13.53
C ASP J 67 -15.42 0.23 14.14
N VAL J 68 -15.77 1.44 13.74
CA VAL J 68 -15.09 2.64 14.20
C VAL J 68 -15.28 2.81 15.70
N ALA J 69 -16.50 2.55 16.17
CA ALA J 69 -16.80 2.69 17.58
C ALA J 69 -16.02 1.74 18.47
N LEU J 70 -16.19 0.44 18.26
CA LEU J 70 -15.48 -0.52 19.09
C LEU J 70 -14.00 -0.18 19.24
N ARG J 71 -13.36 0.25 18.16
CA ARG J 71 -11.95 0.60 18.27
C ARG J 71 -11.73 1.67 19.32
N ALA J 72 -12.76 2.46 19.60
CA ALA J 72 -12.69 3.53 20.60
C ALA J 72 -12.49 2.94 21.99
N CYS J 73 -12.97 1.71 22.20
CA CYS J 73 -12.84 1.04 23.51
C CYS J 73 -11.45 0.56 23.88
N LYS J 74 -10.60 0.32 22.90
CA LYS J 74 -9.24 -0.09 23.21
C LYS J 74 -8.71 0.90 24.21
N GLY J 75 -9.00 2.18 23.98
CA GLY J 75 -8.50 3.21 24.87
C GLY J 75 -9.45 3.60 25.99
N SER J 76 -10.45 2.76 26.26
CA SER J 76 -11.40 3.10 27.32
C SER J 76 -11.79 1.98 28.27
N CYS J 77 -11.50 0.75 27.88
CA CYS J 77 -11.85 -0.41 28.70
C CYS J 77 -10.68 -1.26 29.16
N ALA J 78 -10.90 -2.01 30.24
CA ALA J 78 -9.86 -2.87 30.79
C ALA J 78 -9.31 -3.84 29.73
N ARG J 79 -10.20 -4.61 29.12
CA ARG J 79 -9.79 -5.56 28.08
C ARG J 79 -10.31 -5.09 26.71
N TYR J 80 -9.43 -5.11 25.72
CA TYR J 80 -9.81 -4.68 24.37
C TYR J 80 -10.19 -5.83 23.43
N LEU J 81 -11.37 -5.68 22.82
CA LEU J 81 -11.90 -6.69 21.88
C LEU J 81 -11.11 -6.72 20.56
N GLU J 82 -11.77 -6.28 19.49
CA GLU J 82 -11.22 -6.25 18.14
C GLU J 82 -12.38 -6.59 17.21
N TYR J 83 -12.38 -6.08 15.98
CA TYR J 83 -13.49 -6.38 15.07
C TYR J 83 -13.10 -6.61 13.61
N ARG J 84 -13.78 -7.59 12.99
CA ARG J 84 -13.56 -8.00 11.59
C ARG J 84 -14.22 -7.10 10.56
N LEU J 85 -14.08 -7.46 9.28
CA LEU J 85 -14.66 -6.71 8.18
C LEU J 85 -14.13 -7.15 6.80
N ASP J 86 -15.06 -7.39 5.86
CA ASP J 86 -14.71 -7.78 4.49
C ASP J 86 -15.95 -8.26 3.70
N LYS J 87 -15.79 -9.38 2.99
CA LYS J 87 -16.86 -10.00 2.19
C LYS J 87 -17.40 -9.16 1.05
N GLU J 88 -17.39 -9.76 -0.13
CA GLU J 88 -17.89 -9.13 -1.34
C GLU J 88 -19.14 -9.92 -1.70
N LYS J 89 -19.26 -11.09 -1.09
CA LYS J 89 -20.40 -11.99 -1.29
C LYS J 89 -21.64 -11.22 -0.87
N ASN J 90 -21.41 -10.00 -0.41
CA ASN J 90 -22.46 -9.12 0.03
C ASN J 90 -22.56 -7.96 -0.97
N LEU J 91 -21.42 -7.53 -1.50
CA LEU J 91 -21.40 -6.43 -2.48
C LEU J 91 -21.72 -6.99 -3.86
N GLN J 92 -21.89 -8.31 -3.94
CA GLN J 92 -22.20 -8.97 -5.19
C GLN J 92 -23.67 -9.39 -5.15
N LEU J 93 -24.03 -10.18 -4.14
CA LEU J 93 -25.41 -10.64 -3.99
C LEU J 93 -26.35 -9.44 -3.81
N GLU J 94 -25.78 -8.25 -3.89
CA GLU J 94 -26.53 -7.01 -3.78
C GLU J 94 -26.97 -6.65 -5.19
N LYS J 95 -26.00 -6.58 -6.08
CA LYS J 95 -26.23 -6.24 -7.49
C LYS J 95 -26.99 -7.37 -8.18
N ALA J 96 -26.90 -8.57 -7.61
CA ALA J 96 -27.59 -9.73 -8.17
C ALA J 96 -29.08 -9.53 -7.94
N ALA J 97 -29.47 -9.36 -6.67
CA ALA J 97 -30.86 -9.17 -6.32
C ALA J 97 -31.37 -7.82 -6.80
N SER J 98 -30.45 -6.95 -7.18
CA SER J 98 -30.81 -5.61 -7.65
C SER J 98 -31.15 -5.61 -9.14
N TYR J 99 -30.51 -6.50 -9.88
CA TYR J 99 -30.73 -6.60 -11.31
C TYR J 99 -31.85 -7.56 -11.69
N ILE J 100 -32.24 -8.43 -10.76
CA ILE J 100 -33.33 -9.36 -11.03
C ILE J 100 -34.64 -8.55 -10.96
N ALA J 101 -34.60 -7.38 -11.58
CA ALA J 101 -35.74 -6.48 -11.64
C ALA J 101 -36.70 -6.99 -12.70
N ASN J 102 -36.39 -8.17 -13.24
CA ASN J 102 -37.21 -8.81 -14.26
C ASN J 102 -38.61 -9.04 -13.69
N LEU J 103 -38.80 -8.56 -12.47
CA LEU J 103 -40.06 -8.67 -11.76
C LEU J 103 -40.91 -7.53 -12.33
N LYS J 104 -40.59 -7.15 -13.56
CA LYS J 104 -41.27 -6.06 -14.26
C LYS J 104 -42.00 -6.49 -15.54
N PHE J 105 -41.68 -7.69 -16.04
CA PHE J 105 -42.32 -8.20 -17.25
C PHE J 105 -43.85 -8.20 -17.08
N GLU J 106 -44.57 -8.43 -18.18
CA GLU J 106 -46.02 -8.41 -18.13
C GLU J 106 -46.60 -8.66 -19.52
N ARG J 107 -47.86 -8.25 -19.72
CA ARG J 107 -48.54 -8.43 -21.00
C ARG J 107 -49.51 -7.27 -21.29
N PHE J 108 -49.46 -6.75 -22.51
CA PHE J 108 -50.31 -5.63 -22.93
C PHE J 108 -51.57 -6.07 -23.68
N GLU J 109 -51.58 -7.34 -24.10
CA GLU J 109 -52.72 -7.89 -24.83
C GLU J 109 -53.92 -8.11 -23.91
N GLU J 110 -53.64 -8.33 -22.62
CA GLU J 110 -54.66 -8.55 -21.61
C GLU J 110 -55.86 -7.59 -21.76
N VAL J 111 -55.54 -6.32 -22.04
CA VAL J 111 -56.55 -5.28 -22.21
C VAL J 111 -57.58 -5.61 -23.29
N VAL J 112 -58.84 -5.28 -23.01
CA VAL J 112 -59.96 -5.54 -23.91
C VAL J 112 -59.68 -5.02 -25.33
N ALA K 7 -57.66 -22.21 -29.29
CA ALA K 7 -58.07 -23.10 -28.16
C ALA K 7 -56.89 -23.93 -27.64
N GLN K 8 -55.84 -24.06 -28.45
CA GLN K 8 -54.64 -24.83 -28.08
C GLN K 8 -53.40 -23.95 -27.99
N LYS K 9 -53.49 -22.73 -28.51
CA LYS K 9 -52.36 -21.81 -28.47
C LYS K 9 -52.33 -20.96 -27.21
N GLU K 10 -52.91 -19.77 -27.29
CA GLU K 10 -52.95 -18.81 -26.18
C GLU K 10 -52.85 -19.37 -24.76
N ILE K 11 -53.56 -20.45 -24.45
CA ILE K 11 -53.47 -21.00 -23.11
C ILE K 11 -52.22 -21.84 -22.91
N GLU K 12 -51.81 -22.57 -23.96
CA GLU K 12 -50.61 -23.39 -23.90
C GLU K 12 -49.51 -22.76 -24.78
N ASN K 13 -49.64 -21.46 -25.03
CA ASN K 13 -48.67 -20.71 -25.83
C ASN K 13 -48.14 -19.61 -24.89
N ARG K 14 -49.07 -18.96 -24.19
CA ARG K 14 -48.75 -17.91 -23.23
C ARG K 14 -48.30 -18.62 -21.96
N TYR K 15 -48.37 -19.94 -21.99
CA TYR K 15 -47.94 -20.75 -20.86
C TYR K 15 -46.44 -20.98 -20.98
N LYS K 16 -45.91 -20.76 -22.19
CA LYS K 16 -44.48 -20.92 -22.43
C LYS K 16 -43.76 -19.60 -22.15
N GLU K 17 -44.46 -18.68 -21.50
CA GLU K 17 -43.92 -17.38 -21.11
C GLU K 17 -44.40 -17.05 -19.70
N VAL K 18 -45.56 -17.60 -19.32
CA VAL K 18 -46.09 -17.41 -17.98
C VAL K 18 -45.30 -18.42 -17.16
N LYS K 19 -44.57 -19.26 -17.90
CA LYS K 19 -43.71 -20.28 -17.33
C LYS K 19 -42.31 -19.68 -17.41
N ILE K 20 -42.25 -18.37 -17.70
CA ILE K 20 -40.98 -17.65 -17.78
C ILE K 20 -40.91 -16.77 -16.53
N ARG K 21 -42.07 -16.26 -16.12
CA ARG K 21 -42.16 -15.43 -14.95
C ARG K 21 -41.96 -16.39 -13.78
N ILE K 22 -43.03 -17.13 -13.48
CA ILE K 22 -43.04 -18.09 -12.38
C ILE K 22 -41.73 -18.83 -12.07
N GLU K 23 -40.93 -19.15 -13.08
CA GLU K 23 -39.68 -19.85 -12.81
C GLU K 23 -38.45 -19.16 -13.37
N SER K 24 -38.25 -19.26 -14.68
CA SER K 24 -37.09 -18.66 -15.34
C SER K 24 -36.74 -17.26 -14.85
N THR K 25 -37.73 -16.55 -14.32
CA THR K 25 -37.50 -15.19 -13.83
C THR K 25 -37.87 -14.95 -12.36
N VAL K 26 -39.16 -14.98 -12.07
CA VAL K 26 -39.66 -14.74 -10.71
C VAL K 26 -39.32 -15.83 -9.70
N ALA K 27 -38.66 -16.90 -10.15
CA ALA K 27 -38.28 -17.98 -9.24
C ALA K 27 -36.81 -17.87 -8.84
N GLY K 28 -35.98 -17.43 -9.79
CA GLY K 28 -34.56 -17.28 -9.51
C GLY K 28 -34.30 -15.99 -8.73
N SER K 29 -35.36 -15.25 -8.46
CA SER K 29 -35.25 -14.01 -7.72
C SER K 29 -35.35 -14.32 -6.23
N LEU K 30 -36.39 -15.05 -5.84
CA LEU K 30 -36.59 -15.40 -4.44
C LEU K 30 -35.40 -16.18 -3.87
N ARG K 31 -34.30 -16.19 -4.62
CA ARG K 31 -33.09 -16.86 -4.19
C ARG K 31 -32.36 -15.83 -3.34
N SER K 32 -31.66 -14.91 -4.00
CA SER K 32 -30.94 -13.87 -3.28
C SER K 32 -31.91 -13.18 -2.31
N MET K 33 -33.14 -12.96 -2.77
CA MET K 33 -34.15 -12.33 -1.94
C MET K 33 -34.13 -12.96 -0.56
N LYS K 34 -34.19 -14.29 -0.51
CA LYS K 34 -34.19 -15.01 0.75
C LYS K 34 -32.80 -15.31 1.29
N SER K 35 -31.81 -15.37 0.40
CA SER K 35 -30.44 -15.66 0.84
C SER K 35 -29.92 -14.43 1.55
N VAL K 36 -30.00 -13.29 0.86
CA VAL K 36 -29.53 -12.03 1.40
C VAL K 36 -30.10 -11.77 2.79
N LEU K 37 -31.41 -11.82 2.91
CA LEU K 37 -32.07 -11.57 4.20
C LEU K 37 -31.60 -12.48 5.34
N GLU K 38 -31.39 -13.76 5.07
CA GLU K 38 -30.90 -14.67 6.10
C GLU K 38 -29.42 -14.36 6.31
N HIS K 39 -28.77 -13.93 5.24
CA HIS K 39 -27.36 -13.58 5.25
C HIS K 39 -27.15 -12.34 6.10
N LEU K 40 -28.05 -11.37 5.96
CA LEU K 40 -27.97 -10.14 6.74
C LEU K 40 -28.25 -10.46 8.20
N ARG K 41 -29.28 -11.27 8.46
CA ARG K 41 -29.62 -11.63 9.83
C ARG K 41 -28.36 -12.18 10.52
N ALA K 42 -27.40 -12.60 9.72
CA ALA K 42 -26.14 -13.14 10.23
C ALA K 42 -25.21 -11.97 10.54
N LYS K 43 -24.93 -11.16 9.53
CA LYS K 43 -24.07 -9.99 9.66
C LYS K 43 -24.45 -9.28 10.97
N MET K 44 -25.75 -9.11 11.18
CA MET K 44 -26.25 -8.44 12.37
C MET K 44 -26.22 -9.32 13.61
N GLN K 45 -26.28 -10.63 13.41
CA GLN K 45 -26.25 -11.58 14.53
C GLN K 45 -24.85 -11.55 15.16
N ARG K 46 -23.82 -11.45 14.33
CA ARG K 46 -22.45 -11.41 14.81
C ARG K 46 -22.00 -10.00 15.16
N MET K 47 -22.89 -9.02 15.02
CA MET K 47 -22.56 -7.65 15.35
C MET K 47 -23.19 -7.33 16.69
N GLU K 48 -24.41 -7.77 16.91
CA GLU K 48 -25.04 -7.51 18.18
C GLU K 48 -24.23 -8.25 19.24
N GLU K 49 -23.46 -9.22 18.75
CA GLU K 49 -22.60 -10.01 19.62
C GLU K 49 -21.38 -9.18 20.01
N ALA K 50 -20.69 -8.66 18.99
CA ALA K 50 -19.50 -7.83 19.21
C ALA K 50 -19.77 -6.73 20.22
N ILE K 51 -20.77 -5.90 19.96
CA ILE K 51 -21.11 -4.81 20.87
C ILE K 51 -21.49 -5.30 22.27
N LYS K 52 -22.24 -6.40 22.36
CA LYS K 52 -22.64 -6.93 23.66
C LYS K 52 -21.49 -7.62 24.40
N THR K 53 -20.45 -7.98 23.66
CA THR K 53 -19.28 -8.62 24.24
C THR K 53 -18.37 -7.54 24.85
N GLN K 54 -17.96 -6.58 24.01
CA GLN K 54 -17.11 -5.49 24.47
C GLN K 54 -17.84 -4.75 25.59
N LYS K 55 -19.15 -4.68 25.50
CA LYS K 55 -19.94 -4.03 26.53
C LYS K 55 -19.48 -4.66 27.86
N GLU K 56 -19.32 -5.98 27.84
CA GLU K 56 -18.88 -6.74 29.00
C GLU K 56 -17.44 -6.36 29.34
N LEU K 57 -16.53 -6.69 28.44
CA LEU K 57 -15.14 -6.34 28.66
C LEU K 57 -14.96 -4.89 29.22
N CYS K 58 -15.95 -3.97 29.01
CA CYS K 58 -15.92 -2.55 29.47
C CYS K 58 -16.53 -2.35 30.83
N SER K 59 -16.73 -3.48 31.52
CA SER K 59 -17.29 -3.47 32.86
C SER K 59 -16.32 -2.64 33.70
N ALA K 60 -15.04 -2.79 33.40
CA ALA K 60 -13.99 -2.05 34.08
C ALA K 60 -13.26 -1.16 33.07
N PRO K 61 -12.99 0.10 33.43
CA PRO K 61 -12.29 1.01 32.52
C PRO K 61 -10.83 0.59 32.42
N CYS K 62 -10.09 1.20 31.51
CA CYS K 62 -8.67 0.90 31.39
C CYS K 62 -7.94 1.83 32.32
N THR K 63 -6.65 1.54 32.55
CA THR K 63 -5.85 2.36 33.44
C THR K 63 -4.41 2.32 33.01
N VAL K 64 -3.72 3.42 33.24
CA VAL K 64 -2.29 3.51 32.96
C VAL K 64 -1.65 3.73 34.32
N ASN K 65 -0.79 2.81 34.70
CA ASN K 65 -0.14 2.88 35.99
C ASN K 65 1.32 3.23 35.82
N CYS K 66 1.69 3.67 34.63
CA CYS K 66 3.08 4.03 34.35
C CYS K 66 3.61 5.15 35.24
N ARG K 67 4.92 5.10 35.48
CA ARG K 67 5.62 6.06 36.32
C ARG K 67 5.71 7.47 35.72
N VAL K 68 6.44 8.35 36.39
CA VAL K 68 6.58 9.71 35.85
C VAL K 68 8.03 10.17 35.85
N PRO K 69 8.48 10.67 34.70
CA PRO K 69 9.83 11.18 34.48
C PRO K 69 10.13 12.28 35.47
N VAL K 70 11.33 12.26 36.02
CA VAL K 70 11.70 13.27 36.97
C VAL K 70 11.93 14.57 36.22
N VAL K 71 12.60 14.46 35.09
CA VAL K 71 12.90 15.64 34.30
C VAL K 71 11.59 16.27 33.81
N SER K 72 11.60 17.59 33.65
CA SER K 72 10.43 18.31 33.20
C SER K 72 10.80 19.71 32.74
N GLY K 73 9.81 20.49 32.33
CA GLY K 73 10.05 21.85 31.88
C GLY K 73 8.77 22.56 31.47
N MET K 74 8.91 23.64 30.72
CA MET K 74 7.75 24.41 30.27
C MET K 74 7.16 23.72 29.04
N HIS K 75 8.00 23.65 28.01
CA HIS K 75 7.66 23.04 26.74
C HIS K 75 8.34 21.67 26.78
N CYS K 76 8.29 20.91 25.70
CA CYS K 76 9.00 19.63 25.64
C CYS K 76 10.41 20.01 25.23
N GLU K 77 10.50 21.09 24.47
CA GLU K 77 11.76 21.64 24.00
C GLU K 77 12.59 21.86 25.26
N ASP K 78 11.95 22.45 26.26
CA ASP K 78 12.60 22.72 27.52
C ASP K 78 13.06 21.39 28.12
N ILE K 79 12.21 20.37 28.02
CA ILE K 79 12.57 19.06 28.56
C ILE K 79 13.78 18.52 27.82
N TYR K 80 13.79 18.64 26.51
CA TYR K 80 14.92 18.18 25.72
C TYR K 80 16.18 18.85 26.31
N ARG K 81 16.13 20.17 26.43
CA ARG K 81 17.26 20.92 26.97
C ARG K 81 17.67 20.43 28.35
N ASN K 82 16.80 19.64 28.97
CA ASN K 82 17.08 19.16 30.31
C ASN K 82 17.44 17.69 30.38
N GLY K 83 17.71 17.10 29.22
CA GLY K 83 18.09 15.70 29.22
C GLY K 83 17.01 14.72 28.80
N GLY K 84 15.78 15.21 28.71
CA GLY K 84 14.72 14.31 28.27
C GLY K 84 14.96 14.08 26.80
N ARG K 85 15.56 12.95 26.44
CA ARG K 85 15.84 12.70 25.04
C ARG K 85 15.06 11.54 24.46
N THR K 86 14.31 10.83 25.30
CA THR K 86 13.50 9.72 24.81
C THR K 86 12.09 10.24 24.58
N SER K 87 11.41 9.68 23.59
CA SER K 87 10.05 10.13 23.30
C SER K 87 9.10 9.32 24.18
N GLU K 88 8.37 10.01 25.05
CA GLU K 88 7.45 9.34 25.95
C GLU K 88 6.65 10.39 26.71
N ALA K 89 5.75 9.93 27.59
CA ALA K 89 4.92 10.84 28.37
C ALA K 89 5.75 11.60 29.38
N TYR K 90 5.63 12.92 29.39
CA TYR K 90 6.34 13.75 30.37
C TYR K 90 5.34 14.68 31.02
N TYR K 91 5.78 15.42 32.02
CA TYR K 91 4.91 16.38 32.68
C TYR K 91 5.52 17.74 32.34
N ILE K 92 4.69 18.70 31.97
CA ILE K 92 5.23 20.03 31.69
C ILE K 92 4.41 21.04 32.44
N GLN K 93 4.98 22.22 32.62
CA GLN K 93 4.30 23.31 33.30
C GLN K 93 4.67 24.63 32.64
N PRO K 94 4.00 24.98 31.53
CA PRO K 94 4.31 26.24 30.84
C PRO K 94 3.81 27.46 31.62
N ASP K 95 2.71 27.31 32.35
CA ASP K 95 2.15 28.41 33.15
C ASP K 95 2.32 28.13 34.64
N LEU K 96 3.09 28.97 35.30
CA LEU K 96 3.34 28.80 36.73
C LEU K 96 2.10 28.95 37.62
N PHE K 97 1.01 29.44 37.06
CA PHE K 97 -0.20 29.60 37.85
C PHE K 97 -1.18 28.48 37.53
N SER K 98 -0.70 27.52 36.74
CA SER K 98 -1.50 26.38 36.35
C SER K 98 -0.69 25.12 36.67
N GLU K 99 -1.36 24.07 37.12
CA GLU K 99 -0.69 22.83 37.45
C GLU K 99 0.02 22.23 36.24
N PRO K 100 1.02 21.36 36.48
CA PRO K 100 1.75 20.74 35.39
C PRO K 100 0.83 19.66 34.84
N TYR K 101 0.93 19.40 33.53
CA TYR K 101 0.09 18.37 32.93
C TYR K 101 0.88 17.40 32.05
N LYS K 102 0.39 16.18 31.97
CA LYS K 102 1.00 15.11 31.20
C LYS K 102 0.82 15.44 29.72
N VAL K 103 1.87 15.24 28.94
CA VAL K 103 1.81 15.49 27.51
C VAL K 103 2.81 14.53 26.88
N PHE K 104 2.58 14.16 25.63
CA PHE K 104 3.51 13.26 24.98
C PHE K 104 4.51 14.05 24.17
N CYS K 105 5.79 13.90 24.54
CA CYS K 105 6.87 14.59 23.85
C CYS K 105 7.49 13.73 22.75
N ASP K 106 7.77 14.37 21.61
CA ASP K 106 8.42 13.69 20.49
C ASP K 106 9.83 14.28 20.48
N MET K 107 10.78 13.49 20.96
CA MET K 107 12.16 13.94 21.04
C MET K 107 13.00 13.43 19.89
N GLU K 108 12.40 12.63 19.00
CA GLU K 108 13.16 12.09 17.88
C GLU K 108 12.98 12.83 16.56
N SER K 109 11.73 13.01 16.14
CA SER K 109 11.45 13.68 14.87
C SER K 109 11.97 15.11 14.78
N HIS K 110 12.22 15.53 13.55
CA HIS K 110 12.70 16.88 13.26
C HIS K 110 13.38 17.61 14.40
N GLY K 111 14.35 16.96 15.02
CA GLY K 111 15.10 17.57 16.10
C GLY K 111 14.53 17.48 17.50
N GLY K 112 13.40 16.79 17.65
CA GLY K 112 12.79 16.65 18.96
C GLY K 112 12.39 17.97 19.62
N GLY K 113 11.92 17.88 20.86
CA GLY K 113 11.48 19.06 21.58
C GLY K 113 10.05 19.35 21.17
N TRP K 114 9.43 18.39 20.49
CA TRP K 114 8.07 18.55 20.01
C TRP K 114 7.00 18.11 20.99
N THR K 115 6.15 19.05 21.37
CA THR K 115 5.05 18.78 22.27
C THR K 115 3.86 18.37 21.42
N VAL K 116 3.49 17.10 21.51
CA VAL K 116 2.36 16.60 20.76
C VAL K 116 1.06 17.18 21.32
N VAL K 117 0.31 17.86 20.48
CA VAL K 117 -0.94 18.47 20.89
C VAL K 117 -2.15 17.65 20.46
N GLN K 118 -1.97 16.83 19.42
CA GLN K 118 -3.02 15.95 18.87
C GLN K 118 -2.30 14.76 18.26
N ASN K 119 -2.91 13.59 18.30
CA ASN K 119 -2.25 12.39 17.78
C ASN K 119 -3.20 11.23 17.51
N ARG K 120 -3.16 10.71 16.27
CA ARG K 120 -3.97 9.57 15.84
C ARG K 120 -2.99 8.41 15.57
N VAL K 121 -3.42 7.17 15.79
CA VAL K 121 -2.54 6.02 15.58
C VAL K 121 -3.26 4.67 15.71
N ASP K 122 -4.53 4.72 16.11
CA ASP K 122 -5.39 3.55 16.27
C ASP K 122 -6.64 4.20 16.81
N GLY K 123 -7.81 3.85 16.32
CA GLY K 123 -9.01 4.51 16.81
C GLY K 123 -9.27 4.29 18.28
N SER K 124 -8.26 4.47 19.12
CA SER K 124 -8.42 4.25 20.55
C SER K 124 -9.16 5.34 21.29
N SER K 125 -9.41 6.46 20.63
CA SER K 125 -10.13 7.57 21.27
C SER K 125 -11.13 8.20 20.32
N ASN K 126 -12.28 8.59 20.86
CA ASN K 126 -13.32 9.22 20.06
C ASN K 126 -12.99 10.70 19.92
N PHE K 127 -13.03 11.21 18.69
CA PHE K 127 -12.73 12.61 18.45
C PHE K 127 -13.95 13.43 18.13
N ALA K 128 -15.10 12.76 18.07
CA ALA K 128 -16.35 13.43 17.80
C ALA K 128 -16.84 13.99 19.13
N ARG K 129 -16.11 14.95 19.69
CA ARG K 129 -16.47 15.53 20.97
C ARG K 129 -16.92 16.98 20.92
N ASP K 130 -17.77 17.37 21.86
CA ASP K 130 -18.29 18.73 21.93
C ASP K 130 -17.23 19.78 22.19
N TRP K 131 -17.68 21.03 22.17
CA TRP K 131 -16.84 22.19 22.37
C TRP K 131 -16.14 22.19 23.73
N ASN K 132 -16.89 21.87 24.77
CA ASN K 132 -16.33 21.84 26.11
C ASN K 132 -15.20 20.85 26.19
N THR K 133 -15.41 19.70 25.58
CA THR K 133 -14.41 18.63 25.61
C THR K 133 -13.16 18.95 24.83
N TYR K 134 -13.31 19.57 23.65
CA TYR K 134 -12.14 19.91 22.84
C TYR K 134 -11.32 21.02 23.47
N LYS K 135 -11.96 21.81 24.31
CA LYS K 135 -11.28 22.91 24.98
C LYS K 135 -10.48 22.38 26.14
N ALA K 136 -11.07 21.43 26.86
CA ALA K 136 -10.44 20.85 28.05
C ALA K 136 -9.36 19.85 27.75
N GLU K 137 -9.56 19.03 26.72
CA GLU K 137 -8.62 17.98 26.29
C GLU K 137 -9.33 16.66 26.47
N PHE K 138 -8.86 15.66 25.74
CA PHE K 138 -9.44 14.34 25.83
C PHE K 138 -8.54 13.29 25.23
N GLY K 139 -8.71 12.05 25.68
CA GLY K 139 -7.91 10.96 25.16
C GLY K 139 -6.85 10.51 26.14
N ASN K 140 -5.97 9.64 25.65
CA ASN K 140 -4.90 9.09 26.46
C ASN K 140 -3.59 9.59 25.91
N ILE K 141 -2.75 10.13 26.78
CA ILE K 141 -1.47 10.64 26.33
C ILE K 141 -0.56 9.49 25.89
N ALA K 142 -0.55 8.41 26.65
CA ALA K 142 0.28 7.25 26.33
C ALA K 142 -0.12 6.05 27.16
N PHE K 143 0.33 4.87 26.72
CA PHE K 143 0.04 3.60 27.40
C PHE K 143 1.33 2.96 27.93
N GLY K 144 1.17 2.04 28.90
CA GLY K 144 2.30 1.36 29.52
C GLY K 144 3.04 0.46 28.54
N ASN K 145 4.34 0.68 28.40
CA ASN K 145 5.13 -0.12 27.46
C ASN K 145 5.38 -1.53 27.96
N GLY K 146 4.80 -1.88 29.10
CA GLY K 146 5.02 -3.21 29.64
C GLY K 146 5.78 -3.12 30.95
N LYS K 147 6.82 -2.30 30.96
CA LYS K 147 7.60 -2.11 32.18
C LYS K 147 6.65 -1.18 32.94
N SER K 148 6.86 0.12 32.81
CA SER K 148 5.98 1.08 33.46
C SER K 148 6.31 2.46 32.95
N ILE K 149 6.89 2.49 31.76
CA ILE K 149 7.24 3.73 31.10
C ILE K 149 6.24 4.01 29.98
N CYS K 150 5.51 5.11 30.08
CA CYS K 150 4.53 5.45 29.07
C CYS K 150 5.16 6.06 27.83
N ASN K 151 5.68 5.21 26.95
CA ASN K 151 6.31 5.67 25.72
C ASN K 151 5.50 5.19 24.50
N ILE K 152 4.34 4.60 24.76
CA ILE K 152 3.49 4.17 23.67
C ILE K 152 2.42 5.23 23.52
N PRO K 153 2.62 6.16 22.58
CA PRO K 153 1.65 7.24 22.35
C PRO K 153 0.24 6.77 22.12
N GLY K 154 -0.72 7.52 22.66
CA GLY K 154 -2.10 7.15 22.50
C GLY K 154 -2.83 8.23 21.71
N GLU K 155 -4.13 8.08 21.56
CA GLU K 155 -4.89 9.07 20.82
C GLU K 155 -5.42 10.13 21.75
N TYR K 156 -5.08 11.39 21.48
CA TYR K 156 -5.57 12.47 22.32
C TYR K 156 -5.52 13.83 21.66
N TRP K 157 -6.20 14.75 22.30
CA TRP K 157 -6.24 16.13 21.88
C TRP K 157 -5.98 16.91 23.14
N LEU K 158 -4.73 17.36 23.34
CA LEU K 158 -4.39 18.18 24.49
C LEU K 158 -5.38 19.30 24.31
N GLY K 159 -6.05 19.74 25.36
CA GLY K 159 -7.04 20.80 25.18
C GLY K 159 -6.71 22.07 24.36
N THR K 160 -7.63 22.49 23.52
CA THR K 160 -7.42 23.69 22.72
C THR K 160 -7.00 24.87 23.59
N LYS K 161 -7.70 25.05 24.71
CA LYS K 161 -7.39 26.15 25.60
C LYS K 161 -5.94 26.12 26.06
N THR K 162 -5.42 24.91 26.29
CA THR K 162 -4.03 24.77 26.71
C THR K 162 -3.17 25.20 25.55
N VAL K 163 -3.52 24.69 24.38
CA VAL K 163 -2.79 25.00 23.17
C VAL K 163 -2.79 26.51 22.99
N HIS K 164 -3.96 27.13 23.19
CA HIS K 164 -4.04 28.57 23.04
C HIS K 164 -3.10 29.28 23.98
N GLN K 165 -3.19 28.94 25.26
CA GLN K 165 -2.33 29.58 26.23
C GLN K 165 -0.89 29.36 25.83
N LEU K 166 -0.62 28.18 25.29
CA LEU K 166 0.73 27.84 24.89
C LEU K 166 1.32 28.84 23.91
N THR K 167 0.51 29.22 22.92
CA THR K 167 0.93 30.15 21.90
C THR K 167 0.75 31.61 22.31
N LYS K 168 -0.07 31.87 23.30
CA LYS K 168 -0.30 33.24 23.74
C LYS K 168 0.93 33.70 24.52
N GLN K 169 1.48 32.80 25.32
CA GLN K 169 2.67 33.10 26.12
C GLN K 169 3.76 33.52 25.16
N HIS K 170 3.84 32.82 24.02
CA HIS K 170 4.81 33.13 22.97
C HIS K 170 4.71 32.18 21.78
N THR K 171 4.33 32.76 20.65
CA THR K 171 4.13 32.06 19.38
C THR K 171 4.97 30.81 19.17
N GLN K 172 4.31 29.77 18.69
CA GLN K 172 4.93 28.49 18.44
C GLN K 172 4.99 28.18 16.93
N GLN K 173 5.64 27.06 16.61
CA GLN K 173 5.73 26.60 15.25
C GLN K 173 5.11 25.22 15.31
N VAL K 174 4.21 24.93 14.38
CA VAL K 174 3.55 23.64 14.35
C VAL K 174 4.16 22.71 13.30
N LEU K 175 3.99 21.42 13.49
CA LEU K 175 4.51 20.42 12.58
C LEU K 175 3.58 19.21 12.55
N PHE K 176 3.10 18.87 11.35
CA PHE K 176 2.20 17.73 11.20
C PHE K 176 2.95 16.53 10.65
N ASP K 177 2.84 15.40 11.34
CA ASP K 177 3.48 14.16 10.94
C ASP K 177 2.36 13.17 10.66
N MET K 178 2.27 12.70 9.42
CA MET K 178 1.25 11.73 9.08
C MET K 178 1.91 10.54 8.37
N SER K 179 1.28 9.38 8.47
CA SER K 179 1.78 8.15 7.86
C SER K 179 0.60 7.43 7.25
N ASP K 180 0.79 6.92 6.03
CA ASP K 180 -0.28 6.19 5.35
C ASP K 180 -0.21 4.72 5.80
N TRP K 181 -1.16 3.91 5.33
CA TRP K 181 -1.18 2.50 5.67
C TRP K 181 -0.27 1.70 4.75
N GLU K 182 0.79 2.35 4.24
CA GLU K 182 1.70 1.68 3.33
C GLU K 182 3.17 2.04 3.49
N GLY K 183 3.58 2.27 4.73
CA GLY K 183 4.99 2.56 4.98
C GLY K 183 5.52 3.90 4.49
N SER K 184 4.63 4.81 4.11
CA SER K 184 5.06 6.13 3.64
C SER K 184 4.68 7.19 4.70
N SER K 185 5.46 8.26 4.78
CA SER K 185 5.17 9.30 5.74
C SER K 185 5.62 10.69 5.30
N VAL K 186 4.75 11.67 5.50
CA VAL K 186 5.07 13.03 5.11
C VAL K 186 4.99 13.98 6.28
N TYR K 187 5.46 15.21 6.07
CA TYR K 187 5.48 16.25 7.08
C TYR K 187 4.81 17.47 6.51
N ALA K 188 4.71 18.50 7.33
CA ALA K 188 4.10 19.75 6.91
C ALA K 188 4.17 20.63 8.14
N GLN K 189 5.15 21.52 8.17
CA GLN K 189 5.23 22.40 9.31
C GLN K 189 5.18 23.85 8.92
N TYR K 190 4.64 24.66 9.82
CA TYR K 190 4.50 26.08 9.61
C TYR K 190 5.38 26.75 10.66
N ALA K 191 6.18 27.72 10.21
CA ALA K 191 7.09 28.41 11.09
C ALA K 191 6.40 29.17 12.21
N SER K 192 5.13 29.49 12.01
CA SER K 192 4.39 30.23 13.03
C SER K 192 3.01 29.63 13.24
N PHE K 193 2.70 29.35 14.50
CA PHE K 193 1.42 28.78 14.88
C PHE K 193 0.85 29.60 16.06
N ARG K 194 -0.43 29.95 15.97
CA ARG K 194 -1.05 30.72 17.04
C ARG K 194 -2.56 30.84 16.85
N PRO K 195 -3.34 30.51 17.88
CA PRO K 195 -4.78 30.64 17.75
C PRO K 195 -5.25 31.73 18.74
N GLU K 196 -6.27 32.48 18.36
CA GLU K 196 -6.79 33.53 19.25
C GLU K 196 -7.54 32.86 20.40
N ASN K 197 -8.00 33.66 21.37
CA ASN K 197 -8.72 33.14 22.52
C ASN K 197 -10.09 32.54 22.17
N GLU K 198 -10.69 31.86 23.14
CA GLU K 198 -11.99 31.25 22.94
C GLU K 198 -13.03 32.22 22.43
N ALA K 199 -13.04 33.42 23.00
CA ALA K 199 -14.00 34.43 22.59
C ALA K 199 -13.94 34.59 21.09
N GLN K 200 -12.78 34.27 20.53
CA GLN K 200 -12.60 34.36 19.08
C GLN K 200 -12.63 33.00 18.42
N GLY K 201 -13.26 32.03 19.08
CA GLY K 201 -13.35 30.69 18.53
C GLY K 201 -11.99 30.06 18.30
N TYR K 202 -11.00 30.44 19.11
CA TYR K 202 -9.66 29.88 18.98
C TYR K 202 -9.22 29.93 17.52
N ARG K 203 -9.51 31.03 16.84
CA ARG K 203 -9.14 31.18 15.43
C ARG K 203 -7.68 30.83 15.17
N LEU K 204 -7.48 29.97 14.17
CA LEU K 204 -6.15 29.53 13.78
C LEU K 204 -5.34 30.57 12.97
N TRP K 205 -4.02 30.59 13.16
CA TRP K 205 -3.15 31.50 12.44
C TRP K 205 -1.77 30.89 12.19
N VAL K 206 -1.58 30.24 11.05
CA VAL K 206 -0.29 29.64 10.75
C VAL K 206 0.49 30.46 9.72
N GLU K 207 1.77 30.16 9.56
CA GLU K 207 2.59 30.87 8.60
C GLU K 207 3.85 30.12 8.17
N ASP K 208 4.17 30.24 6.88
CA ASP K 208 5.36 29.64 6.26
C ASP K 208 5.35 28.12 6.19
N TYR K 209 4.75 27.60 5.13
CA TYR K 209 4.70 26.16 4.92
C TYR K 209 6.04 25.62 4.43
N SER K 210 6.17 24.30 4.50
CA SER K 210 7.37 23.62 4.07
C SER K 210 7.10 22.18 4.41
N GLY K 211 7.65 21.28 3.61
CA GLY K 211 7.44 19.86 3.85
C GLY K 211 6.97 19.17 2.58
N ASN K 212 6.59 17.90 2.71
CA ASN K 212 6.14 17.14 1.58
C ASN K 212 4.69 16.65 1.63
N ALA K 213 3.95 17.04 2.65
CA ALA K 213 2.56 16.59 2.76
C ALA K 213 1.60 17.47 1.96
N GLY K 214 1.91 18.77 1.89
CA GLY K 214 1.07 19.69 1.14
C GLY K 214 0.51 20.80 2.01
N ASN K 215 0.78 22.04 1.64
CA ASN K 215 0.31 23.21 2.37
C ASN K 215 -1.21 23.26 2.45
N ALA K 216 -1.80 22.27 3.12
CA ALA K 216 -3.25 22.21 3.26
C ALA K 216 -3.83 23.34 4.10
N LEU K 217 -3.06 23.82 5.07
CA LEU K 217 -3.59 24.86 5.94
C LEU K 217 -3.87 26.22 5.33
N LEU K 218 -2.87 26.82 4.67
CA LEU K 218 -3.10 28.14 4.10
C LEU K 218 -3.16 28.16 2.59
N GLU K 219 -3.14 26.99 1.97
CA GLU K 219 -3.20 26.90 0.52
C GLU K 219 -4.40 26.07 0.09
N GLY K 220 -5.04 25.41 1.03
CA GLY K 220 -6.20 24.59 0.71
C GLY K 220 -5.77 23.40 -0.12
N ALA K 221 -6.70 22.51 -0.43
CA ALA K 221 -6.37 21.33 -1.23
C ALA K 221 -6.09 21.77 -2.65
N THR K 222 -4.82 21.67 -3.05
CA THR K 222 -4.39 22.08 -4.40
C THR K 222 -5.12 21.36 -5.53
N GLN K 223 -5.68 20.18 -5.24
CA GLN K 223 -6.43 19.43 -6.23
C GLN K 223 -7.79 20.05 -6.52
N LEU K 224 -8.07 21.20 -5.92
CA LEU K 224 -9.32 21.90 -6.15
C LEU K 224 -8.94 23.18 -6.85
N MET K 225 -9.83 23.67 -7.71
CA MET K 225 -9.53 24.89 -8.44
C MET K 225 -10.49 26.02 -8.08
N GLY K 226 -10.01 27.26 -8.25
CA GLY K 226 -10.85 28.42 -7.97
C GLY K 226 -11.37 28.48 -6.55
N ASP K 227 -12.59 29.01 -6.41
CA ASP K 227 -13.20 29.16 -5.09
C ASP K 227 -13.31 27.85 -4.33
N ASN K 228 -13.39 26.74 -5.05
CA ASN K 228 -13.47 25.44 -4.40
C ASN K 228 -12.22 25.27 -3.57
N ARG K 229 -11.07 25.60 -4.15
CA ARG K 229 -9.81 25.48 -3.43
C ARG K 229 -9.83 26.38 -2.22
N THR K 230 -9.97 27.68 -2.46
CA THR K 230 -9.98 28.64 -1.37
C THR K 230 -10.91 28.28 -0.21
N MET K 231 -11.99 27.55 -0.48
CA MET K 231 -12.89 27.21 0.62
C MET K 231 -12.46 25.98 1.43
N THR K 232 -11.18 25.63 1.32
CA THR K 232 -10.62 24.53 2.09
C THR K 232 -9.36 25.02 2.79
N ILE K 233 -9.22 26.33 2.86
CA ILE K 233 -8.07 26.92 3.52
C ILE K 233 -8.48 27.06 4.99
N HIS K 234 -7.67 26.51 5.88
CA HIS K 234 -7.96 26.56 7.32
C HIS K 234 -7.44 27.81 7.99
N ASN K 235 -6.35 28.36 7.48
CA ASN K 235 -5.79 29.55 8.08
C ASN K 235 -6.85 30.62 8.34
N GLY K 236 -6.74 31.24 9.51
CA GLY K 236 -7.67 32.29 9.88
C GLY K 236 -9.06 31.82 10.24
N MET K 237 -9.30 30.52 10.17
CA MET K 237 -10.61 29.99 10.51
C MET K 237 -10.81 29.85 12.02
N GLN K 238 -12.06 29.62 12.41
CA GLN K 238 -12.39 29.42 13.80
C GLN K 238 -12.65 27.94 14.06
N PHE K 239 -12.43 27.52 15.29
CA PHE K 239 -12.66 26.15 15.64
C PHE K 239 -14.16 25.89 15.64
N SER K 240 -14.55 24.72 15.14
CA SER K 240 -15.96 24.37 15.09
C SER K 240 -16.08 22.97 15.59
N THR K 241 -17.15 22.68 16.33
CA THR K 241 -17.34 21.37 16.87
C THR K 241 -18.75 20.87 16.70
N PHE K 242 -18.87 19.59 17.00
CA PHE K 242 -20.11 18.83 17.01
C PHE K 242 -21.28 19.79 17.32
N ASP K 243 -21.17 20.47 18.46
CA ASP K 243 -22.20 21.41 18.92
C ASP K 243 -21.86 22.89 18.78
N ARG K 244 -21.01 23.25 17.82
CA ARG K 244 -20.69 24.66 17.67
C ARG K 244 -20.14 24.98 16.29
N ASP K 245 -21.04 25.40 15.41
CA ASP K 245 -20.70 25.75 14.04
C ASP K 245 -20.10 27.15 13.96
N ASN K 246 -18.85 27.25 13.49
CA ASN K 246 -18.17 28.53 13.30
C ASN K 246 -17.49 28.51 11.92
N ASP K 247 -17.84 27.51 11.11
CA ASP K 247 -17.24 27.41 9.81
C ASP K 247 -17.76 28.49 8.87
N ASN K 248 -17.16 28.53 7.68
CA ASN K 248 -17.52 29.50 6.66
C ASN K 248 -18.45 28.86 5.67
N TRP K 249 -19.44 28.15 6.15
CA TRP K 249 -20.35 27.50 5.24
C TRP K 249 -21.79 27.86 5.57
N ASN K 250 -22.32 28.86 4.88
CA ASN K 250 -23.71 29.31 5.07
C ASN K 250 -24.02 29.69 6.52
N PRO K 251 -23.21 30.57 7.10
CA PRO K 251 -23.35 31.03 8.48
C PRO K 251 -24.75 31.12 9.08
N GLY K 252 -25.79 31.07 8.26
CA GLY K 252 -27.14 31.17 8.81
C GLY K 252 -27.82 29.83 8.88
N ASP K 253 -27.68 29.06 7.79
CA ASP K 253 -28.27 27.73 7.70
C ASP K 253 -27.60 26.75 8.65
N PRO K 254 -28.33 26.29 9.68
CA PRO K 254 -27.71 25.34 10.62
C PRO K 254 -27.54 23.94 10.03
N THR K 255 -28.00 23.77 8.80
CA THR K 255 -27.89 22.49 8.12
C THR K 255 -26.49 22.37 7.55
N LYS K 256 -25.86 23.52 7.34
CA LYS K 256 -24.52 23.59 6.76
C LYS K 256 -23.47 23.61 7.87
N HIS K 257 -23.28 22.46 8.48
CA HIS K 257 -22.36 22.29 9.60
C HIS K 257 -21.14 21.42 9.29
N CYS K 258 -20.02 22.03 8.93
CA CYS K 258 -18.84 21.24 8.61
C CYS K 258 -18.42 20.29 9.70
N SER K 259 -18.83 20.53 10.93
CA SER K 259 -18.42 19.61 11.98
C SER K 259 -19.36 18.41 12.09
N ARG K 260 -20.68 18.63 11.99
CA ARG K 260 -21.60 17.50 12.08
C ARG K 260 -21.12 16.41 11.14
N GLU K 261 -20.96 16.75 9.87
CA GLU K 261 -20.46 15.80 8.87
C GLU K 261 -19.00 16.10 8.99
N ASP K 262 -18.11 15.14 8.71
CA ASP K 262 -16.65 15.35 8.82
C ASP K 262 -16.09 14.95 10.20
N ALA K 263 -17.01 14.55 11.09
CA ALA K 263 -16.80 14.06 12.46
C ALA K 263 -15.68 14.52 13.37
N GLY K 264 -15.35 15.81 13.35
CA GLY K 264 -14.28 16.26 14.24
C GLY K 264 -14.35 17.73 14.61
N GLY K 265 -13.70 18.10 15.69
CA GLY K 265 -13.66 19.49 16.06
C GLY K 265 -12.44 19.95 15.29
N TRP K 266 -12.57 21.00 14.49
CA TRP K 266 -11.44 21.44 13.69
C TRP K 266 -11.67 22.84 13.14
N TRP K 267 -10.60 23.49 12.70
CA TRP K 267 -10.71 24.82 12.11
C TRP K 267 -11.31 24.72 10.73
N TYR K 268 -12.53 24.17 10.70
CA TYR K 268 -13.27 23.99 9.46
C TYR K 268 -13.59 25.34 8.84
N ASN K 269 -13.42 25.41 7.53
CA ASN K 269 -13.68 26.60 6.75
C ASN K 269 -14.43 26.14 5.53
N ARG K 270 -15.76 26.23 5.54
CA ARG K 270 -16.49 25.73 4.38
C ARG K 270 -15.95 24.30 4.17
N CYS K 271 -15.60 23.74 5.34
CA CYS K 271 -15.06 22.40 5.55
C CYS K 271 -13.56 22.19 5.51
N HIS K 272 -12.99 21.45 4.56
CA HIS K 272 -11.54 21.26 4.69
C HIS K 272 -10.67 20.71 3.58
N ALA K 273 -9.37 20.82 3.84
CA ALA K 273 -8.32 20.30 2.99
C ALA K 273 -7.67 19.23 3.89
N ALA K 274 -7.48 19.60 5.15
CA ALA K 274 -6.91 18.72 6.17
C ALA K 274 -7.98 18.42 7.22
N ASN K 275 -8.04 17.18 7.69
CA ASN K 275 -9.06 16.81 8.67
C ASN K 275 -8.60 15.82 9.74
N PRO K 276 -7.50 16.14 10.47
CA PRO K 276 -7.09 15.16 11.50
C PRO K 276 -8.31 15.25 12.41
N ASN K 277 -8.42 14.40 13.42
CA ASN K 277 -9.59 14.49 14.30
C ASN K 277 -10.85 13.91 13.67
N GLY K 278 -10.71 13.40 12.45
CA GLY K 278 -11.85 12.80 11.78
C GLY K 278 -11.98 11.32 12.12
N ARG K 279 -12.96 10.63 11.52
CA ARG K 279 -13.15 9.21 11.75
C ARG K 279 -11.91 8.40 11.38
N TYR K 280 -11.54 7.45 12.22
CA TYR K 280 -10.37 6.63 11.97
C TYR K 280 -10.73 5.39 11.17
N TYR K 281 -10.83 5.53 9.86
CA TYR K 281 -11.14 4.39 9.00
C TYR K 281 -9.92 3.51 8.94
N TRP K 282 -10.14 2.20 9.05
CA TRP K 282 -9.06 1.23 9.01
C TRP K 282 -8.64 0.86 7.58
N GLY K 283 -7.35 0.75 7.34
CA GLY K 283 -6.91 0.37 6.01
C GLY K 283 -6.72 1.49 5.01
N GLY K 284 -6.91 2.73 5.44
CA GLY K 284 -6.70 3.83 4.52
C GLY K 284 -7.88 4.29 3.66
N ILE K 285 -8.23 3.52 2.63
CA ILE K 285 -9.33 3.94 1.76
C ILE K 285 -10.71 3.68 2.33
N TYR K 286 -11.61 4.62 2.05
CA TYR K 286 -12.99 4.52 2.47
C TYR K 286 -13.79 5.22 1.39
N THR K 287 -15.08 4.92 1.32
CA THR K 287 -15.91 5.49 0.29
C THR K 287 -17.04 6.36 0.79
N LYS K 288 -17.50 7.25 -0.08
CA LYS K 288 -18.60 8.15 0.22
C LYS K 288 -19.76 7.31 0.76
N GLU K 289 -19.84 6.07 0.30
CA GLU K 289 -20.91 5.18 0.73
C GLU K 289 -20.78 4.81 2.20
N GLN K 290 -19.56 4.81 2.71
CA GLN K 290 -19.29 4.44 4.10
C GLN K 290 -19.39 5.62 5.06
N ALA K 291 -19.01 6.80 4.58
CA ALA K 291 -19.03 8.01 5.38
C ALA K 291 -20.41 8.21 6.02
N ASP K 292 -20.41 8.57 7.29
CA ASP K 292 -21.66 8.76 8.02
C ASP K 292 -22.58 9.79 7.35
N TYR K 293 -22.00 10.80 6.71
CA TYR K 293 -22.79 11.82 6.04
C TYR K 293 -22.43 11.95 4.56
N GLY K 294 -21.81 10.90 4.01
CA GLY K 294 -21.44 10.94 2.61
C GLY K 294 -20.37 11.97 2.34
N THR K 295 -19.76 12.49 3.40
CA THR K 295 -18.71 13.48 3.20
C THR K 295 -17.35 12.84 3.45
N ASP K 296 -16.29 13.57 3.15
CA ASP K 296 -14.98 13.02 3.36
C ASP K 296 -14.49 13.18 4.78
N ASP K 297 -15.25 12.59 5.72
CA ASP K 297 -14.87 12.62 7.15
C ASP K 297 -13.79 11.57 7.23
N GLY K 298 -12.87 11.72 8.16
CA GLY K 298 -11.81 10.74 8.23
C GLY K 298 -10.53 11.50 8.43
N VAL K 299 -9.46 10.78 8.72
CA VAL K 299 -8.20 11.46 8.93
C VAL K 299 -7.61 11.80 7.59
N VAL K 300 -8.17 12.83 6.99
CA VAL K 300 -7.82 13.32 5.67
C VAL K 300 -6.77 14.40 5.58
N TRP K 301 -6.00 14.36 4.51
CA TRP K 301 -5.01 15.39 4.25
C TRP K 301 -4.93 15.38 2.75
N MET K 302 -6.02 15.84 2.13
CA MET K 302 -6.16 15.89 0.69
C MET K 302 -4.89 16.15 -0.08
N ASN K 303 -4.17 17.20 0.30
CA ASN K 303 -2.91 17.53 -0.36
C ASN K 303 -1.95 16.36 -0.54
N TRP K 304 -2.26 15.22 0.05
CA TRP K 304 -1.37 14.07 -0.09
C TRP K 304 -2.03 12.80 -0.64
N LYS K 305 -3.18 12.42 -0.08
CA LYS K 305 -3.85 11.21 -0.51
C LYS K 305 -5.28 11.49 -0.96
N GLY K 306 -5.59 12.78 -1.16
CA GLY K 306 -6.92 13.14 -1.58
C GLY K 306 -7.93 13.08 -0.45
N SER K 307 -9.20 13.14 -0.81
CA SER K 307 -10.28 13.13 0.18
C SER K 307 -10.71 11.79 0.77
N TRP K 308 -10.50 10.68 0.07
CA TRP K 308 -10.98 9.41 0.60
C TRP K 308 -9.96 8.42 1.14
N TYR K 309 -8.94 8.93 1.79
CA TYR K 309 -7.93 8.05 2.36
C TYR K 309 -7.64 8.55 3.76
N SER K 310 -7.86 7.68 4.74
CA SER K 310 -7.63 8.01 6.16
C SER K 310 -6.24 7.58 6.60
N MET K 311 -5.44 8.52 7.11
CA MET K 311 -4.09 8.19 7.54
C MET K 311 -4.11 7.10 8.60
N ARG K 312 -2.98 6.42 8.75
CA ARG K 312 -2.82 5.37 9.73
C ARG K 312 -2.27 6.07 10.94
N GLN K 313 -1.55 7.17 10.67
CA GLN K 313 -0.95 7.99 11.72
C GLN K 313 -0.99 9.46 11.37
N MET K 314 -1.43 10.26 12.33
CA MET K 314 -1.54 11.71 12.17
C MET K 314 -1.27 12.35 13.50
N ALA K 315 -0.58 13.49 13.50
CA ALA K 315 -0.28 14.16 14.75
C ALA K 315 0.11 15.60 14.57
N MET K 316 -0.26 16.41 15.56
CA MET K 316 0.06 17.82 15.56
C MET K 316 1.07 18.03 16.65
N LYS K 317 2.16 18.74 16.33
CA LYS K 317 3.21 19.00 17.31
C LYS K 317 3.59 20.47 17.34
N LEU K 318 3.85 20.96 18.55
CA LEU K 318 4.24 22.35 18.75
C LEU K 318 5.65 22.48 19.29
N ARG K 319 6.31 23.55 18.90
CA ARG K 319 7.65 23.84 19.37
C ARG K 319 7.82 25.34 19.29
N PRO K 320 8.61 25.90 20.20
CA PRO K 320 8.83 27.34 20.21
C PRO K 320 9.83 27.73 19.14
N LYS K 321 11.08 27.92 19.55
CA LYS K 321 12.17 28.31 18.65
C LYS K 321 13.54 27.88 19.21
N LYS L 5 -56.36 -34.51 -24.40
CA LYS L 5 -54.90 -34.29 -24.62
C LYS L 5 -54.58 -32.83 -24.97
N THR L 6 -55.57 -32.12 -25.47
CA THR L 6 -55.41 -30.72 -25.85
C THR L 6 -55.80 -29.81 -24.69
N VAL L 7 -57.11 -29.66 -24.52
CA VAL L 7 -57.65 -28.82 -23.46
C VAL L 7 -57.66 -29.60 -22.15
N GLN L 8 -57.01 -30.76 -22.15
CA GLN L 8 -56.93 -31.58 -20.95
C GLN L 8 -55.88 -31.02 -20.00
N LYS L 9 -54.77 -30.53 -20.56
CA LYS L 9 -53.71 -29.94 -19.75
C LYS L 9 -54.03 -28.47 -19.54
N ILE L 10 -54.71 -27.90 -20.53
CA ILE L 10 -55.11 -26.50 -20.50
C ILE L 10 -55.99 -26.21 -19.29
N LEU L 11 -56.30 -27.24 -18.51
CA LEU L 11 -57.13 -27.09 -17.32
C LEU L 11 -56.28 -27.46 -16.10
N GLU L 12 -55.34 -28.38 -16.29
CA GLU L 12 -54.46 -28.82 -15.22
C GLU L 12 -53.32 -27.82 -14.99
N GLU L 13 -52.76 -27.30 -16.07
CA GLU L 13 -51.67 -26.34 -15.96
C GLU L 13 -52.13 -25.15 -15.12
N VAL L 14 -53.42 -24.83 -15.22
CA VAL L 14 -53.99 -23.75 -14.43
C VAL L 14 -53.82 -24.12 -12.97
N ARG L 15 -54.21 -25.35 -12.62
CA ARG L 15 -54.09 -25.83 -11.25
C ARG L 15 -52.66 -25.65 -10.74
N ILE L 16 -51.71 -25.67 -11.67
CA ILE L 16 -50.30 -25.51 -11.35
C ILE L 16 -49.89 -24.07 -11.07
N LEU L 17 -50.05 -23.20 -12.07
CA LEU L 17 -49.69 -21.80 -11.91
C LEU L 17 -50.62 -21.13 -10.89
N GLU L 18 -51.83 -21.67 -10.77
CA GLU L 18 -52.82 -21.15 -9.84
C GLU L 18 -52.46 -21.68 -8.45
N GLN L 19 -51.48 -22.58 -8.44
CA GLN L 19 -50.98 -23.20 -7.22
C GLN L 19 -49.61 -22.63 -6.89
N ILE L 20 -48.71 -22.67 -7.88
CA ILE L 20 -47.36 -22.13 -7.73
C ILE L 20 -47.47 -20.67 -7.32
N GLY L 21 -48.45 -19.98 -7.88
CA GLY L 21 -48.64 -18.57 -7.57
C GLY L 21 -49.04 -18.34 -6.11
N VAL L 22 -49.25 -19.43 -5.37
CA VAL L 22 -49.61 -19.34 -3.96
C VAL L 22 -48.40 -19.75 -3.12
N SER L 23 -47.50 -20.50 -3.76
CA SER L 23 -46.26 -20.94 -3.14
C SER L 23 -45.29 -19.81 -3.43
N HIS L 24 -45.49 -19.19 -4.59
CA HIS L 24 -44.69 -18.07 -5.05
C HIS L 24 -45.15 -16.87 -4.21
N ASP L 25 -46.38 -16.94 -3.72
CA ASP L 25 -46.99 -15.89 -2.92
C ASP L 25 -46.94 -16.24 -1.43
N ALA L 26 -46.20 -17.29 -1.11
CA ALA L 26 -46.05 -17.73 0.27
C ALA L 26 -44.67 -17.27 0.70
N GLN L 27 -43.73 -17.33 -0.24
CA GLN L 27 -42.35 -16.92 0.01
C GLN L 27 -42.23 -15.40 0.08
N ILE L 28 -43.16 -14.71 -0.58
CA ILE L 28 -43.16 -13.26 -0.58
C ILE L 28 -43.55 -12.78 0.82
N GLN L 29 -44.54 -13.43 1.42
CA GLN L 29 -44.94 -13.06 2.76
C GLN L 29 -43.83 -13.50 3.70
N GLU L 30 -43.13 -14.54 3.28
CA GLU L 30 -42.02 -15.09 4.07
C GLU L 30 -40.82 -14.13 4.07
N LEU L 31 -40.62 -13.40 2.97
CA LEU L 31 -39.52 -12.46 2.89
C LEU L 31 -39.80 -11.17 3.66
N SER L 32 -40.97 -10.58 3.44
CA SER L 32 -41.33 -9.35 4.12
C SER L 32 -41.26 -9.50 5.64
N GLU L 33 -41.43 -10.71 6.13
CA GLU L 33 -41.36 -10.97 7.57
C GLU L 33 -39.90 -11.08 7.97
N MET L 34 -39.10 -11.64 7.07
CA MET L 34 -37.68 -11.82 7.31
C MET L 34 -36.96 -10.48 7.24
N TRP L 35 -37.46 -9.62 6.36
CA TRP L 35 -36.92 -8.27 6.14
C TRP L 35 -37.36 -7.32 7.26
N ARG L 36 -38.61 -7.48 7.70
CA ARG L 36 -39.18 -6.67 8.77
C ARG L 36 -38.42 -6.88 10.06
N VAL L 37 -38.10 -8.14 10.35
CA VAL L 37 -37.36 -8.46 11.54
C VAL L 37 -35.99 -7.80 11.47
N ASN L 38 -35.42 -7.80 10.28
CA ASN L 38 -34.12 -7.17 10.08
C ASN L 38 -34.16 -5.67 10.36
N GLN L 39 -35.20 -4.99 9.86
CA GLN L 39 -35.31 -3.58 10.12
C GLN L 39 -35.25 -3.40 11.64
N GLN L 40 -35.92 -4.29 12.36
CA GLN L 40 -35.92 -4.22 13.82
C GLN L 40 -34.50 -4.46 14.32
N PHE L 41 -33.90 -5.54 13.86
CA PHE L 41 -32.55 -5.89 14.24
C PHE L 41 -31.63 -4.70 14.06
N VAL L 42 -31.61 -4.16 12.84
CA VAL L 42 -30.75 -3.02 12.53
C VAL L 42 -31.01 -1.89 13.53
N THR L 43 -32.25 -1.67 13.93
CA THR L 43 -32.54 -0.62 14.89
C THR L 43 -32.00 -0.99 16.26
N ARG L 44 -32.42 -2.14 16.78
CA ARG L 44 -31.95 -2.60 18.08
C ARG L 44 -30.41 -2.59 18.12
N LEU L 45 -29.80 -2.55 16.93
CA LEU L 45 -28.34 -2.55 16.79
C LEU L 45 -27.82 -1.12 16.60
N GLN L 46 -28.69 -0.24 16.12
CA GLN L 46 -28.35 1.17 15.89
C GLN L 46 -28.35 1.93 17.20
N GLN L 47 -28.90 1.29 18.23
CA GLN L 47 -28.96 1.90 19.54
C GLN L 47 -27.78 1.36 20.33
N GLN L 48 -27.50 0.07 20.20
CA GLN L 48 -26.35 -0.53 20.88
C GLN L 48 -25.06 0.23 20.51
N LEU L 49 -25.05 0.81 19.32
CA LEU L 49 -23.91 1.58 18.85
C LEU L 49 -23.89 2.84 19.70
N VAL L 50 -24.98 3.60 19.63
CA VAL L 50 -25.11 4.84 20.40
C VAL L 50 -24.76 4.61 21.88
N ASP L 51 -24.98 3.40 22.36
CA ASP L 51 -24.64 3.10 23.75
C ASP L 51 -23.13 2.88 23.87
N ILE L 52 -22.63 1.79 23.29
CA ILE L 52 -21.21 1.49 23.37
C ILE L 52 -20.32 2.70 23.02
N ARG L 53 -20.79 3.54 22.10
CA ARG L 53 -20.03 4.72 21.70
C ARG L 53 -19.80 5.66 22.87
N GLN L 54 -20.81 5.73 23.73
CA GLN L 54 -20.74 6.58 24.91
C GLN L 54 -19.88 5.94 25.96
N THR L 55 -20.14 4.67 26.27
CA THR L 55 -19.38 3.96 27.28
C THR L 55 -17.88 3.98 26.97
N CYS L 56 -17.52 4.03 25.68
CA CYS L 56 -16.11 4.03 25.33
C CYS L 56 -15.51 5.42 25.06
N SER L 57 -16.17 6.46 25.56
CA SER L 57 -15.65 7.80 25.38
C SER L 57 -14.66 8.17 26.49
N ARG L 58 -14.87 7.62 27.68
CA ARG L 58 -14.00 7.89 28.81
C ARG L 58 -12.65 7.27 28.53
N PRO L 59 -11.64 8.04 28.80
CA PRO L 59 -10.23 7.59 28.74
C PRO L 59 -9.83 6.75 29.87
N CYS L 60 -8.64 6.30 29.75
CA CYS L 60 -8.13 5.58 30.85
C CYS L 60 -7.87 6.49 32.02
N GLN L 61 -7.88 5.89 33.19
CA GLN L 61 -7.60 6.55 34.45
C GLN L 61 -6.10 6.44 34.64
N ASP L 62 -5.45 7.57 34.89
CA ASP L 62 -4.01 7.57 35.12
C ASP L 62 -3.84 7.39 36.62
N THR L 63 -3.91 6.14 37.07
CA THR L 63 -3.81 5.82 38.50
C THR L 63 -2.60 6.44 39.19
N THR L 64 -1.43 6.32 38.56
CA THR L 64 -0.24 6.90 39.13
C THR L 64 -0.50 8.37 39.42
N ALA L 65 -0.97 9.10 38.41
CA ALA L 65 -1.25 10.51 38.59
C ALA L 65 -2.32 10.71 39.67
N ASN L 66 -3.20 9.72 39.80
CA ASN L 66 -4.25 9.80 40.79
C ASN L 66 -3.72 9.59 42.22
N LYS L 67 -2.48 9.12 42.34
CA LYS L 67 -1.91 8.91 43.67
C LYS L 67 -0.90 9.97 44.09
N ILE L 68 -0.99 11.13 43.46
CA ILE L 68 -0.11 12.25 43.81
C ILE L 68 -0.91 13.16 44.72
N SER L 69 -0.59 13.15 46.01
CA SER L 69 -1.31 13.95 46.98
C SER L 69 -1.32 15.44 46.68
N PRO L 70 -2.35 16.14 47.19
CA PRO L 70 -2.53 17.58 47.01
C PRO L 70 -1.79 18.37 48.09
N ILE L 71 -1.28 17.64 49.08
CA ILE L 71 -0.53 18.26 50.17
C ILE L 71 0.88 18.67 49.73
N THR L 72 1.44 19.73 50.34
CA THR L 72 2.77 20.23 49.97
C THR L 72 3.63 20.65 51.16
N GLY L 73 4.68 21.43 50.90
CA GLY L 73 5.57 21.89 51.96
C GLY L 73 7.01 22.12 51.53
N LYS L 74 7.79 22.77 52.39
CA LYS L 74 9.21 23.06 52.13
C LYS L 74 9.91 21.78 51.68
N ASP L 75 9.53 20.68 52.32
CA ASP L 75 10.09 19.37 52.06
C ASP L 75 9.06 18.36 52.52
N CYS L 76 9.43 17.09 52.47
CA CYS L 76 8.53 16.02 52.87
C CYS L 76 8.08 16.09 54.31
N GLN L 77 8.91 16.67 55.16
CA GLN L 77 8.55 16.80 56.57
C GLN L 77 7.36 17.77 56.66
N GLN L 78 7.53 18.99 56.16
CA GLN L 78 6.43 19.94 56.22
C GLN L 78 5.16 19.28 55.69
N VAL L 79 5.32 18.41 54.70
CA VAL L 79 4.22 17.68 54.10
C VAL L 79 3.51 16.84 55.17
N VAL L 80 4.26 16.13 55.98
CA VAL L 80 3.68 15.34 57.06
C VAL L 80 3.02 16.32 58.05
N ASP L 81 3.69 17.45 58.25
CA ASP L 81 3.20 18.50 59.15
C ASP L 81 1.94 19.15 58.59
N ASN L 82 1.58 18.78 57.37
CA ASN L 82 0.40 19.36 56.75
C ASN L 82 -0.68 18.33 56.48
N GLY L 83 -0.48 17.12 56.98
CA GLY L 83 -1.49 16.11 56.76
C GLY L 83 -0.99 14.86 56.06
N GLY L 84 0.16 14.98 55.42
CA GLY L 84 0.70 13.83 54.72
C GLY L 84 0.73 12.63 55.64
N LYS L 85 0.03 11.56 55.26
CA LYS L 85 -0.01 10.35 56.08
C LYS L 85 0.76 9.18 55.48
N ASP L 86 0.46 8.84 54.23
CA ASP L 86 1.12 7.71 53.58
C ASP L 86 2.28 8.07 52.65
N SER L 87 3.22 7.16 52.49
CA SER L 87 4.37 7.38 51.62
C SER L 87 3.93 7.41 50.16
N GLY L 88 4.45 8.38 49.41
CA GLY L 88 4.10 8.48 48.00
C GLY L 88 4.66 9.72 47.32
N LEU L 89 4.06 10.11 46.21
CA LEU L 89 4.51 11.28 45.48
C LEU L 89 3.82 12.52 46.00
N TYR L 90 4.58 13.60 46.12
CA TYR L 90 4.03 14.86 46.55
C TYR L 90 4.83 15.94 45.90
N TYR L 91 4.27 17.13 45.83
CA TYR L 91 4.99 18.24 45.27
C TYR L 91 5.51 19.00 46.46
N ILE L 92 6.76 19.39 46.43
CA ILE L 92 7.36 20.15 47.52
C ILE L 92 8.03 21.35 46.87
N LYS L 93 8.14 22.45 47.59
CA LYS L 93 8.78 23.64 47.04
C LYS L 93 9.78 24.26 47.98
N PRO L 94 11.05 23.89 47.83
CA PRO L 94 12.08 24.45 48.71
C PRO L 94 12.02 25.96 48.61
N LEU L 95 12.69 26.64 49.53
CA LEU L 95 12.70 28.09 49.57
C LEU L 95 12.94 28.74 48.22
N LYS L 96 14.21 28.85 47.83
CA LYS L 96 14.54 29.49 46.56
C LYS L 96 14.03 28.76 45.32
N ALA L 97 13.42 27.60 45.52
CA ALA L 97 12.89 26.83 44.40
C ALA L 97 11.90 27.70 43.62
N LYS L 98 12.13 27.83 42.33
CA LYS L 98 11.26 28.64 41.49
C LYS L 98 9.97 27.95 41.05
N GLN L 99 10.01 26.63 40.98
CA GLN L 99 8.86 25.85 40.52
C GLN L 99 8.77 24.55 41.33
N PRO L 100 7.75 24.41 42.19
CA PRO L 100 7.61 23.20 42.99
C PRO L 100 7.78 21.95 42.15
N PHE L 101 8.36 20.90 42.74
CA PHE L 101 8.58 19.64 42.01
C PHE L 101 8.06 18.38 42.69
N LEU L 102 7.92 17.34 41.90
CA LEU L 102 7.44 16.06 42.39
C LEU L 102 8.60 15.31 43.03
N VAL L 103 8.33 14.67 44.16
CA VAL L 103 9.34 13.90 44.89
C VAL L 103 8.64 12.79 45.63
N PHE L 104 9.38 11.74 45.96
CA PHE L 104 8.78 10.64 46.70
C PHE L 104 9.06 10.79 48.19
N CYS L 105 7.99 10.99 48.96
CA CYS L 105 8.12 11.14 50.40
C CYS L 105 7.98 9.81 51.12
N GLU L 106 8.94 9.50 52.00
CA GLU L 106 8.84 8.28 52.78
C GLU L 106 8.40 8.74 54.15
N ILE L 107 7.26 8.25 54.62
CA ILE L 107 6.76 8.66 55.92
C ILE L 107 6.75 7.54 56.93
N GLU L 108 7.55 7.72 57.98
CA GLU L 108 7.67 6.76 59.06
C GLU L 108 6.82 7.16 60.23
N ASN L 109 7.43 7.11 61.40
CA ASN L 109 6.75 7.43 62.64
C ASN L 109 6.57 8.94 62.74
N GLY L 110 5.95 9.51 61.72
CA GLY L 110 5.72 10.95 61.73
C GLY L 110 6.83 11.76 61.09
N ASN L 111 7.70 11.09 60.33
CA ASN L 111 8.80 11.79 59.68
C ASN L 111 8.66 11.84 58.17
N GLY L 112 8.99 13.00 57.59
CA GLY L 112 8.90 13.17 56.16
C GLY L 112 10.24 13.02 55.46
N TRP L 113 10.61 11.78 55.20
CA TRP L 113 11.86 11.52 54.50
C TRP L 113 11.69 11.87 53.03
N THR L 114 12.39 12.88 52.56
CA THR L 114 12.27 13.26 51.16
C THR L 114 13.43 12.62 50.36
N VAL L 115 13.11 11.56 49.62
CA VAL L 115 14.06 10.80 48.83
C VAL L 115 14.79 11.56 47.73
N ILE L 116 16.11 11.44 47.76
CA ILE L 116 16.99 12.09 46.80
C ILE L 116 17.35 11.15 45.65
N GLN L 117 17.66 9.91 45.99
CA GLN L 117 18.05 8.91 45.00
C GLN L 117 17.62 7.51 45.41
N HIS L 118 17.55 6.61 44.43
CA HIS L 118 17.17 5.23 44.70
C HIS L 118 17.56 4.33 43.56
N ARG L 119 18.15 3.20 43.91
CA ARG L 119 18.60 2.20 42.96
C ARG L 119 17.67 1.02 43.20
N HIS L 120 17.29 0.29 42.16
CA HIS L 120 16.33 -0.80 42.38
C HIS L 120 16.42 -2.03 41.50
N ASP L 121 16.93 -1.85 40.28
CA ASP L 121 17.02 -2.98 39.36
C ASP L 121 17.79 -2.66 38.08
N GLY L 122 18.73 -1.74 38.18
CA GLY L 122 19.53 -1.36 37.04
C GLY L 122 18.77 -1.24 35.74
N SER L 123 17.60 -0.61 35.80
CA SER L 123 16.77 -0.43 34.61
C SER L 123 16.87 1.00 34.10
N VAL L 124 17.64 1.83 34.79
CA VAL L 124 17.81 3.22 34.41
C VAL L 124 19.29 3.48 34.24
N ASN L 125 19.71 3.79 33.02
CA ASN L 125 21.12 4.07 32.74
C ASN L 125 21.50 5.31 33.51
N PHE L 126 22.47 5.19 34.44
CA PHE L 126 22.90 6.33 35.24
C PHE L 126 24.07 7.07 34.68
N THR L 127 24.47 6.68 33.48
CA THR L 127 25.59 7.35 32.83
C THR L 127 24.98 8.57 32.14
N ARG L 128 24.83 9.65 32.90
CA ARG L 128 24.24 10.85 32.32
C ARG L 128 25.16 12.03 32.43
N ASP L 129 24.91 13.02 31.58
CA ASP L 129 25.73 14.22 31.57
C ASP L 129 25.44 15.09 32.78
N TRP L 130 26.14 16.22 32.84
CA TRP L 130 26.01 17.17 33.93
C TRP L 130 24.60 17.72 34.02
N VAL L 131 24.18 18.45 32.99
CA VAL L 131 22.87 19.05 32.96
C VAL L 131 21.83 18.00 33.32
N SER L 132 22.04 16.77 32.86
CA SER L 132 21.11 15.69 33.16
C SER L 132 21.08 15.42 34.66
N TYR L 133 22.24 15.47 35.30
CA TYR L 133 22.33 15.22 36.73
C TYR L 133 21.82 16.37 37.57
N ARG L 134 21.87 17.58 37.03
CA ARG L 134 21.41 18.72 37.80
C ARG L 134 19.91 18.90 37.67
N GLU L 135 19.33 18.39 36.58
CA GLU L 135 17.89 18.50 36.33
C GLU L 135 17.18 17.31 36.93
N GLY L 136 17.81 16.15 36.85
CA GLY L 136 17.21 14.95 37.40
C GLY L 136 16.83 14.03 36.28
N PHE L 137 16.64 12.76 36.62
CA PHE L 137 16.26 11.77 35.63
C PHE L 137 15.81 10.52 36.39
N GLY L 138 15.30 9.55 35.65
CA GLY L 138 14.81 8.36 36.31
C GLY L 138 13.31 8.51 36.45
N TYR L 139 12.68 7.59 37.16
CA TYR L 139 11.24 7.62 37.30
C TYR L 139 10.78 7.63 38.76
N LEU L 140 9.67 8.31 39.01
CA LEU L 140 9.10 8.37 40.35
C LEU L 140 7.86 7.55 40.25
N ALA L 141 7.35 7.07 41.38
CA ALA L 141 6.14 6.27 41.37
C ALA L 141 5.50 6.26 42.75
N PRO L 142 4.34 5.61 42.87
CA PRO L 142 3.71 5.59 44.19
C PRO L 142 4.38 4.67 45.21
N THR L 143 5.39 3.90 44.79
CA THR L 143 6.03 2.99 45.73
C THR L 143 7.53 2.98 45.92
N LEU L 144 8.29 3.78 45.19
CA LEU L 144 9.75 3.77 45.38
C LEU L 144 10.31 2.40 45.03
N THR L 145 10.09 2.00 43.80
CA THR L 145 10.57 0.73 43.29
C THR L 145 11.00 1.06 41.89
N THR L 146 11.37 2.31 41.73
CA THR L 146 11.79 2.85 40.46
C THR L 146 13.09 3.55 40.75
N GLU L 147 13.98 3.64 39.78
CA GLU L 147 15.27 4.28 40.01
C GLU L 147 15.29 5.70 39.51
N PHE L 148 16.09 6.55 40.15
CA PHE L 148 16.16 7.94 39.75
C PHE L 148 17.19 8.73 40.54
N TRP L 149 17.38 9.97 40.10
CA TRP L 149 18.29 10.89 40.73
C TRP L 149 17.53 12.20 40.66
N LEU L 150 16.89 12.56 41.76
CA LEU L 150 16.09 13.77 41.85
C LEU L 150 16.64 14.95 41.08
N GLY L 151 17.89 15.30 41.34
CA GLY L 151 18.47 16.42 40.63
C GLY L 151 19.35 17.21 41.55
N ASN L 152 20.55 17.51 41.09
CA ASN L 152 21.50 18.25 41.91
C ASN L 152 21.01 19.64 42.30
N GLU L 153 20.38 20.34 41.36
CA GLU L 153 19.90 21.68 41.68
C GLU L 153 18.84 21.67 42.76
N LYS L 154 17.86 20.77 42.63
CA LYS L 154 16.80 20.67 43.63
C LYS L 154 17.46 20.33 44.98
N ILE L 155 18.24 19.24 44.99
CA ILE L 155 18.94 18.80 46.18
C ILE L 155 19.66 19.96 46.84
N HIS L 156 20.25 20.83 46.03
CA HIS L 156 20.95 21.99 46.57
C HIS L 156 19.94 22.89 47.28
N LEU L 157 18.91 23.29 46.54
CA LEU L 157 17.85 24.15 47.07
C LEU L 157 17.26 23.57 48.34
N LEU L 158 16.92 22.29 48.28
CA LEU L 158 16.34 21.59 49.39
C LEU L 158 17.23 21.62 50.62
N THR L 159 18.48 21.23 50.46
CA THR L 159 19.42 21.18 51.58
C THR L 159 19.90 22.53 52.11
N GLY L 160 20.02 23.53 51.24
CA GLY L 160 20.49 24.82 51.70
C GLY L 160 19.38 25.59 52.40
N GLN L 161 18.22 24.96 52.48
CA GLN L 161 17.03 25.56 53.08
C GLN L 161 17.01 25.42 54.59
N GLN L 162 17.51 24.29 55.07
CA GLN L 162 17.56 23.94 56.48
C GLN L 162 18.78 23.09 56.72
N ALA L 163 18.74 22.34 57.80
CA ALA L 163 19.84 21.46 58.14
C ALA L 163 19.26 20.09 57.97
N TYR L 164 19.77 19.34 57.00
CA TYR L 164 19.23 18.01 56.77
C TYR L 164 20.15 16.86 57.15
N ARG L 165 19.52 15.79 57.59
CA ARG L 165 20.18 14.58 57.98
C ARG L 165 20.02 13.64 56.81
N LEU L 166 21.11 13.31 56.16
CA LEU L 166 21.04 12.40 55.03
C LEU L 166 21.09 10.94 55.51
N ARG L 167 20.26 10.09 54.94
CA ARG L 167 20.31 8.68 55.29
C ARG L 167 20.49 7.85 54.03
N ILE L 168 21.33 6.82 54.15
CA ILE L 168 21.61 5.96 53.03
C ILE L 168 21.20 4.57 53.42
N ASP L 169 20.28 3.98 52.66
CA ASP L 169 19.84 2.63 52.95
C ASP L 169 20.32 1.71 51.83
N LEU L 170 21.25 0.82 52.19
CA LEU L 170 21.75 -0.12 51.19
C LEU L 170 21.13 -1.48 51.42
N THR L 171 21.15 -2.33 50.39
CA THR L 171 20.58 -3.65 50.51
C THR L 171 21.35 -4.63 49.66
N ASP L 172 21.84 -5.71 50.28
CA ASP L 172 22.60 -6.71 49.54
C ASP L 172 21.68 -7.75 48.95
N TRP L 173 22.23 -8.58 48.06
CA TRP L 173 21.45 -9.59 47.40
C TRP L 173 20.95 -10.67 48.33
N GLU L 174 21.55 -10.75 49.51
CA GLU L 174 21.09 -11.72 50.48
C GLU L 174 19.95 -11.02 51.20
N ASN L 175 19.69 -9.79 50.76
CA ASN L 175 18.63 -8.96 51.29
C ASN L 175 18.85 -8.46 52.71
N THR L 176 20.01 -7.84 52.95
CA THR L 176 20.30 -7.31 54.27
C THR L 176 20.21 -5.78 54.17
N HIS L 177 19.61 -5.14 55.17
CA HIS L 177 19.45 -3.69 55.15
C HIS L 177 20.20 -2.94 56.23
N ARG L 178 21.36 -2.38 55.88
CA ARG L 178 22.12 -1.59 56.83
C ARG L 178 22.03 -0.14 56.39
N TYR L 179 22.39 0.81 57.27
CA TYR L 179 22.28 2.23 56.92
C TYR L 179 23.41 3.12 57.44
N ALA L 180 23.53 4.30 56.85
CA ALA L 180 24.53 5.29 57.22
C ALA L 180 23.87 6.64 57.30
N ASP L 181 24.28 7.47 58.27
CA ASP L 181 23.70 8.80 58.42
C ASP L 181 24.75 9.89 58.45
N TYR L 182 24.38 11.05 57.90
CA TYR L 182 25.28 12.20 57.84
C TYR L 182 24.48 13.46 58.12
N GLY L 183 24.94 14.25 59.08
CA GLY L 183 24.23 15.44 59.45
C GLY L 183 24.61 16.64 58.65
N HIS L 184 23.73 17.64 58.67
CA HIS L 184 23.94 18.88 57.96
C HIS L 184 24.30 18.68 56.50
N PHE L 185 23.89 17.53 55.96
CA PHE L 185 24.13 17.18 54.56
C PHE L 185 23.63 18.30 53.64
N LYS L 186 24.37 18.56 52.58
CA LYS L 186 24.00 19.60 51.63
C LYS L 186 24.96 19.61 50.45
N LEU L 187 24.63 20.40 49.43
CA LEU L 187 25.48 20.53 48.26
C LEU L 187 25.62 22.01 47.95
N THR L 188 26.81 22.42 47.56
CA THR L 188 27.04 23.82 47.22
C THR L 188 26.36 24.06 45.88
N PRO L 189 26.07 25.33 45.55
CA PRO L 189 25.41 25.63 44.27
C PRO L 189 26.31 25.30 43.08
N GLU L 190 25.69 25.10 41.93
CA GLU L 190 26.42 24.78 40.71
C GLU L 190 27.67 25.67 40.52
N SER L 191 27.66 26.84 41.15
CA SER L 191 28.79 27.77 41.07
C SER L 191 30.06 27.01 41.47
N ASP L 192 30.00 26.39 42.64
CA ASP L 192 31.10 25.62 43.19
C ASP L 192 30.81 24.16 42.88
N GLU L 193 30.40 23.90 41.65
CA GLU L 193 30.04 22.55 41.23
C GLU L 193 28.99 22.17 42.25
N TYR L 194 28.81 20.88 42.51
CA TYR L 194 27.83 20.50 43.51
C TYR L 194 28.55 19.71 44.58
N ARG L 195 29.44 20.42 45.25
CA ARG L 195 30.27 19.86 46.30
C ARG L 195 29.46 19.22 47.41
N LEU L 196 29.97 18.09 47.90
CA LEU L 196 29.33 17.36 48.98
C LEU L 196 29.75 17.97 50.30
N PHE L 197 28.87 17.92 51.29
CA PHE L 197 29.18 18.45 52.60
C PHE L 197 28.21 17.97 53.64
N TYR L 198 28.76 17.69 54.82
CA TYR L 198 27.99 17.24 55.96
C TYR L 198 28.86 17.53 57.15
N SER L 199 28.27 17.50 58.33
CA SER L 199 29.03 17.75 59.54
C SER L 199 29.83 16.52 59.97
N MET L 200 29.17 15.37 60.08
CA MET L 200 29.85 14.15 60.48
C MET L 200 28.99 12.92 60.28
N TYR L 201 29.58 11.75 60.49
CA TYR L 201 28.85 10.49 60.37
C TYR L 201 28.07 10.40 61.68
N LEU L 202 26.76 10.63 61.60
CA LEU L 202 25.91 10.60 62.77
C LEU L 202 25.73 9.24 63.44
N ASP L 203 25.77 8.18 62.66
CA ASP L 203 25.58 6.83 63.19
C ASP L 203 25.35 5.88 62.02
N GLY L 204 25.10 4.61 62.30
CA GLY L 204 24.85 3.68 61.21
C GLY L 204 25.66 2.39 61.20
N ASP L 205 24.97 1.27 61.00
CA ASP L 205 25.61 -0.03 60.95
C ASP L 205 26.05 -0.36 59.52
N ALA L 206 26.36 0.65 58.73
CA ALA L 206 26.77 0.42 57.35
C ALA L 206 28.19 0.92 57.15
N GLY L 207 28.65 1.73 58.08
CA GLY L 207 30.02 2.21 58.01
C GLY L 207 30.18 3.52 57.27
N ASN L 208 31.02 4.39 57.81
CA ASN L 208 31.26 5.69 57.22
C ASN L 208 32.14 5.62 55.99
N ALA L 209 31.57 5.24 54.86
CA ALA L 209 32.35 5.15 53.64
C ALA L 209 32.69 6.54 53.09
N PHE L 210 32.07 7.58 53.61
CA PHE L 210 32.32 8.93 53.11
C PHE L 210 33.62 9.58 53.57
N ASP L 211 33.96 9.41 54.84
CA ASP L 211 35.20 10.00 55.35
C ASP L 211 36.39 9.22 54.81
N GLY L 212 36.11 8.13 54.12
CA GLY L 212 37.17 7.33 53.55
C GLY L 212 37.23 5.91 54.09
N PHE L 213 37.93 5.04 53.36
CA PHE L 213 38.10 3.65 53.75
C PHE L 213 39.45 3.10 53.31
N ASP L 214 40.18 2.50 54.24
CA ASP L 214 41.49 1.92 53.95
C ASP L 214 41.34 0.63 53.16
N PHE L 215 42.14 0.48 52.12
CA PHE L 215 42.10 -0.71 51.28
C PHE L 215 43.37 -1.53 51.44
N GLY L 216 44.44 -0.88 51.87
CA GLY L 216 45.71 -1.56 52.05
C GLY L 216 46.53 -1.60 50.77
N ASP L 217 45.91 -1.20 49.67
CA ASP L 217 46.56 -1.19 48.37
C ASP L 217 47.55 -0.04 48.25
N ASP L 218 47.26 1.07 48.92
CA ASP L 218 48.12 2.23 48.87
C ASP L 218 48.23 2.84 50.26
N PRO L 219 49.10 3.85 50.42
CA PRO L 219 49.27 4.50 51.73
C PRO L 219 48.14 5.48 52.08
N GLN L 220 47.56 6.09 51.06
CA GLN L 220 46.50 7.07 51.29
C GLN L 220 45.12 6.64 50.81
N ASP L 221 44.69 5.43 51.18
CA ASP L 221 43.37 4.97 50.77
C ASP L 221 42.26 5.82 51.39
N LYS L 222 42.26 5.93 52.71
CA LYS L 222 41.24 6.70 53.40
C LYS L 222 41.24 8.16 52.93
N PHE L 223 42.32 8.57 52.27
CA PHE L 223 42.42 9.94 51.77
C PHE L 223 42.03 9.96 50.30
N TYR L 224 42.32 8.87 49.62
CA TYR L 224 42.01 8.72 48.20
C TYR L 224 40.56 8.35 48.01
N THR L 225 39.86 8.14 49.12
CA THR L 225 38.46 7.75 49.06
C THR L 225 37.59 8.54 50.01
N THR L 226 38.04 9.75 50.38
CA THR L 226 37.25 10.59 51.26
C THR L 226 36.38 11.43 50.34
N HIS L 227 35.06 11.33 50.52
CA HIS L 227 34.13 12.09 49.68
C HIS L 227 33.81 13.46 50.20
N LEU L 228 33.86 13.64 51.51
CA LEU L 228 33.55 14.93 52.09
C LEU L 228 34.32 16.00 51.33
N GLY L 229 33.64 17.10 51.00
CA GLY L 229 34.29 18.18 50.28
C GLY L 229 34.48 17.98 48.78
N MET L 230 34.29 16.75 48.32
CA MET L 230 34.45 16.46 46.89
C MET L 230 33.42 17.14 46.01
N LEU L 231 33.87 17.68 44.89
CA LEU L 231 32.97 18.34 43.97
C LEU L 231 32.20 17.26 43.23
N PHE L 232 31.17 17.67 42.49
CA PHE L 232 30.41 16.70 41.74
C PHE L 232 31.02 16.57 40.36
N SER L 233 31.19 15.33 39.91
CA SER L 233 31.75 15.09 38.59
C SER L 233 30.88 14.13 37.79
N THR L 234 30.91 14.29 36.49
CA THR L 234 30.15 13.45 35.59
C THR L 234 31.05 13.07 34.41
N PRO L 235 30.70 12.01 33.69
CA PRO L 235 31.45 11.53 32.53
C PRO L 235 32.11 12.60 31.67
N GLU L 236 31.42 13.71 31.43
CA GLU L 236 32.00 14.76 30.59
C GLU L 236 32.44 16.00 31.36
N ARG L 237 32.60 15.86 32.67
CA ARG L 237 33.01 16.98 33.50
C ARG L 237 33.82 16.46 34.69
N ASP L 238 35.13 16.39 34.49
CA ASP L 238 36.07 15.90 35.50
C ASP L 238 36.36 16.97 36.56
N ASN L 239 35.89 16.72 37.77
CA ASN L 239 36.11 17.63 38.89
C ASN L 239 36.72 16.90 40.07
N ASP L 240 37.26 15.72 39.81
CA ASP L 240 37.87 14.95 40.88
C ASP L 240 39.35 15.27 41.07
N LYS L 241 39.95 14.66 42.08
CA LYS L 241 41.35 14.84 42.41
C LYS L 241 42.05 13.58 41.91
N TYR L 242 42.01 13.38 40.59
CA TYR L 242 42.60 12.21 39.95
C TYR L 242 42.92 12.59 38.50
N GLU L 243 44.17 12.40 38.10
CA GLU L 243 44.60 12.73 36.74
C GLU L 243 43.54 12.42 35.70
N GLY L 244 42.89 11.28 35.85
CA GLY L 244 41.83 10.89 34.91
C GLY L 244 40.45 11.28 35.43
N SER L 245 39.43 10.70 34.83
CA SER L 245 38.05 11.00 35.21
C SER L 245 37.40 9.79 35.87
N CYS L 246 37.37 9.76 37.20
CA CYS L 246 36.76 8.65 37.92
C CYS L 246 35.30 8.59 37.50
N ALA L 247 34.76 9.77 37.16
CA ALA L 247 33.38 9.88 36.72
C ALA L 247 33.21 9.14 35.40
N GLU L 248 34.16 9.33 34.49
CA GLU L 248 34.11 8.69 33.19
C GLU L 248 34.52 7.22 33.24
N GLN L 249 35.35 6.85 34.20
CA GLN L 249 35.79 5.46 34.33
C GLN L 249 34.63 4.58 34.78
N ASP L 250 34.00 4.97 35.90
CA ASP L 250 32.87 4.22 36.42
C ASP L 250 31.64 4.56 35.58
N GLY L 251 31.70 5.67 34.86
CA GLY L 251 30.60 6.08 34.01
C GLY L 251 29.32 6.40 34.76
N SER L 252 29.35 7.49 35.53
CA SER L 252 28.19 7.91 36.30
C SER L 252 28.56 9.06 37.23
N GLY L 253 27.97 10.24 36.98
CA GLY L 253 28.24 11.39 37.81
C GLY L 253 28.16 11.10 39.30
N TRP L 254 29.03 11.77 40.06
CA TRP L 254 29.08 11.57 41.51
C TRP L 254 30.23 12.41 42.07
N TRP L 255 30.32 12.52 43.40
CA TRP L 255 31.38 13.30 44.04
C TRP L 255 32.64 12.47 44.01
N MET L 256 33.42 12.62 42.95
CA MET L 256 34.65 11.87 42.81
C MET L 256 35.87 12.58 43.39
N ASN L 257 36.72 11.78 44.03
CA ASN L 257 37.96 12.23 44.65
C ASN L 257 39.03 11.39 43.95
N ARG L 258 39.81 10.61 44.71
CA ARG L 258 40.80 9.75 44.07
C ARG L 258 39.95 8.53 43.77
N CYS L 259 38.76 8.86 43.28
CA CYS L 259 37.70 7.94 42.89
C CYS L 259 36.66 7.74 43.98
N HIS L 260 36.66 6.59 44.65
CA HIS L 260 35.61 6.41 45.63
C HIS L 260 35.69 5.27 46.64
N ALA L 261 34.97 5.47 47.75
CA ALA L 261 34.86 4.49 48.83
C ALA L 261 33.38 4.20 48.97
N GLY L 262 32.58 5.11 48.41
CA GLY L 262 31.13 4.99 48.43
C GLY L 262 30.58 5.54 47.12
N HIS L 263 30.04 4.67 46.29
CA HIS L 263 29.51 5.07 44.99
C HIS L 263 28.14 4.43 44.79
N LEU L 264 27.08 5.22 44.93
CA LEU L 264 25.73 4.69 44.77
C LEU L 264 25.13 4.91 43.39
N ASN L 265 25.87 5.59 42.51
CA ASN L 265 25.42 5.83 41.15
C ASN L 265 26.15 4.92 40.16
N GLY L 266 26.91 3.98 40.68
CA GLY L 266 27.67 3.08 39.84
C GLY L 266 26.80 2.15 39.00
N LYS L 267 27.41 1.47 38.04
CA LYS L 267 26.67 0.55 37.18
C LYS L 267 26.05 -0.56 38.01
N TYR L 268 24.78 -0.86 37.72
CA TYR L 268 24.03 -1.86 38.46
C TYR L 268 24.26 -3.29 38.00
N TYR L 269 25.17 -3.99 38.67
CA TYR L 269 25.47 -5.37 38.32
C TYR L 269 24.51 -6.30 39.06
N PHE L 270 23.76 -7.09 38.31
CA PHE L 270 22.82 -8.03 38.92
C PHE L 270 23.63 -9.11 39.60
N GLY L 271 22.94 -10.00 40.32
CA GLY L 271 23.63 -11.08 41.02
C GLY L 271 24.48 -10.57 42.17
N GLY L 272 24.99 -11.51 42.98
CA GLY L 272 25.80 -11.16 44.13
C GLY L 272 26.77 -10.01 43.93
N ASN L 273 27.98 -10.33 43.51
CA ASN L 273 28.97 -9.30 43.30
C ASN L 273 29.70 -9.48 42.00
N TYR L 274 29.89 -8.38 41.27
CA TYR L 274 30.62 -8.45 40.01
C TYR L 274 32.07 -8.69 40.38
N ARG L 275 32.89 -9.05 39.40
CA ARG L 275 34.30 -9.31 39.65
C ARG L 275 35.20 -8.76 38.56
N LYS L 276 36.50 -8.87 38.81
CA LYS L 276 37.51 -8.43 37.86
C LYS L 276 38.04 -9.65 37.13
N THR L 277 37.25 -10.73 37.16
CA THR L 277 37.61 -11.99 36.52
C THR L 277 38.04 -11.75 35.08
N ASP L 278 39.10 -12.44 34.65
CA ASP L 278 39.60 -12.28 33.29
C ASP L 278 39.95 -10.81 33.10
N VAL L 279 40.75 -10.30 34.03
CA VAL L 279 41.18 -8.91 34.06
C VAL L 279 41.26 -8.20 32.71
N GLU L 280 40.19 -7.46 32.37
CA GLU L 280 40.12 -6.69 31.14
C GLU L 280 40.68 -5.32 31.49
N PHE L 281 40.66 -5.04 32.80
CA PHE L 281 41.14 -3.79 33.41
C PHE L 281 40.50 -3.66 34.80
N PRO L 282 41.04 -2.75 35.64
CA PRO L 282 40.46 -2.58 36.98
C PRO L 282 38.97 -2.23 36.97
N TYR L 283 38.68 -0.94 37.14
CA TYR L 283 37.30 -0.46 37.15
C TYR L 283 36.38 -1.20 38.10
N ASP L 284 36.05 -0.55 39.21
CA ASP L 284 35.15 -1.10 40.21
C ASP L 284 33.97 -0.14 40.30
N ASP L 285 33.43 0.21 39.12
CA ASP L 285 32.30 1.12 38.97
C ASP L 285 31.05 0.81 39.80
N GLY L 286 30.68 -0.47 39.85
CA GLY L 286 29.51 -0.90 40.59
C GLY L 286 29.02 -0.11 41.81
N ILE L 287 27.81 -0.45 42.24
CA ILE L 287 27.17 0.18 43.38
C ILE L 287 27.73 -0.38 44.69
N ILE L 288 28.77 0.29 45.20
CA ILE L 288 29.45 -0.14 46.43
C ILE L 288 29.53 0.86 47.57
N TRP L 289 29.81 0.33 48.76
CA TRP L 289 29.94 1.12 49.99
C TRP L 289 30.96 0.36 50.87
N ALA L 290 32.22 0.44 50.45
CA ALA L 290 33.36 -0.22 51.09
C ALA L 290 33.19 -0.69 52.52
N THR L 291 32.85 0.23 53.42
CA THR L 291 32.67 -0.12 54.82
C THR L 291 31.65 -1.21 55.10
N TRP L 292 31.16 -1.88 54.06
CA TRP L 292 30.19 -2.95 54.24
C TRP L 292 30.28 -4.04 53.17
N HIS L 293 31.33 -3.99 52.36
CA HIS L 293 31.54 -4.98 51.30
C HIS L 293 32.61 -4.52 50.35
N ASP L 294 33.43 -5.45 49.89
CA ASP L 294 34.51 -5.15 48.97
C ASP L 294 34.00 -4.28 47.82
N ARG L 295 34.90 -3.53 47.21
CA ARG L 295 34.52 -2.67 46.09
C ARG L 295 34.13 -3.48 44.87
N TRP L 296 33.91 -4.77 45.07
CA TRP L 296 33.52 -5.65 43.98
C TRP L 296 32.25 -6.41 44.33
N TYR L 297 31.32 -5.71 44.98
CA TYR L 297 30.03 -6.24 45.38
C TYR L 297 28.98 -5.16 45.18
N SER L 298 28.40 -5.09 43.98
CA SER L 298 27.38 -4.09 43.67
C SER L 298 26.08 -4.39 44.40
N LEU L 299 25.57 -3.42 45.14
CA LEU L 299 24.36 -3.58 45.92
C LEU L 299 23.09 -3.78 45.10
N LYS L 300 22.04 -4.31 45.75
CA LYS L 300 20.76 -4.59 45.10
C LYS L 300 19.84 -3.36 45.12
N MET L 301 19.65 -2.79 46.30
CA MET L 301 18.83 -1.60 46.43
C MET L 301 19.64 -0.47 47.03
N THR L 302 19.14 0.74 46.89
CA THR L 302 19.83 1.93 47.38
C THR L 302 18.87 3.10 47.45
N THR L 303 19.08 3.96 48.42
CA THR L 303 18.25 5.12 48.59
C THR L 303 18.95 6.16 49.45
N MET L 304 18.90 7.40 49.01
CA MET L 304 19.51 8.49 49.74
C MET L 304 18.40 9.45 50.11
N LYS L 305 17.92 9.36 51.35
CA LYS L 305 16.83 10.21 51.81
C LYS L 305 17.31 11.33 52.71
N LEU L 306 16.58 12.43 52.70
CA LEU L 306 16.89 13.60 53.52
C LEU L 306 15.80 13.85 54.53
N LEU L 307 16.19 14.29 55.73
CA LEU L 307 15.25 14.58 56.79
C LEU L 307 15.76 15.78 57.57
N PRO L 308 14.87 16.69 57.99
CA PRO L 308 15.34 17.85 58.73
C PRO L 308 16.17 17.46 59.94
N MET L 309 17.37 18.02 60.01
CA MET L 309 18.28 17.74 61.11
C MET L 309 17.50 17.82 62.42
N GLY L 310 16.59 18.80 62.49
CA GLY L 310 15.80 19.00 63.69
C GLY L 310 14.70 17.97 63.92
N ARG L 311 15.07 16.72 64.11
CA ARG L 311 14.10 15.65 64.33
C ARG L 311 14.71 14.47 65.06
N ASP L 312 13.80 13.58 65.48
CA ASP L 312 14.05 12.32 66.17
C ASP L 312 14.56 12.31 67.60
N LEU L 313 15.16 11.17 67.92
CA LEU L 313 15.77 10.79 69.18
C LEU L 313 16.90 11.77 69.48
N SER L 314 16.76 12.99 68.95
CA SER L 314 17.74 14.06 69.13
C SER L 314 18.20 14.15 70.58
N GLY L 315 17.23 14.07 71.49
CA GLY L 315 17.52 14.12 72.92
C GLY L 315 17.29 12.79 73.61
N HIS L 316 18.19 11.84 73.38
CA HIS L 316 18.11 10.50 73.99
C HIS L 316 19.49 9.83 74.01
N GLY L 317 20.32 10.16 75.00
CA GLY L 317 21.65 9.56 75.09
C GLY L 317 22.13 9.04 76.45
N GLY M 1 -90.88 -83.75 -64.40
CA GLY M 1 -90.07 -83.69 -63.16
C GLY M 1 -90.64 -84.61 -62.09
N HIS M 2 -89.85 -85.59 -61.69
CA HIS M 2 -90.27 -86.57 -60.68
C HIS M 2 -90.52 -85.92 -59.33
N ARG M 3 -90.75 -86.75 -58.30
CA ARG M 3 -90.95 -86.24 -56.95
C ARG M 3 -89.99 -86.94 -55.96
N PRO M 4 -89.89 -86.42 -54.72
CA PRO M 4 -89.00 -87.00 -53.70
C PRO M 4 -89.32 -88.47 -53.47
N NH2 M 5 -90.46 -88.74 -53.01
N GLY N 1 101.79 34.16 82.25
CA GLY N 1 101.06 33.15 83.10
C GLY N 1 101.88 31.90 83.11
N HIS N 2 101.32 30.77 82.68
CA HIS N 2 102.14 29.56 82.67
C HIS N 2 102.41 29.12 81.24
N ARG N 3 102.78 27.85 81.08
CA ARG N 3 103.10 27.35 79.76
C ARG N 3 102.75 25.89 79.60
N PRO N 4 102.39 25.48 78.37
CA PRO N 4 102.05 24.08 78.18
C PRO N 4 103.23 23.26 78.68
N NH2 N 5 104.39 23.64 78.38
N GLY O 1 2.14 30.76 -22.19
CA GLY O 1 2.75 32.02 -21.69
C GLY O 1 2.99 33.04 -22.78
N HIS O 2 3.07 34.32 -22.41
CA HIS O 2 3.30 35.37 -23.40
C HIS O 2 4.73 35.87 -23.38
N ARG O 3 4.99 36.90 -24.15
CA ARG O 3 6.33 37.47 -24.24
C ARG O 3 6.32 39.00 -24.14
N PRO O 4 7.27 39.59 -23.38
CA PRO O 4 7.31 41.04 -23.25
C PRO O 4 7.77 41.60 -24.59
N NH2 O 5 8.61 40.94 -25.23
N GLY P 1 -13.08 18.07 2.69
CA GLY P 1 -13.71 18.28 1.36
C GLY P 1 -14.58 19.52 1.35
N HIS P 2 -14.39 20.37 0.34
CA HIS P 2 -15.17 21.60 0.24
C HIS P 2 -16.66 21.29 0.12
N ARG P 3 -17.45 22.34 -0.04
CA ARG P 3 -18.89 22.18 -0.19
C ARG P 3 -19.42 23.04 -1.34
N PRO P 4 -20.50 22.58 -1.99
CA PRO P 4 -21.16 23.25 -3.11
C PRO P 4 -21.73 24.60 -2.69
N NH2 P 5 -21.92 24.81 -1.48
C1 NAG Q . 24.33 3.49 29.22
C2 NAG Q . 24.18 2.34 28.24
C3 NAG Q . 25.30 2.34 27.23
C4 NAG Q . 25.35 3.71 26.55
C5 NAG Q . 25.23 4.90 27.52
C6 NAG Q . 24.84 6.12 26.68
C7 NAG Q . 23.09 0.20 28.87
C8 NAG Q . 23.20 -1.00 29.75
N2 NAG Q . 24.15 1.05 28.96
O3 NAG Q . 25.07 1.33 26.24
O4 NAG Q . 26.61 3.84 25.89
O5 NAG Q . 24.25 4.73 28.51
O6 NAG Q . 24.96 7.31 27.45
O7 NAG Q . 22.22 0.43 28.20
C1 NAG Q . 26.88 4.68 24.10
C2 NAG Q . 27.54 4.52 22.75
C3 NAG Q . 28.93 3.93 22.83
C4 NAG Q . 29.74 4.47 24.03
C5 NAG Q . 28.93 4.47 25.35
C6 NAG Q . 29.65 5.18 26.47
C7 NAG Q . 25.83 4.07 20.99
C8 NAG Q . 25.11 3.06 20.20
N2 NAG Q . 26.75 3.62 21.87
O3 NAG Q . 29.66 4.30 21.65
O4 NAG Q . 30.92 3.66 24.17
O5 NAG Q . 27.76 5.22 25.10
O6 NAG Q . 30.26 6.36 26.14
O7 NAG Q . 25.59 5.18 20.86
C1 NDG R . -82.69 -89.65 -57.24
C2 NDG R . -81.35 -89.55 -57.95
C3 NDG R . -80.37 -88.84 -57.01
C4 NDG R . -80.92 -87.48 -56.62
C5 NDG R . -82.31 -87.64 -56.00
C6 NDG R . -82.99 -86.32 -55.67
C7 NDG R . -79.80 -91.01 -59.07
C8 NDG R . -78.57 -91.69 -58.46
O5 NDG R . -83.18 -88.34 -56.92
O3 NDG R . -79.12 -88.68 -57.67
O4 NDG R . -80.04 -86.86 -55.69
O6 NDG R . -84.32 -86.54 -55.21
O7 NDG R . -79.76 -90.61 -60.23
N2 NDG R . -80.87 -90.87 -58.30
O1 NDG R . -82.57 -90.36 -56.06
C1 MAN S . -79.03 -85.28 -47.10
C2 MAN S . -77.61 -85.31 -46.54
C3 MAN S . -76.84 -84.02 -46.88
C4 MAN S . -77.01 -83.61 -48.36
C5 MAN S . -78.48 -83.64 -48.76
C6 MAN S . -78.69 -83.34 -50.23
O1 MAN S . -79.78 -84.31 -46.44
O2 MAN S . -76.91 -86.45 -47.03
O3 MAN S . -75.45 -84.20 -46.61
O4 MAN S . -76.50 -82.30 -48.55
O5 MAN S . -79.03 -84.95 -48.50
O6 MAN S . -79.32 -82.07 -50.41
CA CA T . -100.62 -88.89 -55.51
C1 NAG U . -108.62 -72.41 -108.10
C2 NAG U . -107.34 -71.60 -108.07
C3 NAG U . -106.25 -72.26 -108.88
C4 NAG U . -106.07 -73.70 -108.38
C5 NAG U . -107.38 -74.46 -108.15
C6 NAG U . -107.07 -75.66 -107.25
C7 NAG U . -107.34 -69.13 -107.82
C8 NAG U . -107.74 -67.85 -108.45
N2 NAG U . -107.57 -70.23 -108.57
O3 NAG U . -105.00 -71.54 -108.74
O4 NAG U . -105.32 -74.44 -109.36
O5 NAG U . -108.37 -73.69 -107.52
O6 NAG U . -108.16 -76.55 -107.20
O7 NAG U . -106.89 -69.21 -106.77
C1 NAG V . -103.77 -77.02 -108.64
C2 NAG V . -102.31 -77.38 -108.84
C3 NAG V . -101.54 -76.30 -109.58
C4 NAG V . -102.35 -75.68 -110.73
C5 NAG V . -103.80 -75.30 -110.33
C6 NAG V . -104.64 -74.88 -111.50
C7 NAG V . -101.49 -78.77 -106.95
C8 NAG V . -100.80 -78.79 -105.65
N2 NAG V . -101.63 -77.57 -107.53
O3 NAG V . -100.38 -76.91 -110.17
O4 NAG V . -101.64 -74.52 -111.18
O5 NAG V . -104.39 -76.48 -109.83
O6 NAG V . -104.52 -75.63 -112.65
O7 NAG V . -101.89 -79.74 -107.41
C1 MAN W . -98.58 -77.86 -109.71
C2 MAN W . -97.06 -78.06 -109.61
C3 MAN W . -96.64 -79.48 -109.94
C4 MAN W . -97.60 -80.53 -109.46
C5 MAN W . -99.03 -80.22 -109.98
C6 MAN W . -100.07 -81.21 -109.47
O2 MAN W . -96.57 -77.70 -108.33
O3 MAN W . -95.30 -79.62 -109.43
O4 MAN W . -97.23 -81.84 -109.84
O5 MAN W . -99.44 -78.93 -109.59
O6 MAN W . -101.26 -81.05 -110.20
CA CA X . -115.06 -86.28 -123.54
C1 NDG Y . 81.90 16.79 73.36
C2 NDG Y . 80.84 17.87 73.63
C3 NDG Y . 80.43 17.84 75.12
C4 NDG Y . 80.00 16.43 75.50
C5 NDG Y . 81.12 15.44 75.18
C6 NDG Y . 80.73 14.01 75.50
C7 NDG Y . 80.64 20.28 73.40
C8 NDG Y . 80.84 21.13 74.64
O5 NDG Y . 81.44 15.50 73.78
O3 NDG Y . 79.37 18.74 75.35
O4 NDG Y . 79.70 16.38 76.88
O6 NDG Y . 79.49 13.96 76.18
O7 NDG Y . 79.83 20.64 72.54
N2 NDG Y . 81.37 19.18 73.28
O1 NDG Y . 83.05 17.09 74.06
C1 NAG Z . 96.00 22.95 83.86
C2 NAG Z . 94.53 22.54 83.74
C3 NAG Z . 94.15 22.02 82.37
C4 NAG Z . 95.36 21.60 81.53
C5 NAG Z . 96.53 22.65 81.52
C6 NAG Z . 96.57 23.53 80.27
C7 NAG Z . 94.78 21.60 85.93
C8 NAG Z . 95.91 20.61 86.20
N2 NAG Z . 94.22 21.54 84.73
O1 NAG Z . 96.08 23.90 84.86
O3 NAG Z . 93.37 22.99 81.69
O4 NAG Z . 95.86 20.37 82.01
O5 NAG Z . 96.49 23.55 82.66
O6 NAG Z . 95.60 24.59 80.32
O7 NAG Z . 94.45 22.42 86.80
C1 BMA AA . 90.59 18.91 75.76
C2 BMA AA . 90.82 19.36 74.29
C3 BMA AA . 90.57 20.87 74.13
C4 BMA AA . 89.21 21.25 74.72
C5 BMA AA . 89.21 20.81 76.19
C6 BMA AA . 88.02 21.26 77.00
O1 BMA AA . 90.62 17.53 75.84
O2 BMA AA . 89.95 18.64 73.42
O3 BMA AA . 90.61 21.23 72.75
O4 BMA AA . 89.01 22.66 74.64
O5 BMA AA . 89.33 19.38 76.26
O6 BMA AA . 88.30 22.49 77.65
C1 MAN BA . 83.94 18.71 75.48
C2 MAN BA . 83.69 18.63 77.00
C3 MAN BA . 83.44 20.03 77.58
C4 MAN BA . 84.58 20.96 77.19
C5 MAN BA . 84.71 20.99 75.68
C6 MAN BA . 85.83 21.89 75.21
O1 MAN BA . 82.79 19.08 74.81
O2 MAN BA . 84.80 18.03 77.64
O3 MAN BA . 83.33 19.95 78.99
O4 MAN BA . 84.33 22.26 77.68
O5 MAN BA . 84.99 19.66 75.17
O6 MAN BA . 85.76 23.16 75.84
CA CA CA . 113.92 27.94 79.37
C1 NAG DA . 107.49 76.56 106.74
C2 NAG DA . 106.14 76.81 106.10
C3 NAG DA . 105.02 76.76 107.11
C4 NAG DA . 105.09 75.43 107.86
C5 NAG DA . 106.50 75.03 108.31
C6 NAG DA . 106.49 73.52 108.60
C7 NAG DA . 105.88 78.23 104.06
C8 NAG DA . 106.02 79.60 103.53
N2 NAG DA . 106.12 78.11 105.40
O3 NAG DA . 103.74 76.87 106.45
O4 NAG DA . 104.30 75.52 109.05
O5 NAG DA . 107.49 75.25 107.33
O6 NAG DA . 107.68 73.13 109.26
O7 NAG DA . 105.63 77.30 103.44
C1 NAG EA . 102.78 73.76 109.17
C2 NAG EA . 101.40 73.44 109.73
C3 NAG EA . 100.87 74.51 110.64
C4 NAG EA . 101.95 75.12 111.55
C5 NAG EA . 103.26 75.46 110.80
C6 NAG EA . 104.38 75.86 111.72
C7 NAG EA . 100.11 72.08 108.09
C8 NAG EA . 99.11 72.08 107.00
N2 NAG EA . 100.41 73.27 108.63
O3 NAG EA . 99.88 73.94 111.50
O4 NAG EA . 101.40 76.29 112.17
O5 NAG EA . 103.68 74.27 110.16
O6 NAG EA . 104.53 75.10 112.86
O7 NAG EA . 100.59 71.10 108.43
C1 MAN FA . 98.73 75.73 111.73
C2 MAN FA . 97.42 76.53 111.68
C3 MAN FA . 97.01 77.08 113.03
C4 MAN FA . 97.30 76.16 114.18
C5 MAN FA . 98.81 75.77 114.16
C6 MAN FA . 99.18 74.77 115.26
O2 MAN FA . 96.36 75.75 111.14
O3 MAN FA . 95.61 77.43 112.90
O4 MAN FA . 97.00 76.73 115.43
O5 MAN FA . 99.16 75.17 112.92
O6 MAN FA . 100.58 74.69 115.36
CA CA GA . 115.77 80.08 125.72
C1 NDG HA . 2.03 43.32 -18.28
C2 NDG HA . 1.61 42.98 -16.84
C3 NDG HA . 2.86 42.97 -15.95
C4 NDG HA . 3.81 41.90 -16.51
C5 NDG HA . 4.17 42.26 -17.95
C6 NDG HA . 5.08 41.22 -18.60
C7 NDG HA . -0.68 43.72 -16.50
C8 NDG HA . -1.32 44.26 -17.76
O5 NDG HA . 2.98 42.36 -18.76
O3 NDG HA . 2.51 42.70 -14.60
O4 NDG HA . 4.99 41.79 -15.71
O6 NDG HA . 6.15 41.84 -19.30
O7 NDG HA . -1.36 43.11 -15.67
N2 NDG HA . 0.63 43.93 -16.34
O1 NDG HA . 2.64 44.57 -18.29
C1 NDG IA . -18.01 20.65 -12.73
C2 NDG IA . -18.73 19.31 -12.94
C3 NDG IA . -20.25 19.53 -12.85
C4 NDG IA . -20.60 20.23 -11.55
C5 NDG IA . -19.82 21.54 -11.44
C6 NDG IA . -20.09 22.28 -10.15
C7 NDG IA . -18.83 17.58 -14.64
C8 NDG IA . -20.03 17.59 -15.59
O5 NDG IA . -18.41 21.27 -11.50
O3 NDG IA . -20.94 18.28 -12.91
O4 NDG IA . -22.00 20.49 -11.51
O6 NDG IA . -21.14 21.65 -9.42
O7 NDG IA . -18.34 16.51 -14.29
N2 NDG IA . -18.36 18.76 -14.23
O1 NDG IA . -18.30 21.52 -13.78
C1 MAN JA . -24.13 17.69 -12.92
C2 MAN JA . -24.22 18.90 -13.87
C3 MAN JA . -24.35 18.42 -15.33
C4 MAN JA . -23.21 17.46 -15.66
C5 MAN JA . -23.25 16.29 -14.68
C6 MAN JA . -22.15 15.29 -14.94
O1 MAN JA . -25.33 17.02 -12.88
O2 MAN JA . -23.07 19.71 -13.74
O3 MAN JA . -24.31 19.53 -16.20
O4 MAN JA . -23.37 16.97 -16.99
O5 MAN JA . -23.09 16.78 -13.33
O6 MAN JA . -22.10 14.92 -16.31
C1 BMA KA . 11.16 46.36 -13.80
C2 BMA KA . 12.45 46.59 -14.60
C3 BMA KA . 13.65 46.81 -13.67
C4 BMA KA . 13.85 45.61 -12.73
C5 BMA KA . 12.50 44.96 -12.37
C6 BMA KA . 12.47 44.38 -10.96
O1 BMA KA . 10.42 47.53 -13.74
O2 BMA KA . 12.30 47.70 -15.48
O3 BMA KA . 13.46 48.00 -12.91
O4 BMA KA . 14.70 44.66 -13.34
O5 BMA KA . 11.43 45.93 -12.45
O6 BMA KA . 11.18 43.93 -10.61
C1 MAN LA . -23.16 14.34 -20.95
C2 MAN LA . -21.92 15.16 -21.38
C3 MAN LA . -20.63 14.48 -20.91
C4 MAN LA . -20.70 14.22 -19.40
C5 MAN LA . -21.94 13.36 -19.10
C6 MAN LA . -22.09 13.05 -17.64
O1 MAN LA . -23.20 13.14 -21.66
O2 MAN LA . -21.99 16.46 -20.83
O3 MAN LA . -19.51 15.30 -21.19
O4 MAN LA . -19.53 13.53 -18.98
O5 MAN LA . -23.13 14.05 -19.53
O6 MAN LA . -20.86 12.57 -17.09
C1 NDG MA . -25.08 13.71 -23.67
C2 NDG MA . -24.01 12.67 -24.01
C3 NDG MA . -22.75 13.36 -24.54
C4 NDG MA . -23.10 14.29 -25.69
C5 NDG MA . -24.17 15.28 -25.24
C6 NDG MA . -24.61 16.21 -26.37
C7 NDG MA . -22.84 10.87 -22.87
C8 NDG MA . -21.42 11.16 -22.38
O5 NDG MA . -25.35 14.57 -24.79
O3 NDG MA . -21.80 12.40 -24.97
O4 NDG MA . -21.95 14.98 -26.11
O6 NDG MA . -23.79 16.04 -27.51
O7 NDG MA . -23.13 9.74 -23.26
N2 NDG MA . -23.71 11.88 -22.82
O1 NDG MA . -24.64 14.51 -22.62
C1 GAL NA . -28.36 12.40 -25.84
C2 GAL NA . -27.38 11.29 -25.44
C3 GAL NA . -25.97 11.86 -25.47
C4 GAL NA . -25.62 12.51 -26.86
C5 GAL NA . -26.74 13.52 -27.28
C6 GAL NA . -26.57 14.00 -28.75
O1 GAL NA . -29.64 11.91 -25.83
O2 GAL NA . -27.69 10.83 -24.13
O3 GAL NA . -25.10 10.83 -25.21
O4 GAL NA . -25.55 11.47 -27.79
O5 GAL NA . -28.03 12.88 -27.15
O6 GAL NA . -27.50 15.04 -29.02
CA CA OA . 8.50 35.29 -34.25
C1 NAG PA . -23.39 -9.57 -26.16
C2 NAG PA . -23.15 -9.51 -24.66
C3 NAG PA . -24.39 -9.10 -23.92
C4 NAG PA . -24.89 -7.76 -24.50
C5 NAG PA . -24.88 -7.71 -26.04
C6 NAG PA . -24.94 -6.23 -26.45
C7 NAG PA . -21.50 -10.99 -23.52
C8 NAG PA . -21.17 -12.39 -23.18
N2 NAG PA . -22.70 -10.82 -24.15
O3 NAG PA . -24.11 -8.91 -22.51
O4 NAG PA . -26.24 -7.54 -24.09
O5 NAG PA . -23.73 -8.26 -26.63
O6 NAG PA . -25.20 -6.10 -27.82
O7 NAG PA . -20.82 -10.10 -23.31
C1 NAG QA . -27.24 -5.04 -24.35
C2 NAG QA . -28.09 -4.00 -23.66
C3 NAG QA . -28.18 -4.21 -22.17
C4 NAG QA . -28.33 -5.69 -21.78
C5 NAG QA . -27.32 -6.61 -22.52
C6 NAG QA . -27.58 -8.07 -22.29
C7 NAG QA . -27.92 -1.83 -24.86
C8 NAG QA . -27.26 -0.50 -24.94
N2 NAG QA . -27.52 -2.63 -23.87
O3 NAG QA . -29.37 -3.54 -21.70
O4 NAG QA . -28.13 -5.79 -20.36
O5 NAG QA . -27.51 -6.38 -23.90
O6 NAG QA . -28.90 -8.47 -22.34
O7 NAG QA . -28.73 -2.11 -25.63
CA CA RA . -41.10 -13.61 -36.95
C1 MAN SA . -29.63 -1.81 -20.93
C2 MAN SA . -30.02 -0.84 -19.81
C3 MAN SA . -31.16 0.09 -20.22
C4 MAN SA . -31.08 0.54 -21.64
C5 MAN SA . -31.00 -0.69 -22.58
C6 MAN SA . -30.85 -0.31 -24.05
O2 MAN SA . -28.92 -0.07 -19.35
O3 MAN SA . -31.14 1.16 -19.25
O4 MAN SA . -32.20 1.33 -22.03
O5 MAN SA . -29.88 -1.51 -22.25
O6 MAN SA . -31.06 -1.45 -24.85
C1 NDG TA . -17.98 21.85 -6.63
C2 NDG TA . -17.10 21.75 -7.90
C3 NDG TA . -17.67 20.66 -8.87
C4 NDG TA . -18.00 19.35 -8.12
C5 NDG TA . -18.93 19.67 -6.97
C6 NDG TA . -19.36 18.44 -6.20
C7 NDG TA . -16.18 23.32 -9.53
C8 NDG TA . -15.06 24.30 -9.22
O5 NDG TA . -18.26 20.56 -6.05
O3 NDG TA . -16.73 20.39 -9.90
O4 NDG TA . -18.61 18.43 -9.00
O6 NDG TA . -18.43 18.11 -5.18
O7 NDG TA . -16.24 22.83 -10.65
N2 NDG TA . -17.06 23.05 -8.55
O1 NDG TA . -19.19 22.43 -6.97
CA CA UA . -22.18 26.64 8.69
C1 MAN VA . 30.38 4.36 19.55
C2 MAN VA . 31.40 3.56 18.73
C3 MAN VA . 32.83 4.02 18.95
C4 MAN VA . 32.97 5.51 19.13
C5 MAN VA . 32.03 5.99 20.27
C6 MAN VA . 32.06 7.50 20.46
O2 MAN VA . 31.10 3.60 17.33
O3 MAN VA . 33.58 3.48 17.85
O4 MAN VA . 34.29 5.90 19.43
O5 MAN VA . 30.68 5.63 20.00
O6 MAN VA . 31.42 7.83 21.67
CA CA WA . 40.63 15.31 36.89
C1 NDG XA . -79.33 -86.72 -53.16
C2 NDG XA . -79.44 -85.21 -53.44
C3 NDG XA . -80.42 -84.56 -52.45
C4 NDG XA . -81.75 -85.32 -52.41
C5 NDG XA . -81.52 -86.82 -52.22
C6 NDG XA . -82.80 -87.61 -52.32
C7 NDG XA . -77.87 -83.50 -54.08
C8 NDG XA . -77.97 -82.15 -53.38
O5 NDG XA . -80.63 -87.32 -53.23
O3 NDG XA . -80.64 -83.21 -52.81
O4 NDG XA . -82.55 -84.82 -51.34
O6 NDG XA . -83.51 -87.56 -51.09
O7 NDG XA . -77.52 -83.56 -55.26
N2 NDG XA . -78.14 -84.59 -53.36
O1 NDG XA . -78.83 -86.93 -51.89
C1 NDG YA . 93.24 22.19 79.22
C2 NDG YA . 92.40 22.04 77.95
C3 NDG YA . 92.65 20.68 77.31
C4 NDG YA . 94.16 20.39 77.16
C5 NDG YA . 94.90 20.66 78.46
C6 NDG YA . 96.38 20.53 78.30
C7 NDG YA . 90.37 21.41 79.12
C8 NDG YA . 89.66 20.18 78.58
O5 NDG YA . 94.62 22.00 78.90
O3 NDG YA . 92.03 20.65 76.04
O4 NDG YA . 94.36 19.04 76.79
O6 NDG YA . 96.74 19.17 78.06
O7 NDG YA . 90.35 21.64 80.33
N2 NDG YA . 90.99 22.20 78.24
O1 NDG YA . 92.88 21.20 80.12
C1 MAN ZA . 92.55 17.98 71.60
C2 MAN ZA . 93.35 19.29 71.68
C3 MAN ZA . 94.84 19.00 71.92
C4 MAN ZA . 95.01 18.09 73.13
C5 MAN ZA . 94.21 16.81 72.91
C6 MAN ZA . 94.31 15.86 74.08
O1 MAN ZA . 92.88 17.29 70.44
O2 MAN ZA . 92.85 20.09 72.75
O3 MAN ZA . 95.53 20.22 72.13
O4 MAN ZA . 96.38 17.78 73.32
O5 MAN ZA . 92.81 17.13 72.74
O6 MAN ZA . 95.67 15.67 74.46
C1 NDG AB . 5.48 44.41 -14.89
C2 NDG AB . 6.77 44.00 -14.14
C3 NDG AB . 7.99 44.75 -14.71
C4 NDG AB . 8.06 44.59 -16.24
C5 NDG AB . 6.73 45.01 -16.87
C6 NDG AB . 6.68 44.83 -18.38
C7 NDG AB . 6.76 43.37 -11.80
C8 NDG AB . 5.48 42.78 -11.24
O5 NDG AB . 5.64 44.23 -16.31
O3 NDG AB . 9.18 44.23 -14.13
O4 NDG AB . 9.09 45.42 -16.75
O6 NDG AB . 7.92 44.41 -18.91
O7 NDG AB . 7.86 42.98 -11.39
N2 NDG AB . 6.63 44.32 -12.73
O1 NDG AB . 5.19 45.74 -14.65
C1 MAN BB . -27.30 16.86 -12.15
C2 MAN BB . -26.70 16.45 -10.79
C3 MAN BB . -27.03 17.50 -9.72
C4 MAN BB . -26.59 18.89 -10.20
C5 MAN BB . -27.28 19.19 -11.53
C6 MAN BB . -26.90 20.54 -12.08
O1 MAN BB . -28.68 16.78 -12.10
O2 MAN BB . -25.28 16.32 -10.90
O3 MAN BB . -26.36 17.18 -8.51
O4 MAN BB . -26.95 19.87 -9.23
O5 MAN BB . -26.91 18.20 -12.51
O6 MAN BB . -27.02 21.55 -11.07
#